data_8TJO
#
_entry.id   8TJO
#
_cell.length_a   1.00
_cell.length_b   1.00
_cell.length_c   1.00
_cell.angle_alpha   90.00
_cell.angle_beta   90.00
_cell.angle_gamma   90.00
#
_symmetry.space_group_name_H-M   'P 1'
#
loop_
_entity.id
_entity.type
_entity.pdbx_description
1 polymer 'EryAI,6-deoxyerythronolide-B synthase EryA3, modules 5 and 6'
2 polymer 'Antibody Fragment 1B2, Heavy Chain'
3 polymer 'Antibody Fragment 1B2, Light Chain'
#
loop_
_entity_poly.entity_id
_entity_poly.type
_entity_poly.pdbx_seq_one_letter_code
_entity_poly.pdbx_strand_id
1 'polypeptide(L)'
;MASTDSEKVAEYLRRATLDLRAARQRIRELEGEPVAVVAMACRLPGGVSTPEEFWELLSEGRDAVAGLPTDRGWDLDSLF
HPDPTRSGTAHQRGGGFLTEATAFDPAFFGMSPREALAVDPQQRLMLELSWEVLERAGIPPTSLQASPTGVFVGLIPQEY
GPRLAEGGEGVEGYLMTGTTTSVASGRIAYTLGLEGPAISVDTACSSSLVAVHLACQSLRRGESSLAMAGGVTVMPTPGM
LVDFSRMNSLAPDGRCKAFSAGANGFGMAEGAGMLLLERLSDARRNGHPVLAVLRGTAVNSDGASNGLSAPNGRAQVRVI
QQALAESGLGPADIDAVEAHGTGTRLGDPIEARALFEAYGRDREQPLHLGSVKSNLGHTQAAAGVAGVIKMVLAMRAGTL
PRTLHASERSKEIDWSSGAISLLDEPEPWPAGARPRRAGVSSFGISGTNAHAIIEEAPQVVEGERVEAGDVVAPWVLSAS
SAEGLRAQAARLAAHLREHPGQDPRDIAYSLATGRAALPHRAAFAPVDESAALRVLDGLATGNADGAAVGTSRAQQRAVF
VFPGQGWQWAGMAVDLLDTSPVFAAALRECADALEPHLDFEVIPFLRAEAARREQDAALSTERVDVVQPVMFAVMVSLAS
MWRAHGVEPAAVIGHSQGEIAAACVAGALSLDDAARVVALRSRVIATMPGNKGMASIAAPAGEVRARIGDRVEIAAVNGP
RSVVVAGDSDELDRLVASCTTECIRAKRLAVDYASHSSHVETIRDALHAELGEDFHPLPGFVPFFSTVTGRWTQPDELDA
GYWYRNLRRTVRFADAVRALAEQGYRTFLEVSAHPILTAAIEEIGDGSGADLSAIHSLRRGDGSLADFGEALSRAFAAGV
AVDWESVHLGTGARRVPLPTYPFQRERVWLEPKPVARRSTEVDEVSALRYRIEWRPTGAGEPARLDGTWLVAKYAGTADE
TSTAAREALESAGARVRELVVDARCGRDELAERLRSVGEVAGVLSLLAVDEAEPEEAPLALASLADTLSLVQAMVSAELG
CPLWTVTESAVATGPFERVRNAAHGALWGVGRVIALENPAVWGGLVDVPAGSVAELARHLAAVVSGGAGEDQLALRADGV
YGRRWVRAAAPATDDEWKPTGTVLVTGGTGGVGGQIARWLARRGAPHLLLVSRSGPDADGAGELVAELEALGARTTVAAC
DVTDRESVRELLGGIGDDVPLSAVFHAAATLDDGTVDTLTGERIERASRAKVLGARNLHELTRELDLTAFVLFSSFASAF
GAPGLGGYAPGNAYLDGLAQQRRSDGLPATAVAWGTWAGSGMAEGPVADRFRRHGVIEMPPETACRALQNALDRAEVCPI
VIDVRWDRFLLAYTAQRPTRLFDEIDDARRAAPQAAAEPRVGALASLPAPEREKALFELVRSHAAAVLGHASAERVPADQ
AFAELGVD(4HH)LSALELRNRLGAATGVRLPTTTVFDHPDVRTLAAHLTSELGSGTPAREASSALRDGYRQAGVSGRVR
SYLDLLAGLSDFREHFDGSDGFSLDLVDMADGPGEVTVICCAGTAAISGPHEFTRLAGALRGIAPVRAVPQPGYEEGEPL
PSSMAAVAAVQADAVIRTQGDKPFVVAGHSAGALMAYALATELLDRGHPPRGVVLIDVYPPGHQDAMNAWLEELTATLFD
RETVRMDDTRLTALGAYDRLTGQWRPRETGLPTLLVSAGEPMGPWPDDSWKPTWPFEHDTVAVPGDHFTMVQEHADAIAR
HIDAWLGGGNSSSVDKLAAALEHHHHHH
;
A,B
2 'polypeptide(L)'
;MAEVQLVQSGGGLVQPGRSLRLSCTASGFTFGDYAMSWVRQAPGKGLEWVGFIRSKAYGGTTEYAASVKGRFTISRDDSK
SIAYLQMNSLKTEDTAVYYCTRGGTLFDYWGQGTLVTVSSASTKGPSVFPLAPSSKSTSGGTAALGCLVKDYFPEPVTVS
WNSGALTSGVHTFPAVLQSSGLYSLSSVVTVPSSSLGTQTYICNVNHKPSNTKVDKKVEPKSCAALVPRGSAHHHHHHAA
DYKDDDDKA
;
C,E
3 'polypeptide(L)'
;LFAIPLVVPFYSHSALDVVMTQSPLSLPVTPGEPASISCRSSQSLLHSNGYNYLDWYLQKPGQSPQLLIYLGSNRASGVP
DRFSGSGSGTDFTLKISRVEAEDVGVYYCMQSLQTPRLTFGPGTKVDIKRTVAAPSVFIFPPSDEQLKSGTASVVCLLNN
FYPRGAKVQWKVDNALQSGNSQESVTEQDSKDSTYSLSSTLTLSKADYEKHKVYACEVTHQGLSSPVTKSFNRGEC
;
D,F
#
# COMPACT_ATOMS: atom_id res chain seq x y z
N ALA A 2 0.51 51.22 22.14
CA ALA A 2 0.99 52.56 22.43
C ALA A 2 0.20 53.61 21.66
N SER A 3 0.68 53.96 20.48
CA SER A 3 -0.02 54.91 19.61
C SER A 3 -1.38 54.34 19.22
N THR A 4 -2.45 54.97 19.72
CA THR A 4 -3.80 54.45 19.56
C THR A 4 -3.85 52.99 19.99
N ASP A 5 -4.09 52.09 19.04
CA ASP A 5 -4.03 50.67 19.33
C ASP A 5 -3.33 49.86 18.23
N SER A 6 -2.89 50.50 17.15
CA SER A 6 -2.18 49.78 16.10
C SER A 6 -0.70 49.63 16.42
N GLU A 7 -0.41 49.14 17.63
CA GLU A 7 0.95 48.82 18.04
C GLU A 7 1.13 47.37 18.43
N LYS A 8 0.05 46.63 18.58
CA LYS A 8 0.10 45.21 18.91
C LYS A 8 -0.68 44.36 17.91
N VAL A 9 -1.78 44.88 17.38
CA VAL A 9 -2.59 44.10 16.44
C VAL A 9 -1.87 43.96 15.10
N ALA A 10 -1.08 44.96 14.69
CA ALA A 10 -0.42 44.90 13.39
C ALA A 10 0.60 43.77 13.34
N GLU A 11 1.41 43.64 14.39
CA GLU A 11 2.43 42.60 14.41
C GLU A 11 1.77 41.21 14.42
N TYR A 12 0.71 41.06 15.20
CA TYR A 12 0.00 39.78 15.25
C TYR A 12 -0.60 39.43 13.88
N LEU A 13 -1.17 40.43 13.21
CA LEU A 13 -1.73 40.20 11.88
C LEU A 13 -0.64 39.80 10.89
N ARG A 14 0.51 40.47 10.94
CA ARG A 14 1.61 40.13 10.06
C ARG A 14 2.11 38.71 10.31
N ARG A 15 2.24 38.34 11.58
CA ARG A 15 2.68 36.99 11.92
C ARG A 15 1.69 35.94 11.44
N ALA A 16 0.39 36.21 11.61
CA ALA A 16 -0.64 35.28 11.14
C ALA A 16 -0.59 35.14 9.62
N THR A 17 -0.39 36.24 8.91
CA THR A 17 -0.29 36.17 7.45
C THR A 17 0.91 35.34 7.02
N LEU A 18 2.06 35.54 7.68
CA LEU A 18 3.24 34.74 7.36
C LEU A 18 3.00 33.26 7.61
N ASP A 19 2.39 32.92 8.74
CA ASP A 19 2.11 31.52 9.05
C ASP A 19 1.15 30.90 8.04
N LEU A 20 0.11 31.64 7.65
CA LEU A 20 -0.83 31.14 6.67
C LEU A 20 -0.15 30.89 5.33
N ARG A 21 0.69 31.83 4.90
CA ARG A 21 1.41 31.64 3.63
C ARG A 21 2.31 30.42 3.69
N ALA A 22 3.03 30.24 4.81
CA ALA A 22 3.90 29.07 4.93
C ALA A 22 3.10 27.76 4.90
N ALA A 23 1.97 27.72 5.60
CA ALA A 23 1.15 26.52 5.61
C ALA A 23 0.61 26.18 4.23
N ARG A 24 0.13 27.20 3.50
CA ARG A 24 -0.40 26.94 2.17
C ARG A 24 0.70 26.50 1.21
N GLN A 25 1.90 27.09 1.34
CA GLN A 25 3.03 26.63 0.53
C GLN A 25 3.36 25.18 0.82
N ARG A 26 3.35 24.79 2.10
CA ARG A 26 3.61 23.40 2.47
C ARG A 26 2.58 22.47 1.87
N ILE A 27 1.29 22.88 1.91
CA ILE A 27 0.24 22.06 1.32
C ILE A 27 0.48 21.87 -0.17
N ARG A 28 0.78 22.97 -0.87
CA ARG A 28 1.00 22.90 -2.31
C ARG A 28 2.17 21.99 -2.64
N GLU A 29 3.26 22.11 -1.88
CA GLU A 29 4.43 21.29 -2.15
C GLU A 29 4.16 19.82 -1.86
N LEU A 30 3.40 19.54 -0.79
CA LEU A 30 3.07 18.15 -0.47
C LEU A 30 2.11 17.54 -1.49
N GLU A 31 1.31 18.36 -2.16
CA GLU A 31 0.35 17.85 -3.12
C GLU A 31 0.96 17.70 -4.52
N GLY A 32 1.45 18.79 -5.09
CA GLY A 32 1.82 18.77 -6.50
C GLY A 32 3.25 19.15 -6.84
N GLU A 33 4.21 18.63 -6.08
CA GLU A 33 5.61 18.91 -6.38
C GLU A 33 6.03 18.19 -7.66
N PRO A 34 6.57 18.89 -8.65
CA PRO A 34 7.03 18.23 -9.87
C PRO A 34 8.25 17.36 -9.61
N VAL A 35 8.43 16.34 -10.45
CA VAL A 35 9.53 15.40 -10.28
C VAL A 35 10.46 15.52 -11.47
N ALA A 36 11.72 15.85 -11.22
CA ALA A 36 12.69 16.03 -12.29
C ALA A 36 13.41 14.73 -12.59
N VAL A 37 13.48 14.36 -13.87
CA VAL A 37 14.18 13.14 -14.27
C VAL A 37 15.64 13.49 -14.56
N VAL A 38 16.55 12.71 -14.00
CA VAL A 38 17.98 12.99 -14.06
C VAL A 38 18.67 12.23 -15.18
N ALA A 39 18.44 10.92 -15.26
CA ALA A 39 19.14 10.11 -16.25
C ALA A 39 18.27 8.93 -16.64
N MET A 40 18.59 8.34 -17.79
CA MET A 40 17.85 7.20 -18.32
C MET A 40 18.82 6.25 -19.01
N ALA A 41 18.42 4.98 -19.07
CA ALA A 41 19.18 3.95 -19.76
C ALA A 41 18.21 2.98 -20.42
N CYS A 42 18.65 2.35 -21.50
CA CYS A 42 17.76 1.51 -22.29
C CYS A 42 18.55 0.37 -22.94
N ARG A 43 17.82 -0.66 -23.32
CA ARG A 43 18.37 -1.79 -24.07
C ARG A 43 17.22 -2.33 -24.92
N LEU A 44 17.29 -2.09 -26.22
CA LEU A 44 16.17 -2.23 -27.13
C LEU A 44 16.57 -3.04 -28.36
N PRO A 45 15.61 -3.64 -29.06
CA PRO A 45 15.94 -4.41 -30.26
C PRO A 45 16.47 -3.51 -31.37
N GLY A 46 17.14 -4.15 -32.32
CA GLY A 46 17.73 -3.44 -33.44
C GLY A 46 19.13 -2.95 -33.22
N GLY A 47 19.85 -3.49 -32.24
CA GLY A 47 21.19 -3.04 -31.94
C GLY A 47 21.27 -1.78 -31.09
N VAL A 48 20.15 -1.34 -30.54
CA VAL A 48 20.14 -0.13 -29.71
C VAL A 48 20.62 -0.49 -28.31
N SER A 49 21.65 0.22 -27.84
CA SER A 49 22.18 0.01 -26.51
C SER A 49 22.40 1.30 -25.73
N THR A 50 22.32 2.46 -26.37
CA THR A 50 22.49 3.75 -25.73
C THR A 50 21.38 4.70 -26.16
N PRO A 51 21.04 5.68 -25.31
CA PRO A 51 19.97 6.62 -25.70
C PRO A 51 20.26 7.37 -26.99
N GLU A 52 21.52 7.72 -27.25
CA GLU A 52 21.83 8.44 -28.47
C GLU A 52 21.65 7.57 -29.70
N GLU A 53 21.92 6.27 -29.59
CA GLU A 53 21.64 5.35 -30.69
C GLU A 53 20.14 5.25 -30.94
N PHE A 54 19.34 5.30 -29.87
CA PHE A 54 17.88 5.28 -30.01
C PHE A 54 17.39 6.48 -30.80
N TRP A 55 17.94 7.67 -30.53
CA TRP A 55 17.51 8.85 -31.27
C TRP A 55 17.93 8.77 -32.73
N GLU A 56 19.12 8.22 -33.00
CA GLU A 56 19.54 8.03 -34.39
C GLU A 56 18.60 7.08 -35.12
N LEU A 57 18.20 5.99 -34.46
CA LEU A 57 17.26 5.07 -35.07
C LEU A 57 15.93 5.74 -35.33
N LEU A 58 15.43 6.53 -34.37
CA LEU A 58 14.15 7.21 -34.54
C LEU A 58 14.20 8.22 -35.68
N SER A 59 15.29 9.00 -35.76
CA SER A 59 15.40 10.02 -36.79
C SER A 59 15.55 9.39 -38.18
N GLU A 60 16.39 8.36 -38.29
CA GLU A 60 16.55 7.68 -39.58
C GLU A 60 15.25 6.99 -39.98
N GLY A 61 14.58 6.35 -39.04
CA GLY A 61 13.32 5.68 -39.33
C GLY A 61 13.51 4.30 -39.93
N ARG A 62 14.21 3.42 -39.22
CA ARG A 62 14.46 2.07 -39.68
C ARG A 62 13.53 1.08 -39.00
N ASP A 63 13.53 -0.15 -39.51
CA ASP A 63 12.70 -1.23 -39.01
C ASP A 63 13.56 -2.21 -38.24
N ALA A 64 13.15 -2.52 -37.01
CA ALA A 64 13.92 -3.37 -36.11
C ALA A 64 13.55 -4.85 -36.19
N VAL A 65 12.55 -5.21 -37.00
CA VAL A 65 12.12 -6.59 -37.10
C VAL A 65 13.01 -7.31 -38.11
N ALA A 66 13.66 -8.39 -37.67
CA ALA A 66 14.64 -9.08 -38.51
C ALA A 66 14.48 -10.60 -38.56
N GLY A 67 13.87 -11.23 -37.57
CA GLY A 67 13.74 -12.67 -37.62
C GLY A 67 13.53 -13.23 -36.22
N LEU A 68 14.04 -14.45 -36.02
CA LEU A 68 13.86 -15.21 -34.78
C LEU A 68 15.21 -15.61 -34.21
N PRO A 69 15.29 -15.80 -32.90
CA PRO A 69 16.57 -16.20 -32.29
C PRO A 69 17.00 -17.59 -32.74
N THR A 70 18.31 -17.80 -32.76
CA THR A 70 18.89 -19.07 -33.19
C THR A 70 19.75 -19.73 -32.11
N ASP A 71 20.48 -18.94 -31.32
CA ASP A 71 21.39 -19.49 -30.33
C ASP A 71 20.71 -19.81 -29.00
N ARG A 72 19.41 -19.60 -28.90
CA ARG A 72 18.69 -19.85 -27.65
C ARG A 72 18.30 -21.31 -27.46
N GLY A 73 18.60 -22.17 -28.43
CA GLY A 73 18.27 -23.58 -28.32
C GLY A 73 16.84 -23.92 -28.67
N TRP A 74 16.10 -23.01 -29.29
CA TRP A 74 14.72 -23.28 -29.65
C TRP A 74 14.63 -24.37 -30.72
N ASP A 75 13.59 -25.20 -30.64
CA ASP A 75 13.31 -26.19 -31.67
C ASP A 75 12.55 -25.48 -32.78
N LEU A 76 13.31 -24.83 -33.66
CA LEU A 76 12.72 -23.93 -34.64
C LEU A 76 11.79 -24.67 -35.61
N ASP A 77 12.20 -25.85 -36.07
CA ASP A 77 11.45 -26.53 -37.13
C ASP A 77 10.04 -26.89 -36.66
N SER A 78 9.90 -27.39 -35.44
CA SER A 78 8.65 -27.98 -35.01
C SER A 78 7.60 -26.97 -34.57
N LEU A 79 7.92 -25.68 -34.52
CA LEU A 79 6.98 -24.69 -34.00
C LEU A 79 6.11 -24.06 -35.08
N PHE A 80 6.23 -24.48 -36.34
CA PHE A 80 5.30 -24.04 -37.37
C PHE A 80 4.87 -25.23 -38.21
N HIS A 81 3.58 -25.27 -38.53
CA HIS A 81 2.97 -26.34 -39.30
C HIS A 81 1.96 -25.74 -40.27
N PRO A 82 1.74 -26.39 -41.42
CA PRO A 82 0.70 -25.90 -42.33
C PRO A 82 -0.68 -25.83 -41.70
N ASP A 83 -1.00 -26.73 -40.78
CA ASP A 83 -2.30 -26.70 -40.11
C ASP A 83 -2.33 -25.54 -39.13
N PRO A 84 -3.26 -24.59 -39.27
CA PRO A 84 -3.28 -23.45 -38.35
C PRO A 84 -3.54 -23.83 -36.90
N THR A 85 -4.19 -24.95 -36.64
CA THR A 85 -4.53 -25.36 -35.28
C THR A 85 -3.76 -26.64 -34.94
N ARG A 86 -2.66 -26.48 -34.21
CA ARG A 86 -1.86 -27.61 -33.76
C ARG A 86 -1.52 -27.42 -32.28
N SER A 87 -1.03 -28.49 -31.66
CA SER A 87 -0.78 -28.47 -30.23
C SER A 87 0.30 -27.46 -29.86
N GLY A 88 1.41 -27.44 -30.59
CA GLY A 88 2.54 -26.63 -30.19
C GLY A 88 3.14 -25.76 -31.28
N THR A 89 2.30 -25.20 -32.15
CA THR A 89 2.76 -24.37 -33.24
C THR A 89 2.40 -22.91 -32.99
N ALA A 90 3.14 -22.02 -33.65
CA ALA A 90 2.98 -20.59 -33.51
C ALA A 90 2.79 -19.95 -34.88
N HIS A 91 2.16 -18.78 -34.88
CA HIS A 91 1.83 -18.07 -36.12
C HIS A 91 2.85 -17.00 -36.49
N GLN A 92 3.44 -16.32 -35.51
CA GLN A 92 4.34 -15.22 -35.79
C GLN A 92 5.63 -15.74 -36.44
N ARG A 93 5.96 -15.21 -37.62
CA ARG A 93 7.13 -15.65 -38.35
C ARG A 93 8.35 -14.77 -38.12
N GLY A 94 8.21 -13.65 -37.40
CA GLY A 94 9.33 -12.76 -37.18
C GLY A 94 9.07 -11.85 -36.00
N GLY A 95 10.05 -11.02 -35.71
CA GLY A 95 9.94 -10.08 -34.62
C GLY A 95 11.28 -9.49 -34.25
N GLY A 96 11.25 -8.61 -33.26
CA GLY A 96 12.46 -7.97 -32.78
C GLY A 96 12.96 -8.55 -31.47
N PHE A 97 14.12 -9.20 -31.51
CA PHE A 97 14.71 -9.83 -30.33
C PHE A 97 16.13 -9.29 -30.15
N LEU A 98 16.45 -8.91 -28.93
CA LEU A 98 17.80 -8.47 -28.62
C LEU A 98 18.76 -9.64 -28.66
N THR A 99 20.03 -9.35 -28.97
CA THR A 99 21.03 -10.38 -29.17
C THR A 99 21.86 -10.68 -27.93
N GLU A 100 21.96 -9.75 -26.98
CA GLU A 100 22.81 -9.90 -25.81
C GLU A 100 22.10 -10.61 -24.66
N ALA A 101 21.05 -11.38 -24.94
CA ALA A 101 20.37 -12.12 -23.88
C ALA A 101 21.28 -13.19 -23.28
N THR A 102 22.02 -13.91 -24.12
CA THR A 102 22.90 -14.99 -23.66
C THR A 102 24.32 -14.48 -23.48
N ALA A 103 24.47 -13.47 -22.62
CA ALA A 103 25.77 -12.90 -22.33
C ALA A 103 25.73 -12.23 -20.97
N PHE A 104 26.82 -12.38 -20.22
CA PHE A 104 26.88 -11.84 -18.86
C PHE A 104 28.35 -11.78 -18.44
N ASP A 105 28.60 -11.03 -17.37
CA ASP A 105 29.93 -10.88 -16.78
C ASP A 105 29.84 -11.25 -15.31
N PRO A 106 29.74 -12.55 -15.00
CA PRO A 106 29.53 -12.95 -13.61
C PRO A 106 30.65 -12.55 -12.66
N ALA A 107 31.87 -12.35 -13.17
CA ALA A 107 32.99 -12.02 -12.28
C ALA A 107 32.90 -10.60 -11.76
N PHE A 108 32.31 -9.68 -12.53
CA PHE A 108 32.25 -8.28 -12.12
C PHE A 108 31.43 -8.12 -10.84
N PHE A 109 30.22 -8.65 -10.83
CA PHE A 109 29.32 -8.50 -9.69
C PHE A 109 29.63 -9.46 -8.55
N GLY A 110 30.75 -10.18 -8.63
CA GLY A 110 31.20 -11.01 -7.53
C GLY A 110 30.30 -12.19 -7.22
N MET A 111 30.24 -13.16 -8.13
CA MET A 111 29.52 -14.39 -7.89
C MET A 111 30.19 -15.52 -8.65
N SER A 112 29.95 -16.74 -8.19
CA SER A 112 30.53 -17.91 -8.83
C SER A 112 29.75 -18.27 -10.10
N PRO A 113 30.42 -18.87 -11.08
CA PRO A 113 29.70 -19.32 -12.29
C PRO A 113 28.57 -20.29 -12.00
N ARG A 114 28.71 -21.12 -10.96
CA ARG A 114 27.64 -22.05 -10.62
C ARG A 114 26.35 -21.31 -10.28
N GLU A 115 26.44 -20.26 -9.47
CA GLU A 115 25.26 -19.46 -9.17
C GLU A 115 24.80 -18.66 -10.37
N ALA A 116 25.75 -18.13 -11.15
CA ALA A 116 25.40 -17.29 -12.28
C ALA A 116 24.69 -18.06 -13.38
N LEU A 117 24.90 -19.38 -13.44
CA LEU A 117 24.25 -20.18 -14.47
C LEU A 117 22.73 -20.19 -14.29
N ALA A 118 22.24 -20.09 -13.05
CA ALA A 118 20.83 -20.18 -12.74
C ALA A 118 20.21 -18.82 -12.45
N VAL A 119 20.61 -17.77 -13.16
CA VAL A 119 20.08 -16.43 -12.96
C VAL A 119 19.21 -16.05 -14.16
N ASP A 120 18.02 -15.53 -13.88
CA ASP A 120 17.11 -15.12 -14.93
C ASP A 120 17.73 -14.00 -15.76
N PRO A 121 17.66 -14.06 -17.09
CA PRO A 121 18.16 -12.94 -17.91
C PRO A 121 17.51 -11.60 -17.56
N GLN A 122 16.23 -11.61 -17.22
CA GLN A 122 15.58 -10.37 -16.78
C GLN A 122 16.28 -9.81 -15.54
N GLN A 123 16.65 -10.67 -14.61
CA GLN A 123 17.38 -10.22 -13.43
C GLN A 123 18.77 -9.72 -13.79
N ARG A 124 19.44 -10.39 -14.74
CA ARG A 124 20.83 -10.03 -15.04
C ARG A 124 20.93 -8.74 -15.82
N LEU A 125 19.89 -8.39 -16.59
CA LEU A 125 19.94 -7.13 -17.34
C LEU A 125 19.81 -5.92 -16.41
N MET A 126 19.06 -6.06 -15.33
CA MET A 126 18.76 -4.91 -14.48
C MET A 126 20.00 -4.42 -13.73
N LEU A 127 20.92 -5.31 -13.37
CA LEU A 127 22.15 -4.88 -12.70
C LEU A 127 22.98 -3.98 -13.61
N GLU A 128 23.17 -4.40 -14.86
CA GLU A 128 23.89 -3.57 -15.82
C GLU A 128 23.17 -2.26 -16.06
N LEU A 129 21.84 -2.31 -16.19
CA LEU A 129 21.09 -1.08 -16.41
C LEU A 129 21.25 -0.11 -15.24
N SER A 130 21.20 -0.62 -14.01
CA SER A 130 21.35 0.23 -12.83
C SER A 130 22.74 0.84 -12.77
N TRP A 131 23.79 0.05 -13.02
CA TRP A 131 25.14 0.60 -13.00
C TRP A 131 25.29 1.68 -14.06
N GLU A 132 24.78 1.43 -15.28
CA GLU A 132 24.91 2.42 -16.35
C GLU A 132 24.13 3.70 -16.03
N VAL A 133 22.92 3.57 -15.51
CA VAL A 133 22.12 4.76 -15.24
C VAL A 133 22.70 5.56 -14.09
N LEU A 134 23.33 4.89 -13.11
CA LEU A 134 23.99 5.61 -12.04
C LEU A 134 25.25 6.32 -12.55
N GLU A 135 25.98 5.68 -13.47
CA GLU A 135 27.18 6.31 -14.00
C GLU A 135 26.85 7.49 -14.90
N ARG A 136 25.74 7.43 -15.63
CA ARG A 136 25.40 8.49 -16.57
C ARG A 136 25.04 9.81 -15.87
N ALA A 137 24.66 9.76 -14.60
CA ALA A 137 24.23 10.94 -13.88
C ALA A 137 25.37 11.63 -13.14
N GLY A 138 26.60 11.13 -13.24
CA GLY A 138 27.73 11.72 -12.55
C GLY A 138 27.88 11.30 -11.10
N ILE A 139 26.98 10.47 -10.59
CA ILE A 139 27.10 9.97 -9.21
C ILE A 139 28.06 8.79 -9.20
N PRO A 140 29.10 8.80 -8.37
CA PRO A 140 29.95 7.62 -8.23
C PRO A 140 29.14 6.43 -7.76
N PRO A 141 29.04 5.38 -8.57
CA PRO A 141 28.10 4.28 -8.29
C PRO A 141 28.43 3.48 -7.03
N THR A 142 29.49 3.81 -6.30
CA THR A 142 29.80 3.15 -5.04
C THR A 142 29.70 4.10 -3.85
N SER A 143 29.18 5.30 -4.05
CA SER A 143 29.07 6.28 -2.96
C SER A 143 27.79 6.15 -2.17
N LEU A 144 26.84 5.34 -2.62
CA LEU A 144 25.55 5.19 -1.95
C LEU A 144 25.66 4.03 -0.96
N GLN A 145 25.76 4.34 0.32
CA GLN A 145 25.85 3.34 1.38
C GLN A 145 24.89 3.71 2.49
N ALA A 146 23.95 2.80 2.79
CA ALA A 146 22.96 3.01 3.85
C ALA A 146 22.20 4.31 3.65
N SER A 147 21.83 4.59 2.41
CA SER A 147 21.11 5.81 2.07
C SER A 147 19.69 5.50 1.65
N PRO A 148 18.74 6.40 1.90
CA PRO A 148 17.35 6.15 1.48
C PRO A 148 17.18 6.27 -0.03
N THR A 149 17.03 5.14 -0.71
CA THR A 149 16.86 5.12 -2.16
C THR A 149 16.06 3.89 -2.53
N GLY A 150 14.93 4.10 -3.21
CA GLY A 150 14.05 3.01 -3.57
C GLY A 150 14.29 2.48 -4.96
N VAL A 151 13.78 1.27 -5.20
CA VAL A 151 13.87 0.61 -6.50
C VAL A 151 12.48 0.09 -6.87
N PHE A 152 12.05 0.35 -8.09
CA PHE A 152 10.74 -0.07 -8.57
C PHE A 152 10.89 -0.67 -9.96
N VAL A 153 10.51 -1.94 -10.10
CA VAL A 153 10.71 -2.69 -11.33
C VAL A 153 9.40 -3.34 -11.73
N GLY A 154 9.05 -3.20 -13.01
CA GLY A 154 7.91 -3.93 -13.57
C GLY A 154 8.38 -5.23 -14.22
N LEU A 155 7.60 -6.28 -14.03
CA LEU A 155 8.01 -7.61 -14.47
C LEU A 155 6.81 -8.47 -14.83
N ILE A 156 7.09 -9.51 -15.61
CA ILE A 156 6.13 -10.55 -15.90
C ILE A 156 6.85 -11.89 -15.71
N PRO A 157 6.37 -12.78 -14.85
CA PRO A 157 7.11 -14.03 -14.60
C PRO A 157 7.25 -14.87 -15.86
N GLN A 158 8.42 -15.48 -16.02
CA GLN A 158 8.72 -16.34 -17.16
C GLN A 158 9.46 -17.57 -16.68
N GLU A 159 9.38 -18.63 -17.48
CA GLU A 159 10.03 -19.89 -17.17
C GLU A 159 11.39 -19.96 -17.87
N TYR A 160 12.44 -20.24 -17.11
CA TYR A 160 13.81 -20.19 -17.61
C TYR A 160 14.47 -21.56 -17.64
N GLY A 161 14.55 -22.24 -16.50
CA GLY A 161 15.31 -23.47 -16.42
C GLY A 161 14.44 -24.70 -16.26
N PRO A 162 15.02 -25.77 -15.74
CA PRO A 162 14.24 -27.00 -15.51
C PRO A 162 13.32 -26.84 -14.32
N ARG A 163 12.47 -27.85 -14.14
CA ARG A 163 11.49 -27.81 -13.07
C ARG A 163 12.17 -27.98 -11.71
N LEU A 164 11.49 -27.50 -10.67
CA LEU A 164 12.09 -27.42 -9.34
C LEU A 164 12.27 -28.79 -8.72
N ALA A 165 11.34 -29.72 -8.95
CA ALA A 165 11.37 -31.01 -8.27
C ALA A 165 12.46 -31.94 -8.79
N GLU A 166 13.10 -31.61 -9.91
CA GLU A 166 14.15 -32.44 -10.50
C GLU A 166 15.34 -31.57 -10.91
N GLY A 167 15.79 -30.72 -9.99
CA GLY A 167 16.93 -29.86 -10.22
C GLY A 167 18.16 -30.57 -10.71
N GLY A 168 19.06 -29.84 -11.37
CA GLY A 168 20.23 -30.44 -11.97
C GLY A 168 21.30 -30.90 -11.00
N GLU A 169 22.54 -30.94 -11.46
CA GLU A 169 23.66 -31.39 -10.63
C GLU A 169 24.52 -30.25 -10.12
N GLY A 170 24.63 -29.17 -10.88
CA GLY A 170 25.41 -28.02 -10.44
C GLY A 170 24.56 -26.91 -9.87
N VAL A 171 23.33 -26.77 -10.36
CA VAL A 171 22.42 -25.74 -9.90
C VAL A 171 21.24 -26.36 -9.18
N GLU A 172 21.33 -26.47 -7.86
CA GLU A 172 20.27 -27.07 -7.05
C GLU A 172 19.68 -26.09 -6.05
N GLY A 173 20.51 -25.46 -5.23
CA GLY A 173 20.04 -24.54 -4.22
C GLY A 173 19.78 -23.13 -4.68
N TYR A 174 20.11 -22.79 -5.93
CA TYR A 174 19.93 -21.45 -6.44
C TYR A 174 18.78 -21.32 -7.43
N LEU A 175 18.01 -22.39 -7.64
CA LEU A 175 16.90 -22.32 -8.59
C LEU A 175 15.79 -21.41 -8.09
N MET A 176 15.45 -21.52 -6.80
CA MET A 176 14.40 -20.65 -6.26
C MET A 176 14.82 -19.19 -6.28
N THR A 177 16.06 -18.90 -5.90
CA THR A 177 16.51 -17.52 -5.84
C THR A 177 16.69 -16.92 -7.24
N GLY A 178 17.10 -17.72 -8.21
CA GLY A 178 17.38 -17.21 -9.54
C GLY A 178 16.20 -17.04 -10.45
N THR A 179 14.99 -17.35 -10.01
CA THR A 179 13.81 -17.26 -10.85
C THR A 179 12.70 -16.38 -10.29
N THR A 180 12.54 -16.31 -8.98
CA THR A 180 11.48 -15.51 -8.39
C THR A 180 11.71 -14.02 -8.66
N THR A 181 10.61 -13.30 -8.86
CA THR A 181 10.68 -11.87 -9.12
C THR A 181 10.96 -11.05 -7.87
N SER A 182 10.78 -11.64 -6.68
CA SER A 182 10.97 -10.90 -5.45
C SER A 182 12.39 -10.35 -5.35
N VAL A 183 13.39 -11.18 -5.68
CA VAL A 183 14.77 -10.73 -5.66
C VAL A 183 15.15 -9.93 -6.89
N ALA A 184 14.26 -9.82 -7.88
CA ALA A 184 14.58 -9.11 -9.11
C ALA A 184 15.00 -7.67 -8.83
N SER A 185 14.45 -7.07 -7.78
CA SER A 185 14.93 -5.78 -7.29
C SER A 185 15.86 -5.92 -6.11
N GLY A 186 15.72 -6.99 -5.32
CA GLY A 186 16.54 -7.14 -4.13
C GLY A 186 18.02 -7.15 -4.43
N ARG A 187 18.42 -7.85 -5.49
CA ARG A 187 19.82 -7.84 -5.91
C ARG A 187 20.31 -6.41 -6.14
N ILE A 188 19.48 -5.58 -6.76
CA ILE A 188 19.85 -4.18 -7.00
C ILE A 188 20.13 -3.48 -5.67
N ALA A 189 19.33 -3.78 -4.65
CA ALA A 189 19.59 -3.23 -3.33
C ALA A 189 20.77 -3.93 -2.64
N TYR A 190 21.00 -5.20 -2.95
CA TYR A 190 22.05 -5.95 -2.27
C TYR A 190 23.44 -5.54 -2.75
N THR A 191 23.62 -5.37 -4.06
CA THR A 191 24.94 -5.06 -4.59
C THR A 191 25.38 -3.65 -4.19
N LEU A 192 24.49 -2.67 -4.35
CA LEU A 192 24.83 -1.27 -4.08
C LEU A 192 24.62 -0.89 -2.62
N GLY A 193 24.01 -1.75 -1.82
CA GLY A 193 23.80 -1.45 -0.41
C GLY A 193 22.86 -0.31 -0.13
N LEU A 194 21.81 -0.17 -0.93
CA LEU A 194 20.80 0.85 -0.68
C LEU A 194 19.87 0.41 0.45
N GLU A 195 19.31 1.39 1.15
CA GLU A 195 18.38 1.14 2.26
C GLU A 195 17.12 1.93 1.98
N GLY A 196 16.20 1.34 1.23
CA GLY A 196 14.94 1.97 0.90
C GLY A 196 13.98 0.94 0.33
N PRO A 197 12.70 1.31 0.23
CA PRO A 197 11.71 0.34 -0.27
C PRO A 197 12.05 -0.20 -1.65
N ALA A 198 12.34 -1.50 -1.72
CA ALA A 198 12.70 -2.17 -2.95
C ALA A 198 11.64 -3.22 -3.25
N ILE A 199 10.67 -2.85 -4.10
CA ILE A 199 9.52 -3.70 -4.38
C ILE A 199 9.51 -4.07 -5.85
N SER A 200 8.74 -5.11 -6.17
CA SER A 200 8.53 -5.55 -7.54
C SER A 200 7.04 -5.65 -7.79
N VAL A 201 6.58 -5.05 -8.89
CA VAL A 201 5.16 -4.96 -9.20
C VAL A 201 4.91 -5.54 -10.58
N ASP A 202 3.81 -6.30 -10.68
CA ASP A 202 3.40 -6.91 -11.94
C ASP A 202 1.99 -6.44 -12.25
N THR A 203 1.82 -5.71 -13.35
CA THR A 203 0.51 -5.28 -13.83
C THR A 203 0.44 -5.43 -15.34
N ALA A 204 0.96 -6.54 -15.85
CA ALA A 204 0.91 -6.91 -17.28
C ALA A 204 1.67 -5.85 -18.08
N CYS A 205 1.18 -5.48 -19.27
CA CYS A 205 1.93 -4.65 -20.20
C CYS A 205 2.16 -3.23 -19.71
N SER A 206 1.42 -2.78 -18.71
CA SER A 206 1.62 -1.46 -18.13
C SER A 206 2.53 -1.48 -16.91
N SER A 207 3.05 -2.65 -16.55
CA SER A 207 3.71 -2.82 -15.25
C SER A 207 4.84 -1.84 -15.04
N SER A 208 5.56 -1.46 -16.10
CA SER A 208 6.64 -0.49 -15.93
C SER A 208 6.09 0.89 -15.60
N LEU A 209 5.11 1.36 -16.37
CA LEU A 209 4.61 2.72 -16.19
C LEU A 209 4.01 2.89 -14.80
N VAL A 210 3.21 1.91 -14.36
CA VAL A 210 2.66 1.95 -13.01
C VAL A 210 3.77 2.08 -11.98
N ALA A 211 4.88 1.37 -12.20
CA ALA A 211 6.02 1.48 -11.29
C ALA A 211 6.45 2.93 -11.13
N VAL A 212 6.52 3.67 -12.24
CA VAL A 212 6.88 5.08 -12.17
C VAL A 212 5.90 5.82 -11.27
N HIS A 213 4.60 5.57 -11.47
CA HIS A 213 3.59 6.23 -10.65
C HIS A 213 3.82 5.98 -9.16
N LEU A 214 4.37 4.82 -8.81
CA LEU A 214 4.67 4.57 -7.40
C LEU A 214 5.83 5.44 -6.93
N ALA A 215 6.91 5.46 -7.71
CA ALA A 215 8.14 6.09 -7.25
C ALA A 215 7.92 7.57 -6.92
N CYS A 216 7.26 8.28 -7.84
CA CYS A 216 6.98 9.70 -7.60
C CYS A 216 6.27 9.90 -6.27
N GLN A 217 5.30 9.04 -5.96
CA GLN A 217 4.60 9.14 -4.68
C GLN A 217 5.58 9.08 -3.52
N SER A 218 6.46 8.07 -3.55
CA SER A 218 7.44 7.94 -2.47
C SER A 218 8.36 9.15 -2.40
N LEU A 219 8.56 9.84 -3.52
CA LEU A 219 9.35 11.05 -3.49
C LEU A 219 8.58 12.21 -2.89
N ARG A 220 7.28 12.30 -3.16
CA ARG A 220 6.50 13.43 -2.67
C ARG A 220 6.17 13.30 -1.18
N ARG A 221 5.96 12.08 -0.71
CA ARG A 221 5.72 11.87 0.72
C ARG A 221 6.96 12.17 1.55
N GLY A 222 8.14 12.01 0.97
CA GLY A 222 9.39 12.18 1.69
C GLY A 222 10.01 10.89 2.17
N GLU A 223 9.53 9.73 1.72
CA GLU A 223 10.08 8.46 2.16
C GLU A 223 11.52 8.29 1.72
N SER A 224 11.82 8.65 0.47
CA SER A 224 13.17 8.48 -0.08
C SER A 224 13.58 9.73 -0.82
N SER A 225 14.89 9.92 -0.95
CA SER A 225 15.44 11.07 -1.64
C SER A 225 15.69 10.83 -3.13
N LEU A 226 15.94 9.59 -3.52
CA LEU A 226 16.14 9.23 -4.91
C LEU A 226 15.35 7.97 -5.22
N ALA A 227 15.04 7.78 -6.50
CA ALA A 227 14.33 6.57 -6.91
C ALA A 227 14.87 6.09 -8.25
N MET A 228 14.75 4.78 -8.47
CA MET A 228 15.11 4.17 -9.74
C MET A 228 13.94 3.30 -10.18
N ALA A 229 13.28 3.71 -11.26
CA ALA A 229 12.13 2.99 -11.79
C ALA A 229 12.50 2.36 -13.12
N GLY A 230 11.80 1.29 -13.48
CA GLY A 230 12.09 0.69 -14.78
C GLY A 230 11.25 -0.53 -15.05
N GLY A 231 11.51 -1.11 -16.22
CA GLY A 231 10.84 -2.31 -16.66
C GLY A 231 11.73 -3.12 -17.58
N VAL A 232 11.39 -4.39 -17.73
CA VAL A 232 12.18 -5.31 -18.54
C VAL A 232 11.32 -6.52 -18.87
N THR A 233 11.44 -7.00 -20.11
CA THR A 233 10.87 -8.28 -20.50
C THR A 233 11.80 -8.98 -21.46
N VAL A 234 12.01 -10.27 -21.23
CA VAL A 234 12.81 -11.15 -22.07
C VAL A 234 12.16 -12.52 -22.09
N MET A 235 11.97 -13.08 -23.28
CA MET A 235 11.34 -14.39 -23.40
C MET A 235 12.40 -15.44 -23.73
N PRO A 236 12.72 -16.35 -22.81
CA PRO A 236 13.73 -17.38 -23.08
C PRO A 236 13.18 -18.64 -23.73
N THR A 237 11.87 -18.84 -23.74
CA THR A 237 11.24 -20.00 -24.35
C THR A 237 10.15 -19.55 -25.30
N PRO A 238 9.87 -20.32 -26.36
CA PRO A 238 8.82 -19.97 -27.31
C PRO A 238 7.42 -20.42 -26.88
N GLY A 239 7.08 -20.13 -25.63
CA GLY A 239 5.81 -20.53 -25.08
C GLY A 239 4.77 -19.43 -25.06
N MET A 240 5.23 -18.19 -24.85
CA MET A 240 4.30 -17.07 -24.78
C MET A 240 3.57 -16.87 -26.10
N LEU A 241 4.29 -16.94 -27.22
CA LEU A 241 3.66 -16.69 -28.51
C LEU A 241 2.75 -17.83 -28.95
N VAL A 242 2.98 -19.05 -28.45
CA VAL A 242 2.13 -20.17 -28.81
C VAL A 242 0.71 -19.95 -28.31
N ASP A 243 0.56 -19.49 -27.07
CA ASP A 243 -0.77 -19.26 -26.51
C ASP A 243 -1.51 -18.17 -27.26
N PHE A 244 -0.81 -17.09 -27.60
CA PHE A 244 -1.45 -16.02 -28.36
C PHE A 244 -1.77 -16.44 -29.78
N SER A 245 -0.97 -17.33 -30.37
CA SER A 245 -1.33 -17.91 -31.65
C SER A 245 -2.60 -18.74 -31.53
N ARG A 246 -2.74 -19.47 -30.42
CA ARG A 246 -3.99 -20.18 -30.15
C ARG A 246 -5.15 -19.21 -30.04
N MET A 247 -4.92 -18.05 -29.41
CA MET A 247 -5.96 -17.03 -29.33
C MET A 247 -6.24 -16.37 -30.68
N ASN A 248 -5.40 -16.61 -31.69
CA ASN A 248 -5.53 -15.99 -33.01
C ASN A 248 -5.47 -14.47 -32.90
N SER A 249 -4.36 -13.98 -32.32
CA SER A 249 -4.20 -12.54 -32.12
C SER A 249 -2.78 -12.06 -32.41
N LEU A 250 -2.02 -12.78 -33.23
CA LEU A 250 -0.66 -12.41 -33.56
C LEU A 250 -0.54 -12.16 -35.06
N ALA A 251 0.08 -11.05 -35.44
CA ALA A 251 0.33 -10.78 -36.84
C ALA A 251 1.39 -11.75 -37.37
N PRO A 252 1.21 -12.27 -38.59
CA PRO A 252 2.17 -13.26 -39.10
C PRO A 252 3.52 -12.68 -39.48
N ASP A 253 3.63 -11.36 -39.63
CA ASP A 253 4.89 -10.74 -39.98
C ASP A 253 5.62 -10.14 -38.79
N GLY A 254 4.96 -10.04 -37.63
CA GLY A 254 5.60 -9.51 -36.44
C GLY A 254 5.70 -7.99 -36.39
N ARG A 255 5.02 -7.28 -37.27
CA ARG A 255 5.07 -5.82 -37.31
C ARG A 255 3.72 -5.25 -36.90
N CYS A 256 3.75 -4.26 -36.01
CA CYS A 256 2.54 -3.60 -35.52
C CYS A 256 2.34 -2.31 -36.31
N LYS A 257 1.32 -2.30 -37.17
CA LYS A 257 0.97 -1.12 -37.97
C LYS A 257 -0.14 -0.38 -37.25
N ALA A 258 0.22 0.64 -36.49
CA ALA A 258 -0.75 1.39 -35.70
C ALA A 258 -1.55 2.34 -36.59
N PHE A 259 -2.87 2.36 -36.39
CA PHE A 259 -3.77 3.25 -37.10
C PHE A 259 -3.63 3.09 -38.62
N SER A 260 -3.50 1.85 -39.07
CA SER A 260 -3.34 1.54 -40.49
C SER A 260 -4.49 0.66 -40.96
N ALA A 261 -4.73 0.70 -42.26
CA ALA A 261 -5.80 -0.11 -42.84
C ALA A 261 -5.49 -1.60 -42.69
N GLY A 262 -4.24 -1.99 -42.88
CA GLY A 262 -3.86 -3.39 -42.79
C GLY A 262 -3.40 -3.81 -41.41
N ALA A 263 -4.21 -3.54 -40.39
CA ALA A 263 -3.87 -3.94 -39.03
C ALA A 263 -4.30 -5.38 -38.78
N ASN A 264 -3.37 -6.21 -38.29
CA ASN A 264 -3.64 -7.62 -38.06
C ASN A 264 -3.52 -8.02 -36.60
N GLY A 265 -2.44 -7.65 -35.93
CA GLY A 265 -2.25 -8.11 -34.56
C GLY A 265 -0.93 -7.64 -33.99
N PHE A 266 -0.46 -8.37 -32.98
CA PHE A 266 0.71 -7.99 -32.20
C PHE A 266 2.00 -8.28 -32.97
N GLY A 267 3.09 -7.72 -32.43
CA GLY A 267 4.43 -7.96 -32.92
C GLY A 267 5.38 -8.17 -31.76
N MET A 268 4.90 -8.85 -30.72
CA MET A 268 5.53 -8.90 -29.41
C MET A 268 7.06 -9.00 -29.49
N ALA A 269 7.73 -8.13 -28.73
CA ALA A 269 9.19 -8.07 -28.69
C ALA A 269 9.67 -8.05 -27.24
N GLU A 270 10.96 -7.79 -27.04
CA GLU A 270 11.56 -7.78 -25.71
C GLU A 270 12.48 -6.59 -25.58
N GLY A 271 12.74 -6.19 -24.33
CA GLY A 271 13.56 -5.01 -24.12
C GLY A 271 13.68 -4.69 -22.63
N ALA A 272 14.29 -3.54 -22.36
CA ALA A 272 14.47 -3.10 -20.97
C ALA A 272 14.75 -1.61 -20.95
N GLY A 273 14.36 -0.97 -19.85
CA GLY A 273 14.59 0.45 -19.67
C GLY A 273 14.52 0.85 -18.22
N MET A 274 15.19 1.97 -17.90
CA MET A 274 15.29 2.43 -16.53
C MET A 274 15.46 3.95 -16.51
N LEU A 275 14.91 4.57 -15.47
CA LEU A 275 15.00 6.00 -15.23
C LEU A 275 15.39 6.25 -13.77
N LEU A 276 16.10 7.36 -13.56
CA LEU A 276 16.46 7.82 -12.22
C LEU A 276 15.70 9.10 -11.93
N LEU A 277 15.03 9.14 -10.77
CA LEU A 277 14.10 10.21 -10.44
C LEU A 277 14.47 10.87 -9.12
N GLU A 278 14.27 12.19 -9.06
CA GLU A 278 14.63 13.01 -7.92
C GLU A 278 13.74 14.25 -7.92
N ARG A 279 13.46 14.76 -6.72
CA ARG A 279 12.67 15.97 -6.60
C ARG A 279 13.40 17.16 -7.22
N LEU A 280 12.63 18.08 -7.79
CA LEU A 280 13.21 19.18 -8.54
C LEU A 280 14.04 20.10 -7.64
N SER A 281 13.51 20.43 -6.46
CA SER A 281 14.23 21.34 -5.57
C SER A 281 15.54 20.73 -5.09
N ASP A 282 15.52 19.45 -4.70
CA ASP A 282 16.73 18.80 -4.24
C ASP A 282 17.76 18.68 -5.35
N ALA A 283 17.32 18.35 -6.57
CA ALA A 283 18.24 18.27 -7.69
C ALA A 283 18.85 19.62 -8.02
N ARG A 284 18.03 20.69 -7.96
CA ARG A 284 18.55 22.03 -8.22
C ARG A 284 19.56 22.44 -7.15
N ARG A 285 19.28 22.14 -5.89
CA ARG A 285 20.21 22.48 -4.82
C ARG A 285 21.51 21.70 -4.95
N ASN A 286 21.43 20.41 -5.29
CA ASN A 286 22.62 19.59 -5.41
C ASN A 286 23.31 19.72 -6.77
N GLY A 287 22.72 20.44 -7.71
CA GLY A 287 23.32 20.64 -9.00
C GLY A 287 23.26 19.46 -9.94
N HIS A 288 22.43 18.46 -9.66
CA HIS A 288 22.32 17.32 -10.53
C HIS A 288 21.69 17.72 -11.86
N PRO A 289 22.08 17.07 -12.96
CA PRO A 289 21.48 17.39 -14.25
C PRO A 289 20.00 17.04 -14.28
N VAL A 290 19.24 17.84 -15.02
CA VAL A 290 17.79 17.65 -15.17
C VAL A 290 17.45 17.68 -16.65
N LEU A 291 16.66 16.70 -17.10
CA LEU A 291 16.28 16.59 -18.50
C LEU A 291 14.83 16.93 -18.78
N ALA A 292 13.92 16.57 -17.88
CA ALA A 292 12.50 16.85 -18.06
C ALA A 292 11.82 16.77 -16.70
N VAL A 293 10.54 17.12 -16.68
CA VAL A 293 9.76 17.17 -15.46
C VAL A 293 8.46 16.39 -15.65
N LEU A 294 8.22 15.43 -14.76
CA LEU A 294 6.94 14.74 -14.68
C LEU A 294 6.02 15.51 -13.74
N ARG A 295 4.77 15.70 -14.18
CA ARG A 295 3.81 16.52 -13.43
C ARG A 295 2.86 15.67 -12.60
N GLY A 296 2.13 14.75 -13.22
CA GLY A 296 1.19 13.92 -12.49
C GLY A 296 0.74 12.74 -13.33
N THR A 297 0.40 11.65 -12.64
CA THR A 297 -0.04 10.43 -13.28
C THR A 297 -1.36 9.97 -12.65
N ALA A 298 -1.96 8.96 -13.27
CA ALA A 298 -3.21 8.39 -12.78
C ALA A 298 -3.29 6.93 -13.20
N VAL A 299 -3.86 6.10 -12.33
CA VAL A 299 -4.03 4.68 -12.58
C VAL A 299 -5.50 4.33 -12.42
N ASN A 300 -6.04 3.57 -13.38
CA ASN A 300 -7.46 3.25 -13.40
C ASN A 300 -7.62 1.77 -13.72
N SER A 301 -8.87 1.29 -13.67
CA SER A 301 -9.21 -0.07 -14.02
C SER A 301 -10.39 -0.08 -14.98
N ASP A 302 -10.41 -1.09 -15.86
CA ASP A 302 -11.46 -1.16 -16.88
C ASP A 302 -12.82 -1.42 -16.25
N GLY A 303 -12.90 -2.41 -15.37
CA GLY A 303 -14.17 -2.77 -14.76
C GLY A 303 -14.83 -3.96 -15.43
N ALA A 304 -16.16 -3.96 -15.47
CA ALA A 304 -16.92 -5.06 -16.06
C ALA A 304 -17.12 -4.79 -17.53
N SER A 305 -16.19 -5.27 -18.35
CA SER A 305 -16.25 -5.13 -19.79
C SER A 305 -16.94 -6.37 -20.39
N ASN A 306 -16.87 -6.49 -21.72
CA ASN A 306 -17.41 -7.67 -22.40
C ASN A 306 -16.59 -8.92 -22.15
N GLY A 307 -15.42 -8.79 -21.55
CA GLY A 307 -14.58 -9.95 -21.27
C GLY A 307 -13.33 -9.51 -20.55
N LEU A 308 -12.49 -10.50 -20.24
CA LEU A 308 -11.24 -10.22 -19.56
C LEU A 308 -10.27 -9.45 -20.44
N SER A 309 -10.46 -9.45 -21.75
CA SER A 309 -9.57 -8.77 -22.68
C SER A 309 -10.19 -7.56 -23.36
N ALA A 310 -11.51 -7.40 -23.29
CA ALA A 310 -12.18 -6.32 -23.99
C ALA A 310 -11.83 -4.97 -23.37
N PRO A 311 -11.29 -4.03 -24.13
CA PRO A 311 -10.99 -2.71 -23.58
C PRO A 311 -12.25 -1.87 -23.39
N ASN A 312 -12.14 -0.85 -22.55
CA ASN A 312 -13.22 0.08 -22.27
C ASN A 312 -12.74 1.50 -22.55
N GLY A 313 -13.56 2.26 -23.28
CA GLY A 313 -13.19 3.60 -23.67
C GLY A 313 -13.45 4.67 -22.63
N ARG A 314 -14.59 4.56 -21.94
CA ARG A 314 -14.95 5.56 -20.94
C ARG A 314 -13.96 5.56 -19.78
N ALA A 315 -13.45 4.37 -19.42
CA ALA A 315 -12.42 4.31 -18.37
C ALA A 315 -11.16 5.03 -18.81
N GLN A 316 -10.76 4.87 -20.08
CA GLN A 316 -9.60 5.60 -20.58
C GLN A 316 -9.83 7.10 -20.57
N VAL A 317 -11.04 7.53 -20.94
CA VAL A 317 -11.37 8.96 -20.87
C VAL A 317 -11.25 9.45 -19.44
N ARG A 318 -11.78 8.68 -18.49
CA ARG A 318 -11.72 9.06 -17.08
C ARG A 318 -10.28 9.18 -16.60
N VAL A 319 -9.43 8.21 -16.96
CA VAL A 319 -8.06 8.25 -16.47
C VAL A 319 -7.29 9.41 -17.10
N ILE A 320 -7.55 9.69 -18.38
CA ILE A 320 -6.89 10.82 -19.03
C ILE A 320 -7.31 12.13 -18.36
N GLN A 321 -8.61 12.28 -18.09
CA GLN A 321 -9.08 13.50 -17.45
C GLN A 321 -8.53 13.64 -16.03
N GLN A 322 -8.47 12.53 -15.29
CA GLN A 322 -7.94 12.58 -13.93
C GLN A 322 -6.46 12.97 -13.93
N ALA A 323 -5.68 12.36 -14.84
CA ALA A 323 -4.26 12.71 -14.92
C ALA A 323 -4.07 14.17 -15.31
N LEU A 324 -4.89 14.66 -16.26
CA LEU A 324 -4.79 16.05 -16.65
C LEU A 324 -5.16 16.99 -15.51
N ALA A 325 -6.20 16.65 -14.73
CA ALA A 325 -6.67 17.53 -13.68
C ALA A 325 -5.74 17.50 -12.46
N GLU A 326 -5.04 16.40 -12.25
CA GLU A 326 -4.13 16.32 -11.11
C GLU A 326 -3.02 17.36 -11.22
N SER A 327 -2.50 17.57 -12.43
CA SER A 327 -1.42 18.53 -12.65
C SER A 327 -1.93 19.96 -12.82
N GLY A 328 -3.24 20.17 -12.77
CA GLY A 328 -3.80 21.51 -12.91
C GLY A 328 -3.60 22.11 -14.28
N LEU A 329 -3.83 21.34 -15.34
CA LEU A 329 -3.69 21.81 -16.71
C LEU A 329 -4.96 21.51 -17.49
N GLY A 330 -5.10 22.17 -18.64
CA GLY A 330 -6.22 21.93 -19.52
C GLY A 330 -5.80 21.07 -20.69
N PRO A 331 -6.77 20.73 -21.56
CA PRO A 331 -6.45 19.88 -22.71
C PRO A 331 -5.76 20.62 -23.85
N ALA A 332 -5.74 21.95 -23.84
CA ALA A 332 -5.10 22.71 -24.92
C ALA A 332 -3.61 22.87 -24.74
N ASP A 333 -3.06 22.53 -23.56
CA ASP A 333 -1.63 22.67 -23.33
C ASP A 333 -0.84 21.56 -23.99
N ILE A 334 -1.40 20.35 -24.08
CA ILE A 334 -0.67 19.22 -24.64
C ILE A 334 -0.50 19.41 -26.14
N ASP A 335 0.73 19.20 -26.62
CA ASP A 335 1.03 19.36 -28.04
C ASP A 335 1.14 18.04 -28.78
N ALA A 336 1.46 16.95 -28.08
CA ALA A 336 1.57 15.65 -28.74
C ALA A 336 1.34 14.57 -27.70
N VAL A 337 0.97 13.37 -28.17
CA VAL A 337 0.71 12.23 -27.31
C VAL A 337 1.42 11.01 -27.89
N GLU A 338 1.65 10.04 -27.00
CA GLU A 338 2.26 8.76 -27.36
C GLU A 338 1.23 7.68 -27.06
N ALA A 339 0.44 7.33 -28.06
CA ALA A 339 -0.66 6.39 -27.87
C ALA A 339 -0.13 4.97 -27.69
N HIS A 340 -1.04 4.08 -27.29
CA HIS A 340 -0.70 2.67 -27.15
C HIS A 340 -0.27 2.09 -28.49
N GLY A 341 -1.18 2.08 -29.46
CA GLY A 341 -0.84 1.67 -30.81
C GLY A 341 -0.41 0.22 -30.92
N THR A 342 -1.15 -0.69 -30.31
CA THR A 342 -0.83 -2.11 -30.40
C THR A 342 -0.94 -2.61 -31.83
N GLY A 343 -1.97 -2.17 -32.55
CA GLY A 343 -2.16 -2.57 -33.92
C GLY A 343 -3.21 -3.63 -34.16
N THR A 344 -4.08 -3.88 -33.20
CA THR A 344 -5.15 -4.86 -33.38
C THR A 344 -6.27 -4.28 -34.23
N ARG A 345 -7.31 -5.08 -34.47
CA ARG A 345 -8.42 -4.66 -35.30
C ARG A 345 -9.50 -3.94 -34.51
N LEU A 346 -9.96 -4.55 -33.41
CA LEU A 346 -11.06 -3.99 -32.63
C LEU A 346 -10.59 -3.08 -31.50
N GLY A 347 -9.29 -2.94 -31.29
CA GLY A 347 -8.78 -2.10 -30.21
C GLY A 347 -8.49 -0.68 -30.62
N ASP A 348 -7.97 -0.50 -31.84
CA ASP A 348 -7.60 0.84 -32.30
C ASP A 348 -8.78 1.82 -32.36
N PRO A 349 -9.94 1.47 -32.92
CA PRO A 349 -11.03 2.45 -32.96
C PRO A 349 -11.45 2.97 -31.59
N ILE A 350 -11.46 2.11 -30.58
CA ILE A 350 -11.87 2.53 -29.24
C ILE A 350 -10.89 3.57 -28.70
N GLU A 351 -9.60 3.31 -28.85
CA GLU A 351 -8.58 4.26 -28.40
C GLU A 351 -8.68 5.57 -29.17
N ALA A 352 -8.90 5.50 -30.48
CA ALA A 352 -9.04 6.72 -31.28
C ALA A 352 -10.24 7.55 -30.82
N ARG A 353 -11.37 6.90 -30.59
CA ARG A 353 -12.55 7.62 -30.12
C ARG A 353 -12.31 8.23 -28.75
N ALA A 354 -11.65 7.49 -27.86
CA ALA A 354 -11.35 8.03 -26.54
C ALA A 354 -10.45 9.25 -26.62
N LEU A 355 -9.42 9.19 -27.48
CA LEU A 355 -8.54 10.34 -27.66
C LEU A 355 -9.31 11.53 -28.24
N PHE A 356 -10.18 11.29 -29.21
CA PHE A 356 -10.97 12.36 -29.80
C PHE A 356 -11.86 13.01 -28.76
N GLU A 357 -12.47 12.20 -27.89
CA GLU A 357 -13.35 12.77 -26.87
C GLU A 357 -12.55 13.53 -25.82
N ALA A 358 -11.42 12.98 -25.39
CA ALA A 358 -10.69 13.58 -24.28
C ALA A 358 -9.97 14.85 -24.70
N TYR A 359 -9.33 14.85 -25.88
CA TYR A 359 -8.50 15.95 -26.31
C TYR A 359 -9.12 16.80 -27.41
N GLY A 360 -9.91 16.21 -28.30
CA GLY A 360 -10.40 16.92 -29.46
C GLY A 360 -11.52 17.90 -29.19
N ARG A 361 -11.62 18.38 -27.95
CA ARG A 361 -12.63 19.36 -27.57
C ARG A 361 -12.06 20.76 -27.84
N ASP A 362 -12.42 21.32 -28.99
CA ASP A 362 -12.02 22.67 -29.40
C ASP A 362 -10.50 22.81 -29.43
N ARG A 363 -9.88 22.07 -30.35
CA ARG A 363 -8.44 22.14 -30.57
C ARG A 363 -8.17 23.17 -31.65
N GLU A 364 -7.58 24.31 -31.26
CA GLU A 364 -7.16 25.29 -32.24
C GLU A 364 -6.03 24.76 -33.11
N GLN A 365 -5.09 24.05 -32.50
CA GLN A 365 -3.99 23.41 -33.22
C GLN A 365 -4.17 21.90 -33.18
N PRO A 366 -4.06 21.22 -34.32
CA PRO A 366 -4.27 19.77 -34.32
C PRO A 366 -3.23 19.06 -33.46
N LEU A 367 -3.68 17.99 -32.81
CA LEU A 367 -2.78 17.15 -32.02
C LEU A 367 -1.88 16.34 -32.95
N HIS A 368 -0.71 15.97 -32.43
CA HIS A 368 0.22 15.12 -33.14
C HIS A 368 0.24 13.74 -32.50
N LEU A 369 0.03 12.71 -33.31
CA LEU A 369 -0.14 11.34 -32.83
C LEU A 369 0.93 10.44 -33.43
N GLY A 370 1.46 9.54 -32.60
CA GLY A 370 2.47 8.60 -33.04
C GLY A 370 2.57 7.43 -32.08
N SER A 371 3.34 6.43 -32.48
CA SER A 371 3.53 5.24 -31.67
C SER A 371 4.90 4.65 -31.96
N VAL A 372 5.69 4.46 -30.90
CA VAL A 372 7.02 3.87 -31.06
C VAL A 372 6.95 2.39 -31.42
N LYS A 373 5.81 1.75 -31.16
CA LYS A 373 5.68 0.33 -31.49
C LYS A 373 5.77 0.06 -32.98
N SER A 374 5.60 1.10 -33.81
CA SER A 374 5.77 0.91 -35.24
C SER A 374 7.23 0.65 -35.60
N ASN A 375 8.16 1.04 -34.72
CA ASN A 375 9.58 0.87 -35.00
C ASN A 375 10.15 -0.41 -34.39
N LEU A 376 9.57 -0.90 -33.30
CA LEU A 376 10.15 -2.02 -32.57
C LEU A 376 9.16 -3.17 -32.41
N GLY A 377 7.88 -2.84 -32.33
CA GLY A 377 6.87 -3.81 -31.95
C GLY A 377 6.55 -3.73 -30.46
N HIS A 378 5.54 -4.50 -30.07
CA HIS A 378 5.06 -4.49 -28.69
C HIS A 378 6.15 -5.05 -27.78
N THR A 379 6.77 -4.17 -26.99
CA THR A 379 7.81 -4.57 -26.05
C THR A 379 7.25 -4.91 -24.67
N GLN A 380 5.93 -5.02 -24.55
CA GLN A 380 5.28 -5.46 -23.31
C GLN A 380 5.66 -4.59 -22.13
N ALA A 381 6.49 -5.13 -21.23
CA ALA A 381 6.87 -4.38 -20.03
C ALA A 381 7.65 -3.13 -20.39
N ALA A 382 8.59 -3.23 -21.34
CA ALA A 382 9.41 -2.09 -21.70
C ALA A 382 8.60 -0.97 -22.36
N ALA A 383 7.38 -1.26 -22.79
CA ALA A 383 6.51 -0.21 -23.30
C ALA A 383 6.11 0.74 -22.17
N GLY A 384 5.82 1.98 -22.53
CA GLY A 384 5.58 3.00 -21.54
C GLY A 384 6.85 3.74 -21.19
N VAL A 385 7.82 3.03 -20.60
CA VAL A 385 9.11 3.66 -20.35
C VAL A 385 9.83 3.94 -21.66
N ALA A 386 9.67 3.05 -22.66
CA ALA A 386 10.23 3.33 -23.98
C ALA A 386 9.61 4.57 -24.59
N GLY A 387 8.28 4.72 -24.47
CA GLY A 387 7.64 5.91 -24.99
C GLY A 387 8.07 7.17 -24.27
N VAL A 388 8.24 7.09 -22.96
CA VAL A 388 8.70 8.25 -22.20
C VAL A 388 10.11 8.65 -22.63
N ILE A 389 10.98 7.66 -22.83
CA ILE A 389 12.34 7.95 -23.28
C ILE A 389 12.31 8.60 -24.66
N LYS A 390 11.49 8.07 -25.57
CA LYS A 390 11.37 8.67 -26.89
C LYS A 390 10.88 10.11 -26.80
N MET A 391 9.88 10.36 -25.96
CA MET A 391 9.33 11.70 -25.83
C MET A 391 10.36 12.68 -25.31
N VAL A 392 11.11 12.31 -24.27
CA VAL A 392 12.09 13.23 -23.71
C VAL A 392 13.24 13.45 -24.70
N LEU A 393 13.64 12.40 -25.42
CA LEU A 393 14.69 12.57 -26.42
C LEU A 393 14.25 13.53 -27.52
N ALA A 394 13.03 13.36 -28.03
CA ALA A 394 12.54 14.24 -29.08
C ALA A 394 12.38 15.66 -28.57
N MET A 395 11.91 15.82 -27.34
CA MET A 395 11.74 17.15 -26.75
C MET A 395 13.08 17.86 -26.60
N ARG A 396 14.12 17.15 -26.16
CA ARG A 396 15.44 17.76 -26.06
C ARG A 396 16.01 18.07 -27.43
N ALA A 397 15.75 17.22 -28.42
CA ALA A 397 16.27 17.44 -29.77
C ALA A 397 15.41 18.40 -30.58
N GLY A 398 14.20 18.72 -30.13
CA GLY A 398 13.35 19.65 -30.84
C GLY A 398 12.89 19.18 -32.20
N THR A 399 12.51 17.91 -32.33
CA THR A 399 12.03 17.38 -33.60
C THR A 399 11.21 16.14 -33.32
N LEU A 400 10.01 16.08 -33.92
CA LEU A 400 9.11 14.94 -33.72
C LEU A 400 9.38 13.87 -34.76
N PRO A 401 9.67 12.62 -34.36
CA PRO A 401 9.95 11.57 -35.34
C PRO A 401 8.73 11.13 -36.12
N ARG A 402 8.89 10.14 -36.98
CA ARG A 402 7.85 9.69 -37.89
C ARG A 402 7.16 8.44 -37.35
N THR A 403 6.27 7.88 -38.16
CA THR A 403 5.65 6.59 -37.92
C THR A 403 5.75 5.76 -39.20
N LEU A 404 6.21 4.51 -39.07
CA LEU A 404 6.63 3.76 -40.24
C LEU A 404 5.45 3.33 -41.10
N HIS A 405 4.38 2.81 -40.50
CA HIS A 405 3.28 2.20 -41.23
C HIS A 405 1.98 2.99 -41.08
N ALA A 406 2.06 4.32 -41.19
CA ALA A 406 0.89 5.18 -41.09
C ALA A 406 0.56 5.84 -42.43
N SER A 407 1.01 5.26 -43.55
CA SER A 407 0.77 5.86 -44.84
C SER A 407 -0.72 5.88 -45.18
N GLU A 408 -1.43 4.79 -44.90
CA GLU A 408 -2.84 4.67 -45.20
C GLU A 408 -3.64 4.68 -43.90
N ARG A 409 -4.46 5.71 -43.71
CA ARG A 409 -5.29 5.80 -42.52
C ARG A 409 -6.41 4.77 -42.58
N SER A 410 -6.82 4.31 -41.40
CA SER A 410 -7.90 3.34 -41.31
C SER A 410 -9.24 3.99 -41.66
N LYS A 411 -10.21 3.14 -41.99
CA LYS A 411 -11.54 3.61 -42.36
C LYS A 411 -12.54 3.57 -41.22
N GLU A 412 -12.38 2.64 -40.27
CA GLU A 412 -13.29 2.60 -39.13
C GLU A 412 -13.15 3.84 -38.27
N ILE A 413 -11.92 4.32 -38.08
CA ILE A 413 -11.70 5.54 -37.31
C ILE A 413 -12.11 6.74 -38.14
N ASP A 414 -12.95 7.60 -37.56
CA ASP A 414 -13.44 8.77 -38.25
C ASP A 414 -12.46 9.94 -38.07
N TRP A 415 -12.07 10.54 -39.18
CA TRP A 415 -11.22 11.74 -39.18
C TRP A 415 -12.01 12.84 -39.88
N SER A 416 -12.83 13.55 -39.11
CA SER A 416 -13.67 14.62 -39.67
C SER A 416 -13.36 15.97 -39.05
N SER A 417 -13.25 16.04 -37.72
CA SER A 417 -12.97 17.32 -37.08
C SER A 417 -11.58 17.84 -37.40
N GLY A 418 -10.64 16.94 -37.73
CA GLY A 418 -9.28 17.34 -38.02
C GLY A 418 -8.46 17.72 -36.82
N ALA A 419 -8.92 17.43 -35.60
CA ALA A 419 -8.19 17.80 -34.40
C ALA A 419 -6.95 16.95 -34.18
N ILE A 420 -6.79 15.85 -34.90
CA ILE A 420 -5.64 14.96 -34.75
C ILE A 420 -5.06 14.71 -36.14
N SER A 421 -3.76 14.95 -36.28
CA SER A 421 -3.03 14.71 -37.52
C SER A 421 -1.87 13.77 -37.19
N LEU A 422 -2.05 12.48 -37.47
CA LEU A 422 -1.03 11.50 -37.15
C LEU A 422 0.24 11.76 -37.95
N LEU A 423 1.38 11.49 -37.33
CA LEU A 423 2.68 11.87 -37.88
C LEU A 423 3.09 10.88 -38.96
N ASP A 424 3.15 11.36 -40.21
CA ASP A 424 3.74 10.61 -41.30
C ASP A 424 5.00 11.27 -41.84
N GLU A 425 5.25 12.53 -41.50
CA GLU A 425 6.46 13.25 -41.83
C GLU A 425 6.98 13.96 -40.59
N PRO A 426 8.29 14.14 -40.49
CA PRO A 426 8.84 14.81 -39.30
C PRO A 426 8.33 16.24 -39.18
N GLU A 427 8.08 16.67 -37.94
CA GLU A 427 7.55 17.99 -37.66
C GLU A 427 8.49 18.73 -36.72
N PRO A 428 8.96 19.92 -37.08
CA PRO A 428 9.82 20.68 -36.16
C PRO A 428 9.06 21.05 -34.90
N TRP A 429 9.79 21.07 -33.78
CA TRP A 429 9.23 21.41 -32.47
C TRP A 429 10.11 22.45 -31.81
N PRO A 430 10.10 23.68 -32.30
CA PRO A 430 10.97 24.73 -31.74
C PRO A 430 10.54 25.12 -30.34
N ALA A 431 11.51 25.58 -29.56
CA ALA A 431 11.27 26.00 -28.18
C ALA A 431 10.75 27.44 -28.18
N GLY A 432 9.44 27.57 -28.37
CA GLY A 432 8.78 28.86 -28.40
C GLY A 432 8.43 29.35 -27.01
N ALA A 433 7.61 30.41 -26.99
CA ALA A 433 7.17 30.97 -25.71
C ALA A 433 6.31 29.97 -24.93
N ARG A 434 5.42 29.27 -25.61
CA ARG A 434 4.59 28.28 -24.95
C ARG A 434 5.43 27.07 -24.54
N PRO A 435 5.39 26.67 -23.27
CA PRO A 435 6.13 25.47 -22.87
C PRO A 435 5.61 24.23 -23.58
N ARG A 436 6.52 23.29 -23.84
CA ARG A 436 6.19 22.07 -24.55
C ARG A 436 5.84 20.98 -23.56
N ARG A 437 4.70 20.33 -23.77
CA ARG A 437 4.21 19.28 -22.88
C ARG A 437 3.77 18.09 -23.71
N ALA A 438 3.77 16.91 -23.08
CA ALA A 438 3.43 15.68 -23.77
C ALA A 438 2.77 14.71 -22.80
N GLY A 439 2.05 13.75 -23.36
CA GLY A 439 1.37 12.74 -22.56
C GLY A 439 1.60 11.35 -23.12
N VAL A 440 1.66 10.39 -22.19
CA VAL A 440 1.91 8.99 -22.53
C VAL A 440 0.83 8.13 -21.91
N SER A 441 0.40 7.10 -22.65
CA SER A 441 -0.64 6.18 -22.19
C SER A 441 -0.15 4.74 -22.30
N SER A 442 -0.71 3.89 -21.44
CA SER A 442 -0.37 2.47 -21.49
C SER A 442 -1.51 1.66 -20.86
N PHE A 443 -1.89 0.57 -21.53
CA PHE A 443 -2.95 -0.31 -21.06
C PHE A 443 -2.45 -1.74 -21.02
N GLY A 444 -3.08 -2.55 -20.17
CA GLY A 444 -2.67 -3.92 -19.99
C GLY A 444 -3.81 -4.89 -20.20
N ILE A 445 -3.44 -6.16 -20.36
CA ILE A 445 -4.43 -7.20 -20.60
C ILE A 445 -5.31 -7.41 -19.37
N SER A 446 -4.73 -7.27 -18.17
CA SER A 446 -5.48 -7.48 -16.93
C SER A 446 -6.56 -6.42 -16.71
N GLY A 447 -6.54 -5.33 -17.45
CA GLY A 447 -7.55 -4.30 -17.29
C GLY A 447 -7.10 -3.14 -16.41
N THR A 448 -5.91 -2.63 -16.68
CA THR A 448 -5.35 -1.50 -15.92
C THR A 448 -4.82 -0.47 -16.90
N ASN A 449 -5.14 0.80 -16.65
CA ASN A 449 -4.75 1.90 -17.52
C ASN A 449 -3.86 2.86 -16.77
N ALA A 450 -2.96 3.53 -17.50
CA ALA A 450 -2.06 4.49 -16.91
C ALA A 450 -1.78 5.61 -17.90
N HIS A 451 -1.67 6.83 -17.38
CA HIS A 451 -1.39 8.01 -18.18
C HIS A 451 -0.46 8.93 -17.41
N ALA A 452 0.51 9.50 -18.12
CA ALA A 452 1.52 10.36 -17.50
C ALA A 452 1.70 11.63 -18.33
N ILE A 453 2.06 12.71 -17.65
CA ILE A 453 2.23 14.03 -18.26
C ILE A 453 3.64 14.53 -17.98
N ILE A 454 4.35 14.91 -19.06
CA ILE A 454 5.74 15.35 -18.96
C ILE A 454 5.86 16.73 -19.62
N GLU A 455 6.91 17.44 -19.21
CA GLU A 455 7.13 18.83 -19.62
C GLU A 455 8.62 19.09 -19.71
N GLU A 456 8.99 20.10 -20.49
CA GLU A 456 10.39 20.44 -20.70
C GLU A 456 11.02 21.00 -19.43
N ALA A 457 12.33 20.79 -19.30
CA ALA A 457 13.05 21.24 -18.12
C ALA A 457 13.19 22.76 -18.13
N PRO A 458 13.20 23.39 -16.95
CA PRO A 458 13.43 24.84 -16.89
C PRO A 458 14.80 25.20 -17.45
N GLN A 459 14.85 26.36 -18.09
CA GLN A 459 16.09 26.80 -18.74
C GLN A 459 17.07 27.35 -17.71
N VAL A 460 18.35 27.06 -17.91
CA VAL A 460 19.43 27.59 -17.08
C VAL A 460 20.25 28.54 -17.95
N VAL A 461 20.39 29.78 -17.49
CA VAL A 461 21.00 30.81 -18.33
C VAL A 461 22.50 30.57 -18.50
N GLU A 462 23.21 30.28 -17.41
CA GLU A 462 24.67 30.22 -17.46
C GLU A 462 25.23 28.85 -17.12
N GLY A 463 24.87 28.29 -15.96
CA GLY A 463 25.53 27.06 -15.54
C GLY A 463 26.98 27.31 -15.15
N GLU A 464 27.80 26.27 -15.31
CA GLU A 464 29.22 26.35 -15.02
C GLU A 464 29.95 26.83 -16.27
N ARG A 465 30.36 28.10 -16.25
CA ARG A 465 30.95 28.74 -17.42
C ARG A 465 32.46 28.51 -17.44
N VAL A 466 33.15 29.22 -18.34
CA VAL A 466 34.59 29.10 -18.54
C VAL A 466 35.21 30.48 -18.37
N GLU A 467 36.28 30.56 -17.58
CA GLU A 467 36.98 31.82 -17.34
C GLU A 467 38.29 31.90 -18.10
N ALA A 468 39.20 30.95 -17.89
CA ALA A 468 40.52 30.96 -18.53
C ALA A 468 41.14 29.58 -18.32
N GLY A 469 42.41 29.44 -18.70
CA GLY A 469 43.14 28.20 -18.51
C GLY A 469 44.22 28.31 -17.45
N ASP A 470 44.58 27.19 -16.84
CA ASP A 470 45.51 27.15 -15.71
C ASP A 470 46.34 25.86 -15.83
N VAL A 471 46.96 25.46 -14.71
CA VAL A 471 47.87 24.31 -14.71
C VAL A 471 47.11 23.03 -15.08
N VAL A 472 47.88 22.01 -15.47
CA VAL A 472 47.31 20.76 -15.94
C VAL A 472 46.72 19.97 -14.77
N ALA A 473 45.59 19.30 -15.03
CA ALA A 473 44.95 18.37 -14.11
C ALA A 473 45.15 16.93 -14.59
N PRO A 474 45.24 15.97 -13.68
CA PRO A 474 45.50 14.59 -14.09
C PRO A 474 44.26 13.93 -14.70
N TRP A 475 44.52 12.89 -15.49
CA TRP A 475 43.48 12.06 -16.06
C TRP A 475 43.54 10.67 -15.43
N VAL A 476 42.38 10.13 -15.09
CA VAL A 476 42.28 8.96 -14.23
C VAL A 476 41.41 7.89 -14.90
N LEU A 477 41.87 6.64 -14.85
CA LEU A 477 41.10 5.51 -15.36
C LEU A 477 41.01 4.44 -14.29
N SER A 478 40.06 3.51 -14.47
CA SER A 478 39.89 2.41 -13.54
C SER A 478 39.16 1.27 -14.23
N ALA A 479 39.43 0.05 -13.77
CA ALA A 479 38.82 -1.14 -14.33
C ALA A 479 38.99 -2.28 -13.34
N SER A 480 38.37 -3.42 -13.65
CA SER A 480 38.44 -4.61 -12.80
C SER A 480 39.34 -5.70 -13.36
N SER A 481 39.74 -5.59 -14.62
CA SER A 481 40.60 -6.59 -15.26
C SER A 481 41.41 -5.92 -16.34
N ALA A 482 42.48 -6.60 -16.77
CA ALA A 482 43.37 -6.03 -17.77
C ALA A 482 42.62 -5.73 -19.07
N GLU A 483 41.80 -6.67 -19.54
CA GLU A 483 40.99 -6.41 -20.72
C GLU A 483 40.05 -5.23 -20.49
N GLY A 484 39.55 -5.07 -19.26
CA GLY A 484 38.74 -3.91 -18.97
C GLY A 484 39.50 -2.61 -19.14
N LEU A 485 40.74 -2.56 -18.64
CA LEU A 485 41.55 -1.36 -18.80
C LEU A 485 41.83 -1.07 -20.27
N ARG A 486 42.19 -2.10 -21.04
CA ARG A 486 42.47 -1.90 -22.46
C ARG A 486 41.23 -1.42 -23.21
N ALA A 487 40.08 -2.04 -22.93
CA ALA A 487 38.84 -1.64 -23.59
C ALA A 487 38.45 -0.22 -23.21
N GLN A 488 38.65 0.16 -21.94
CA GLN A 488 38.33 1.52 -21.51
C GLN A 488 39.21 2.53 -22.23
N ALA A 489 40.51 2.24 -22.33
CA ALA A 489 41.41 3.14 -23.05
C ALA A 489 40.99 3.28 -24.51
N ALA A 490 40.68 2.16 -25.17
CA ALA A 490 40.28 2.21 -26.57
C ALA A 490 38.97 2.97 -26.74
N ARG A 491 38.02 2.77 -25.83
CA ARG A 491 36.73 3.45 -25.93
C ARG A 491 36.89 4.96 -25.76
N LEU A 492 37.68 5.38 -24.78
CA LEU A 492 37.91 6.81 -24.60
C LEU A 492 38.63 7.41 -25.79
N ALA A 493 39.63 6.71 -26.33
CA ALA A 493 40.33 7.21 -27.50
C ALA A 493 39.41 7.34 -28.69
N ALA A 494 38.52 6.38 -28.90
CA ALA A 494 37.60 6.44 -30.03
C ALA A 494 36.57 7.55 -29.84
N HIS A 495 36.11 7.78 -28.60
CA HIS A 495 35.15 8.83 -28.35
C HIS A 495 35.76 10.21 -28.55
N LEU A 496 37.01 10.40 -28.11
CA LEU A 496 37.64 11.72 -28.20
C LEU A 496 37.87 12.15 -29.65
N ARG A 497 37.81 11.22 -30.60
CA ARG A 497 38.00 11.55 -32.01
C ARG A 497 36.72 12.02 -32.69
N GLU A 498 35.59 12.03 -31.98
CA GLU A 498 34.31 12.41 -32.56
C GLU A 498 33.90 13.84 -32.24
N HIS A 499 34.11 14.30 -31.01
CA HIS A 499 33.80 15.66 -30.59
C HIS A 499 35.09 16.37 -30.21
N PRO A 500 35.89 16.79 -31.19
CA PRO A 500 37.13 17.49 -30.86
C PRO A 500 36.86 18.89 -30.34
N GLY A 501 37.78 19.39 -29.53
CA GLY A 501 37.71 20.73 -29.01
C GLY A 501 37.09 20.89 -27.65
N GLN A 502 37.28 19.94 -26.74
CA GLN A 502 36.79 20.06 -25.38
C GLN A 502 37.91 20.54 -24.47
N ASP A 503 37.53 21.32 -23.45
CA ASP A 503 38.51 21.77 -22.47
C ASP A 503 39.03 20.57 -21.68
N PRO A 504 40.35 20.37 -21.61
CA PRO A 504 40.87 19.27 -20.79
C PRO A 504 40.46 19.35 -19.34
N ARG A 505 40.23 20.55 -18.80
CA ARG A 505 39.76 20.67 -17.42
C ARG A 505 38.40 20.01 -17.24
N ASP A 506 37.49 20.23 -18.18
CA ASP A 506 36.17 19.61 -18.10
C ASP A 506 36.27 18.09 -18.10
N ILE A 507 37.09 17.55 -18.99
CA ILE A 507 37.24 16.09 -19.09
C ILE A 507 37.87 15.53 -17.83
N ALA A 508 38.89 16.20 -17.30
CA ALA A 508 39.51 15.73 -16.06
C ALA A 508 38.53 15.75 -14.90
N TYR A 509 37.72 16.80 -14.80
CA TYR A 509 36.73 16.88 -13.74
C TYR A 509 35.70 15.77 -13.87
N SER A 510 35.16 15.57 -15.08
CA SER A 510 34.18 14.52 -15.30
C SER A 510 34.75 13.14 -15.05
N LEU A 511 36.03 12.95 -15.35
CA LEU A 511 36.66 11.64 -15.24
C LEU A 511 37.10 11.31 -13.82
N ALA A 512 37.38 12.33 -13.01
CA ALA A 512 37.84 12.06 -11.65
C ALA A 512 36.75 12.21 -10.58
N THR A 513 35.65 12.91 -10.89
CA THR A 513 34.62 13.13 -9.87
C THR A 513 33.41 12.21 -10.00
N GLY A 514 33.14 11.68 -11.20
CA GLY A 514 31.94 10.88 -11.39
C GLY A 514 32.18 9.44 -11.75
N ARG A 515 33.27 8.86 -11.26
CA ARG A 515 33.61 7.47 -11.51
C ARG A 515 33.87 6.74 -10.19
N ALA A 516 33.90 5.41 -10.27
CA ALA A 516 34.11 4.57 -9.10
C ALA A 516 35.61 4.48 -8.79
N ALA A 517 35.98 3.57 -7.91
CA ALA A 517 37.38 3.34 -7.54
C ALA A 517 37.62 1.83 -7.57
N LEU A 518 38.03 1.33 -8.73
CA LEU A 518 38.26 -0.08 -8.97
C LEU A 518 39.73 -0.42 -8.77
N PRO A 519 40.09 -1.72 -8.74
CA PRO A 519 41.50 -2.10 -8.54
C PRO A 519 42.48 -1.52 -9.53
N HIS A 520 42.29 -1.78 -10.83
CA HIS A 520 43.27 -1.38 -11.83
C HIS A 520 43.23 0.12 -12.05
N ARG A 521 44.42 0.75 -12.10
CA ARG A 521 44.53 2.19 -12.31
C ARG A 521 45.67 2.49 -13.27
N ALA A 522 45.46 3.43 -14.17
CA ALA A 522 46.43 3.78 -15.21
C ALA A 522 46.48 5.29 -15.44
N ALA A 523 46.56 6.07 -14.36
CA ALA A 523 46.46 7.51 -14.49
C ALA A 523 47.73 8.12 -15.10
N PHE A 524 47.60 9.38 -15.50
CA PHE A 524 48.69 10.16 -16.10
C PHE A 524 48.29 11.63 -16.09
N ALA A 525 49.09 12.47 -16.74
CA ALA A 525 48.80 13.90 -16.86
C ALA A 525 49.28 14.44 -18.19
N PRO A 526 48.38 14.81 -19.09
CA PRO A 526 48.78 15.21 -20.44
C PRO A 526 48.98 16.71 -20.61
N VAL A 527 49.90 17.05 -21.52
CA VAL A 527 50.15 18.45 -21.84
C VAL A 527 49.07 18.97 -22.78
N ASP A 528 48.86 18.29 -23.90
CA ASP A 528 47.85 18.68 -24.87
C ASP A 528 47.07 17.45 -25.30
N GLU A 529 45.91 17.68 -25.91
CA GLU A 529 45.01 16.57 -26.24
C GLU A 529 45.62 15.60 -27.24
N SER A 530 46.56 16.07 -28.08
CA SER A 530 47.25 15.15 -28.98
C SER A 530 48.16 14.19 -28.21
N ALA A 531 48.90 14.70 -27.24
CA ALA A 531 49.71 13.84 -26.39
C ALA A 531 48.83 12.86 -25.61
N ALA A 532 47.68 13.34 -25.11
CA ALA A 532 46.75 12.45 -24.43
C ALA A 532 46.26 11.36 -25.37
N LEU A 533 45.97 11.71 -26.63
CA LEU A 533 45.54 10.72 -27.60
C LEU A 533 46.61 9.67 -27.85
N ARG A 534 47.86 10.10 -28.00
CA ARG A 534 48.95 9.14 -28.24
C ARG A 534 49.15 8.23 -27.02
N VAL A 535 49.06 8.79 -25.81
CA VAL A 535 49.25 7.97 -24.62
C VAL A 535 48.09 6.99 -24.45
N LEU A 536 46.87 7.41 -24.77
CA LEU A 536 45.74 6.50 -24.69
C LEU A 536 45.85 5.38 -25.72
N ASP A 537 46.28 5.72 -26.94
CA ASP A 537 46.50 4.69 -27.94
C ASP A 537 47.60 3.72 -27.52
N GLY A 538 48.61 4.22 -26.81
CA GLY A 538 49.61 3.32 -26.25
C GLY A 538 49.03 2.42 -25.17
N LEU A 539 48.19 2.98 -24.30
CA LEU A 539 47.60 2.20 -23.22
C LEU A 539 46.66 1.12 -23.75
N ALA A 540 45.97 1.38 -24.85
CA ALA A 540 44.97 0.47 -25.37
C ALA A 540 45.57 -0.72 -26.11
N THR A 541 46.88 -0.95 -25.99
CA THR A 541 47.53 -2.11 -26.58
C THR A 541 48.29 -2.95 -25.55
N GLY A 542 48.10 -2.69 -24.27
CA GLY A 542 48.70 -3.49 -23.22
C GLY A 542 50.06 -3.03 -22.72
N ASN A 543 50.67 -2.03 -23.37
CA ASN A 543 51.95 -1.49 -22.94
C ASN A 543 51.73 -0.09 -22.38
N ALA A 544 52.25 0.15 -21.18
CA ALA A 544 52.05 1.42 -20.47
C ALA A 544 53.40 2.13 -20.37
N ASP A 545 53.72 2.92 -21.38
CA ASP A 545 54.93 3.72 -21.41
C ASP A 545 54.55 5.19 -21.33
N GLY A 546 55.16 5.91 -20.38
CA GLY A 546 54.80 7.30 -20.16
C GLY A 546 53.61 7.52 -19.24
N ALA A 547 53.13 6.47 -18.57
CA ALA A 547 52.03 6.58 -17.64
C ALA A 547 52.36 5.80 -16.38
N ALA A 548 51.55 5.99 -15.35
CA ALA A 548 51.72 5.30 -14.08
C ALA A 548 50.60 4.27 -13.92
N VAL A 549 50.99 3.02 -13.67
CA VAL A 549 50.03 1.92 -13.53
C VAL A 549 50.38 1.12 -12.28
N GLY A 550 49.42 0.33 -11.83
CA GLY A 550 49.60 -0.50 -10.66
C GLY A 550 48.30 -1.12 -10.19
N THR A 551 48.36 -2.38 -9.74
CA THR A 551 47.17 -3.13 -9.35
C THR A 551 47.06 -3.11 -7.83
N SER A 552 46.37 -2.09 -7.32
CA SER A 552 46.06 -2.03 -5.90
C SER A 552 44.74 -2.75 -5.61
N ARG A 553 44.46 -2.94 -4.33
CA ARG A 553 43.24 -3.59 -3.88
C ARG A 553 42.39 -2.62 -3.08
N ALA A 554 42.30 -1.37 -3.54
CA ALA A 554 41.65 -0.29 -2.81
C ALA A 554 42.22 -0.19 -1.39
N GLN A 555 43.51 0.13 -1.35
CA GLN A 555 44.28 0.00 -0.10
C GLN A 555 43.96 1.13 0.88
N GLN A 556 44.25 2.38 0.48
CA GLN A 556 44.16 3.55 1.35
C GLN A 556 45.19 3.49 2.47
N ARG A 557 44.85 4.06 3.63
CA ARG A 557 45.71 4.15 4.81
C ARG A 557 47.16 4.50 4.44
N ALA A 558 47.30 5.70 3.88
CA ALA A 558 48.61 6.17 3.44
C ALA A 558 49.60 6.22 4.60
N VAL A 559 50.86 5.91 4.30
CA VAL A 559 51.94 5.89 5.28
C VAL A 559 52.96 6.94 4.89
N PHE A 560 53.36 7.76 5.85
CA PHE A 560 54.21 8.93 5.63
C PHE A 560 55.56 8.72 6.28
N VAL A 561 56.63 8.99 5.53
CA VAL A 561 57.99 8.88 6.03
C VAL A 561 58.72 10.18 5.72
N PHE A 562 59.43 10.72 6.72
CA PHE A 562 60.26 11.91 6.64
C PHE A 562 61.74 11.54 6.61
N PRO A 563 62.57 12.33 5.94
CA PRO A 563 64.00 12.01 5.87
C PRO A 563 64.78 12.68 6.99
N GLY A 564 66.03 12.24 7.14
CA GLY A 564 66.92 12.86 8.10
C GLY A 564 67.77 13.95 7.50
N GLN A 565 68.50 13.62 6.42
CA GLN A 565 69.37 14.56 5.75
C GLN A 565 69.79 13.93 4.43
N GLY A 566 70.36 14.75 3.55
CA GLY A 566 70.86 14.28 2.27
C GLY A 566 69.96 14.55 1.08
N TRP A 567 68.77 15.13 1.29
CA TRP A 567 67.84 15.42 0.22
C TRP A 567 67.95 16.87 -0.27
N GLN A 568 69.01 17.58 0.11
CA GLN A 568 69.14 18.98 -0.25
C GLN A 568 69.27 19.14 -1.76
N TRP A 569 68.89 20.32 -2.25
CA TRP A 569 68.93 20.64 -3.66
C TRP A 569 69.16 22.16 -3.78
N ALA A 570 69.07 22.68 -4.99
CA ALA A 570 69.37 24.09 -5.24
C ALA A 570 68.14 24.98 -5.02
N GLY A 571 67.05 24.70 -5.73
CA GLY A 571 65.94 25.62 -5.82
C GLY A 571 64.61 25.15 -5.28
N MET A 572 64.60 24.53 -4.10
CA MET A 572 63.34 24.01 -3.54
C MET A 572 62.31 25.12 -3.44
N ALA A 573 61.08 24.80 -3.85
CA ALA A 573 59.95 25.72 -3.82
C ALA A 573 60.26 27.01 -4.58
N VAL A 574 60.88 26.88 -5.76
CA VAL A 574 61.10 28.06 -6.59
C VAL A 574 59.79 28.58 -7.15
N ASP A 575 58.81 27.70 -7.36
CA ASP A 575 57.51 28.12 -7.88
C ASP A 575 56.34 27.42 -7.20
N LEU A 576 56.57 26.62 -6.15
CA LEU A 576 55.49 25.92 -5.50
C LEU A 576 54.56 26.90 -4.77
N LEU A 577 55.13 27.85 -4.03
CA LEU A 577 54.31 28.80 -3.30
C LEU A 577 53.74 29.88 -4.21
N ASP A 578 54.47 30.25 -5.26
CA ASP A 578 54.04 31.35 -6.11
C ASP A 578 52.73 31.03 -6.82
N THR A 579 52.66 29.88 -7.50
CA THR A 579 51.45 29.52 -8.21
C THR A 579 50.36 29.02 -7.27
N SER A 580 50.73 28.27 -6.23
CA SER A 580 49.76 27.68 -5.33
C SER A 580 49.66 28.52 -4.07
N PRO A 581 48.56 29.23 -3.84
CA PRO A 581 48.46 30.07 -2.64
C PRO A 581 48.48 29.28 -1.34
N VAL A 582 48.11 28.00 -1.35
CA VAL A 582 48.08 27.23 -0.11
C VAL A 582 49.50 26.99 0.41
N PHE A 583 50.42 26.63 -0.49
CA PHE A 583 51.81 26.45 -0.07
C PHE A 583 52.40 27.77 0.40
N ALA A 584 52.06 28.87 -0.28
CA ALA A 584 52.52 30.19 0.15
C ALA A 584 52.02 30.52 1.54
N ALA A 585 50.74 30.26 1.82
CA ALA A 585 50.18 30.53 3.14
C ALA A 585 50.85 29.68 4.21
N ALA A 586 51.08 28.40 3.91
CA ALA A 586 51.77 27.53 4.86
C ALA A 586 53.17 28.05 5.14
N LEU A 587 53.90 28.44 4.10
CA LEU A 587 55.25 28.96 4.30
C LEU A 587 55.23 30.25 5.09
N ARG A 588 54.25 31.12 4.84
CA ARG A 588 54.18 32.38 5.58
C ARG A 588 53.86 32.16 7.05
N GLU A 589 52.93 31.25 7.36
CA GLU A 589 52.63 31.00 8.76
C GLU A 589 53.81 30.32 9.47
N CYS A 590 54.52 29.44 8.77
CA CYS A 590 55.72 28.84 9.36
C CYS A 590 56.79 29.90 9.60
N ALA A 591 56.98 30.82 8.66
CA ALA A 591 57.95 31.89 8.83
C ALA A 591 57.56 32.82 9.99
N ASP A 592 56.27 33.11 10.13
CA ASP A 592 55.82 33.94 11.24
C ASP A 592 56.05 33.22 12.57
N ALA A 593 55.81 31.91 12.60
CA ALA A 593 56.08 31.15 13.82
C ALA A 593 57.57 31.16 14.15
N LEU A 594 58.43 31.02 13.15
CA LEU A 594 59.87 30.94 13.38
C LEU A 594 60.52 32.31 13.59
N GLU A 595 59.83 33.40 13.26
CA GLU A 595 60.44 34.73 13.35
C GLU A 595 60.91 35.11 14.74
N PRO A 596 60.13 34.93 15.82
CA PRO A 596 60.61 35.39 17.13
C PRO A 596 61.91 34.76 17.58
N HIS A 597 62.19 33.52 17.17
CA HIS A 597 63.39 32.82 17.61
C HIS A 597 64.36 32.53 16.47
N LEU A 598 64.25 33.27 15.37
CA LEU A 598 65.18 33.11 14.25
C LEU A 598 65.31 34.44 13.54
N ASP A 599 66.55 34.82 13.21
CA ASP A 599 66.82 36.13 12.63
C ASP A 599 66.46 36.17 11.15
N PHE A 600 67.09 35.30 10.35
CA PHE A 600 66.89 35.32 8.91
C PHE A 600 65.47 34.87 8.56
N GLU A 601 64.95 35.44 7.48
CA GLU A 601 63.62 35.11 6.97
C GLU A 601 63.74 34.08 5.85
N VAL A 602 62.75 33.19 5.78
CA VAL A 602 62.76 32.14 4.77
C VAL A 602 62.27 32.60 3.41
N ILE A 603 61.72 33.81 3.31
CA ILE A 603 61.22 34.32 2.04
C ILE A 603 62.36 34.51 1.04
N PRO A 604 63.42 35.26 1.36
CA PRO A 604 64.52 35.39 0.39
C PRO A 604 65.32 34.12 0.19
N PHE A 605 65.30 33.21 1.16
CA PHE A 605 66.02 31.94 1.01
C PHE A 605 65.37 31.08 -0.05
N LEU A 606 64.04 30.92 0.02
CA LEU A 606 63.31 30.15 -0.97
C LEU A 606 63.02 30.92 -2.25
N ARG A 607 63.18 32.24 -2.24
CA ARG A 607 63.00 33.06 -3.43
C ARG A 607 64.23 33.08 -4.32
N ALA A 608 65.33 32.47 -3.89
CA ALA A 608 66.57 32.45 -4.66
C ALA A 608 67.07 31.02 -4.80
N GLU A 609 67.53 30.68 -6.00
CA GLU A 609 68.18 29.40 -6.24
C GLU A 609 69.60 29.43 -5.65
N ALA A 610 70.24 28.26 -5.64
CA ALA A 610 71.60 28.16 -5.11
C ALA A 610 72.56 29.06 -5.88
N ALA A 611 72.26 29.36 -7.13
CA ALA A 611 73.06 30.33 -7.87
C ALA A 611 72.97 31.71 -7.24
N ARG A 612 71.76 32.10 -6.82
CA ARG A 612 71.54 33.39 -6.18
C ARG A 612 71.32 33.28 -4.67
N ARG A 613 71.59 32.11 -4.09
CA ARG A 613 71.54 31.95 -2.64
C ARG A 613 72.85 32.31 -1.97
N GLU A 614 73.87 32.70 -2.73
CA GLU A 614 75.14 33.11 -2.15
C GLU A 614 75.15 34.56 -1.71
N GLN A 615 74.08 35.30 -1.96
CA GLN A 615 74.00 36.71 -1.62
C GLN A 615 72.93 37.04 -0.59
N ASP A 616 72.13 36.06 -0.16
CA ASP A 616 71.09 36.29 0.83
C ASP A 616 71.52 35.89 2.24
N ALA A 617 72.83 35.83 2.49
CA ALA A 617 73.39 35.51 3.81
C ALA A 617 72.87 34.18 4.35
N ALA A 618 72.79 33.19 3.46
CA ALA A 618 72.34 31.85 3.86
C ALA A 618 72.87 30.84 2.86
N LEU A 619 73.79 29.99 3.30
CA LEU A 619 74.36 28.99 2.42
C LEU A 619 73.35 27.88 2.13
N SER A 620 73.64 27.10 1.08
CA SER A 620 72.73 26.06 0.64
C SER A 620 72.59 24.96 1.69
N THR A 621 73.71 24.43 2.17
CA THR A 621 73.71 23.34 3.13
C THR A 621 74.63 23.55 4.32
N GLU A 622 75.72 24.30 4.17
CA GLU A 622 76.72 24.39 5.23
C GLU A 622 76.14 25.05 6.48
N ARG A 623 75.31 26.07 6.31
CA ARG A 623 74.69 26.76 7.45
C ARG A 623 73.59 25.88 8.00
N VAL A 624 73.96 24.98 8.91
CA VAL A 624 72.99 24.04 9.47
C VAL A 624 71.96 24.78 10.32
N ASP A 625 72.39 25.82 11.05
CA ASP A 625 71.47 26.58 11.87
C ASP A 625 70.42 27.32 11.03
N VAL A 626 70.72 27.59 9.77
CA VAL A 626 69.76 28.23 8.88
C VAL A 626 68.88 27.20 8.19
N VAL A 627 69.48 26.12 7.67
CA VAL A 627 68.72 25.17 6.86
C VAL A 627 67.77 24.35 7.74
N GLN A 628 68.21 23.97 8.95
CA GLN A 628 67.43 23.02 9.74
C GLN A 628 66.03 23.54 10.08
N PRO A 629 65.85 24.74 10.65
CA PRO A 629 64.48 25.25 10.76
C PRO A 629 63.81 25.46 9.42
N VAL A 630 64.57 25.90 8.43
CA VAL A 630 64.03 26.04 7.08
C VAL A 630 63.60 24.68 6.54
N MET A 631 64.44 23.65 6.74
CA MET A 631 64.09 22.31 6.30
C MET A 631 62.80 21.84 6.96
N PHE A 632 62.70 22.05 8.29
CA PHE A 632 61.48 21.70 9.01
C PHE A 632 60.28 22.39 8.39
N ALA A 633 60.43 23.67 8.04
CA ALA A 633 59.37 24.38 7.33
C ALA A 633 59.04 23.68 6.02
N VAL A 634 60.04 23.17 5.31
CA VAL A 634 59.78 22.51 4.03
C VAL A 634 58.91 21.28 4.23
N MET A 635 59.28 20.40 5.16
CA MET A 635 58.45 19.19 5.27
C MET A 635 57.07 19.49 5.87
N VAL A 636 56.97 20.44 6.80
CA VAL A 636 55.64 20.72 7.35
C VAL A 636 54.75 21.36 6.28
N SER A 637 55.31 22.24 5.44
CA SER A 637 54.54 22.83 4.37
C SER A 637 54.16 21.79 3.32
N LEU A 638 55.06 20.85 3.04
CA LEU A 638 54.74 19.78 2.10
C LEU A 638 53.61 18.91 2.63
N ALA A 639 53.64 18.58 3.91
CA ALA A 639 52.54 17.80 4.49
C ALA A 639 51.23 18.59 4.46
N SER A 640 51.30 19.88 4.76
CA SER A 640 50.09 20.71 4.73
C SER A 640 49.50 20.77 3.32
N MET A 641 50.35 20.93 2.31
CA MET A 641 49.85 21.02 0.95
C MET A 641 49.41 19.66 0.41
N TRP A 642 49.98 18.57 0.94
CA TRP A 642 49.45 17.24 0.65
C TRP A 642 48.05 17.09 1.23
N ARG A 643 47.83 17.60 2.45
CA ARG A 643 46.51 17.58 3.04
C ARG A 643 45.54 18.44 2.24
N ALA A 644 46.01 19.59 1.75
CA ALA A 644 45.17 20.47 0.94
C ALA A 644 44.72 19.78 -0.34
N HIS A 645 45.55 18.90 -0.89
CA HIS A 645 45.16 18.09 -2.04
C HIS A 645 44.58 16.74 -1.62
N GLY A 646 44.39 16.50 -0.33
CA GLY A 646 43.68 15.33 0.13
C GLY A 646 44.50 14.08 0.31
N VAL A 647 45.54 14.14 1.14
CA VAL A 647 46.36 12.98 1.49
C VAL A 647 46.36 12.86 3.00
N GLU A 648 45.89 11.71 3.50
CA GLU A 648 45.73 11.49 4.93
C GLU A 648 46.72 10.43 5.40
N PRO A 649 47.69 10.77 6.26
CA PRO A 649 48.65 9.77 6.74
C PRO A 649 48.08 9.02 7.93
N ALA A 650 47.92 7.69 7.78
CA ALA A 650 47.48 6.86 8.87
C ALA A 650 48.62 6.49 9.83
N ALA A 651 49.87 6.69 9.40
CA ALA A 651 51.03 6.45 10.25
C ALA A 651 52.17 7.29 9.71
N VAL A 652 53.03 7.74 10.62
CA VAL A 652 54.12 8.65 10.29
C VAL A 652 55.41 8.15 10.96
N ILE A 653 56.51 8.17 10.21
CA ILE A 653 57.80 7.72 10.72
C ILE A 653 58.90 8.63 10.18
N GLY A 654 59.86 8.97 11.05
CA GLY A 654 61.00 9.75 10.64
C GLY A 654 62.28 9.12 11.17
N HIS A 655 63.40 9.52 10.56
CA HIS A 655 64.68 8.89 10.86
C HIS A 655 65.37 9.55 12.05
N SER A 656 65.69 10.84 11.93
CA SER A 656 66.38 11.53 13.02
C SER A 656 65.71 12.84 13.40
N GLN A 657 65.19 13.60 12.43
CA GLN A 657 64.51 14.86 12.71
C GLN A 657 63.06 14.86 12.25
N GLY A 658 62.61 13.85 11.51
CA GLY A 658 61.23 13.79 11.06
C GLY A 658 60.24 13.47 12.15
N GLU A 659 60.70 12.90 13.27
CA GLU A 659 59.80 12.61 14.38
C GLU A 659 59.24 13.88 14.99
N ILE A 660 59.99 14.98 14.91
CA ILE A 660 59.45 16.27 15.35
C ILE A 660 58.27 16.67 14.48
N ALA A 661 58.40 16.49 13.16
CA ALA A 661 57.27 16.77 12.26
C ALA A 661 56.11 15.82 12.54
N ALA A 662 56.41 14.56 12.86
CA ALA A 662 55.36 13.61 13.20
C ALA A 662 54.59 14.06 14.43
N ALA A 663 55.31 14.46 15.48
CA ALA A 663 54.66 15.00 16.68
C ALA A 663 53.89 16.26 16.37
N CYS A 664 54.35 17.06 15.40
CA CYS A 664 53.63 18.25 15.00
C CYS A 664 52.33 17.89 14.28
N VAL A 665 52.31 16.79 13.54
CA VAL A 665 51.12 16.42 12.77
C VAL A 665 50.27 15.36 13.44
N ALA A 666 50.81 14.61 14.41
CA ALA A 666 50.04 13.60 15.13
C ALA A 666 49.38 14.15 16.39
N GLY A 667 49.53 15.45 16.66
CA GLY A 667 48.93 16.06 17.82
C GLY A 667 49.75 16.01 19.09
N ALA A 668 50.92 15.36 19.06
CA ALA A 668 51.75 15.27 20.26
C ALA A 668 52.24 16.65 20.69
N LEU A 669 52.66 17.47 19.74
CA LEU A 669 53.18 18.80 20.03
C LEU A 669 52.62 19.79 19.01
N SER A 670 52.50 21.04 19.45
CA SER A 670 52.02 22.10 18.58
C SER A 670 53.12 22.53 17.60
N LEU A 671 52.69 23.24 16.55
CA LEU A 671 53.64 23.70 15.55
C LEU A 671 54.65 24.68 16.14
N ASP A 672 54.18 25.62 16.97
CA ASP A 672 55.09 26.59 17.56
C ASP A 672 56.05 25.93 18.55
N ASP A 673 55.57 24.96 19.33
CA ASP A 673 56.45 24.25 20.25
C ASP A 673 57.53 23.48 19.49
N ALA A 674 57.14 22.80 18.41
CA ALA A 674 58.11 22.09 17.60
C ALA A 674 59.11 23.04 16.97
N ALA A 675 58.64 24.21 16.52
CA ALA A 675 59.54 25.21 15.95
C ALA A 675 60.55 25.69 16.98
N ARG A 676 60.10 25.95 18.21
CA ARG A 676 61.01 26.35 19.27
C ARG A 676 62.03 25.25 19.56
N VAL A 677 61.57 24.00 19.61
CA VAL A 677 62.47 22.89 19.92
C VAL A 677 63.53 22.75 18.84
N VAL A 678 63.12 22.80 17.57
CA VAL A 678 64.07 22.63 16.48
C VAL A 678 65.02 23.83 16.40
N ALA A 679 64.53 25.04 16.69
CA ALA A 679 65.42 26.20 16.70
C ALA A 679 66.48 26.07 17.79
N LEU A 680 66.07 25.67 18.99
CA LEU A 680 67.04 25.47 20.07
C LEU A 680 68.03 24.38 19.72
N ARG A 681 67.54 23.28 19.14
CA ARG A 681 68.43 22.19 18.75
C ARG A 681 69.43 22.62 17.69
N SER A 682 68.97 23.37 16.68
CA SER A 682 69.87 23.84 15.64
C SER A 682 70.91 24.80 16.20
N ARG A 683 70.49 25.71 17.07
CA ARG A 683 71.44 26.64 17.68
C ARG A 683 72.43 25.94 18.59
N VAL A 684 72.02 24.85 19.24
CA VAL A 684 72.96 24.09 20.06
C VAL A 684 73.97 23.33 19.20
N ILE A 685 73.49 22.66 18.15
CA ILE A 685 74.35 21.78 17.36
C ILE A 685 74.98 22.56 16.21
N ALA A 686 74.83 23.88 16.23
CA ALA A 686 75.42 24.75 15.21
C ALA A 686 76.84 25.20 15.56
N THR A 687 77.51 24.51 16.47
CA THR A 687 78.84 24.91 16.92
C THR A 687 79.91 23.88 16.62
N MET A 688 79.72 22.63 17.03
CA MET A 688 80.75 21.61 16.89
C MET A 688 81.09 21.20 15.45
N PRO A 689 80.19 21.28 14.47
CA PRO A 689 80.61 20.95 13.10
C PRO A 689 81.71 21.89 12.61
N GLY A 690 82.64 21.32 11.85
CA GLY A 690 83.77 22.09 11.34
C GLY A 690 85.10 21.67 11.94
N VAL A 782 45.74 10.95 16.80
CA VAL A 782 46.12 10.02 15.73
C VAL A 782 47.16 9.04 16.24
N PRO A 783 46.85 7.74 16.14
CA PRO A 783 47.83 6.73 16.56
C PRO A 783 49.01 6.66 15.60
N PHE A 784 50.16 7.14 16.05
CA PHE A 784 51.36 7.21 15.23
C PHE A 784 52.40 6.23 15.76
N PHE A 785 53.31 5.85 14.88
CA PHE A 785 54.37 4.88 15.18
C PHE A 785 55.66 5.64 15.44
N SER A 786 56.25 5.44 16.61
CA SER A 786 57.45 6.16 17.01
C SER A 786 58.68 5.29 16.73
N THR A 787 59.66 5.88 16.04
CA THR A 787 60.85 5.13 15.65
C THR A 787 61.79 4.91 16.83
N VAL A 788 61.94 5.90 17.71
CA VAL A 788 62.82 5.74 18.86
C VAL A 788 62.31 4.65 19.79
N THR A 789 61.00 4.64 20.05
CA THR A 789 60.43 3.58 20.88
C THR A 789 60.50 2.23 20.21
N GLY A 790 60.25 2.19 18.89
CA GLY A 790 60.21 0.94 18.16
C GLY A 790 58.89 0.21 18.20
N ARG A 791 57.93 0.69 18.97
CA ARG A 791 56.60 0.11 19.05
C ARG A 791 55.56 1.23 18.96
N TRP A 792 54.35 0.85 18.55
CA TRP A 792 53.27 1.82 18.40
C TRP A 792 52.96 2.49 19.73
N THR A 793 52.89 3.82 19.71
CA THR A 793 52.61 4.60 20.91
C THR A 793 51.47 5.58 20.68
N ARG A 809 67.89 8.05 21.15
CA ARG A 809 68.05 6.63 20.90
C ARG A 809 68.21 6.35 19.41
N THR A 810 68.17 5.08 19.04
CA THR A 810 68.34 4.66 17.66
C THR A 810 67.02 4.83 16.91
N VAL A 811 66.97 4.29 15.69
CA VAL A 811 65.79 4.38 14.85
C VAL A 811 65.14 3.01 14.62
N ARG A 812 65.96 1.98 14.39
CA ARG A 812 65.48 0.64 14.08
C ARG A 812 64.54 0.67 12.87
N PHE A 813 65.06 1.21 11.77
CA PHE A 813 64.25 1.42 10.58
C PHE A 813 63.77 0.10 9.98
N ALA A 814 64.64 -0.91 9.94
CA ALA A 814 64.25 -2.20 9.36
C ALA A 814 63.16 -2.86 10.18
N ASP A 815 63.34 -2.92 11.50
CA ASP A 815 62.32 -3.52 12.36
C ASP A 815 61.03 -2.72 12.33
N ALA A 816 61.13 -1.39 12.30
CA ALA A 816 59.93 -0.55 12.22
C ALA A 816 59.18 -0.81 10.92
N VAL A 817 59.90 -0.93 9.80
CA VAL A 817 59.27 -1.20 8.52
C VAL A 817 58.60 -2.57 8.54
N ARG A 818 59.28 -3.57 9.12
CA ARG A 818 58.70 -4.91 9.19
C ARG A 818 57.42 -4.92 10.02
N ALA A 819 57.44 -4.24 11.17
CA ALA A 819 56.25 -4.18 12.02
C ALA A 819 55.12 -3.43 11.33
N LEU A 820 55.45 -2.35 10.62
CA LEU A 820 54.43 -1.60 9.89
C LEU A 820 53.81 -2.44 8.78
N ALA A 821 54.64 -3.20 8.07
CA ALA A 821 54.12 -4.04 6.99
C ALA A 821 53.28 -5.20 7.52
N GLU A 822 53.65 -5.74 8.70
CA GLU A 822 52.88 -6.85 9.27
C GLU A 822 51.47 -6.42 9.65
N GLN A 823 51.28 -5.15 10.01
CA GLN A 823 49.99 -4.68 10.52
C GLN A 823 49.02 -4.27 9.40
N GLY A 824 49.42 -4.36 8.14
CA GLY A 824 48.52 -4.05 7.05
C GLY A 824 48.68 -2.67 6.46
N TYR A 825 49.93 -2.27 6.20
CA TYR A 825 50.24 -1.01 5.54
C TYR A 825 51.36 -1.27 4.55
N ARG A 826 51.06 -1.08 3.26
CA ARG A 826 51.99 -1.40 2.18
C ARG A 826 52.56 -0.18 1.47
N THR A 827 51.72 0.82 1.17
CA THR A 827 52.18 1.98 0.43
C THR A 827 53.04 2.88 1.32
N PHE A 828 54.06 3.49 0.73
CA PHE A 828 54.97 4.38 1.42
C PHE A 828 55.05 5.70 0.66
N LEU A 829 55.13 6.81 1.41
CA LEU A 829 55.25 8.13 0.81
C LEU A 829 56.35 8.89 1.53
N GLU A 830 57.47 9.13 0.85
CA GLU A 830 58.60 9.85 1.39
C GLU A 830 58.46 11.33 1.06
N VAL A 831 58.46 12.18 2.07
CA VAL A 831 58.28 13.62 1.88
C VAL A 831 59.66 14.25 1.67
N SER A 832 59.96 14.59 0.42
CA SER A 832 61.21 15.23 0.06
C SER A 832 61.22 15.64 -1.41
N ALA A 833 62.30 16.30 -1.82
CA ALA A 833 62.58 16.57 -3.22
C ALA A 833 63.68 15.66 -3.76
N HIS A 834 63.91 14.52 -3.12
CA HIS A 834 64.91 13.55 -3.54
C HIS A 834 64.65 12.25 -2.80
N PRO A 835 64.63 11.11 -3.51
CA PRO A 835 64.37 9.83 -2.83
C PRO A 835 65.63 9.19 -2.27
N ILE A 836 65.60 8.85 -0.98
CA ILE A 836 66.76 8.25 -0.32
C ILE A 836 66.35 6.91 0.26
N LEU A 837 65.07 6.76 0.60
CA LEU A 837 64.58 5.58 1.29
C LEU A 837 63.85 4.59 0.39
N THR A 838 63.42 5.03 -0.80
CA THR A 838 62.65 4.14 -1.67
C THR A 838 63.46 2.89 -2.02
N ALA A 839 64.72 3.06 -2.41
CA ALA A 839 65.57 1.92 -2.67
C ALA A 839 65.77 1.07 -1.42
N ALA A 840 66.00 1.72 -0.28
CA ALA A 840 66.18 0.99 0.97
C ALA A 840 64.91 0.25 1.37
N ILE A 841 63.75 0.89 1.18
CA ILE A 841 62.49 0.24 1.49
C ILE A 841 62.29 -0.99 0.60
N GLU A 842 62.61 -0.85 -0.69
CA GLU A 842 62.47 -1.99 -1.59
C GLU A 842 63.43 -3.12 -1.21
N GLU A 843 64.66 -2.78 -0.83
CA GLU A 843 65.61 -3.79 -0.39
C GLU A 843 65.11 -4.52 0.85
N ILE A 844 64.55 -3.77 1.80
CA ILE A 844 63.98 -4.39 3.00
C ILE A 844 62.83 -5.32 2.63
N GLY A 845 61.98 -4.87 1.71
CA GLY A 845 60.86 -5.70 1.28
C GLY A 845 61.28 -6.92 0.49
N ASP A 846 62.47 -6.89 -0.11
CA ASP A 846 62.96 -8.05 -0.85
C ASP A 846 63.17 -9.26 0.06
N GLY A 847 63.37 -9.04 1.35
CA GLY A 847 63.50 -10.12 2.30
C GLY A 847 62.20 -10.70 2.80
N SER A 848 61.07 -10.21 2.30
CA SER A 848 59.76 -10.68 2.70
C SER A 848 58.96 -11.08 1.48
N GLY A 849 58.05 -12.04 1.68
CA GLY A 849 57.21 -12.50 0.57
C GLY A 849 56.29 -11.43 0.05
N ALA A 850 55.74 -10.60 0.93
CA ALA A 850 54.83 -9.54 0.54
C ALA A 850 55.64 -8.37 -0.04
N ASP A 851 55.40 -8.05 -1.30
CA ASP A 851 56.10 -6.95 -1.95
C ASP A 851 55.35 -5.64 -1.71
N LEU A 852 56.07 -4.64 -1.20
CA LEU A 852 55.51 -3.34 -0.88
C LEU A 852 56.26 -2.26 -1.65
N SER A 853 55.52 -1.29 -2.16
CA SER A 853 56.07 -0.26 -3.03
C SER A 853 56.20 1.06 -2.29
N ALA A 854 57.13 1.89 -2.75
CA ALA A 854 57.36 3.22 -2.21
C ALA A 854 57.18 4.24 -3.31
N ILE A 855 56.55 5.36 -2.96
CA ILE A 855 56.23 6.41 -3.92
C ILE A 855 57.40 7.37 -4.03
N HIS A 856 57.84 7.64 -5.25
CA HIS A 856 58.92 8.58 -5.50
C HIS A 856 58.35 9.99 -5.54
N SER A 857 58.84 10.86 -4.65
CA SER A 857 58.38 12.24 -4.58
C SER A 857 59.05 13.06 -5.67
N LEU A 858 58.97 14.38 -5.55
CA LEU A 858 59.56 15.27 -6.53
C LEU A 858 61.05 14.98 -6.72
N ARG A 859 61.53 15.20 -7.95
CA ARG A 859 62.89 14.85 -8.30
C ARG A 859 63.88 15.88 -7.77
N ARG A 860 65.17 15.60 -7.98
CA ARG A 860 66.22 16.56 -7.68
C ARG A 860 66.53 17.34 -8.95
N GLY A 861 65.70 18.35 -9.21
CA GLY A 861 65.82 19.10 -10.45
C GLY A 861 64.50 19.58 -11.02
N ASP A 862 63.38 19.16 -10.43
CA ASP A 862 62.06 19.57 -10.88
C ASP A 862 61.48 20.62 -9.95
N GLY A 863 60.84 21.63 -10.53
CA GLY A 863 60.26 22.70 -9.74
C GLY A 863 58.96 23.24 -10.29
N SER A 864 58.35 22.50 -11.22
CA SER A 864 57.11 22.93 -11.86
C SER A 864 55.93 22.16 -11.27
N LEU A 865 54.75 22.79 -11.30
CA LEU A 865 53.57 22.16 -10.73
C LEU A 865 53.11 20.95 -11.53
N ALA A 866 53.47 20.88 -12.82
CA ALA A 866 53.20 19.68 -13.58
C ALA A 866 53.94 18.49 -13.00
N ASP A 867 55.12 18.72 -12.43
CA ASP A 867 55.84 17.66 -11.73
C ASP A 867 55.03 17.17 -10.53
N PHE A 868 54.44 18.10 -9.78
CA PHE A 868 53.57 17.70 -8.68
C PHE A 868 52.35 16.94 -9.17
N GLY A 869 51.80 17.35 -10.31
CA GLY A 869 50.68 16.61 -10.88
C GLY A 869 51.04 15.19 -11.25
N GLU A 870 52.23 15.02 -11.83
CA GLU A 870 52.70 13.67 -12.15
C GLU A 870 52.93 12.85 -10.88
N ALA A 871 53.46 13.49 -9.84
CA ALA A 871 53.63 12.80 -8.56
C ALA A 871 52.30 12.37 -7.97
N LEU A 872 51.29 13.23 -8.06
CA LEU A 872 49.96 12.88 -7.59
C LEU A 872 49.37 11.73 -8.39
N SER A 873 49.60 11.73 -9.71
CA SER A 873 49.14 10.62 -10.54
C SER A 873 49.81 9.32 -10.12
N ARG A 874 51.11 9.36 -9.85
CA ARG A 874 51.81 8.17 -9.37
C ARG A 874 51.25 7.72 -8.03
N ALA A 875 50.94 8.66 -7.14
CA ALA A 875 50.38 8.30 -5.85
C ALA A 875 49.02 7.62 -5.99
N PHE A 876 48.18 8.13 -6.89
CA PHE A 876 46.88 7.51 -7.12
C PHE A 876 47.04 6.12 -7.74
N ALA A 877 47.98 5.98 -8.69
CA ALA A 877 48.23 4.67 -9.27
C ALA A 877 48.73 3.68 -8.23
N ALA A 878 49.48 4.16 -7.23
CA ALA A 878 49.91 3.29 -6.15
C ALA A 878 48.73 2.76 -5.36
N GLY A 879 47.73 3.61 -5.11
CA GLY A 879 46.54 3.19 -4.39
C GLY A 879 46.16 4.09 -3.24
N VAL A 880 46.90 5.18 -3.06
CA VAL A 880 46.62 6.11 -1.97
C VAL A 880 45.29 6.81 -2.22
N ALA A 881 44.43 6.84 -1.22
CA ALA A 881 43.14 7.50 -1.36
C ALA A 881 43.31 9.01 -1.43
N VAL A 882 42.55 9.62 -2.33
CA VAL A 882 42.55 11.08 -2.49
C VAL A 882 41.09 11.53 -2.56
N ASP A 883 40.86 12.78 -2.17
CA ASP A 883 39.56 13.42 -2.34
C ASP A 883 39.65 14.41 -3.51
N TRP A 884 39.27 13.93 -4.69
CA TRP A 884 39.40 14.72 -5.90
C TRP A 884 38.52 15.96 -5.92
N GLU A 885 37.54 16.05 -5.01
CA GLU A 885 36.64 17.20 -5.00
C GLU A 885 37.39 18.49 -4.72
N SER A 886 38.33 18.45 -3.76
CA SER A 886 39.08 19.65 -3.41
C SER A 886 40.10 20.06 -4.46
N VAL A 887 40.44 19.16 -5.39
CA VAL A 887 41.48 19.48 -6.36
C VAL A 887 40.95 20.35 -7.49
N HIS A 888 39.68 20.20 -7.86
CA HIS A 888 39.09 20.96 -8.95
C HIS A 888 38.24 22.13 -8.46
N LEU A 889 38.30 22.45 -7.17
CA LEU A 889 37.42 23.48 -6.62
C LEU A 889 37.70 24.85 -7.24
N GLY A 890 38.96 25.27 -7.24
CA GLY A 890 39.30 26.60 -7.72
C GLY A 890 39.27 26.75 -9.22
N THR A 891 39.41 25.65 -9.96
CA THR A 891 39.50 25.75 -11.42
C THR A 891 38.20 26.22 -12.04
N GLY A 892 37.07 25.70 -11.57
CA GLY A 892 35.79 26.09 -12.10
C GLY A 892 35.45 25.44 -13.43
N ALA A 893 35.30 24.13 -13.44
CA ALA A 893 34.98 23.37 -14.64
C ALA A 893 33.52 22.92 -14.60
N ARG A 894 33.13 22.14 -15.61
CA ARG A 894 31.77 21.63 -15.74
C ARG A 894 31.83 20.18 -16.19
N ARG A 895 30.78 19.43 -15.86
CA ARG A 895 30.72 18.02 -16.23
C ARG A 895 30.32 17.85 -17.69
N VAL A 896 30.89 16.84 -18.34
CA VAL A 896 30.55 16.51 -19.72
C VAL A 896 30.23 15.02 -19.79
N PRO A 897 29.44 14.57 -20.75
CA PRO A 897 29.17 13.12 -20.86
C PRO A 897 30.43 12.34 -21.20
N LEU A 898 30.49 11.11 -20.71
CA LEU A 898 31.61 10.20 -20.94
C LEU A 898 31.07 8.79 -21.14
N PRO A 899 31.79 7.95 -21.87
CA PRO A 899 31.29 6.59 -22.13
C PRO A 899 31.18 5.78 -20.85
N THR A 900 30.21 4.86 -20.83
CA THR A 900 29.94 4.07 -19.64
C THR A 900 30.89 2.88 -19.57
N TYR A 901 30.72 2.07 -18.53
CA TYR A 901 31.65 0.97 -18.27
C TYR A 901 31.45 -0.15 -19.29
N PRO A 902 32.54 -0.69 -19.86
CA PRO A 902 32.40 -1.85 -20.76
C PRO A 902 32.52 -3.17 -20.01
N PHE A 903 31.56 -4.07 -20.20
CA PHE A 903 31.61 -5.38 -19.57
C PHE A 903 32.28 -6.39 -20.49
N GLN A 904 32.88 -7.40 -19.90
CA GLN A 904 33.58 -8.47 -20.63
C GLN A 904 32.72 -9.74 -20.50
N ARG A 905 31.92 -10.00 -21.53
CA ARG A 905 30.85 -10.99 -21.44
C ARG A 905 31.33 -12.38 -21.85
N GLU A 906 30.47 -13.35 -21.60
CA GLU A 906 30.72 -14.76 -21.92
C GLU A 906 29.42 -15.35 -22.44
N ARG A 907 29.38 -16.68 -22.52
CA ARG A 907 28.16 -17.40 -22.90
C ARG A 907 27.62 -18.10 -21.66
N VAL A 908 26.45 -17.66 -21.19
CA VAL A 908 25.79 -18.23 -20.03
C VAL A 908 24.35 -18.54 -20.44
N TRP A 909 23.99 -19.83 -20.44
CA TRP A 909 22.65 -20.23 -20.81
C TRP A 909 22.33 -21.57 -20.15
N LEU A 910 21.05 -21.80 -19.91
CA LEU A 910 20.56 -23.04 -19.30
C LEU A 910 19.34 -23.50 -20.10
N GLU A 911 19.58 -24.31 -21.13
CA GLU A 911 18.50 -24.84 -21.94
C GLU A 911 17.73 -25.88 -21.13
N PRO A 912 16.45 -26.11 -21.47
CA PRO A 912 15.69 -27.15 -20.77
C PRO A 912 16.20 -28.55 -21.10
N LYS A 913 16.84 -29.19 -20.13
CA LYS A 913 17.48 -30.47 -20.36
C LYS A 913 16.51 -31.56 -20.84
N PRO A 914 15.33 -31.76 -20.23
CA PRO A 914 14.48 -32.87 -20.65
C PRO A 914 14.08 -32.75 -22.12
N VAL A 915 14.04 -33.91 -22.78
CA VAL A 915 13.61 -34.03 -24.17
C VAL A 915 12.53 -35.08 -24.24
N ALA A 916 11.43 -34.76 -24.93
CA ALA A 916 10.28 -35.65 -24.97
C ALA A 916 10.52 -36.82 -25.91
N ARG A 917 9.86 -37.95 -25.59
CA ARG A 917 9.84 -39.14 -26.44
C ARG A 917 11.25 -39.67 -26.71
N ARG A 918 11.91 -40.11 -25.64
CA ARG A 918 13.24 -40.68 -25.73
C ARG A 918 13.25 -42.20 -25.57
N SER A 919 12.11 -42.83 -25.32
CA SER A 919 12.04 -44.26 -25.16
C SER A 919 10.63 -44.74 -25.50
N THR A 920 10.54 -45.93 -26.11
CA THR A 920 9.26 -46.47 -26.51
C THR A 920 9.12 -47.97 -26.27
N GLU A 921 10.09 -48.61 -25.62
CA GLU A 921 10.07 -50.06 -25.43
C GLU A 921 9.79 -50.47 -23.99
N VAL A 922 9.47 -49.51 -23.11
CA VAL A 922 9.21 -49.83 -21.70
C VAL A 922 7.78 -50.28 -21.46
N ASP A 923 6.96 -50.37 -22.51
CA ASP A 923 5.53 -50.61 -22.37
C ASP A 923 5.23 -51.80 -21.45
N GLU A 924 5.71 -52.98 -21.82
CA GLU A 924 5.45 -54.16 -21.00
C GLU A 924 6.00 -53.98 -19.59
N VAL A 925 7.18 -53.39 -19.48
CA VAL A 925 7.75 -53.11 -18.15
C VAL A 925 6.83 -52.18 -17.38
N SER A 926 6.29 -51.17 -18.05
CA SER A 926 5.33 -50.26 -17.42
C SER A 926 3.93 -50.86 -17.30
N ALA A 927 3.68 -52.02 -17.93
CA ALA A 927 2.36 -52.62 -17.85
C ALA A 927 2.09 -53.21 -16.47
N LEU A 928 3.07 -53.92 -15.92
CA LEU A 928 2.92 -54.61 -14.63
C LEU A 928 3.48 -53.76 -13.49
N ARG A 929 2.86 -52.60 -13.27
CA ARG A 929 3.34 -51.63 -12.29
C ARG A 929 2.15 -51.06 -11.53
N TYR A 930 2.00 -51.44 -10.26
CA TYR A 930 0.85 -51.00 -9.47
C TYR A 930 1.32 -50.75 -8.04
N ARG A 931 0.43 -50.13 -7.26
CA ARG A 931 0.80 -49.61 -5.95
C ARG A 931 -0.44 -49.51 -5.08
N ILE A 932 -0.24 -49.56 -3.76
CA ILE A 932 -1.31 -49.39 -2.78
C ILE A 932 -1.09 -48.08 -2.06
N GLU A 933 -2.18 -47.37 -1.77
CA GLU A 933 -2.08 -46.08 -1.06
C GLU A 933 -3.43 -45.80 -0.41
N TRP A 934 -3.50 -44.67 0.30
CA TRP A 934 -4.70 -44.27 1.01
C TRP A 934 -5.23 -42.96 0.43
N ARG A 935 -6.56 -42.80 0.50
CA ARG A 935 -7.23 -41.64 -0.06
C ARG A 935 -8.35 -41.21 0.88
N PRO A 936 -8.46 -39.92 1.20
CA PRO A 936 -9.50 -39.48 2.13
C PRO A 936 -10.87 -39.53 1.48
N THR A 937 -11.82 -40.15 2.17
CA THR A 937 -13.20 -40.27 1.71
C THR A 937 -14.13 -39.56 2.69
N GLY A 938 -15.43 -39.66 2.42
CA GLY A 938 -16.43 -39.05 3.27
C GLY A 938 -16.94 -40.00 4.34
N ALA A 939 -18.27 -40.16 4.39
CA ALA A 939 -18.87 -41.05 5.37
C ALA A 939 -20.27 -41.42 4.90
N GLY A 940 -20.91 -42.32 5.63
CA GLY A 940 -22.27 -42.73 5.31
C GLY A 940 -23.31 -41.81 5.89
N GLU A 941 -24.39 -42.38 6.42
CA GLU A 941 -25.49 -41.62 7.03
C GLU A 941 -25.75 -42.20 8.41
N PRO A 942 -25.00 -41.76 9.42
CA PRO A 942 -25.17 -42.31 10.77
C PRO A 942 -26.41 -41.72 11.45
N ALA A 943 -27.44 -42.55 11.59
CA ALA A 943 -28.69 -42.10 12.18
C ALA A 943 -28.97 -42.77 13.53
N ARG A 944 -28.99 -44.10 13.57
CA ARG A 944 -29.30 -44.82 14.79
C ARG A 944 -28.92 -46.29 14.66
N LEU A 945 -28.19 -46.81 15.63
CA LEU A 945 -27.83 -48.22 15.66
C LEU A 945 -28.81 -48.97 16.55
N ASP A 946 -29.39 -50.04 16.02
CA ASP A 946 -30.34 -50.86 16.76
C ASP A 946 -29.80 -52.28 16.88
N GLY A 947 -29.94 -52.84 18.07
CA GLY A 947 -29.45 -54.17 18.35
C GLY A 947 -29.01 -54.26 19.81
N THR A 948 -28.16 -55.24 20.07
CA THR A 948 -27.63 -55.52 21.40
C THR A 948 -26.10 -55.59 21.35
N TRP A 949 -25.48 -54.55 20.75
CA TRP A 949 -24.06 -54.55 20.42
C TRP A 949 -23.20 -55.11 21.55
N LEU A 950 -22.19 -55.88 21.15
CA LEU A 950 -21.30 -56.59 22.06
C LEU A 950 -19.89 -56.03 21.97
N VAL A 951 -19.16 -56.14 23.08
CA VAL A 951 -17.74 -55.81 23.12
C VAL A 951 -17.01 -56.90 23.90
N ALA A 952 -15.82 -57.26 23.43
CA ALA A 952 -15.06 -58.32 24.08
C ALA A 952 -13.59 -58.15 23.73
N LYS A 953 -12.79 -57.73 24.70
CA LYS A 953 -11.35 -57.65 24.50
C LYS A 953 -10.65 -58.92 24.98
N TYR A 954 -10.74 -59.19 26.28
CA TYR A 954 -10.08 -60.33 26.92
C TYR A 954 -10.56 -60.38 28.37
N ALA A 955 -9.97 -61.29 29.15
CA ALA A 955 -10.26 -61.31 30.58
C ALA A 955 -9.67 -60.09 31.28
N GLY A 956 -8.55 -59.55 30.77
CA GLY A 956 -7.90 -58.44 31.43
C GLY A 956 -8.74 -57.18 31.45
N THR A 957 -9.35 -56.84 30.31
CA THR A 957 -10.17 -55.63 30.11
C THR A 957 -9.37 -54.43 30.64
N ALA A 958 -9.93 -53.61 31.52
CA ALA A 958 -9.27 -52.44 32.09
C ALA A 958 -8.83 -51.47 30.99
N ASP A 959 -9.80 -51.02 30.20
CA ASP A 959 -9.57 -50.08 29.12
C ASP A 959 -10.63 -49.00 29.15
N GLU A 960 -10.20 -47.74 29.23
CA GLU A 960 -11.14 -46.62 29.15
C GLU A 960 -11.73 -46.47 27.76
N THR A 961 -11.02 -46.97 26.74
CA THR A 961 -11.58 -46.96 25.39
C THR A 961 -12.88 -47.76 25.34
N SER A 962 -12.96 -48.86 26.09
CA SER A 962 -14.20 -49.62 26.18
C SER A 962 -15.31 -48.76 26.78
N THR A 963 -14.99 -47.98 27.81
CA THR A 963 -15.99 -47.09 28.40
C THR A 963 -16.47 -46.05 27.40
N ALA A 964 -15.55 -45.46 26.64
CA ALA A 964 -15.94 -44.47 25.64
C ALA A 964 -16.81 -45.11 24.57
N ALA A 965 -16.45 -46.31 24.11
CA ALA A 965 -17.25 -47.00 23.11
C ALA A 965 -18.64 -47.33 23.64
N ARG A 966 -18.73 -47.78 24.89
CA ARG A 966 -20.03 -48.07 25.48
C ARG A 966 -20.86 -46.80 25.59
N GLU A 967 -20.24 -45.67 25.94
CA GLU A 967 -20.97 -44.41 26.03
C GLU A 967 -21.53 -44.02 24.66
N ALA A 968 -20.69 -44.11 23.62
CA ALA A 968 -21.15 -43.73 22.29
C ALA A 968 -22.26 -44.67 21.80
N LEU A 969 -22.11 -45.97 22.03
CA LEU A 969 -23.11 -46.92 21.58
C LEU A 969 -24.43 -46.75 22.31
N GLU A 970 -24.39 -46.51 23.63
CA GLU A 970 -25.61 -46.23 24.37
C GLU A 970 -26.24 -44.92 23.92
N SER A 971 -25.41 -43.94 23.53
CA SER A 971 -25.95 -42.72 22.93
C SER A 971 -26.68 -43.02 21.64
N ALA A 972 -26.13 -43.94 20.82
CA ALA A 972 -26.78 -44.32 19.58
C ALA A 972 -27.71 -45.52 19.76
N GLY A 973 -28.55 -45.45 20.79
CA GLY A 973 -29.66 -46.40 20.93
C GLY A 973 -29.29 -47.86 20.86
N ALA A 974 -28.16 -48.23 21.44
CA ALA A 974 -27.68 -49.61 21.37
C ALA A 974 -27.45 -50.16 22.77
N ARG A 975 -27.80 -51.43 22.95
CA ARG A 975 -27.57 -52.13 24.21
C ARG A 975 -26.13 -52.64 24.22
N VAL A 976 -25.38 -52.22 25.23
CA VAL A 976 -23.96 -52.57 25.32
C VAL A 976 -23.78 -53.71 26.30
N ARG A 977 -23.05 -54.74 25.89
CA ARG A 977 -22.72 -55.88 26.73
C ARG A 977 -21.23 -56.13 26.66
N GLU A 978 -20.65 -56.53 27.80
CA GLU A 978 -19.22 -56.77 27.90
C GLU A 978 -18.94 -58.25 28.06
N LEU A 979 -17.91 -58.74 27.37
CA LEU A 979 -17.50 -60.14 27.43
C LEU A 979 -16.00 -60.21 27.68
N VAL A 980 -15.60 -61.26 28.39
CA VAL A 980 -14.19 -61.50 28.68
C VAL A 980 -13.79 -62.83 28.06
N VAL A 981 -12.52 -62.93 27.66
CA VAL A 981 -11.99 -64.11 26.99
C VAL A 981 -10.60 -64.40 27.55
N ASP A 982 -10.33 -65.67 27.86
CA ASP A 982 -9.01 -66.09 28.28
C ASP A 982 -8.12 -66.32 27.06
N ALA A 983 -6.83 -66.04 27.22
CA ALA A 983 -5.88 -66.22 26.14
C ALA A 983 -5.90 -67.66 25.65
N ARG A 984 -6.38 -67.87 24.42
CA ARG A 984 -6.63 -69.19 23.88
C ARG A 984 -7.56 -69.98 24.81
N CYS A 985 -8.71 -69.37 25.10
CA CYS A 985 -9.66 -69.98 26.03
C CYS A 985 -10.19 -71.30 25.51
N GLY A 986 -10.50 -71.38 24.23
CA GLY A 986 -11.02 -72.61 23.66
C GLY A 986 -11.53 -72.37 22.25
N ARG A 987 -12.31 -73.35 21.77
CA ARG A 987 -12.87 -73.30 20.43
C ARG A 987 -14.39 -73.31 20.39
N ASP A 988 -15.06 -73.82 21.42
CA ASP A 988 -16.51 -73.98 21.39
C ASP A 988 -17.23 -73.40 22.60
N GLU A 989 -16.58 -73.27 23.76
CA GLU A 989 -17.26 -72.76 24.95
C GLU A 989 -17.71 -71.32 24.75
N LEU A 990 -16.89 -70.53 24.05
CA LEU A 990 -17.28 -69.15 23.74
C LEU A 990 -18.55 -69.13 22.90
N ALA A 991 -18.66 -70.05 21.94
CA ALA A 991 -19.90 -70.19 21.19
C ALA A 991 -21.05 -70.60 22.11
N GLU A 992 -20.76 -71.46 23.08
CA GLU A 992 -21.79 -71.90 24.01
C GLU A 992 -22.37 -70.74 24.81
N ARG A 993 -21.51 -69.83 25.28
CA ARG A 993 -22.03 -68.67 25.98
C ARG A 993 -22.65 -67.65 25.02
N LEU A 994 -22.14 -67.56 23.79
CA LEU A 994 -22.69 -66.63 22.82
C LEU A 994 -24.13 -66.99 22.46
N ARG A 995 -24.40 -68.28 22.24
CA ARG A 995 -25.74 -68.70 21.83
C ARG A 995 -26.77 -68.56 22.95
N SER A 996 -26.33 -68.32 24.19
CA SER A 996 -27.23 -68.19 25.33
C SER A 996 -27.59 -66.74 25.64
N VAL A 997 -27.14 -65.79 24.84
CA VAL A 997 -27.40 -64.37 25.11
C VAL A 997 -28.58 -63.89 24.29
N GLY A 998 -28.48 -64.01 22.97
CA GLY A 998 -29.54 -63.55 22.09
C GLY A 998 -28.96 -63.24 20.72
N GLU A 999 -29.61 -62.31 20.04
CA GLU A 999 -29.23 -61.89 18.69
C GLU A 999 -28.45 -60.59 18.78
N VAL A 1000 -27.26 -60.57 18.17
CA VAL A 1000 -26.43 -59.38 18.13
C VAL A 1000 -26.05 -59.12 16.69
N ALA A 1001 -25.73 -57.86 16.39
CA ALA A 1001 -25.31 -57.49 15.04
C ALA A 1001 -24.03 -56.67 15.04
N GLY A 1002 -23.28 -56.67 16.14
CA GLY A 1002 -22.02 -55.94 16.19
C GLY A 1002 -21.16 -56.30 17.38
N VAL A 1003 -19.88 -56.58 17.12
CA VAL A 1003 -18.92 -56.96 18.15
C VAL A 1003 -17.68 -56.09 17.99
N LEU A 1004 -17.23 -55.50 19.09
CA LEU A 1004 -16.02 -54.67 19.11
C LEU A 1004 -14.88 -55.50 19.70
N SER A 1005 -13.93 -55.88 18.85
CA SER A 1005 -12.81 -56.72 19.25
C SER A 1005 -11.65 -55.81 19.69
N LEU A 1006 -11.74 -55.34 20.93
CA LEU A 1006 -10.74 -54.46 21.52
C LEU A 1006 -9.48 -55.20 21.95
N LEU A 1007 -9.30 -56.44 21.52
CA LEU A 1007 -8.21 -57.28 21.99
C LEU A 1007 -6.85 -56.87 21.45
N ALA A 1008 -6.78 -55.97 20.47
CA ALA A 1008 -5.51 -55.54 19.91
C ALA A 1008 -4.88 -54.39 20.68
N VAL A 1009 -5.56 -53.87 21.70
CA VAL A 1009 -5.02 -52.78 22.50
C VAL A 1009 -3.94 -53.31 23.43
N ASP A 1010 -2.94 -52.46 23.71
CA ASP A 1010 -1.89 -52.66 24.70
C ASP A 1010 -1.03 -53.90 24.43
N GLU A 1011 -1.18 -54.53 23.26
CA GLU A 1011 -0.32 -55.65 22.87
C GLU A 1011 0.21 -55.30 21.48
N ALA A 1012 1.34 -54.57 21.45
CA ALA A 1012 1.89 -54.12 20.18
C ALA A 1012 2.53 -55.27 19.41
N GLU A 1013 3.58 -55.87 19.98
CA GLU A 1013 4.29 -56.96 19.34
C GLU A 1013 4.59 -58.02 20.39
N PRO A 1014 4.47 -59.30 20.04
CA PRO A 1014 4.72 -60.37 21.01
C PRO A 1014 6.20 -60.54 21.32
N GLU A 1015 6.52 -61.61 22.04
CA GLU A 1015 7.90 -61.90 22.43
C GLU A 1015 8.68 -62.47 21.25
N GLU A 1016 9.84 -63.07 21.54
CA GLU A 1016 10.75 -63.61 20.54
C GLU A 1016 10.03 -64.27 19.37
N ALA A 1017 9.00 -65.07 19.64
CA ALA A 1017 8.20 -65.64 18.57
C ALA A 1017 7.36 -64.54 17.93
N PRO A 1018 7.52 -64.26 16.64
CA PRO A 1018 6.84 -63.11 16.04
C PRO A 1018 5.40 -63.37 15.63
N LEU A 1019 4.93 -64.62 15.72
CA LEU A 1019 3.56 -64.94 15.36
C LEU A 1019 2.77 -65.59 16.50
N ALA A 1020 3.39 -65.77 17.67
CA ALA A 1020 2.69 -66.34 18.81
C ALA A 1020 1.90 -65.27 19.55
N LEU A 1021 1.10 -64.50 18.83
CA LEU A 1021 0.26 -63.47 19.43
C LEU A 1021 -1.11 -64.05 19.74
N ALA A 1022 -1.57 -63.82 20.97
CA ALA A 1022 -2.86 -64.36 21.37
C ALA A 1022 -4.01 -63.74 20.58
N SER A 1023 -3.86 -62.48 20.16
CA SER A 1023 -4.96 -61.77 19.51
C SER A 1023 -5.35 -62.46 18.20
N LEU A 1024 -4.37 -62.83 17.38
CA LEU A 1024 -4.67 -63.40 16.06
C LEU A 1024 -5.42 -64.72 16.19
N ALA A 1025 -4.79 -65.70 16.85
CA ALA A 1025 -5.41 -67.03 16.97
C ALA A 1025 -6.71 -66.95 17.74
N ASP A 1026 -6.79 -66.09 18.75
CA ASP A 1026 -8.04 -65.92 19.49
C ASP A 1026 -9.14 -65.39 18.57
N THR A 1027 -8.82 -64.42 17.71
CA THR A 1027 -9.81 -63.90 16.78
C THR A 1027 -10.27 -64.97 15.81
N LEU A 1028 -9.34 -65.80 15.32
CA LEU A 1028 -9.76 -66.93 14.47
C LEU A 1028 -10.68 -67.86 15.23
N SER A 1029 -10.40 -68.10 16.51
CA SER A 1029 -11.28 -68.95 17.30
C SER A 1029 -12.67 -68.33 17.43
N LEU A 1030 -12.74 -67.01 17.66
CA LEU A 1030 -14.04 -66.36 17.77
C LEU A 1030 -14.81 -66.46 16.47
N VAL A 1031 -14.15 -66.22 15.33
CA VAL A 1031 -14.87 -66.25 14.07
C VAL A 1031 -15.33 -67.67 13.75
N GLN A 1032 -14.52 -68.68 14.09
CA GLN A 1032 -14.93 -70.06 13.87
C GLN A 1032 -16.12 -70.43 14.73
N ALA A 1033 -16.08 -70.06 16.01
CA ALA A 1033 -17.20 -70.34 16.91
C ALA A 1033 -18.46 -69.61 16.45
N MET A 1034 -18.31 -68.39 15.94
CA MET A 1034 -19.44 -67.60 15.51
C MET A 1034 -20.06 -68.13 14.22
N VAL A 1035 -19.26 -68.61 13.27
CA VAL A 1035 -19.87 -69.23 12.09
C VAL A 1035 -20.51 -70.56 12.48
N SER A 1036 -19.91 -71.28 13.44
CA SER A 1036 -20.55 -72.50 13.93
C SER A 1036 -21.90 -72.20 14.55
N ALA A 1037 -22.00 -71.09 15.28
CA ALA A 1037 -23.26 -70.66 15.86
C ALA A 1037 -24.16 -69.94 14.86
N GLU A 1038 -23.66 -69.70 13.64
CA GLU A 1038 -24.40 -69.01 12.57
C GLU A 1038 -25.21 -67.83 13.13
N LEU A 1039 -24.52 -67.00 13.92
CA LEU A 1039 -25.18 -65.89 14.59
C LEU A 1039 -25.53 -64.79 13.60
N GLY A 1040 -24.63 -64.49 12.66
CA GLY A 1040 -24.90 -63.54 11.60
C GLY A 1040 -24.46 -62.12 11.86
N CYS A 1041 -23.74 -61.86 12.95
CA CYS A 1041 -23.29 -60.50 13.22
C CYS A 1041 -22.01 -60.20 12.44
N PRO A 1042 -21.91 -59.01 11.85
CA PRO A 1042 -20.66 -58.61 11.16
C PRO A 1042 -19.60 -58.24 12.18
N LEU A 1043 -18.50 -58.97 12.20
CA LEU A 1043 -17.42 -58.68 13.12
C LEU A 1043 -16.76 -57.36 12.75
N TRP A 1044 -16.46 -56.54 13.77
CA TRP A 1044 -15.78 -55.27 13.59
C TRP A 1044 -14.59 -55.23 14.54
N THR A 1045 -13.39 -55.32 13.99
CA THR A 1045 -12.17 -55.36 14.78
C THR A 1045 -11.48 -54.01 14.80
N VAL A 1046 -10.75 -53.74 15.88
CA VAL A 1046 -10.02 -52.50 16.07
C VAL A 1046 -8.56 -52.85 16.38
N THR A 1047 -7.64 -52.23 15.66
CA THR A 1047 -6.21 -52.42 15.85
C THR A 1047 -5.56 -51.12 16.24
N GLU A 1048 -4.30 -51.20 16.65
CA GLU A 1048 -3.49 -50.03 16.93
C GLU A 1048 -2.86 -49.55 15.63
N SER A 1049 -1.89 -48.64 15.74
CA SER A 1049 -1.23 -48.07 14.57
C SER A 1049 -0.40 -49.15 13.90
N ALA A 1050 -0.94 -49.71 12.82
CA ALA A 1050 -0.23 -50.72 12.04
C ALA A 1050 -0.22 -50.43 10.54
N VAL A 1051 -1.05 -49.51 10.07
CA VAL A 1051 -1.08 -49.10 8.67
C VAL A 1051 -0.73 -47.62 8.61
N ALA A 1052 0.21 -47.27 7.75
CA ALA A 1052 0.71 -45.91 7.64
C ALA A 1052 0.03 -45.21 6.46
N THR A 1053 -0.47 -44.01 6.69
CA THR A 1053 -1.05 -43.22 5.62
C THR A 1053 -0.01 -42.78 4.59
N GLY A 1054 1.27 -42.90 4.93
CA GLY A 1054 2.35 -42.56 4.03
C GLY A 1054 3.66 -43.10 4.55
N PRO A 1055 4.74 -42.87 3.80
CA PRO A 1055 6.06 -43.34 4.27
C PRO A 1055 6.63 -42.48 5.39
N PHE A 1056 6.00 -41.36 5.73
CA PHE A 1056 6.49 -40.47 6.77
C PHE A 1056 5.87 -40.81 8.14
N GLU A 1057 5.88 -42.08 8.51
CA GLU A 1057 5.29 -42.51 9.76
C GLU A 1057 6.07 -43.69 10.31
N ARG A 1058 6.06 -43.82 11.63
CA ARG A 1058 6.71 -44.94 12.31
C ARG A 1058 5.68 -46.03 12.54
N VAL A 1059 5.76 -47.10 11.76
CA VAL A 1059 4.94 -48.28 11.99
C VAL A 1059 5.38 -48.90 13.31
N ARG A 1060 4.51 -48.86 14.32
CA ARG A 1060 4.91 -49.21 15.67
C ARG A 1060 5.36 -50.66 15.77
N ASN A 1061 4.74 -51.56 15.03
CA ASN A 1061 5.17 -52.94 14.97
C ASN A 1061 4.68 -53.55 13.66
N ALA A 1062 5.08 -54.80 13.42
CA ALA A 1062 4.74 -55.48 12.17
C ALA A 1062 3.81 -56.67 12.35
N ALA A 1063 3.68 -57.21 13.56
CA ALA A 1063 2.82 -58.37 13.75
C ALA A 1063 1.35 -58.04 13.49
N HIS A 1064 0.91 -56.86 13.92
CA HIS A 1064 -0.51 -56.50 13.79
C HIS A 1064 -0.95 -56.48 12.34
N GLY A 1065 -0.05 -56.15 11.41
CA GLY A 1065 -0.41 -56.18 10.01
C GLY A 1065 -0.91 -57.53 9.54
N ALA A 1066 -0.45 -58.61 10.20
CA ALA A 1066 -0.93 -59.94 9.85
C ALA A 1066 -2.45 -60.03 9.99
N LEU A 1067 -3.01 -59.35 10.98
CA LEU A 1067 -4.47 -59.32 11.13
C LEU A 1067 -5.14 -58.84 9.85
N TRP A 1068 -4.56 -57.84 9.20
CA TRP A 1068 -5.09 -57.40 7.91
C TRP A 1068 -4.93 -58.46 6.84
N GLY A 1069 -3.77 -59.12 6.81
CA GLY A 1069 -3.48 -60.03 5.71
C GLY A 1069 -4.48 -61.16 5.60
N VAL A 1070 -4.78 -61.80 6.74
CA VAL A 1070 -5.82 -62.83 6.74
C VAL A 1070 -7.20 -62.20 6.59
N GLY A 1071 -7.38 -60.99 7.13
CA GLY A 1071 -8.71 -60.44 7.28
C GLY A 1071 -9.46 -60.32 5.95
N ARG A 1072 -8.78 -59.79 4.93
CA ARG A 1072 -9.41 -59.68 3.62
C ARG A 1072 -9.90 -61.03 3.13
N VAL A 1073 -9.08 -62.07 3.27
CA VAL A 1073 -9.49 -63.40 2.86
C VAL A 1073 -10.74 -63.83 3.61
N ILE A 1074 -10.82 -63.48 4.90
CA ILE A 1074 -12.00 -63.80 5.69
C ILE A 1074 -13.25 -63.20 5.04
N ALA A 1075 -13.14 -61.97 4.53
CA ALA A 1075 -14.29 -61.33 3.89
C ALA A 1075 -14.81 -62.17 2.74
N LEU A 1076 -13.94 -62.89 2.05
CA LEU A 1076 -14.39 -63.78 0.97
C LEU A 1076 -15.01 -65.05 1.50
N GLU A 1077 -14.49 -65.60 2.61
CA GLU A 1077 -14.96 -66.88 3.10
C GLU A 1077 -16.40 -66.79 3.58
N ASN A 1078 -16.71 -65.80 4.40
CA ASN A 1078 -18.06 -65.56 4.88
C ASN A 1078 -18.39 -64.09 4.69
N PRO A 1079 -18.92 -63.73 3.52
CA PRO A 1079 -19.21 -62.30 3.25
C PRO A 1079 -20.23 -61.70 4.20
N ALA A 1080 -21.07 -62.51 4.84
CA ALA A 1080 -22.08 -62.00 5.75
C ALA A 1080 -21.50 -61.39 7.03
N VAL A 1081 -20.21 -61.59 7.28
CA VAL A 1081 -19.59 -61.14 8.53
C VAL A 1081 -18.32 -60.37 8.22
N TRP A 1082 -17.56 -60.01 9.26
CA TRP A 1082 -16.30 -59.28 9.13
C TRP A 1082 -16.52 -57.93 8.45
N GLY A 1083 -17.21 -57.05 9.19
CA GLY A 1083 -17.54 -55.74 8.66
C GLY A 1083 -16.33 -54.95 8.18
N GLY A 1084 -15.26 -54.95 8.97
CA GLY A 1084 -14.07 -54.25 8.54
C GLY A 1084 -13.12 -54.02 9.72
N LEU A 1085 -12.20 -53.07 9.52
CA LEU A 1085 -11.17 -52.75 10.49
C LEU A 1085 -11.02 -51.25 10.60
N VAL A 1086 -10.26 -50.81 11.61
CA VAL A 1086 -9.94 -49.40 11.81
C VAL A 1086 -8.47 -49.29 12.22
N ASP A 1087 -7.98 -48.05 12.30
CA ASP A 1087 -6.58 -47.79 12.63
C ASP A 1087 -6.42 -47.17 14.01
N VAL A 1088 -7.07 -46.04 14.28
CA VAL A 1088 -7.17 -45.38 15.59
C VAL A 1088 -5.82 -45.40 16.32
N PRO A 1089 -4.89 -44.53 15.95
CA PRO A 1089 -3.54 -44.60 16.53
C PRO A 1089 -3.57 -44.53 18.05
N ALA A 1090 -2.65 -45.27 18.68
CA ALA A 1090 -2.63 -45.42 20.12
C ALA A 1090 -2.46 -44.07 20.81
N GLY A 1091 -3.17 -43.89 21.92
CA GLY A 1091 -3.18 -42.62 22.61
C GLY A 1091 -4.13 -41.64 21.96
N SER A 1092 -4.75 -40.78 22.76
CA SER A 1092 -5.76 -39.83 22.28
C SER A 1092 -6.88 -40.58 21.54
N VAL A 1093 -7.57 -41.40 22.32
CA VAL A 1093 -8.58 -42.31 21.79
C VAL A 1093 -9.89 -41.57 21.48
N ALA A 1094 -9.86 -40.24 21.66
CA ALA A 1094 -11.07 -39.45 21.43
C ALA A 1094 -11.59 -39.60 20.00
N GLU A 1095 -10.73 -39.99 19.06
CA GLU A 1095 -11.18 -40.25 17.70
C GLU A 1095 -12.27 -41.30 17.66
N LEU A 1096 -12.13 -42.36 18.46
CA LEU A 1096 -13.16 -43.39 18.52
C LEU A 1096 -14.47 -42.87 19.09
N ALA A 1097 -14.46 -41.70 19.72
CA ALA A 1097 -15.68 -41.06 20.19
C ALA A 1097 -16.25 -40.05 19.21
N ARG A 1098 -15.61 -39.88 18.05
CA ARG A 1098 -16.07 -38.89 17.07
C ARG A 1098 -17.10 -39.46 16.10
N HIS A 1099 -16.75 -40.53 15.40
CA HIS A 1099 -17.65 -41.13 14.42
C HIS A 1099 -18.13 -42.51 14.84
N LEU A 1100 -17.19 -43.45 15.05
CA LEU A 1100 -17.45 -44.83 15.46
C LEU A 1100 -18.72 -45.41 14.84
N ALA A 1101 -19.89 -44.90 15.25
CA ALA A 1101 -21.14 -45.41 14.74
C ALA A 1101 -21.28 -45.21 13.23
N ALA A 1102 -20.71 -44.13 12.71
CA ALA A 1102 -20.77 -43.89 11.27
C ALA A 1102 -20.03 -44.99 10.51
N VAL A 1103 -18.86 -45.40 11.00
CA VAL A 1103 -18.06 -46.40 10.31
C VAL A 1103 -18.79 -47.74 10.29
N VAL A 1104 -19.26 -48.20 11.45
CA VAL A 1104 -19.91 -49.50 11.54
C VAL A 1104 -21.28 -49.46 10.84
N SER A 1105 -22.05 -48.42 11.10
CA SER A 1105 -23.36 -48.24 10.45
C SER A 1105 -23.25 -47.36 9.21
N GLY A 1106 -22.35 -47.72 8.31
CA GLY A 1106 -22.11 -46.95 7.11
C GLY A 1106 -22.70 -47.63 5.88
N GLY A 1107 -23.56 -46.91 5.17
CA GLY A 1107 -24.13 -47.42 3.94
C GLY A 1107 -23.20 -47.42 2.75
N ALA A 1108 -22.04 -46.76 2.87
CA ALA A 1108 -21.09 -46.74 1.76
C ALA A 1108 -20.37 -48.07 1.60
N GLY A 1109 -20.42 -48.94 2.60
CA GLY A 1109 -19.76 -50.23 2.50
C GLY A 1109 -18.25 -50.15 2.45
N GLU A 1110 -17.65 -49.20 3.14
CA GLU A 1110 -16.20 -49.10 3.22
C GLU A 1110 -15.70 -50.01 4.34
N ASP A 1111 -14.64 -50.76 4.05
CA ASP A 1111 -14.14 -51.76 4.99
C ASP A 1111 -12.68 -51.59 5.37
N GLN A 1112 -11.85 -50.97 4.52
CA GLN A 1112 -10.44 -50.75 4.84
C GLN A 1112 -10.25 -49.36 5.45
N LEU A 1113 -10.93 -49.15 6.57
CA LEU A 1113 -10.89 -47.84 7.22
C LEU A 1113 -9.53 -47.60 7.85
N ALA A 1114 -8.98 -46.41 7.64
CA ALA A 1114 -7.67 -46.04 8.17
C ALA A 1114 -7.77 -44.83 9.07
N LEU A 1115 -8.72 -44.87 10.01
CA LEU A 1115 -9.01 -43.74 10.87
C LEU A 1115 -7.73 -43.12 11.45
N ARG A 1116 -7.70 -41.80 11.45
CA ARG A 1116 -6.54 -41.04 11.91
C ARG A 1116 -7.06 -39.76 12.57
N ALA A 1117 -6.16 -38.79 12.76
CA ALA A 1117 -6.56 -37.53 13.39
C ALA A 1117 -7.51 -36.72 12.53
N ASP A 1118 -7.54 -36.96 11.22
CA ASP A 1118 -8.36 -36.18 10.30
C ASP A 1118 -9.18 -37.13 9.43
N GLY A 1119 -10.47 -37.24 9.73
CA GLY A 1119 -11.39 -37.98 8.87
C GLY A 1119 -11.01 -39.44 8.73
N VAL A 1120 -11.12 -39.93 7.49
CA VAL A 1120 -10.91 -41.34 7.18
C VAL A 1120 -10.05 -41.43 5.92
N TYR A 1121 -9.34 -42.55 5.78
CA TYR A 1121 -8.33 -42.70 4.73
C TYR A 1121 -8.40 -44.08 4.07
N GLY A 1122 -9.60 -44.49 3.65
CA GLY A 1122 -9.80 -45.79 3.02
C GLY A 1122 -8.76 -46.22 2.00
N ARG A 1123 -8.45 -47.51 1.97
CA ARG A 1123 -7.39 -48.03 1.12
C ARG A 1123 -7.81 -48.05 -0.34
N ARG A 1124 -6.87 -47.76 -1.24
CA ARG A 1124 -7.12 -47.75 -2.66
C ARG A 1124 -5.90 -48.29 -3.40
N TRP A 1125 -6.15 -48.73 -4.63
CA TRP A 1125 -5.17 -49.38 -5.49
C TRP A 1125 -4.98 -48.53 -6.74
N VAL A 1126 -3.73 -48.19 -7.06
CA VAL A 1126 -3.43 -47.24 -8.12
C VAL A 1126 -2.42 -47.86 -9.08
N ARG A 1127 -2.41 -47.37 -10.31
CA ARG A 1127 -1.34 -47.69 -11.24
C ARG A 1127 -0.05 -47.04 -10.77
N ALA A 1128 1.07 -47.60 -11.23
CA ALA A 1128 2.40 -47.07 -10.91
C ALA A 1128 3.05 -46.63 -12.21
N ALA A 1129 2.81 -45.38 -12.59
CA ALA A 1129 3.49 -44.82 -13.75
C ALA A 1129 5.00 -44.80 -13.51
N ALA A 1130 5.77 -45.06 -14.56
CA ALA A 1130 7.20 -45.25 -14.43
C ALA A 1130 7.96 -44.05 -14.98
N PRO A 1131 8.44 -43.14 -14.13
CA PRO A 1131 9.32 -42.05 -14.59
C PRO A 1131 10.77 -42.52 -14.64
N ALA A 1132 11.12 -43.16 -15.76
CA ALA A 1132 12.45 -43.75 -15.92
C ALA A 1132 13.52 -42.68 -15.78
N THR A 1133 14.59 -43.03 -15.06
CA THR A 1133 15.67 -42.10 -14.77
C THR A 1133 16.99 -42.72 -15.18
N ASP A 1134 17.99 -41.87 -15.39
CA ASP A 1134 19.31 -42.31 -15.82
C ASP A 1134 20.18 -42.53 -14.58
N ASP A 1135 19.95 -43.67 -13.93
CA ASP A 1135 20.73 -44.08 -12.77
C ASP A 1135 21.09 -45.55 -12.93
N GLU A 1136 21.91 -46.06 -12.02
CA GLU A 1136 22.44 -47.41 -12.15
C GLU A 1136 22.66 -48.00 -10.76
N TRP A 1137 22.30 -49.27 -10.61
CA TRP A 1137 22.58 -50.03 -9.40
C TRP A 1137 23.47 -51.21 -9.76
N LYS A 1138 24.64 -51.28 -9.15
CA LYS A 1138 25.61 -52.33 -9.46
C LYS A 1138 25.56 -53.40 -8.39
N PRO A 1139 25.21 -54.63 -8.73
CA PRO A 1139 25.28 -55.71 -7.73
C PRO A 1139 26.70 -56.23 -7.56
N THR A 1140 27.51 -55.52 -6.79
CA THR A 1140 28.88 -55.96 -6.55
C THR A 1140 28.91 -57.06 -5.50
N GLY A 1141 29.70 -58.09 -5.76
CA GLY A 1141 29.77 -59.21 -4.83
C GLY A 1141 28.44 -59.94 -4.70
N THR A 1142 28.10 -60.30 -3.47
CA THR A 1142 26.92 -61.11 -3.19
C THR A 1142 25.66 -60.24 -3.16
N VAL A 1143 24.51 -60.92 -3.16
CA VAL A 1143 23.20 -60.27 -3.10
C VAL A 1143 22.32 -61.10 -2.17
N LEU A 1144 21.49 -60.42 -1.38
CA LEU A 1144 20.54 -61.11 -0.50
C LEU A 1144 19.23 -61.32 -1.24
N VAL A 1145 18.88 -62.58 -1.48
CA VAL A 1145 17.57 -62.96 -1.98
C VAL A 1145 17.12 -64.20 -1.20
N THR A 1146 15.96 -64.12 -0.57
CA THR A 1146 15.44 -65.27 0.16
C THR A 1146 15.01 -66.37 -0.80
N GLY A 1147 15.21 -67.62 -0.38
CA GLY A 1147 14.77 -68.78 -1.12
C GLY A 1147 15.88 -69.64 -1.69
N GLY A 1148 17.09 -69.09 -1.82
CA GLY A 1148 18.19 -69.86 -2.36
C GLY A 1148 18.03 -70.23 -3.83
N THR A 1149 18.07 -71.53 -4.12
CA THR A 1149 17.96 -72.01 -5.49
C THR A 1149 16.68 -72.78 -5.76
N GLY A 1150 15.89 -73.08 -4.74
CA GLY A 1150 14.69 -73.87 -4.94
C GLY A 1150 13.54 -73.07 -5.54
N GLY A 1151 13.26 -73.31 -6.81
CA GLY A 1151 12.17 -72.63 -7.47
C GLY A 1151 12.48 -71.20 -7.84
N VAL A 1152 11.84 -70.26 -7.13
CA VAL A 1152 11.91 -68.84 -7.49
C VAL A 1152 13.36 -68.37 -7.55
N GLY A 1153 14.16 -68.74 -6.57
CA GLY A 1153 15.56 -68.33 -6.56
C GLY A 1153 16.35 -68.87 -7.73
N GLY A 1154 16.04 -70.09 -8.17
CA GLY A 1154 16.77 -70.75 -9.23
C GLY A 1154 16.97 -69.88 -10.47
N GLN A 1155 15.88 -69.54 -11.14
CA GLN A 1155 15.96 -68.64 -12.28
C GLN A 1155 16.60 -67.32 -11.88
N ILE A 1156 16.32 -66.84 -10.67
CA ILE A 1156 16.91 -65.61 -10.18
C ILE A 1156 18.43 -65.72 -10.17
N ALA A 1157 18.95 -66.90 -9.79
CA ALA A 1157 20.39 -67.10 -9.78
C ALA A 1157 21.00 -66.87 -11.16
N ARG A 1158 20.26 -67.19 -12.22
CA ARG A 1158 20.77 -66.97 -13.56
C ARG A 1158 20.73 -65.50 -13.95
N TRP A 1159 19.84 -64.72 -13.36
CA TRP A 1159 19.71 -63.31 -13.70
C TRP A 1159 21.01 -62.55 -13.47
N LEU A 1160 21.58 -62.68 -12.27
CA LEU A 1160 22.87 -62.03 -12.03
C LEU A 1160 23.96 -62.64 -12.89
N ALA A 1161 23.77 -63.89 -13.34
CA ALA A 1161 24.69 -64.46 -14.31
C ALA A 1161 24.71 -63.62 -15.58
N ARG A 1162 23.55 -63.14 -16.01
CA ARG A 1162 23.52 -62.16 -17.10
C ARG A 1162 24.16 -60.86 -16.67
N ARG A 1163 23.94 -60.44 -15.42
CA ARG A 1163 24.54 -59.20 -14.93
C ARG A 1163 26.04 -59.35 -14.75
N GLY A 1164 26.49 -60.50 -14.23
CA GLY A 1164 27.91 -60.74 -14.05
C GLY A 1164 28.43 -60.38 -12.69
N ALA A 1165 27.64 -60.67 -11.65
CA ALA A 1165 28.09 -60.41 -10.29
C ALA A 1165 29.22 -61.36 -9.92
N PRO A 1166 30.18 -60.93 -9.09
CA PRO A 1166 31.30 -61.82 -8.75
C PRO A 1166 30.92 -62.95 -7.82
N HIS A 1167 30.06 -62.69 -6.82
CA HIS A 1167 29.73 -63.70 -5.82
C HIS A 1167 28.22 -63.69 -5.58
N LEU A 1168 27.79 -64.56 -4.68
CA LEU A 1168 26.37 -64.70 -4.33
C LEU A 1168 26.27 -65.49 -3.03
N LEU A 1169 25.28 -65.14 -2.21
CA LEU A 1169 24.98 -65.86 -0.98
C LEU A 1169 23.48 -65.98 -0.77
N LEU A 1170 22.76 -66.32 -1.85
CA LEU A 1170 21.31 -66.51 -1.75
C LEU A 1170 20.99 -67.55 -0.68
N VAL A 1171 20.10 -67.20 0.24
CA VAL A 1171 19.86 -68.02 1.42
C VAL A 1171 18.91 -69.17 1.07
N SER A 1172 19.33 -70.39 1.38
CA SER A 1172 18.59 -71.60 1.04
C SER A 1172 18.37 -72.44 2.29
N ARG A 1173 17.40 -73.35 2.21
CA ARG A 1173 17.03 -74.16 3.36
C ARG A 1173 18.16 -75.08 3.80
N SER A 1174 18.80 -75.76 2.84
CA SER A 1174 19.89 -76.67 3.17
C SER A 1174 21.06 -76.64 2.20
N GLY A 1175 21.04 -75.78 1.19
CA GLY A 1175 22.15 -75.67 0.27
C GLY A 1175 22.36 -76.91 -0.57
N PRO A 1176 23.58 -77.45 -0.53
CA PRO A 1176 23.91 -78.62 -1.38
C PRO A 1176 23.10 -79.86 -1.06
N ASP A 1177 22.45 -79.92 0.11
CA ASP A 1177 21.71 -81.11 0.49
C ASP A 1177 20.59 -81.40 -0.51
N ALA A 1178 19.80 -80.38 -0.85
CA ALA A 1178 18.71 -80.56 -1.80
C ALA A 1178 18.59 -79.46 -2.84
N ASP A 1179 19.26 -78.32 -2.67
CA ASP A 1179 19.14 -77.19 -3.58
C ASP A 1179 20.32 -77.14 -4.53
N GLY A 1180 20.14 -76.41 -5.63
CA GLY A 1180 21.21 -76.19 -6.59
C GLY A 1180 21.46 -77.35 -7.52
N ALA A 1181 22.01 -78.45 -6.98
CA ALA A 1181 22.33 -79.66 -7.73
C ALA A 1181 23.48 -79.44 -8.71
N GLY A 1182 23.98 -80.54 -9.28
CA GLY A 1182 25.21 -80.48 -10.05
C GLY A 1182 25.09 -79.66 -11.31
N GLU A 1183 23.96 -79.78 -12.02
CA GLU A 1183 23.81 -79.07 -13.29
C GLU A 1183 23.84 -77.56 -13.09
N LEU A 1184 23.04 -77.05 -12.16
CA LEU A 1184 23.04 -75.61 -11.89
C LEU A 1184 24.38 -75.15 -11.32
N VAL A 1185 24.98 -75.95 -10.43
CA VAL A 1185 26.27 -75.55 -9.86
C VAL A 1185 27.31 -75.42 -10.95
N ALA A 1186 27.40 -76.41 -11.83
CA ALA A 1186 28.39 -76.38 -12.90
C ALA A 1186 28.12 -75.24 -13.88
N GLU A 1187 26.85 -75.02 -14.24
CA GLU A 1187 26.54 -73.93 -15.16
C GLU A 1187 26.91 -72.58 -14.57
N LEU A 1188 26.57 -72.36 -13.29
CA LEU A 1188 26.90 -71.09 -12.65
C LEU A 1188 28.40 -70.90 -12.56
N GLU A 1189 29.14 -71.95 -12.18
CA GLU A 1189 30.59 -71.83 -12.09
C GLU A 1189 31.22 -71.58 -13.46
N ALA A 1190 30.64 -72.16 -14.52
CA ALA A 1190 31.10 -71.85 -15.87
C ALA A 1190 30.84 -70.40 -16.21
N LEU A 1191 29.69 -69.87 -15.79
CA LEU A 1191 29.38 -68.46 -16.04
C LEU A 1191 30.11 -67.56 -15.06
N GLY A 1192 29.86 -67.73 -13.76
CA GLY A 1192 30.51 -66.91 -12.76
C GLY A 1192 31.06 -67.72 -11.60
N ALA A 1193 32.37 -67.66 -11.40
CA ALA A 1193 33.02 -68.45 -10.37
C ALA A 1193 32.91 -67.76 -9.01
N ARG A 1194 33.28 -68.50 -7.96
CA ARG A 1194 33.28 -68.02 -6.57
C ARG A 1194 31.89 -67.51 -6.18
N THR A 1195 30.93 -68.44 -6.18
CA THR A 1195 29.56 -68.15 -5.79
C THR A 1195 29.10 -69.21 -4.80
N THR A 1196 28.30 -68.78 -3.82
CA THR A 1196 27.88 -69.66 -2.73
C THR A 1196 26.37 -69.61 -2.58
N VAL A 1197 25.85 -70.62 -1.89
CA VAL A 1197 24.45 -70.70 -1.48
C VAL A 1197 24.41 -71.18 -0.04
N ALA A 1198 23.50 -70.62 0.75
CA ALA A 1198 23.44 -70.92 2.18
C ALA A 1198 23.17 -72.39 2.44
N ALA A 1199 24.17 -73.10 2.96
CA ALA A 1199 24.04 -74.52 3.27
C ALA A 1199 23.38 -74.78 4.62
N CYS A 1200 23.26 -73.77 5.47
CA CYS A 1200 22.71 -73.93 6.80
C CYS A 1200 21.33 -73.28 6.90
N ASP A 1201 20.49 -73.81 7.79
CA ASP A 1201 19.16 -73.27 8.00
C ASP A 1201 19.24 -71.86 8.57
N VAL A 1202 18.33 -70.99 8.12
CA VAL A 1202 18.33 -69.60 8.56
C VAL A 1202 17.54 -69.37 9.85
N THR A 1203 16.75 -70.36 10.28
CA THR A 1203 15.95 -70.19 11.49
C THR A 1203 16.84 -69.99 12.72
N ASP A 1204 17.91 -70.77 12.83
CA ASP A 1204 18.79 -70.67 13.99
C ASP A 1204 19.66 -69.41 13.87
N ARG A 1205 19.67 -68.62 14.94
CA ARG A 1205 20.54 -67.43 14.96
C ARG A 1205 22.01 -67.84 14.93
N GLU A 1206 22.36 -68.90 15.64
CA GLU A 1206 23.75 -69.35 15.65
C GLU A 1206 24.19 -69.80 14.27
N SER A 1207 23.30 -70.43 13.51
CA SER A 1207 23.64 -70.85 12.16
C SER A 1207 23.94 -69.64 11.27
N VAL A 1208 23.13 -68.59 11.37
CA VAL A 1208 23.38 -67.39 10.58
C VAL A 1208 24.67 -66.72 11.02
N ARG A 1209 24.93 -66.69 12.32
CA ARG A 1209 26.18 -66.12 12.82
C ARG A 1209 27.39 -66.88 12.27
N GLU A 1210 27.31 -68.21 12.27
CA GLU A 1210 28.40 -69.02 11.73
C GLU A 1210 28.57 -68.79 10.23
N LEU A 1211 27.46 -68.70 9.50
CA LEU A 1211 27.54 -68.46 8.06
C LEU A 1211 28.17 -67.10 7.76
N LEU A 1212 27.79 -66.07 8.51
CA LEU A 1212 28.37 -64.75 8.31
C LEU A 1212 29.84 -64.73 8.69
N GLY A 1213 30.20 -65.43 9.76
CA GLY A 1213 31.60 -65.52 10.14
C GLY A 1213 32.42 -66.39 9.21
N GLY A 1214 31.79 -67.30 8.48
CA GLY A 1214 32.50 -68.14 7.55
C GLY A 1214 32.79 -67.51 6.20
N ILE A 1215 32.27 -66.31 5.95
CA ILE A 1215 32.53 -65.65 4.68
C ILE A 1215 33.98 -65.19 4.62
N GLY A 1216 34.42 -64.84 3.41
CA GLY A 1216 35.75 -64.30 3.20
C GLY A 1216 35.76 -62.79 3.24
N ASP A 1217 34.72 -62.21 3.85
CA ASP A 1217 34.54 -60.75 3.91
C ASP A 1217 34.48 -60.17 2.51
N ASP A 1218 35.60 -59.65 2.03
CA ASP A 1218 35.76 -59.23 0.64
C ASP A 1218 34.84 -58.09 0.25
N VAL A 1219 33.54 -58.36 0.17
CA VAL A 1219 32.63 -57.43 -0.51
C VAL A 1219 31.31 -57.25 0.24
N PRO A 1220 30.88 -56.02 0.48
CA PRO A 1220 29.52 -55.76 0.97
C PRO A 1220 28.50 -55.68 -0.17
N LEU A 1221 27.27 -55.30 0.14
CA LEU A 1221 26.24 -55.17 -0.89
C LEU A 1221 25.19 -54.16 -0.43
N SER A 1222 24.06 -54.15 -1.13
CA SER A 1222 22.91 -53.32 -0.77
C SER A 1222 21.65 -54.00 -1.32
N ALA A 1223 20.52 -53.31 -1.19
CA ALA A 1223 19.25 -53.73 -1.78
C ALA A 1223 18.82 -55.12 -1.29
N VAL A 1224 18.50 -55.17 0.00
CA VAL A 1224 17.96 -56.39 0.59
C VAL A 1224 16.65 -56.76 -0.11
N PHE A 1225 16.46 -58.04 -0.38
CA PHE A 1225 15.32 -58.54 -1.13
C PHE A 1225 14.54 -59.57 -0.31
N HIS A 1226 13.25 -59.70 -0.62
CA HIS A 1226 12.33 -60.54 0.14
C HIS A 1226 11.45 -61.38 -0.80
N ALA A 1227 12.05 -62.03 -1.79
CA ALA A 1227 11.27 -62.70 -2.83
C ALA A 1227 10.32 -63.75 -2.27
N ALA A 1228 10.86 -64.86 -1.74
CA ALA A 1228 10.05 -65.94 -1.17
C ALA A 1228 10.97 -66.96 -0.53
N ALA A 1229 10.48 -67.69 0.48
CA ALA A 1229 11.35 -68.63 1.17
C ALA A 1229 10.76 -70.04 1.26
N THR A 1230 9.46 -70.15 1.50
CA THR A 1230 8.87 -71.46 1.78
C THR A 1230 7.37 -71.40 1.51
N LEU A 1231 6.84 -72.50 0.98
CA LEU A 1231 5.43 -72.62 0.63
C LEU A 1231 4.81 -73.81 1.35
N ASP A 1232 3.87 -73.53 2.25
CA ASP A 1232 3.37 -74.56 3.16
C ASP A 1232 1.85 -74.62 3.26
N ASP A 1233 1.16 -74.66 2.11
CA ASP A 1233 -0.30 -74.81 2.00
C ASP A 1233 -1.08 -73.94 2.99
N GLY A 1234 -2.35 -74.29 3.22
CA GLY A 1234 -3.19 -73.51 4.11
C GLY A 1234 -4.42 -72.92 3.45
N THR A 1235 -4.97 -73.64 2.46
CA THR A 1235 -6.10 -73.11 1.68
C THR A 1235 -7.28 -72.76 2.58
N VAL A 1236 -7.89 -73.77 3.21
CA VAL A 1236 -9.02 -73.54 4.11
C VAL A 1236 -9.17 -74.71 5.06
N ASP A 1237 -9.31 -74.42 6.35
CA ASP A 1237 -9.42 -75.44 7.39
C ASP A 1237 -9.89 -74.74 8.66
N THR A 1238 -9.81 -75.43 9.79
CA THR A 1238 -10.10 -74.81 11.08
C THR A 1238 -9.21 -73.60 11.32
N LEU A 1239 -8.01 -73.59 10.75
CA LEU A 1239 -7.11 -72.43 10.74
C LEU A 1239 -6.75 -71.99 12.17
N THR A 1240 -6.07 -72.89 12.88
CA THR A 1240 -5.50 -72.52 14.16
C THR A 1240 -4.28 -71.62 13.97
N GLY A 1241 -3.96 -70.86 15.01
CA GLY A 1241 -2.86 -69.91 14.92
C GLY A 1241 -1.49 -70.56 14.96
N GLU A 1242 -1.35 -71.68 15.66
CA GLU A 1242 -0.04 -72.31 15.80
C GLU A 1242 0.50 -72.80 14.47
N ARG A 1243 -0.37 -73.37 13.62
CA ARG A 1243 0.08 -73.91 12.35
C ARG A 1243 0.62 -72.83 11.42
N ILE A 1244 0.06 -71.62 11.49
CA ILE A 1244 0.57 -70.52 10.67
C ILE A 1244 1.98 -70.18 11.09
N GLU A 1245 2.23 -70.11 12.41
CA GLU A 1245 3.58 -69.84 12.89
C GLU A 1245 4.53 -70.97 12.49
N ARG A 1246 4.08 -72.22 12.57
CA ARG A 1246 4.93 -73.33 12.17
C ARG A 1246 5.29 -73.25 10.69
N ALA A 1247 4.31 -72.88 9.85
CA ALA A 1247 4.58 -72.74 8.42
C ALA A 1247 5.56 -71.60 8.14
N SER A 1248 5.39 -70.47 8.82
CA SER A 1248 6.21 -69.29 8.54
C SER A 1248 7.55 -69.30 9.26
N ARG A 1249 7.77 -70.26 10.18
CA ARG A 1249 8.95 -70.25 11.03
C ARG A 1249 10.24 -70.14 10.25
N ALA A 1250 10.29 -70.70 9.04
CA ALA A 1250 11.44 -70.45 8.18
C ALA A 1250 11.56 -68.98 7.85
N LYS A 1251 10.56 -68.43 7.15
CA LYS A 1251 10.73 -67.15 6.47
C LYS A 1251 10.77 -65.97 7.43
N VAL A 1252 9.87 -65.94 8.42
CA VAL A 1252 9.80 -64.74 9.27
C VAL A 1252 11.01 -64.66 10.18
N LEU A 1253 11.40 -65.78 10.80
CA LEU A 1253 12.60 -65.77 11.62
C LEU A 1253 13.86 -65.59 10.78
N GLY A 1254 13.88 -66.07 9.53
CA GLY A 1254 15.02 -65.76 8.68
C GLY A 1254 15.15 -64.27 8.43
N ALA A 1255 14.05 -63.61 8.10
CA ALA A 1255 14.08 -62.16 7.89
C ALA A 1255 14.49 -61.43 9.17
N ARG A 1256 13.97 -61.88 10.31
CA ARG A 1256 14.35 -61.27 11.59
C ARG A 1256 15.84 -61.42 11.85
N ASN A 1257 16.41 -62.60 11.58
CA ASN A 1257 17.83 -62.81 11.78
C ASN A 1257 18.67 -61.92 10.87
N LEU A 1258 18.29 -61.81 9.59
CA LEU A 1258 19.04 -60.93 8.70
C LEU A 1258 18.96 -59.48 9.15
N HIS A 1259 17.77 -59.03 9.55
CA HIS A 1259 17.64 -57.65 10.02
C HIS A 1259 18.48 -57.42 11.27
N GLU A 1260 18.50 -58.37 12.20
CA GLU A 1260 19.29 -58.22 13.41
C GLU A 1260 20.77 -58.19 13.11
N LEU A 1261 21.25 -59.04 12.21
CA LEU A 1261 22.68 -59.19 11.98
C LEU A 1261 23.23 -58.25 10.92
N THR A 1262 22.38 -57.53 10.18
CA THR A 1262 22.86 -56.64 9.13
C THR A 1262 22.71 -55.16 9.48
N ARG A 1263 22.34 -54.83 10.71
CA ARG A 1263 22.18 -53.43 11.08
C ARG A 1263 23.50 -52.68 11.03
N GLU A 1264 24.58 -53.30 11.52
CA GLU A 1264 25.88 -52.64 11.63
C GLU A 1264 26.70 -52.74 10.36
N LEU A 1265 26.25 -53.47 9.35
CA LEU A 1265 26.95 -53.57 8.09
C LEU A 1265 26.58 -52.39 7.20
N ASP A 1266 26.98 -52.43 5.94
CA ASP A 1266 26.74 -51.33 5.00
C ASP A 1266 25.85 -51.83 3.86
N LEU A 1267 24.60 -51.41 3.88
CA LEU A 1267 23.65 -51.66 2.80
C LEU A 1267 22.81 -50.40 2.63
N THR A 1268 21.69 -50.52 1.92
CA THR A 1268 20.81 -49.38 1.68
C THR A 1268 19.49 -49.49 2.44
N ALA A 1269 18.72 -50.54 2.18
CA ALA A 1269 17.41 -50.72 2.82
C ALA A 1269 16.91 -52.11 2.46
N PHE A 1270 15.69 -52.39 2.88
CA PHE A 1270 15.03 -53.68 2.60
C PHE A 1270 14.06 -53.46 1.45
N VAL A 1271 14.52 -53.77 0.22
CA VAL A 1271 13.66 -53.69 -0.95
C VAL A 1271 12.84 -54.98 -1.02
N LEU A 1272 11.65 -54.94 -0.45
CA LEU A 1272 10.85 -56.15 -0.23
C LEU A 1272 10.23 -56.65 -1.52
N PHE A 1273 10.09 -57.97 -1.62
CA PHE A 1273 9.16 -58.62 -2.52
C PHE A 1273 8.18 -59.45 -1.71
N SER A 1274 7.16 -59.98 -2.39
CA SER A 1274 6.16 -60.80 -1.72
C SER A 1274 5.31 -61.48 -2.79
N SER A 1275 4.50 -62.43 -2.35
CA SER A 1275 3.53 -63.07 -3.22
C SER A 1275 2.37 -62.13 -3.50
N PHE A 1276 1.71 -62.35 -4.65
CA PHE A 1276 0.57 -61.53 -5.03
C PHE A 1276 -0.64 -61.77 -4.14
N ALA A 1277 -0.65 -62.87 -3.38
CA ALA A 1277 -1.80 -63.18 -2.53
C ALA A 1277 -1.96 -62.21 -1.37
N SER A 1278 -0.91 -61.47 -1.01
CA SER A 1278 -1.00 -60.54 0.10
C SER A 1278 -1.73 -59.26 -0.26
N ALA A 1279 -1.72 -58.88 -1.54
CA ALA A 1279 -2.31 -57.61 -1.96
C ALA A 1279 -3.79 -57.56 -1.63
N PHE A 1280 -4.56 -58.49 -2.20
CA PHE A 1280 -5.98 -58.59 -1.95
C PHE A 1280 -6.33 -59.96 -1.36
N GLY A 1281 -7.62 -60.23 -1.22
CA GLY A 1281 -8.07 -61.48 -0.64
C GLY A 1281 -7.87 -62.66 -1.55
N ALA A 1282 -7.08 -63.64 -1.11
CA ALA A 1282 -6.90 -64.89 -1.85
C ALA A 1282 -7.60 -66.01 -1.10
N PRO A 1283 -8.71 -66.54 -1.63
CA PRO A 1283 -9.44 -67.58 -0.88
C PRO A 1283 -8.63 -68.82 -0.61
N GLY A 1284 -7.71 -69.20 -1.51
CA GLY A 1284 -6.94 -70.41 -1.38
C GLY A 1284 -5.57 -70.27 -0.77
N LEU A 1285 -5.18 -69.07 -0.33
CA LEU A 1285 -3.86 -68.82 0.23
C LEU A 1285 -3.98 -67.98 1.50
N GLY A 1286 -4.89 -68.39 2.38
CA GLY A 1286 -5.12 -67.62 3.60
C GLY A 1286 -3.91 -67.60 4.52
N GLY A 1287 -3.24 -68.75 4.67
CA GLY A 1287 -2.10 -68.82 5.58
C GLY A 1287 -0.85 -68.16 5.06
N TYR A 1288 -0.80 -67.86 3.75
CA TYR A 1288 0.38 -67.23 3.18
C TYR A 1288 0.46 -65.74 3.51
N ALA A 1289 -0.69 -65.11 3.73
CA ALA A 1289 -0.72 -63.66 3.95
C ALA A 1289 0.07 -63.18 5.16
N PRO A 1290 -0.03 -63.80 6.34
CA PRO A 1290 0.65 -63.21 7.53
C PRO A 1290 2.14 -63.02 7.35
N GLY A 1291 2.83 -63.95 6.68
CA GLY A 1291 4.26 -63.78 6.46
C GLY A 1291 4.57 -62.56 5.61
N ASN A 1292 3.79 -62.37 4.53
CA ASN A 1292 3.99 -61.21 3.68
C ASN A 1292 3.67 -59.91 4.41
N ALA A 1293 2.62 -59.91 5.25
CA ALA A 1293 2.31 -58.73 6.03
C ALA A 1293 3.43 -58.40 7.00
N TYR A 1294 3.99 -59.42 7.66
CA TYR A 1294 5.11 -59.21 8.55
C TYR A 1294 6.32 -58.66 7.80
N LEU A 1295 6.57 -59.17 6.59
CA LEU A 1295 7.65 -58.64 5.78
C LEU A 1295 7.42 -57.17 5.44
N ASP A 1296 6.18 -56.82 5.09
CA ASP A 1296 5.87 -55.43 4.76
C ASP A 1296 6.12 -54.52 5.96
N GLY A 1297 5.68 -54.95 7.15
CA GLY A 1297 5.96 -54.19 8.35
C GLY A 1297 7.45 -54.05 8.61
N LEU A 1298 8.20 -55.12 8.38
CA LEU A 1298 9.65 -55.06 8.56
C LEU A 1298 10.29 -54.07 7.61
N ALA A 1299 9.85 -54.05 6.35
CA ALA A 1299 10.38 -53.10 5.38
C ALA A 1299 10.05 -51.67 5.77
N GLN A 1300 8.82 -51.43 6.20
CA GLN A 1300 8.45 -50.08 6.62
C GLN A 1300 9.27 -49.65 7.83
N GLN A 1301 9.53 -50.56 8.76
CA GLN A 1301 10.38 -50.23 9.91
C GLN A 1301 11.80 -49.94 9.48
N ARG A 1302 12.35 -50.76 8.57
CA ARG A 1302 13.71 -50.59 8.11
C ARG A 1302 13.89 -49.33 7.28
N ARG A 1303 12.80 -48.77 6.75
CA ARG A 1303 12.86 -47.47 6.08
C ARG A 1303 13.62 -46.43 6.89
N SER A 1304 13.66 -46.59 8.23
CA SER A 1304 14.15 -45.53 9.10
C SER A 1304 15.58 -45.09 8.77
N ASP A 1305 16.37 -45.97 8.17
CA ASP A 1305 17.75 -45.62 7.81
C ASP A 1305 18.06 -46.10 6.41
N GLY A 1306 18.83 -45.30 5.68
CA GLY A 1306 19.30 -45.68 4.36
C GLY A 1306 18.45 -45.22 3.19
N LEU A 1307 17.56 -46.08 2.73
CA LEU A 1307 16.76 -45.91 1.54
C LEU A 1307 15.30 -46.20 1.87
N PRO A 1308 14.36 -45.66 1.11
CA PRO A 1308 12.94 -45.94 1.36
C PRO A 1308 12.62 -47.43 1.28
N ALA A 1309 11.39 -47.76 1.70
CA ALA A 1309 10.95 -49.15 1.81
C ALA A 1309 10.55 -49.68 0.42
N THR A 1310 9.86 -50.83 0.41
CA THR A 1310 9.40 -51.46 -0.82
C THR A 1310 8.30 -52.45 -0.48
N ALA A 1311 7.29 -52.55 -1.35
CA ALA A 1311 6.15 -53.44 -1.15
C ALA A 1311 5.81 -54.21 -2.42
N VAL A 1312 6.82 -54.87 -3.02
CA VAL A 1312 6.58 -55.70 -4.19
C VAL A 1312 5.65 -56.86 -3.83
N ALA A 1313 4.74 -57.17 -4.74
CA ALA A 1313 3.76 -58.26 -4.60
C ALA A 1313 3.87 -59.21 -5.79
N TRP A 1314 5.10 -59.65 -6.05
CA TRP A 1314 5.43 -60.55 -7.15
C TRP A 1314 4.41 -61.67 -7.31
N GLY A 1315 4.09 -61.97 -8.57
CA GLY A 1315 3.06 -62.95 -8.90
C GLY A 1315 3.56 -64.36 -9.05
N THR A 1316 3.19 -65.01 -10.15
CA THR A 1316 3.48 -66.43 -10.37
C THR A 1316 4.40 -66.60 -11.56
N TRP A 1317 5.34 -67.55 -11.44
CA TRP A 1317 6.25 -67.84 -12.53
C TRP A 1317 5.64 -68.83 -13.50
N ALA A 1318 6.00 -68.69 -14.78
CA ALA A 1318 5.55 -69.64 -15.79
C ALA A 1318 6.21 -71.01 -15.59
N GLY A 1319 7.47 -71.04 -15.16
CA GLY A 1319 8.21 -72.27 -15.03
C GLY A 1319 8.27 -72.89 -13.65
N SER A 1320 7.80 -72.18 -12.62
CA SER A 1320 7.91 -72.71 -11.26
C SER A 1320 6.79 -72.09 -10.42
N GLY A 1321 6.73 -72.46 -9.14
CA GLY A 1321 5.72 -71.96 -8.23
C GLY A 1321 4.73 -73.02 -7.77
N MET A 1322 4.46 -73.07 -6.47
CA MET A 1322 3.49 -74.03 -5.94
C MET A 1322 2.09 -73.73 -6.44
N ALA A 1323 1.78 -72.45 -6.63
CA ALA A 1323 0.44 -72.04 -7.07
C ALA A 1323 0.29 -72.22 -8.58
N GLU A 1324 0.53 -73.43 -9.06
CA GLU A 1324 0.40 -73.75 -10.48
C GLU A 1324 -0.57 -74.89 -10.76
N GLY A 1325 -1.24 -75.42 -9.75
CA GLY A 1325 -2.17 -76.50 -9.95
C GLY A 1325 -3.61 -76.00 -9.94
N PRO A 1326 -4.34 -76.31 -8.87
CA PRO A 1326 -5.69 -75.73 -8.72
C PRO A 1326 -5.68 -74.22 -8.59
N VAL A 1327 -4.61 -73.64 -8.06
CA VAL A 1327 -4.57 -72.17 -7.91
C VAL A 1327 -4.53 -71.48 -9.28
N ALA A 1328 -3.57 -71.88 -10.12
CA ALA A 1328 -3.46 -71.28 -11.44
C ALA A 1328 -4.63 -71.69 -12.33
N ASP A 1329 -5.17 -72.88 -12.13
CA ASP A 1329 -6.38 -73.26 -12.87
C ASP A 1329 -7.55 -72.37 -12.49
N ARG A 1330 -7.71 -72.05 -11.20
CA ARG A 1330 -8.85 -71.25 -10.78
C ARG A 1330 -8.75 -69.82 -11.28
N PHE A 1331 -7.61 -69.16 -11.10
CA PHE A 1331 -7.52 -67.77 -11.57
C PHE A 1331 -6.86 -67.59 -12.94
N ARG A 1332 -6.64 -68.66 -13.70
CA ARG A 1332 -6.19 -68.49 -15.09
C ARG A 1332 -7.34 -68.34 -16.08
N ARG A 1333 -8.54 -68.77 -15.70
CA ARG A 1333 -9.70 -68.56 -16.55
C ARG A 1333 -10.22 -67.12 -16.46
N HIS A 1334 -9.76 -66.34 -15.49
CA HIS A 1334 -10.22 -64.97 -15.32
C HIS A 1334 -9.11 -64.14 -14.69
N GLY A 1335 -8.71 -63.08 -15.38
CA GLY A 1335 -7.79 -62.10 -14.84
C GLY A 1335 -6.32 -62.35 -15.04
N VAL A 1336 -5.73 -63.27 -14.28
CA VAL A 1336 -4.27 -63.41 -14.20
C VAL A 1336 -3.82 -64.50 -15.16
N ILE A 1337 -2.57 -64.38 -15.62
CA ILE A 1337 -1.96 -65.35 -16.50
C ILE A 1337 -0.53 -65.60 -16.02
N GLU A 1338 0.21 -66.43 -16.75
CA GLU A 1338 1.60 -66.66 -16.38
C GLU A 1338 2.49 -65.54 -16.91
N MET A 1339 3.71 -65.48 -16.38
CA MET A 1339 4.60 -64.36 -16.64
C MET A 1339 6.03 -64.84 -16.91
N PRO A 1340 6.67 -64.32 -17.94
CA PRO A 1340 8.02 -64.79 -18.30
C PRO A 1340 9.05 -64.34 -17.29
N PRO A 1341 10.19 -65.04 -17.19
CA PRO A 1341 11.21 -64.67 -16.20
C PRO A 1341 12.00 -63.43 -16.58
N GLU A 1342 12.35 -63.29 -17.87
CA GLU A 1342 13.15 -62.14 -18.30
C GLU A 1342 12.41 -60.84 -18.07
N THR A 1343 11.09 -60.84 -18.27
CA THR A 1343 10.28 -59.68 -17.91
C THR A 1343 10.42 -59.36 -16.43
N ALA A 1344 10.45 -60.40 -15.58
CA ALA A 1344 10.63 -60.19 -14.15
C ALA A 1344 11.99 -59.56 -13.86
N CYS A 1345 13.04 -60.03 -14.54
CA CYS A 1345 14.35 -59.42 -14.34
C CYS A 1345 14.36 -57.95 -14.76
N ARG A 1346 13.76 -57.64 -15.90
CA ARG A 1346 13.73 -56.25 -16.36
C ARG A 1346 12.96 -55.36 -15.40
N ALA A 1347 11.79 -55.84 -14.95
CA ALA A 1347 10.99 -55.06 -14.01
C ALA A 1347 11.73 -54.86 -12.70
N LEU A 1348 12.43 -55.89 -12.22
CA LEU A 1348 13.17 -55.77 -10.98
C LEU A 1348 14.34 -54.81 -11.13
N GLN A 1349 15.03 -54.84 -12.27
CA GLN A 1349 16.10 -53.89 -12.50
C GLN A 1349 15.56 -52.46 -12.47
N ASN A 1350 14.42 -52.22 -13.11
CA ASN A 1350 13.81 -50.89 -13.07
C ASN A 1350 13.43 -50.52 -11.64
N ALA A 1351 12.86 -51.46 -10.89
CA ALA A 1351 12.44 -51.18 -9.53
C ALA A 1351 13.62 -50.78 -8.65
N LEU A 1352 14.71 -51.56 -8.71
CA LEU A 1352 15.91 -51.20 -7.96
C LEU A 1352 16.52 -49.90 -8.45
N ASP A 1353 16.36 -49.58 -9.74
CA ASP A 1353 16.83 -48.30 -10.23
C ASP A 1353 16.07 -47.14 -9.59
N ARG A 1354 14.75 -47.30 -9.44
CA ARG A 1354 13.95 -46.23 -8.83
C ARG A 1354 13.80 -46.39 -7.32
N ALA A 1355 13.71 -47.63 -6.83
CA ALA A 1355 13.58 -47.92 -5.41
C ALA A 1355 12.30 -47.34 -4.82
N GLU A 1356 11.17 -47.74 -5.40
CA GLU A 1356 9.86 -47.36 -4.90
C GLU A 1356 9.51 -48.19 -3.66
N VAL A 1357 8.44 -47.78 -2.98
CA VAL A 1357 8.07 -48.44 -1.72
C VAL A 1357 6.88 -49.37 -1.87
N CYS A 1358 6.24 -49.43 -3.04
CA CYS A 1358 5.10 -50.34 -3.26
C CYS A 1358 5.02 -50.72 -4.74
N PRO A 1359 6.00 -51.49 -5.23
CA PRO A 1359 5.96 -51.95 -6.63
C PRO A 1359 5.25 -53.28 -6.83
N ILE A 1360 3.92 -53.24 -6.82
CA ILE A 1360 3.13 -54.42 -7.15
C ILE A 1360 3.42 -54.81 -8.60
N VAL A 1361 3.93 -56.02 -8.79
CA VAL A 1361 4.32 -56.51 -10.11
C VAL A 1361 3.44 -57.69 -10.46
N ILE A 1362 2.47 -57.47 -11.36
CA ILE A 1362 1.56 -58.52 -11.78
C ILE A 1362 0.83 -58.08 -13.05
N ASP A 1363 0.38 -59.04 -13.84
CA ASP A 1363 -0.45 -58.80 -15.01
C ASP A 1363 -1.82 -59.44 -14.76
N VAL A 1364 -2.88 -58.67 -14.93
CA VAL A 1364 -4.23 -59.17 -14.70
C VAL A 1364 -5.15 -58.60 -15.77
N ARG A 1365 -6.18 -59.36 -16.11
CA ARG A 1365 -7.20 -58.96 -17.08
C ARG A 1365 -8.43 -58.51 -16.30
N TRP A 1366 -8.65 -57.20 -16.25
CA TRP A 1366 -9.68 -56.65 -15.35
C TRP A 1366 -11.08 -56.99 -15.81
N ASP A 1367 -11.29 -57.19 -17.12
CA ASP A 1367 -12.63 -57.38 -17.65
C ASP A 1367 -13.36 -58.51 -16.95
N ARG A 1368 -12.69 -59.62 -16.72
CA ARG A 1368 -13.26 -60.69 -15.92
C ARG A 1368 -12.87 -60.62 -14.45
N PHE A 1369 -11.79 -59.90 -14.13
CA PHE A 1369 -11.33 -59.83 -12.74
C PHE A 1369 -12.33 -59.10 -11.85
N LEU A 1370 -12.90 -57.99 -12.35
CA LEU A 1370 -13.91 -57.29 -11.56
C LEU A 1370 -15.13 -58.16 -11.32
N LEU A 1371 -15.58 -58.88 -12.34
CA LEU A 1371 -16.75 -59.74 -12.18
C LEU A 1371 -16.47 -60.86 -11.19
N ALA A 1372 -15.26 -61.45 -11.25
CA ALA A 1372 -14.93 -62.54 -10.34
C ALA A 1372 -14.77 -62.03 -8.91
N TYR A 1373 -14.14 -60.87 -8.73
CA TYR A 1373 -13.88 -60.37 -7.38
C TYR A 1373 -15.15 -59.84 -6.73
N THR A 1374 -16.00 -59.16 -7.50
CA THR A 1374 -17.24 -58.63 -6.94
C THR A 1374 -18.13 -59.75 -6.43
N ALA A 1375 -18.59 -60.62 -7.35
CA ALA A 1375 -19.39 -61.79 -7.00
C ALA A 1375 -20.59 -61.39 -6.15
N GLN A 1376 -20.45 -61.55 -4.82
CA GLN A 1376 -21.51 -61.20 -3.88
C GLN A 1376 -21.15 -60.08 -2.92
N ARG A 1377 -19.87 -59.74 -2.79
CA ARG A 1377 -19.45 -58.70 -1.84
C ARG A 1377 -19.08 -57.43 -2.59
N PRO A 1378 -19.82 -56.34 -2.41
CA PRO A 1378 -19.42 -55.07 -3.04
C PRO A 1378 -18.12 -54.55 -2.44
N THR A 1379 -17.35 -53.84 -3.27
CA THR A 1379 -16.07 -53.31 -2.85
C THR A 1379 -15.83 -51.96 -3.52
N ARG A 1380 -15.24 -51.03 -2.78
CA ARG A 1380 -14.88 -49.71 -3.27
C ARG A 1380 -13.36 -49.57 -3.40
N LEU A 1381 -12.69 -50.64 -3.81
CA LEU A 1381 -11.24 -50.66 -3.88
C LEU A 1381 -10.72 -50.25 -5.25
N PHE A 1382 -11.14 -50.97 -6.29
CA PHE A 1382 -10.60 -50.77 -7.64
C PHE A 1382 -11.34 -49.64 -8.36
N ASP A 1383 -11.33 -48.46 -7.73
CA ASP A 1383 -11.99 -47.29 -8.28
C ASP A 1383 -11.01 -46.26 -8.86
N GLU A 1384 -9.71 -46.56 -8.88
CA GLU A 1384 -8.72 -45.65 -9.42
C GLU A 1384 -8.07 -46.19 -10.69
N ILE A 1385 -8.66 -47.20 -11.30
CA ILE A 1385 -8.18 -47.78 -12.55
C ILE A 1385 -9.14 -47.38 -13.65
N ASP A 1386 -8.61 -46.71 -14.68
CA ASP A 1386 -9.47 -46.24 -15.77
C ASP A 1386 -10.12 -47.39 -16.51
N ASP A 1387 -9.39 -48.49 -16.71
CA ASP A 1387 -9.97 -49.65 -17.37
C ASP A 1387 -11.05 -50.31 -16.51
N ALA A 1388 -10.92 -50.23 -15.18
CA ALA A 1388 -11.92 -50.82 -14.30
C ALA A 1388 -13.25 -50.09 -14.40
N ARG A 1389 -13.24 -48.80 -14.74
CA ARG A 1389 -14.49 -48.06 -14.85
C ARG A 1389 -15.36 -48.61 -15.97
N ARG A 1390 -14.76 -48.97 -17.10
CA ARG A 1390 -15.50 -49.53 -18.22
C ARG A 1390 -14.91 -50.87 -18.65
N LEU A 1404 -30.20 -35.95 -44.20
CA LEU A 1404 -30.51 -35.68 -42.81
C LEU A 1404 -31.58 -34.58 -42.70
N ALA A 1405 -31.55 -33.64 -43.64
CA ALA A 1405 -32.50 -32.53 -43.65
C ALA A 1405 -33.77 -32.93 -44.40
N SER A 1406 -34.47 -33.93 -43.85
CA SER A 1406 -35.71 -34.40 -44.44
C SER A 1406 -36.82 -33.37 -44.32
N LEU A 1407 -36.68 -32.38 -43.44
CA LEU A 1407 -37.67 -31.35 -43.21
C LEU A 1407 -39.05 -31.94 -42.87
N PRO A 1408 -39.18 -32.64 -41.73
CA PRO A 1408 -40.49 -33.15 -41.32
C PRO A 1408 -41.33 -32.08 -40.62
N ALA A 1409 -42.45 -32.50 -40.05
CA ALA A 1409 -43.35 -31.63 -39.29
C ALA A 1409 -42.60 -30.88 -38.19
N PRO A 1410 -43.17 -29.81 -37.61
CA PRO A 1410 -42.41 -28.97 -36.67
C PRO A 1410 -41.73 -29.70 -35.51
N GLU A 1411 -42.01 -31.00 -35.33
CA GLU A 1411 -41.30 -31.75 -34.28
C GLU A 1411 -39.80 -31.80 -34.55
N ARG A 1412 -39.38 -31.59 -35.81
CA ARG A 1412 -37.95 -31.48 -36.11
C ARG A 1412 -37.30 -30.39 -35.26
N GLU A 1413 -38.03 -29.31 -34.97
CA GLU A 1413 -37.50 -28.26 -34.11
C GLU A 1413 -37.10 -28.84 -32.75
N LYS A 1414 -37.94 -29.72 -32.20
CA LYS A 1414 -37.57 -30.42 -30.97
C LYS A 1414 -36.24 -31.13 -31.14
N ALA A 1415 -36.10 -31.88 -32.24
CA ALA A 1415 -34.82 -32.50 -32.54
C ALA A 1415 -33.72 -31.46 -32.66
N LEU A 1416 -34.03 -30.34 -33.33
CA LEU A 1416 -33.08 -29.23 -33.35
C LEU A 1416 -32.78 -28.75 -31.94
N PHE A 1417 -33.81 -28.61 -31.11
CA PHE A 1417 -33.61 -28.22 -29.73
C PHE A 1417 -32.74 -29.20 -28.97
N GLU A 1418 -32.63 -30.45 -29.46
CA GLU A 1418 -31.77 -31.41 -28.80
C GLU A 1418 -30.32 -31.30 -29.27
N LEU A 1419 -30.09 -30.85 -30.51
CA LEU A 1419 -28.71 -30.82 -30.99
C LEU A 1419 -27.92 -29.67 -30.38
N VAL A 1420 -28.53 -28.49 -30.29
CA VAL A 1420 -27.79 -27.32 -29.79
C VAL A 1420 -27.34 -27.55 -28.35
N ARG A 1421 -28.25 -28.05 -27.50
CA ARG A 1421 -27.91 -28.32 -26.12
C ARG A 1421 -26.78 -29.34 -26.00
N SER A 1422 -26.56 -30.16 -27.03
CA SER A 1422 -25.39 -31.02 -27.06
C SER A 1422 -24.16 -30.26 -27.56
N HIS A 1423 -24.33 -29.52 -28.66
CA HIS A 1423 -23.18 -28.88 -29.30
C HIS A 1423 -22.52 -27.88 -28.37
N ALA A 1424 -23.32 -27.14 -27.60
CA ALA A 1424 -22.75 -26.23 -26.62
C ALA A 1424 -21.99 -26.99 -25.53
N ALA A 1425 -22.54 -28.13 -25.09
CA ALA A 1425 -21.96 -28.84 -23.96
C ALA A 1425 -20.52 -29.26 -24.26
N ALA A 1426 -20.31 -29.93 -25.39
CA ALA A 1426 -18.96 -30.31 -25.78
C ALA A 1426 -18.06 -29.09 -25.94
N VAL A 1427 -18.63 -27.95 -26.30
CA VAL A 1427 -17.84 -26.72 -26.35
C VAL A 1427 -17.50 -26.26 -24.94
N LEU A 1428 -18.47 -26.31 -24.03
CA LEU A 1428 -18.24 -25.81 -22.68
C LEU A 1428 -17.43 -26.79 -21.83
N GLY A 1429 -17.51 -28.08 -22.13
CA GLY A 1429 -16.80 -29.08 -21.37
C GLY A 1429 -17.63 -29.83 -20.35
N HIS A 1430 -18.94 -29.56 -20.28
CA HIS A 1430 -19.80 -30.28 -19.36
C HIS A 1430 -19.87 -31.76 -19.74
N ALA A 1431 -19.72 -32.63 -18.74
CA ALA A 1431 -19.78 -34.06 -19.00
C ALA A 1431 -21.18 -34.48 -19.46
N SER A 1432 -22.21 -33.94 -18.82
CA SER A 1432 -23.60 -34.26 -19.16
C SER A 1432 -24.21 -33.09 -19.93
N ALA A 1433 -24.76 -33.40 -21.11
CA ALA A 1433 -25.31 -32.35 -21.96
C ALA A 1433 -26.55 -31.69 -21.36
N GLU A 1434 -27.21 -32.34 -20.39
CA GLU A 1434 -28.42 -31.77 -19.82
C GLU A 1434 -28.16 -30.58 -18.92
N ARG A 1435 -26.92 -30.39 -18.47
CA ARG A 1435 -26.59 -29.33 -17.52
C ARG A 1435 -26.38 -27.99 -18.24
N VAL A 1436 -27.43 -27.55 -18.94
CA VAL A 1436 -27.42 -26.27 -19.63
C VAL A 1436 -28.77 -25.59 -19.41
N PRO A 1437 -28.83 -24.48 -18.68
CA PRO A 1437 -30.11 -23.76 -18.55
C PRO A 1437 -30.60 -23.26 -19.89
N ALA A 1438 -31.93 -23.26 -20.04
CA ALA A 1438 -32.56 -22.84 -21.29
C ALA A 1438 -32.76 -21.33 -21.33
N ASP A 1439 -33.35 -20.75 -20.29
CA ASP A 1439 -33.65 -19.33 -20.30
C ASP A 1439 -32.38 -18.48 -20.21
N GLN A 1440 -31.38 -18.94 -19.45
CA GLN A 1440 -30.17 -18.14 -19.25
C GLN A 1440 -29.39 -18.01 -20.55
N ALA A 1441 -28.88 -16.81 -20.80
CA ALA A 1441 -28.14 -16.53 -22.02
C ALA A 1441 -26.74 -17.12 -21.93
N PHE A 1442 -26.03 -17.07 -23.07
CA PHE A 1442 -24.68 -17.61 -23.15
C PHE A 1442 -23.67 -16.75 -22.40
N ALA A 1443 -24.01 -15.49 -22.09
CA ALA A 1443 -23.06 -14.61 -21.43
C ALA A 1443 -22.70 -15.13 -20.04
N GLU A 1444 -23.67 -15.63 -19.30
CA GLU A 1444 -23.40 -16.16 -17.97
C GLU A 1444 -22.57 -17.44 -18.05
N LEU A 1445 -22.79 -18.26 -19.07
CA LEU A 1445 -22.13 -19.56 -19.19
C LEU A 1445 -20.62 -19.44 -19.38
N GLY A 1446 -20.10 -18.25 -19.70
CA GLY A 1446 -18.68 -18.07 -19.87
C GLY A 1446 -18.18 -18.11 -21.30
N VAL A 1447 -19.09 -18.08 -22.29
CA VAL A 1447 -18.66 -18.07 -23.68
C VAL A 1447 -17.93 -16.78 -23.99
N ASP A 1448 -17.00 -16.83 -24.94
CA ASP A 1448 -16.21 -15.67 -25.32
C ASP A 1448 -15.81 -15.73 -26.79
O 4HH A 1449 -13.92 -16.57 -30.28
C 4HH A 1449 -13.81 -16.29 -29.05
CA 4HH A 1449 -14.31 -14.91 -28.51
N 4HH A 1449 -14.79 -14.97 -27.15
CB 4HH A 1449 -13.15 -13.91 -28.71
OG 4HH A 1449 -13.60 -12.74 -29.34
CJ 4HH A 1449 -11.11 -10.27 -28.31
CK 4HH A 1449 -9.85 -11.13 -28.11
CL1 4HH A 1449 -9.99 -11.99 -26.86
CL2 4HH A 1449 -9.69 -12.07 -29.30
CL3 4HH A 1449 -8.65 -8.99 -28.89
CM 4HH A 1449 -8.59 -10.23 -27.99
OM 4HH A 1449 -7.39 -10.92 -28.28
NN 4HH A 1449 -8.51 -7.74 -28.31
ON 4HH A 1449 -8.81 -9.11 -30.13
P 4HH A 1449 -13.50 -11.33 -28.54
O1P 4HH A 1449 -13.27 -11.68 -27.11
O2P 4HH A 1449 -14.50 -10.35 -28.98
O3P 4HH A 1449 -12.03 -10.86 -29.16
CO 4HH A 1449 -8.32 -7.60 -26.88
CP 4HH A 1449 -7.46 -6.38 -26.52
CQ 4HH A 1449 -6.18 -6.83 -25.83
CS 4HH A 1449 -4.48 -6.35 -24.14
CT 4HH A 1449 -3.20 -5.99 -24.88
NR 4HH A 1449 -5.68 -6.01 -24.85
OR 4HH A 1449 -5.62 -7.90 -26.15
SU 4HH A 1449 -1.85 -7.03 -24.40
N LEU A 1450 -13.30 -17.12 -28.15
CA LEU A 1450 -12.78 -18.44 -28.54
C LEU A 1450 -13.89 -19.46 -28.65
N SER A 1451 -14.52 -19.76 -27.52
CA SER A 1451 -15.51 -20.85 -27.46
C SER A 1451 -16.64 -20.65 -28.45
N ALA A 1452 -17.04 -19.39 -28.69
CA ALA A 1452 -18.13 -19.14 -29.64
C ALA A 1452 -17.71 -19.47 -31.06
N LEU A 1453 -16.45 -19.17 -31.42
CA LEU A 1453 -16.03 -19.24 -32.82
C LEU A 1453 -16.28 -20.62 -33.40
N GLU A 1454 -15.58 -21.63 -32.89
CA GLU A 1454 -15.82 -22.99 -33.38
C GLU A 1454 -17.25 -23.44 -33.14
N LEU A 1455 -17.92 -22.87 -32.14
CA LEU A 1455 -19.33 -23.18 -31.92
C LEU A 1455 -20.14 -22.93 -33.19
N ARG A 1456 -19.79 -21.88 -33.94
CA ARG A 1456 -20.42 -21.67 -35.23
C ARG A 1456 -20.03 -22.76 -36.23
N ASN A 1457 -18.72 -23.02 -36.34
CA ASN A 1457 -18.24 -23.91 -37.40
C ASN A 1457 -18.79 -25.32 -37.23
N ARG A 1458 -18.66 -25.89 -36.03
CA ARG A 1458 -19.22 -27.20 -35.78
C ARG A 1458 -20.73 -27.22 -35.89
N LEU A 1459 -21.37 -26.06 -35.78
CA LEU A 1459 -22.80 -25.98 -36.03
C LEU A 1459 -23.11 -26.00 -37.53
N GLY A 1460 -22.24 -25.39 -38.33
CA GLY A 1460 -22.50 -25.33 -39.76
C GLY A 1460 -22.43 -26.69 -40.43
N ALA A 1461 -21.36 -27.45 -40.14
CA ALA A 1461 -21.16 -28.73 -40.82
C ALA A 1461 -22.31 -29.69 -40.53
N ALA A 1462 -22.84 -29.66 -39.31
CA ALA A 1462 -23.97 -30.52 -38.98
C ALA A 1462 -25.23 -30.06 -39.73
N THR A 1463 -25.38 -28.76 -39.94
CA THR A 1463 -26.60 -28.20 -40.52
C THR A 1463 -26.45 -27.87 -42.00
N GLY A 1464 -25.38 -27.16 -42.38
CA GLY A 1464 -25.16 -26.72 -43.73
C GLY A 1464 -25.54 -25.27 -43.99
N VAL A 1465 -26.33 -24.66 -43.11
CA VAL A 1465 -26.68 -23.26 -43.27
C VAL A 1465 -25.53 -22.37 -42.83
N ARG A 1466 -25.56 -21.12 -43.28
CA ARG A 1466 -24.54 -20.14 -42.96
C ARG A 1466 -25.09 -19.10 -42.00
N LEU A 1467 -24.35 -18.83 -40.94
CA LEU A 1467 -24.71 -17.84 -39.94
C LEU A 1467 -23.53 -16.92 -39.69
N PRO A 1468 -23.79 -15.66 -39.32
CA PRO A 1468 -22.67 -14.70 -39.18
C PRO A 1468 -22.03 -14.75 -37.80
N THR A 1469 -20.96 -13.97 -37.63
CA THR A 1469 -20.24 -13.94 -36.35
C THR A 1469 -21.09 -13.33 -35.24
N THR A 1470 -21.95 -12.37 -35.58
CA THR A 1470 -22.78 -11.65 -34.61
C THR A 1470 -23.89 -12.51 -34.02
N THR A 1471 -23.96 -13.80 -34.38
CA THR A 1471 -25.09 -14.63 -33.94
C THR A 1471 -25.22 -14.64 -32.42
N VAL A 1472 -24.11 -14.69 -31.70
CA VAL A 1472 -24.17 -14.73 -30.24
C VAL A 1472 -24.82 -13.47 -29.67
N PHE A 1473 -24.58 -12.32 -30.30
CA PHE A 1473 -25.28 -11.11 -29.88
C PHE A 1473 -26.68 -11.01 -30.47
N ASP A 1474 -26.97 -11.75 -31.54
CA ASP A 1474 -28.32 -11.74 -32.09
C ASP A 1474 -29.28 -12.55 -31.22
N HIS A 1475 -28.84 -13.70 -30.74
CA HIS A 1475 -29.66 -14.59 -29.92
C HIS A 1475 -28.91 -14.87 -28.62
N PRO A 1476 -29.20 -14.12 -27.54
CA PRO A 1476 -28.43 -14.30 -26.31
C PRO A 1476 -28.50 -15.71 -25.72
N ASP A 1477 -29.65 -16.36 -25.80
CA ASP A 1477 -29.85 -17.65 -25.15
C ASP A 1477 -30.07 -18.75 -26.19
N VAL A 1478 -30.14 -19.98 -25.69
CA VAL A 1478 -30.29 -21.14 -26.57
C VAL A 1478 -31.66 -21.15 -27.23
N ARG A 1479 -32.70 -20.69 -26.54
CA ARG A 1479 -34.05 -20.74 -27.10
C ARG A 1479 -34.17 -19.87 -28.34
N THR A 1480 -33.69 -18.62 -28.25
CA THR A 1480 -33.78 -17.72 -29.40
C THR A 1480 -32.94 -18.23 -30.57
N LEU A 1481 -31.74 -18.74 -30.28
CA LEU A 1481 -30.89 -19.27 -31.34
C LEU A 1481 -31.54 -20.46 -32.02
N ALA A 1482 -32.13 -21.37 -31.23
CA ALA A 1482 -32.80 -22.52 -31.81
C ALA A 1482 -33.99 -22.11 -32.65
N ALA A 1483 -34.78 -21.15 -32.17
CA ALA A 1483 -35.92 -20.67 -32.95
C ALA A 1483 -35.47 -20.03 -34.26
N HIS A 1484 -34.42 -19.21 -34.21
CA HIS A 1484 -33.91 -18.58 -35.43
C HIS A 1484 -33.37 -19.63 -36.41
N LEU A 1485 -32.65 -20.63 -35.90
CA LEU A 1485 -32.13 -21.68 -36.76
C LEU A 1485 -33.25 -22.48 -37.41
N THR A 1486 -34.30 -22.78 -36.64
CA THR A 1486 -35.45 -23.49 -37.21
C THR A 1486 -36.14 -22.64 -38.28
N SER A 1487 -36.28 -21.34 -38.02
CA SER A 1487 -36.90 -20.47 -39.01
C SER A 1487 -36.01 -20.21 -40.21
N GLU A 1488 -34.71 -20.50 -40.11
CA GLU A 1488 -33.80 -20.26 -41.23
C GLU A 1488 -34.14 -21.16 -42.42
N LEU A 1489 -34.12 -22.48 -42.21
CA LEU A 1489 -34.41 -23.44 -43.27
C LEU A 1489 -35.81 -24.00 -43.07
N GLY A 1490 -36.56 -24.09 -44.16
CA GLY A 1490 -37.92 -24.60 -44.11
C GLY A 1490 -38.93 -23.56 -43.66
N ALA B 2 -15.92 56.10 11.68
CA ALA B 2 -16.14 55.21 12.82
C ALA B 2 -15.25 53.98 12.73
N SER B 3 -15.20 53.21 13.82
CA SER B 3 -14.40 51.99 13.91
C SER B 3 -12.93 52.27 13.60
N THR B 4 -12.39 53.33 14.18
CA THR B 4 -11.01 53.73 13.91
C THR B 4 -10.06 52.84 14.69
N ASP B 5 -9.35 51.97 13.98
CA ASP B 5 -8.28 51.13 14.52
C ASP B 5 -8.75 50.13 15.56
N SER B 6 -10.05 50.08 15.84
CA SER B 6 -10.58 49.19 16.88
C SER B 6 -11.26 47.95 16.31
N GLU B 7 -12.25 48.12 15.44
CA GLU B 7 -12.95 46.99 14.87
C GLU B 7 -12.39 46.53 13.52
N LYS B 8 -11.75 47.43 12.77
CA LYS B 8 -11.31 47.10 11.42
C LYS B 8 -10.27 45.97 11.43
N VAL B 9 -9.31 46.03 12.35
CA VAL B 9 -8.24 45.03 12.35
C VAL B 9 -8.65 43.74 13.08
N ALA B 10 -9.59 43.82 14.01
CA ALA B 10 -10.01 42.62 14.75
C ALA B 10 -10.64 41.60 13.81
N GLU B 11 -11.47 42.05 12.88
CA GLU B 11 -12.11 41.14 11.94
C GLU B 11 -11.07 40.44 11.07
N TYR B 12 -10.09 41.19 10.57
CA TYR B 12 -9.04 40.59 9.76
C TYR B 12 -8.21 39.60 10.57
N LEU B 13 -7.92 39.93 11.82
CA LEU B 13 -7.19 38.99 12.68
C LEU B 13 -7.97 37.70 12.88
N ARG B 14 -9.28 37.82 13.15
CA ARG B 14 -10.09 36.63 13.33
C ARG B 14 -10.14 35.77 12.07
N ARG B 15 -10.30 36.42 10.90
CA ARG B 15 -10.34 35.67 9.65
C ARG B 15 -9.01 34.98 9.38
N ALA B 16 -7.90 35.66 9.62
CA ALA B 16 -6.59 35.05 9.41
C ALA B 16 -6.38 33.87 10.35
N THR B 17 -6.80 34.00 11.61
CA THR B 17 -6.68 32.88 12.55
C THR B 17 -7.51 31.69 12.09
N LEU B 18 -8.74 31.95 11.62
CA LEU B 18 -9.57 30.86 11.13
C LEU B 18 -8.93 30.16 9.94
N ASP B 19 -8.39 30.94 8.99
CA ASP B 19 -7.76 30.34 7.83
C ASP B 19 -6.55 29.51 8.22
N LEU B 20 -5.73 30.02 9.14
CA LEU B 20 -4.56 29.27 9.59
C LEU B 20 -4.96 27.97 10.26
N ARG B 21 -6.00 28.01 11.11
CA ARG B 21 -6.47 26.80 11.77
C ARG B 21 -6.96 25.78 10.75
N ALA B 22 -7.72 26.22 9.75
CA ALA B 22 -8.21 25.31 8.73
C ALA B 22 -7.07 24.69 7.94
N ALA B 23 -6.08 25.50 7.57
CA ALA B 23 -4.94 24.98 6.81
C ALA B 23 -4.16 23.95 7.60
N ARG B 24 -3.92 24.22 8.89
CA ARG B 24 -3.17 23.26 9.70
C ARG B 24 -3.96 21.98 9.93
N GLN B 25 -5.29 22.09 10.10
CA GLN B 25 -6.11 20.91 10.21
C GLN B 25 -6.04 20.07 8.93
N ARG B 26 -6.06 20.74 7.77
CA ARG B 26 -5.93 20.02 6.51
C ARG B 26 -4.57 19.33 6.40
N ILE B 27 -3.51 19.99 6.85
CA ILE B 27 -2.19 19.37 6.84
C ILE B 27 -2.18 18.11 7.69
N ARG B 28 -2.73 18.20 8.90
CA ARG B 28 -2.76 17.04 9.78
C ARG B 28 -3.57 15.90 9.18
N GLU B 29 -4.73 16.23 8.59
CA GLU B 29 -5.56 15.19 7.97
C GLU B 29 -4.83 14.52 6.81
N LEU B 30 -4.16 15.31 5.97
CA LEU B 30 -3.45 14.76 4.83
C LEU B 30 -2.29 13.86 5.28
N GLU B 31 -1.59 14.25 6.34
CA GLU B 31 -0.40 13.50 6.74
C GLU B 31 -0.74 12.25 7.54
N GLY B 32 -1.57 12.38 8.57
CA GLY B 32 -1.72 11.30 9.53
C GLY B 32 -3.14 10.84 9.84
N GLU B 33 -4.01 10.79 8.85
CA GLU B 33 -5.38 10.34 9.08
C GLU B 33 -5.38 8.84 9.35
N PRO B 34 -5.86 8.39 10.51
CA PRO B 34 -5.94 6.95 10.77
C PRO B 34 -7.01 6.29 9.92
N VAL B 35 -6.79 5.02 9.60
CA VAL B 35 -7.74 4.25 8.82
C VAL B 35 -8.37 3.19 9.73
N ALA B 36 -9.51 2.66 9.30
CA ALA B 36 -10.30 1.74 10.09
C ALA B 36 -10.50 0.44 9.32
N VAL B 37 -10.43 -0.67 10.05
CA VAL B 37 -10.68 -2.00 9.51
C VAL B 37 -12.17 -2.32 9.69
N VAL B 38 -12.84 -2.63 8.58
CA VAL B 38 -14.27 -2.90 8.64
C VAL B 38 -14.54 -4.38 8.86
N ALA B 39 -13.89 -5.25 8.09
CA ALA B 39 -14.11 -6.68 8.22
C ALA B 39 -12.86 -7.43 7.79
N MET B 40 -12.79 -8.70 8.17
CA MET B 40 -11.65 -9.55 7.87
C MET B 40 -12.15 -10.91 7.39
N ALA B 41 -11.33 -11.56 6.56
CA ALA B 41 -11.63 -12.91 6.09
C ALA B 41 -10.33 -13.69 6.03
N CYS B 42 -10.40 -14.98 6.35
CA CYS B 42 -9.19 -15.78 6.49
C CYS B 42 -9.45 -17.23 6.11
N ARG B 43 -8.39 -17.91 5.70
CA ARG B 43 -8.38 -19.35 5.46
C ARG B 43 -7.02 -19.88 5.92
N LEU B 44 -7.02 -20.68 6.97
CA LEU B 44 -5.82 -21.12 7.66
C LEU B 44 -5.74 -22.65 7.66
N PRO B 45 -4.55 -23.21 7.84
CA PRO B 45 -4.42 -24.68 7.91
C PRO B 45 -5.23 -25.24 9.06
N GLY B 46 -5.72 -26.46 8.85
CA GLY B 46 -6.59 -27.10 9.82
C GLY B 46 -8.06 -26.96 9.44
N GLY B 47 -8.94 -26.97 10.42
CA GLY B 47 -10.35 -26.78 10.18
C GLY B 47 -10.81 -25.35 10.16
N VAL B 48 -9.88 -24.39 10.21
CA VAL B 48 -10.22 -22.98 10.34
C VAL B 48 -10.72 -22.46 8.99
N SER B 49 -11.93 -21.91 8.98
CA SER B 49 -12.50 -21.26 7.81
C SER B 49 -13.09 -19.90 8.09
N THR B 50 -13.35 -19.55 9.36
CA THR B 50 -13.86 -18.27 9.78
C THR B 50 -13.03 -17.74 10.93
N PRO B 51 -12.98 -16.41 11.13
CA PRO B 51 -12.17 -15.88 12.23
C PRO B 51 -12.60 -16.36 13.60
N GLU B 52 -13.87 -16.71 13.78
CA GLU B 52 -14.32 -17.24 15.06
C GLU B 52 -13.62 -18.55 15.39
N GLU B 53 -13.50 -19.44 14.42
CA GLU B 53 -12.78 -20.69 14.64
C GLU B 53 -11.30 -20.43 14.90
N PHE B 54 -10.72 -19.43 14.23
CA PHE B 54 -9.33 -19.06 14.47
C PHE B 54 -9.13 -18.63 15.92
N TRP B 55 -10.02 -17.77 16.41
CA TRP B 55 -9.90 -17.32 17.80
C TRP B 55 -10.14 -18.47 18.77
N GLU B 56 -11.08 -19.36 18.47
CA GLU B 56 -11.31 -20.50 19.35
C GLU B 56 -10.07 -21.38 19.43
N LEU B 57 -9.43 -21.65 18.28
CA LEU B 57 -8.20 -22.43 18.27
C LEU B 57 -7.09 -21.74 19.05
N LEU B 58 -6.96 -20.42 18.87
CA LEU B 58 -5.92 -19.68 19.59
C LEU B 58 -6.15 -19.74 21.09
N SER B 59 -7.40 -19.56 21.54
CA SER B 59 -7.70 -19.56 22.96
C SER B 59 -7.49 -20.95 23.56
N GLU B 60 -7.93 -22.00 22.87
CA GLU B 60 -7.78 -23.35 23.41
C GLU B 60 -6.35 -23.87 23.30
N GLY B 61 -5.48 -23.20 22.54
CA GLY B 61 -4.09 -23.60 22.44
C GLY B 61 -3.89 -24.91 21.72
N ARG B 62 -4.16 -24.93 20.41
CA ARG B 62 -4.07 -26.14 19.61
C ARG B 62 -3.31 -25.86 18.33
N ASP B 63 -2.50 -26.83 17.91
CA ASP B 63 -1.76 -26.74 16.66
C ASP B 63 -2.51 -27.46 15.55
N ALA B 64 -2.15 -27.13 14.32
CA ALA B 64 -2.85 -27.63 13.13
C ALA B 64 -1.88 -28.23 12.13
N VAL B 65 -0.96 -29.07 12.60
CA VAL B 65 0.00 -29.75 11.74
C VAL B 65 -0.25 -31.25 11.84
N ALA B 66 -0.59 -31.86 10.70
CA ALA B 66 -0.90 -33.28 10.67
C ALA B 66 0.04 -34.09 9.78
N GLY B 67 0.19 -33.70 8.52
CA GLY B 67 0.98 -34.49 7.58
C GLY B 67 1.05 -33.91 6.19
N LEU B 68 0.86 -34.75 5.17
CA LEU B 68 0.99 -34.33 3.79
C LEU B 68 -0.29 -34.68 3.02
N PRO B 69 -0.60 -33.94 1.95
CA PRO B 69 -1.82 -34.24 1.18
C PRO B 69 -1.61 -35.38 0.20
N THR B 70 -2.65 -36.22 0.07
CA THR B 70 -2.63 -37.37 -0.81
C THR B 70 -3.59 -37.22 -1.99
N ASP B 71 -4.02 -36.00 -2.28
CA ASP B 71 -4.98 -35.74 -3.33
C ASP B 71 -4.36 -35.16 -4.59
N ARG B 72 -3.27 -34.41 -4.46
CA ARG B 72 -2.70 -33.63 -5.55
C ARG B 72 -1.69 -34.43 -6.38
N GLY B 73 -1.81 -35.75 -6.39
CA GLY B 73 -1.03 -36.56 -7.31
C GLY B 73 0.46 -36.58 -7.07
N TRP B 74 0.91 -36.17 -5.89
CA TRP B 74 2.32 -36.20 -5.58
C TRP B 74 2.84 -37.64 -5.56
N ASP B 75 4.13 -37.79 -5.89
CA ASP B 75 4.76 -39.10 -5.75
C ASP B 75 4.71 -39.56 -4.30
N LEU B 76 5.03 -38.66 -3.36
CA LEU B 76 4.94 -38.85 -1.92
C LEU B 76 5.94 -39.89 -1.42
N ASP B 77 6.67 -40.57 -2.30
CA ASP B 77 7.39 -41.77 -1.93
C ASP B 77 8.90 -41.60 -2.08
N SER B 78 9.38 -41.25 -3.27
CA SER B 78 10.77 -40.91 -3.47
C SER B 78 11.10 -39.51 -2.99
N LEU B 79 10.14 -38.82 -2.37
CA LEU B 79 10.35 -37.47 -1.89
C LEU B 79 11.36 -37.40 -0.75
N PHE B 80 11.66 -38.52 -0.09
CA PHE B 80 12.69 -38.49 0.95
C PHE B 80 13.40 -39.85 0.98
N HIS B 81 14.49 -39.94 0.25
CA HIS B 81 15.47 -40.99 0.49
C HIS B 81 16.31 -40.56 1.69
N PRO B 82 16.36 -41.36 2.77
CA PRO B 82 16.97 -40.89 4.02
C PRO B 82 18.38 -40.32 3.92
N ASP B 83 19.03 -40.40 2.75
CA ASP B 83 20.22 -39.60 2.52
C ASP B 83 19.82 -38.21 2.03
N PRO B 84 20.19 -37.14 2.73
CA PRO B 84 19.67 -35.81 2.38
C PRO B 84 20.01 -35.34 0.97
N THR B 85 21.16 -35.74 0.42
CA THR B 85 21.70 -35.06 -0.75
C THR B 85 21.34 -35.71 -2.09
N ARG B 86 20.44 -36.69 -2.09
CA ARG B 86 20.00 -37.26 -3.35
C ARG B 86 18.98 -36.35 -4.03
N SER B 87 18.99 -36.38 -5.36
CA SER B 87 18.13 -35.47 -6.14
C SER B 87 16.68 -35.86 -6.01
N GLY B 88 15.82 -34.87 -5.75
CA GLY B 88 14.41 -35.12 -5.57
C GLY B 88 14.01 -35.56 -4.17
N THR B 89 14.85 -35.29 -3.17
CA THR B 89 14.63 -35.75 -1.81
C THR B 89 14.35 -34.55 -0.92
N ALA B 90 13.11 -34.44 -0.45
CA ALA B 90 12.73 -33.37 0.46
C ALA B 90 13.25 -33.68 1.86
N HIS B 91 12.84 -32.87 2.84
CA HIS B 91 13.21 -33.10 4.23
C HIS B 91 12.05 -33.05 5.21
N GLN B 92 10.91 -32.51 4.82
CA GLN B 92 9.78 -32.33 5.72
C GLN B 92 8.87 -33.55 5.66
N ARG B 93 8.78 -34.28 6.77
CA ARG B 93 7.84 -35.38 6.90
C ARG B 93 6.48 -34.91 7.43
N GLY B 94 6.17 -33.63 7.31
CA GLY B 94 4.91 -33.11 7.82
C GLY B 94 4.78 -31.64 7.49
N GLY B 95 3.64 -31.09 7.86
CA GLY B 95 3.36 -29.70 7.62
C GLY B 95 1.89 -29.41 7.79
N GLY B 96 1.55 -28.14 7.56
CA GLY B 96 0.16 -27.71 7.63
C GLY B 96 -0.35 -27.24 6.28
N PHE B 97 -1.27 -28.00 5.70
CA PHE B 97 -1.74 -27.75 4.35
C PHE B 97 -3.26 -27.66 4.31
N LEU B 98 -3.78 -26.81 3.43
CA LEU B 98 -5.21 -26.69 3.26
C LEU B 98 -5.78 -27.94 2.60
N THR B 99 -6.99 -28.30 3.01
CA THR B 99 -7.67 -29.49 2.49
C THR B 99 -8.81 -29.12 1.54
N GLU B 100 -8.95 -27.85 1.19
CA GLU B 100 -10.03 -27.40 0.32
C GLU B 100 -9.56 -26.83 -1.01
N ALA B 101 -8.25 -26.80 -1.28
CA ALA B 101 -7.75 -26.17 -2.50
C ALA B 101 -8.15 -26.93 -3.76
N THR B 102 -8.35 -28.24 -3.66
CA THR B 102 -8.66 -29.04 -4.85
C THR B 102 -10.07 -28.80 -5.36
N ALA B 103 -10.95 -28.20 -4.56
CA ALA B 103 -12.35 -28.04 -4.91
C ALA B 103 -12.66 -26.59 -5.28
N PHE B 104 -13.68 -26.43 -6.14
CA PHE B 104 -14.09 -25.11 -6.61
C PHE B 104 -15.53 -25.18 -7.09
N ASP B 105 -16.15 -24.01 -7.20
CA ASP B 105 -17.53 -23.87 -7.67
C ASP B 105 -17.55 -22.91 -8.85
N PRO B 106 -17.29 -23.39 -10.07
CA PRO B 106 -17.28 -22.49 -11.22
C PRO B 106 -18.65 -21.99 -11.63
N ALA B 107 -19.73 -22.63 -11.17
CA ALA B 107 -21.07 -22.24 -11.61
C ALA B 107 -21.50 -20.91 -11.00
N PHE B 108 -21.09 -20.63 -9.76
CA PHE B 108 -21.55 -19.41 -9.09
C PHE B 108 -21.08 -18.17 -9.84
N PHE B 109 -19.84 -18.16 -10.30
CA PHE B 109 -19.34 -17.07 -11.13
C PHE B 109 -19.59 -17.39 -12.61
N GLY B 110 -19.44 -16.37 -13.45
CA GLY B 110 -19.57 -16.57 -14.88
C GLY B 110 -18.35 -17.24 -15.45
N MET B 111 -18.13 -18.51 -15.11
CA MET B 111 -16.90 -19.21 -15.41
C MET B 111 -17.22 -20.53 -16.10
N SER B 112 -16.58 -20.77 -17.24
CA SER B 112 -16.77 -22.03 -17.94
C SER B 112 -15.91 -23.13 -17.31
N PRO B 113 -16.35 -24.38 -17.37
CA PRO B 113 -15.57 -25.46 -16.75
C PRO B 113 -14.14 -25.57 -17.25
N ARG B 114 -13.91 -25.32 -18.53
CA ARG B 114 -12.56 -25.43 -19.08
C ARG B 114 -11.65 -24.36 -18.48
N GLU B 115 -12.00 -23.08 -18.66
CA GLU B 115 -11.17 -22.01 -18.13
C GLU B 115 -11.13 -22.04 -16.61
N ALA B 116 -12.17 -22.60 -15.96
CA ALA B 116 -12.09 -22.84 -14.53
C ALA B 116 -11.01 -23.87 -14.21
N LEU B 117 -10.92 -24.93 -15.02
CA LEU B 117 -9.85 -25.90 -14.85
C LEU B 117 -8.49 -25.27 -15.10
N ALA B 118 -8.44 -24.20 -15.89
CA ALA B 118 -7.18 -23.50 -16.15
C ALA B 118 -6.79 -22.52 -15.05
N VAL B 119 -7.68 -22.23 -14.11
CA VAL B 119 -7.47 -21.13 -13.15
C VAL B 119 -6.58 -21.60 -12.00
N ASP B 120 -5.63 -20.74 -11.63
CA ASP B 120 -4.74 -21.03 -10.52
C ASP B 120 -5.52 -21.08 -9.20
N PRO B 121 -5.14 -21.96 -8.27
CA PRO B 121 -5.83 -22.00 -6.97
C PRO B 121 -5.76 -20.70 -6.18
N GLN B 122 -4.74 -19.86 -6.42
CA GLN B 122 -4.56 -18.67 -5.60
C GLN B 122 -5.66 -17.64 -5.86
N GLN B 123 -5.85 -17.23 -7.12
CA GLN B 123 -6.96 -16.36 -7.43
C GLN B 123 -8.30 -17.04 -7.17
N ARG B 124 -8.33 -18.36 -7.28
CA ARG B 124 -9.53 -19.13 -6.96
C ARG B 124 -9.96 -18.91 -5.52
N LEU B 125 -9.00 -18.94 -4.59
CA LEU B 125 -9.31 -18.65 -3.19
C LEU B 125 -9.57 -17.16 -2.99
N MET B 126 -8.87 -16.31 -3.72
CA MET B 126 -9.00 -14.87 -3.53
C MET B 126 -10.40 -14.38 -3.86
N LEU B 127 -11.01 -14.96 -4.90
CA LEU B 127 -12.37 -14.57 -5.26
C LEU B 127 -13.34 -14.83 -4.11
N GLU B 128 -13.29 -16.04 -3.56
CA GLU B 128 -14.17 -16.38 -2.44
C GLU B 128 -13.87 -15.51 -1.22
N LEU B 129 -12.59 -15.24 -0.97
CA LEU B 129 -12.23 -14.39 0.16
C LEU B 129 -12.84 -13.00 0.01
N SER B 130 -12.74 -12.43 -1.19
CA SER B 130 -13.29 -11.09 -1.43
C SER B 130 -14.80 -11.09 -1.25
N TRP B 131 -15.49 -12.08 -1.82
CA TRP B 131 -16.94 -12.12 -1.68
C TRP B 131 -17.36 -12.28 -0.23
N GLU B 132 -16.68 -13.15 0.52
CA GLU B 132 -17.03 -13.38 1.91
C GLU B 132 -16.79 -12.14 2.75
N VAL B 133 -15.67 -11.45 2.54
CA VAL B 133 -15.39 -10.25 3.35
C VAL B 133 -16.38 -9.14 3.00
N LEU B 134 -16.76 -9.03 1.72
CA LEU B 134 -17.75 -8.02 1.34
C LEU B 134 -19.09 -8.29 2.01
N GLU B 135 -19.53 -9.55 2.03
CA GLU B 135 -20.78 -9.86 2.72
C GLU B 135 -20.66 -9.64 4.22
N ARG B 136 -19.52 -9.99 4.80
CA ARG B 136 -19.33 -9.80 6.24
C ARG B 136 -19.35 -8.32 6.62
N ALA B 137 -18.89 -7.45 5.72
CA ALA B 137 -18.93 -6.01 6.01
C ALA B 137 -20.36 -5.49 6.09
N GLY B 138 -21.30 -6.14 5.41
CA GLY B 138 -22.68 -5.69 5.36
C GLY B 138 -23.04 -4.92 4.11
N ILE B 139 -22.10 -4.72 3.20
CA ILE B 139 -22.33 -3.98 1.96
C ILE B 139 -22.75 -4.98 0.89
N PRO B 140 -23.91 -4.81 0.26
CA PRO B 140 -24.31 -5.70 -0.82
C PRO B 140 -23.27 -5.73 -1.91
N PRO B 141 -22.73 -6.92 -2.25
CA PRO B 141 -21.67 -7.00 -3.25
C PRO B 141 -22.09 -6.50 -4.62
N THR B 142 -23.39 -6.45 -4.90
CA THR B 142 -23.86 -5.92 -6.18
C THR B 142 -23.99 -4.41 -6.18
N SER B 143 -23.88 -3.76 -5.02
CA SER B 143 -23.93 -2.31 -4.97
C SER B 143 -22.62 -1.68 -5.44
N LEU B 144 -21.51 -2.38 -5.28
CA LEU B 144 -20.19 -1.86 -5.68
C LEU B 144 -20.06 -2.00 -7.18
N GLN B 145 -20.55 -1.01 -7.91
CA GLN B 145 -20.48 -0.99 -9.37
C GLN B 145 -20.03 0.38 -9.84
N ALA B 146 -19.03 0.39 -10.71
CA ALA B 146 -18.51 1.63 -11.30
C ALA B 146 -18.11 2.64 -10.21
N SER B 147 -17.46 2.15 -9.17
CA SER B 147 -17.06 2.97 -8.05
C SER B 147 -15.57 2.80 -7.78
N PRO B 148 -14.91 3.85 -7.27
CA PRO B 148 -13.47 3.73 -6.98
C PRO B 148 -13.19 2.85 -5.78
N THR B 149 -12.66 1.66 -6.02
CA THR B 149 -12.32 0.72 -4.95
C THR B 149 -11.04 0.01 -5.32
N GLY B 150 -10.02 0.12 -4.47
CA GLY B 150 -8.72 -0.45 -4.76
C GLY B 150 -8.57 -1.88 -4.27
N VAL B 151 -7.81 -2.66 -5.03
CA VAL B 151 -7.52 -4.05 -4.71
C VAL B 151 -6.02 -4.24 -4.71
N PHE B 152 -5.49 -4.81 -3.64
CA PHE B 152 -4.06 -5.07 -3.51
C PHE B 152 -3.86 -6.50 -3.03
N VAL B 153 -3.06 -7.27 -3.77
CA VAL B 153 -2.87 -8.68 -3.50
C VAL B 153 -1.38 -8.97 -3.34
N GLY B 154 -1.05 -9.93 -2.47
CA GLY B 154 0.31 -10.39 -2.31
C GLY B 154 0.45 -11.88 -2.57
N LEU B 155 1.21 -12.23 -3.61
CA LEU B 155 1.34 -13.61 -4.05
C LEU B 155 2.80 -13.92 -4.32
N ILE B 156 3.04 -15.19 -4.66
CA ILE B 156 4.32 -15.66 -5.17
C ILE B 156 4.02 -16.50 -6.40
N PRO B 157 4.68 -16.26 -7.54
CA PRO B 157 4.22 -16.87 -8.80
C PRO B 157 4.15 -18.38 -8.78
N GLN B 158 5.27 -19.05 -8.52
CA GLN B 158 5.42 -20.51 -8.53
C GLN B 158 4.78 -21.07 -9.80
N GLU B 159 4.33 -22.32 -9.76
CA GLU B 159 3.84 -23.01 -10.94
C GLU B 159 2.69 -23.93 -10.57
N TYR B 160 1.78 -24.17 -11.53
CA TYR B 160 0.61 -25.00 -11.30
C TYR B 160 0.55 -26.23 -12.21
N GLY B 161 0.64 -26.03 -13.52
CA GLY B 161 0.41 -27.12 -14.45
C GLY B 161 1.48 -27.24 -15.52
N PRO B 162 1.09 -27.80 -16.67
CA PRO B 162 2.05 -28.01 -17.75
C PRO B 162 2.53 -26.71 -18.36
N ARG B 163 3.70 -26.79 -18.99
CA ARG B 163 4.32 -25.61 -19.60
C ARG B 163 3.50 -25.13 -20.80
N LEU B 164 3.62 -23.83 -21.08
CA LEU B 164 2.85 -23.23 -22.16
C LEU B 164 3.28 -23.75 -23.53
N ALA B 165 4.56 -24.11 -23.68
CA ALA B 165 5.07 -24.51 -24.98
C ALA B 165 4.38 -25.78 -25.48
N GLU B 166 4.21 -26.77 -24.61
CA GLU B 166 3.59 -28.03 -25.03
C GLU B 166 2.09 -27.90 -25.19
N GLY B 167 1.44 -27.05 -24.41
CA GLY B 167 0.01 -26.86 -24.52
C GLY B 167 -0.78 -28.04 -23.98
N GLY B 168 -2.09 -27.99 -24.25
CA GLY B 168 -3.00 -29.04 -23.82
C GLY B 168 -3.86 -29.57 -24.94
N GLU B 169 -4.92 -30.31 -24.59
CA GLU B 169 -5.82 -30.88 -25.58
C GLU B 169 -7.13 -30.10 -25.73
N GLY B 170 -7.69 -29.60 -24.63
CA GLY B 170 -8.89 -28.80 -24.68
C GLY B 170 -8.70 -27.44 -24.07
N VAL B 171 -7.73 -27.34 -23.16
CA VAL B 171 -7.42 -26.07 -22.50
C VAL B 171 -6.06 -25.59 -22.98
N GLU B 172 -6.06 -24.72 -23.99
CA GLU B 172 -4.83 -24.18 -24.56
C GLU B 172 -4.75 -22.66 -24.45
N GLY B 173 -5.77 -21.95 -24.90
CA GLY B 173 -5.71 -20.50 -24.89
C GLY B 173 -5.77 -19.90 -23.50
N TYR B 174 -6.37 -20.61 -22.55
CA TYR B 174 -6.55 -20.10 -21.19
C TYR B 174 -5.36 -20.40 -20.29
N LEU B 175 -4.32 -21.05 -20.79
CA LEU B 175 -3.17 -21.37 -19.95
C LEU B 175 -2.45 -20.12 -19.50
N MET B 176 -2.30 -19.14 -20.39
CA MET B 176 -1.52 -17.94 -20.04
C MET B 176 -2.24 -17.13 -18.97
N THR B 177 -3.52 -16.85 -19.16
CA THR B 177 -4.25 -16.04 -18.19
C THR B 177 -4.47 -16.79 -16.88
N GLY B 178 -4.52 -18.12 -16.92
CA GLY B 178 -4.74 -18.89 -15.71
C GLY B 178 -3.61 -18.77 -14.71
N THR B 179 -2.38 -18.69 -15.19
CA THR B 179 -1.19 -18.61 -14.33
C THR B 179 -0.47 -17.29 -14.61
N THR B 180 -0.90 -16.24 -13.92
CA THR B 180 -0.27 -14.93 -14.04
C THR B 180 -0.67 -14.11 -12.81
N THR B 181 0.31 -13.40 -12.23
CA THR B 181 0.08 -12.71 -10.97
C THR B 181 -0.87 -11.52 -11.14
N SER B 182 -0.78 -10.82 -12.27
CA SER B 182 -1.63 -9.64 -12.47
C SER B 182 -3.10 -10.03 -12.53
N VAL B 183 -3.41 -11.16 -13.18
CA VAL B 183 -4.79 -11.60 -13.28
C VAL B 183 -5.38 -11.92 -11.92
N ALA B 184 -4.55 -12.21 -10.92
CA ALA B 184 -5.07 -12.53 -9.59
C ALA B 184 -5.93 -11.40 -9.04
N SER B 185 -5.56 -10.14 -9.32
CA SER B 185 -6.38 -9.00 -8.95
C SER B 185 -7.24 -8.48 -10.09
N GLY B 186 -6.78 -8.66 -11.34
CA GLY B 186 -7.61 -8.27 -12.47
C GLY B 186 -8.93 -9.00 -12.51
N ARG B 187 -8.93 -10.28 -12.17
CA ARG B 187 -10.16 -11.07 -12.18
C ARG B 187 -11.12 -10.59 -11.11
N ILE B 188 -10.61 -10.26 -9.91
CA ILE B 188 -11.46 -9.72 -8.86
C ILE B 188 -12.09 -8.41 -9.31
N ALA B 189 -11.28 -7.53 -9.89
CA ALA B 189 -11.80 -6.24 -10.35
C ALA B 189 -12.84 -6.43 -11.45
N TYR B 190 -12.59 -7.36 -12.37
CA TYR B 190 -13.52 -7.61 -13.47
C TYR B 190 -14.83 -8.20 -12.97
N THR B 191 -14.76 -9.13 -12.03
CA THR B 191 -15.97 -9.78 -11.52
C THR B 191 -16.81 -8.80 -10.71
N LEU B 192 -16.17 -8.06 -9.80
CA LEU B 192 -16.93 -7.12 -8.98
C LEU B 192 -17.22 -5.80 -9.69
N GLY B 193 -16.64 -5.59 -10.87
CA GLY B 193 -16.91 -4.38 -11.63
C GLY B 193 -16.42 -3.10 -10.96
N LEU B 194 -15.30 -3.18 -10.26
CA LEU B 194 -14.74 -2.00 -9.61
C LEU B 194 -13.99 -1.13 -10.63
N GLU B 195 -13.50 0.01 -10.16
CA GLU B 195 -12.76 0.92 -11.02
C GLU B 195 -11.51 1.49 -10.38
N GLY B 196 -11.21 1.15 -9.14
CA GLY B 196 -10.00 1.59 -8.51
C GLY B 196 -8.79 0.79 -8.98
N PRO B 197 -7.61 1.22 -8.56
CA PRO B 197 -6.40 0.52 -8.97
C PRO B 197 -6.39 -0.93 -8.49
N ALA B 198 -5.88 -1.82 -9.34
CA ALA B 198 -5.71 -3.22 -9.00
C ALA B 198 -4.23 -3.56 -9.12
N ILE B 199 -3.63 -4.02 -8.03
CA ILE B 199 -2.18 -4.15 -7.93
C ILE B 199 -1.83 -5.49 -7.29
N SER B 200 -0.88 -6.19 -7.88
CA SER B 200 -0.30 -7.39 -7.32
C SER B 200 1.16 -7.13 -6.99
N VAL B 201 1.57 -7.48 -5.77
CA VAL B 201 2.91 -7.21 -5.28
C VAL B 201 3.56 -8.52 -4.87
N ASP B 202 4.80 -8.73 -5.30
CA ASP B 202 5.59 -9.90 -4.94
C ASP B 202 6.84 -9.43 -4.23
N THR B 203 6.86 -9.56 -2.90
CA THR B 203 8.00 -9.15 -2.09
C THR B 203 8.29 -10.21 -1.03
N ALA B 204 8.29 -11.47 -1.45
CA ALA B 204 8.64 -12.63 -0.61
C ALA B 204 7.65 -12.71 0.57
N CYS B 205 8.10 -13.25 1.70
CA CYS B 205 7.21 -13.56 2.80
C CYS B 205 6.60 -12.32 3.43
N SER B 206 7.12 -11.14 3.14
CA SER B 206 6.58 -9.89 3.64
C SER B 206 5.68 -9.19 2.62
N SER B 207 5.19 -9.93 1.63
CA SER B 207 4.37 -9.32 0.58
C SER B 207 3.08 -8.73 1.15
N SER B 208 2.33 -9.53 1.90
CA SER B 208 0.98 -9.14 2.31
C SER B 208 1.00 -7.82 3.05
N LEU B 209 1.86 -7.69 4.06
CA LEU B 209 1.96 -6.44 4.80
C LEU B 209 2.20 -5.26 3.88
N VAL B 210 3.14 -5.42 2.94
CA VAL B 210 3.44 -4.34 2.00
C VAL B 210 2.17 -3.91 1.29
N ALA B 211 1.35 -4.87 0.89
CA ALA B 211 0.09 -4.55 0.21
C ALA B 211 -0.73 -3.59 1.04
N VAL B 212 -0.95 -3.91 2.32
CA VAL B 212 -1.80 -3.05 3.13
C VAL B 212 -1.17 -1.67 3.27
N HIS B 213 0.16 -1.60 3.28
CA HIS B 213 0.83 -0.31 3.32
C HIS B 213 0.39 0.55 2.15
N LEU B 214 0.40 -0.02 0.95
CA LEU B 214 -0.08 0.71 -0.21
C LEU B 214 -1.55 1.09 -0.04
N ALA B 215 -2.35 0.16 0.49
CA ALA B 215 -3.75 0.45 0.73
C ALA B 215 -3.92 1.56 1.77
N CYS B 216 -2.93 1.77 2.62
CA CYS B 216 -3.02 2.85 3.60
C CYS B 216 -2.57 4.19 3.03
N GLN B 217 -2.04 4.22 1.81
CA GLN B 217 -1.60 5.47 1.20
C GLN B 217 -2.65 6.04 0.23
N SER B 218 -3.16 5.20 -0.68
CA SER B 218 -4.15 5.68 -1.63
C SER B 218 -5.39 6.22 -0.91
N LEU B 219 -5.78 5.58 0.20
CA LEU B 219 -6.87 6.11 1.00
C LEU B 219 -6.53 7.47 1.59
N ARG B 220 -5.29 7.63 2.08
CA ARG B 220 -4.92 8.90 2.69
C ARG B 220 -4.82 10.02 1.65
N ARG B 221 -4.21 9.73 0.51
CA ARG B 221 -4.09 10.74 -0.54
C ARG B 221 -5.47 11.12 -1.09
N GLY B 222 -6.35 10.14 -1.26
CA GLY B 222 -7.69 10.39 -1.72
C GLY B 222 -8.03 9.84 -3.09
N GLU B 223 -7.16 9.03 -3.70
CA GLU B 223 -7.46 8.46 -5.00
C GLU B 223 -8.46 7.32 -4.92
N SER B 224 -8.76 6.82 -3.73
CA SER B 224 -9.77 5.77 -3.57
C SER B 224 -10.43 5.93 -2.21
N SER B 225 -11.67 5.44 -2.11
CA SER B 225 -12.46 5.57 -0.89
C SER B 225 -12.68 4.24 -0.19
N LEU B 226 -12.13 3.14 -0.72
CA LEU B 226 -12.29 1.82 -0.12
C LEU B 226 -11.17 0.94 -0.63
N ALA B 227 -10.56 0.15 0.25
CA ALA B 227 -9.45 -0.70 -0.14
C ALA B 227 -9.69 -2.12 0.34
N MET B 228 -9.24 -3.09 -0.47
CA MET B 228 -9.23 -4.50 -0.09
C MET B 228 -7.80 -5.01 -0.27
N ALA B 229 -7.15 -5.32 0.84
CA ALA B 229 -5.74 -5.72 0.83
C ALA B 229 -5.61 -7.13 1.39
N GLY B 230 -4.87 -7.97 0.69
CA GLY B 230 -4.77 -9.34 1.15
C GLY B 230 -3.54 -10.05 0.62
N GLY B 231 -3.36 -11.27 1.12
CA GLY B 231 -2.25 -12.11 0.69
C GLY B 231 -2.69 -13.56 0.61
N VAL B 232 -1.96 -14.33 -0.20
CA VAL B 232 -2.31 -15.73 -0.40
C VAL B 232 -1.05 -16.53 -0.73
N THR B 233 -1.03 -17.79 -0.30
CA THR B 233 0.05 -18.71 -0.64
C THR B 233 -0.50 -20.13 -0.62
N VAL B 234 -0.20 -20.89 -1.67
CA VAL B 234 -0.63 -22.28 -1.79
C VAL B 234 0.37 -23.02 -2.65
N MET B 235 0.45 -24.34 -2.47
CA MET B 235 1.43 -25.17 -3.15
C MET B 235 0.75 -26.32 -3.90
N PRO B 236 0.68 -26.28 -5.22
CA PRO B 236 0.22 -27.45 -6.00
C PRO B 236 1.33 -28.38 -6.44
N THR B 237 2.55 -28.23 -5.91
CA THR B 237 3.70 -29.02 -6.34
C THR B 237 4.67 -29.07 -5.16
N PRO B 238 5.35 -30.21 -4.95
CA PRO B 238 6.30 -30.29 -3.83
C PRO B 238 7.65 -29.66 -4.14
N GLY B 239 7.72 -28.85 -5.20
CA GLY B 239 9.00 -28.30 -5.63
C GLY B 239 9.65 -27.43 -4.57
N MET B 240 8.86 -26.61 -3.88
CA MET B 240 9.42 -25.67 -2.91
C MET B 240 10.15 -26.39 -1.78
N LEU B 241 9.53 -27.44 -1.22
CA LEU B 241 10.16 -28.17 -0.13
C LEU B 241 11.46 -28.81 -0.58
N VAL B 242 11.44 -29.46 -1.75
CA VAL B 242 12.61 -30.18 -2.21
C VAL B 242 13.72 -29.23 -2.66
N ASP B 243 13.40 -27.99 -3.02
CA ASP B 243 14.46 -27.04 -3.34
C ASP B 243 15.00 -26.38 -2.09
N PHE B 244 14.14 -26.07 -1.13
CA PHE B 244 14.61 -25.49 0.13
C PHE B 244 15.40 -26.47 0.96
N SER B 245 15.16 -27.78 0.79
CA SER B 245 15.94 -28.77 1.51
C SER B 245 17.41 -28.76 1.09
N ARG B 246 17.73 -28.20 -0.08
CA ARG B 246 19.11 -28.13 -0.52
C ARG B 246 19.92 -27.14 0.30
N MET B 247 19.27 -26.19 0.96
CA MET B 247 19.93 -25.29 1.89
C MET B 247 19.94 -25.83 3.31
N ASN B 248 19.30 -26.98 3.55
CA ASN B 248 19.23 -27.60 4.88
C ASN B 248 18.64 -26.63 5.91
N SER B 249 17.60 -25.90 5.51
CA SER B 249 16.96 -24.92 6.37
C SER B 249 15.57 -25.37 6.84
N LEU B 250 15.17 -26.60 6.54
CA LEU B 250 13.85 -27.10 6.90
C LEU B 250 13.97 -28.10 8.03
N ALA B 251 13.19 -27.89 9.09
CA ALA B 251 13.15 -28.85 10.17
C ALA B 251 12.46 -30.13 9.72
N PRO B 252 12.92 -31.29 10.18
CA PRO B 252 12.32 -32.56 9.74
C PRO B 252 10.81 -32.64 9.94
N ASP B 253 10.35 -32.47 11.19
CA ASP B 253 8.94 -32.65 11.49
C ASP B 253 8.07 -31.53 10.93
N GLY B 254 8.56 -30.30 10.93
CA GLY B 254 7.83 -29.19 10.37
C GLY B 254 7.12 -28.29 11.35
N ARG B 255 7.75 -27.93 12.47
CA ARG B 255 7.17 -27.04 13.46
C ARG B 255 8.07 -25.83 13.67
N CYS B 256 7.49 -24.79 14.26
CA CYS B 256 8.19 -23.54 14.54
C CYS B 256 8.42 -23.45 16.04
N LYS B 257 9.65 -23.70 16.48
CA LYS B 257 10.02 -23.55 17.89
C LYS B 257 10.68 -22.18 18.09
N ALA B 258 9.85 -21.15 18.00
CA ALA B 258 10.35 -19.78 18.10
C ALA B 258 10.85 -19.50 19.51
N PHE B 259 12.06 -18.92 19.59
CA PHE B 259 12.69 -18.55 20.86
C PHE B 259 12.78 -19.75 21.79
N SER B 260 13.13 -20.91 21.24
CA SER B 260 13.28 -22.14 22.00
C SER B 260 14.69 -22.68 21.84
N ALA B 261 15.11 -23.49 22.82
CA ALA B 261 16.46 -24.04 22.82
C ALA B 261 16.67 -25.11 21.75
N GLY B 262 15.61 -25.61 21.13
CA GLY B 262 15.74 -26.67 20.16
C GLY B 262 15.31 -26.29 18.74
N ALA B 263 15.65 -25.09 18.31
CA ALA B 263 15.29 -24.64 16.97
C ALA B 263 16.01 -25.45 15.92
N ASN B 264 15.28 -25.87 14.89
CA ASN B 264 15.84 -26.67 13.81
C ASN B 264 15.49 -26.16 12.41
N GLY B 265 14.50 -25.28 12.29
CA GLY B 265 14.08 -24.82 10.98
C GLY B 265 12.85 -23.94 11.11
N PHE B 266 12.17 -23.73 9.99
CA PHE B 266 10.99 -22.88 9.97
C PHE B 266 9.76 -23.52 9.34
N GLY B 267 9.89 -24.60 8.60
CA GLY B 267 8.74 -25.29 8.03
C GLY B 267 8.00 -24.45 7.01
N MET B 268 6.99 -25.07 6.40
CA MET B 268 6.18 -24.41 5.39
C MET B 268 4.72 -24.73 5.61
N ALA B 269 3.86 -23.85 5.10
CA ALA B 269 2.42 -24.01 5.19
C ALA B 269 1.78 -23.19 4.07
N GLU B 270 0.46 -23.02 4.12
CA GLU B 270 -0.25 -22.25 3.12
C GLU B 270 -1.48 -21.63 3.76
N GLY B 271 -1.99 -20.57 3.15
CA GLY B 271 -3.12 -19.87 3.71
C GLY B 271 -3.52 -18.68 2.86
N ALA B 272 -4.50 -17.94 3.36
CA ALA B 272 -4.97 -16.74 2.68
C ALA B 272 -5.64 -15.81 3.68
N GLY B 273 -5.50 -14.52 3.44
CA GLY B 273 -6.11 -13.53 4.32
C GLY B 273 -6.46 -12.27 3.55
N MET B 274 -7.49 -11.57 4.02
CA MET B 274 -7.96 -10.36 3.36
C MET B 274 -8.59 -9.43 4.37
N LEU B 275 -8.34 -8.12 4.19
CA LEU B 275 -8.89 -7.07 5.04
C LEU B 275 -9.51 -5.99 4.17
N LEU B 276 -10.54 -5.34 4.71
CA LEU B 276 -11.19 -4.21 4.08
C LEU B 276 -10.95 -2.96 4.91
N LEU B 277 -10.45 -1.91 4.25
CA LEU B 277 -9.99 -0.70 4.93
C LEU B 277 -10.72 0.52 4.39
N GLU B 278 -11.06 1.43 5.29
CA GLU B 278 -11.73 2.67 4.89
C GLU B 278 -11.29 3.79 5.82
N ARG B 279 -11.35 5.02 5.32
CA ARG B 279 -11.04 6.18 6.16
C ARG B 279 -11.99 6.23 7.35
N LEU B 280 -11.44 6.59 8.51
CA LEU B 280 -12.22 6.54 9.74
C LEU B 280 -13.41 7.49 9.70
N SER B 281 -13.19 8.71 9.22
CA SER B 281 -14.28 9.69 9.16
C SER B 281 -15.38 9.23 8.22
N ASP B 282 -15.00 8.72 7.05
CA ASP B 282 -16.00 8.24 6.09
C ASP B 282 -16.75 7.02 6.64
N ALA B 283 -16.02 6.09 7.26
CA ALA B 283 -16.65 4.90 7.79
C ALA B 283 -17.64 5.25 8.90
N ARG B 284 -17.26 6.16 9.79
CA ARG B 284 -18.14 6.53 10.90
C ARG B 284 -19.31 7.39 10.40
N ARG B 285 -19.11 8.14 9.32
CA ARG B 285 -20.19 8.95 8.76
C ARG B 285 -21.34 8.08 8.28
N ASN B 286 -21.03 6.98 7.60
CA ASN B 286 -22.05 6.11 7.03
C ASN B 286 -22.47 4.98 7.97
N GLY B 287 -21.90 4.92 9.18
CA GLY B 287 -22.30 3.90 10.14
C GLY B 287 -21.67 2.54 9.93
N HIS B 288 -20.64 2.43 9.10
CA HIS B 288 -20.00 1.14 8.88
C HIS B 288 -19.30 0.68 10.15
N PRO B 289 -19.28 -0.63 10.42
CA PRO B 289 -18.64 -1.13 11.64
C PRO B 289 -17.14 -0.87 11.63
N VAL B 290 -16.60 -0.67 12.83
CA VAL B 290 -15.17 -0.44 13.03
C VAL B 290 -14.66 -1.45 14.05
N LEU B 291 -13.61 -2.17 13.69
CA LEU B 291 -13.00 -3.17 14.56
C LEU B 291 -11.67 -2.74 15.14
N ALA B 292 -10.83 -2.07 14.36
CA ALA B 292 -9.54 -1.61 14.82
C ALA B 292 -9.09 -0.46 13.92
N VAL B 293 -8.07 0.26 14.37
CA VAL B 293 -7.57 1.44 13.67
C VAL B 293 -6.08 1.22 13.36
N LEU B 294 -5.72 1.44 12.10
CA LEU B 294 -4.33 1.47 11.69
C LEU B 294 -3.86 2.92 11.62
N ARG B 295 -2.71 3.20 12.22
CA ARG B 295 -2.18 4.55 12.33
C ARG B 295 -0.90 4.75 11.52
N GLY B 296 0.11 3.92 11.74
CA GLY B 296 1.38 4.11 11.06
C GLY B 296 1.99 2.81 10.55
N THR B 297 2.61 2.87 9.37
CA THR B 297 3.30 1.74 8.77
C THR B 297 4.65 2.19 8.24
N ALA B 298 5.58 1.23 8.14
CA ALA B 298 6.91 1.54 7.66
C ALA B 298 7.46 0.36 6.87
N VAL B 299 8.13 0.67 5.76
CA VAL B 299 8.74 -0.33 4.89
C VAL B 299 10.19 0.09 4.64
N ASN B 300 11.10 -0.88 4.71
CA ASN B 300 12.53 -0.59 4.64
C ASN B 300 13.23 -1.77 4.01
N SER B 301 14.50 -1.58 3.64
CA SER B 301 15.35 -2.64 3.14
C SER B 301 16.57 -2.79 4.04
N ASP B 302 17.13 -4.00 4.07
CA ASP B 302 18.25 -4.30 4.95
C ASP B 302 19.59 -3.91 4.35
N GLY B 303 19.64 -3.52 3.08
CA GLY B 303 20.90 -3.12 2.49
C GLY B 303 21.82 -4.31 2.23
N ALA B 304 23.11 -3.98 2.12
CA ALA B 304 24.12 -4.99 1.84
C ALA B 304 24.46 -5.74 3.11
N SER B 305 24.32 -7.07 3.07
CA SER B 305 24.65 -7.94 4.19
C SER B 305 25.52 -9.09 3.71
N ASN B 306 25.80 -10.03 4.60
CA ASN B 306 26.62 -11.19 4.28
C ASN B 306 25.77 -12.26 3.59
N GLY B 307 25.32 -11.91 2.39
CA GLY B 307 24.48 -12.79 1.60
C GLY B 307 23.05 -12.28 1.52
N LEU B 308 22.32 -12.84 0.56
CA LEU B 308 20.92 -12.45 0.37
C LEU B 308 20.06 -12.83 1.57
N SER B 309 20.28 -14.03 2.13
CA SER B 309 19.45 -14.53 3.21
C SER B 309 19.87 -14.02 4.57
N ALA B 310 21.02 -13.36 4.69
CA ALA B 310 21.47 -12.87 5.98
C ALA B 310 20.63 -11.68 6.42
N PRO B 311 20.08 -11.69 7.63
CA PRO B 311 19.25 -10.58 8.10
C PRO B 311 20.12 -9.45 8.65
N ASN B 312 19.45 -8.39 9.07
CA ASN B 312 20.12 -7.21 9.63
C ASN B 312 19.36 -6.72 10.84
N GLY B 313 20.06 -6.05 11.75
CA GLY B 313 19.44 -5.54 12.96
C GLY B 313 19.22 -4.04 12.91
N ARG B 314 20.18 -3.32 12.34
CA ARG B 314 20.06 -1.86 12.25
C ARG B 314 18.86 -1.47 11.40
N ALA B 315 18.62 -2.19 10.30
CA ALA B 315 17.48 -1.90 9.46
C ALA B 315 16.17 -2.12 10.21
N GLN B 316 16.07 -3.20 10.98
CA GLN B 316 14.86 -3.46 11.76
C GLN B 316 14.64 -2.37 12.81
N VAL B 317 15.71 -1.96 13.50
CA VAL B 317 15.58 -0.89 14.48
C VAL B 317 15.11 0.38 13.81
N ARG B 318 15.70 0.71 12.65
CA ARG B 318 15.33 1.93 11.93
C ARG B 318 13.88 1.89 11.49
N VAL B 319 13.42 0.73 10.99
CA VAL B 319 12.04 0.64 10.52
C VAL B 319 11.06 0.73 11.68
N ILE B 320 11.41 0.15 12.83
CA ILE B 320 10.55 0.25 14.01
C ILE B 320 10.44 1.70 14.46
N GLN B 321 11.58 2.38 14.54
CA GLN B 321 11.57 3.78 14.96
C GLN B 321 10.82 4.66 13.95
N GLN B 322 10.96 4.37 12.66
CA GLN B 322 10.25 5.13 11.64
C GLN B 322 8.74 4.94 11.75
N ALA B 323 8.30 3.70 11.97
CA ALA B 323 6.88 3.45 12.16
C ALA B 323 6.36 4.17 13.40
N LEU B 324 7.12 4.14 14.49
CA LEU B 324 6.70 4.85 15.70
C LEU B 324 6.61 6.35 15.46
N ALA B 325 7.57 6.91 14.73
CA ALA B 325 7.54 8.35 14.44
C ALA B 325 6.37 8.72 13.56
N GLU B 326 6.09 7.91 12.53
CA GLU B 326 4.95 8.20 11.66
C GLU B 326 3.64 8.11 12.44
N SER B 327 3.51 7.10 13.31
CA SER B 327 2.32 7.01 14.14
C SER B 327 2.26 8.13 15.18
N GLY B 328 3.36 8.83 15.42
CA GLY B 328 3.39 9.91 16.39
C GLY B 328 3.19 9.44 17.81
N LEU B 329 3.86 8.35 18.19
CA LEU B 329 3.75 7.76 19.52
C LEU B 329 5.15 7.49 20.06
N GLY B 330 5.20 6.95 21.27
CA GLY B 330 6.45 6.63 21.92
C GLY B 330 6.62 5.14 22.12
N PRO B 331 7.85 4.72 22.47
CA PRO B 331 8.11 3.28 22.68
C PRO B 331 7.38 2.70 23.87
N ALA B 332 6.91 3.53 24.80
CA ALA B 332 6.26 3.03 26.01
C ALA B 332 4.76 2.85 25.86
N ASP B 333 4.22 3.07 24.66
CA ASP B 333 2.78 2.97 24.43
C ASP B 333 2.37 1.64 23.81
N ILE B 334 3.28 0.68 23.73
CA ILE B 334 3.00 -0.62 23.14
C ILE B 334 3.05 -1.68 24.22
N ASP B 335 1.98 -2.48 24.32
CA ASP B 335 1.88 -3.50 25.35
C ASP B 335 2.31 -4.88 24.87
N ALA B 336 2.17 -5.18 23.59
CA ALA B 336 2.56 -6.48 23.06
C ALA B 336 2.98 -6.31 21.60
N VAL B 337 3.77 -7.27 21.12
CA VAL B 337 4.28 -7.25 19.76
C VAL B 337 4.07 -8.62 19.13
N GLU B 338 3.76 -8.62 17.83
CA GLU B 338 3.67 -9.85 17.05
C GLU B 338 4.95 -9.98 16.23
N ALA B 339 5.97 -10.53 16.87
CA ALA B 339 7.27 -10.69 16.22
C ALA B 339 7.19 -11.75 15.14
N HIS B 340 8.22 -11.79 14.30
CA HIS B 340 8.29 -12.79 13.24
C HIS B 340 8.34 -14.20 13.84
N GLY B 341 9.39 -14.49 14.60
CA GLY B 341 9.52 -15.78 15.25
C GLY B 341 9.55 -16.94 14.29
N THR B 342 10.33 -16.81 13.21
CA THR B 342 10.38 -17.86 12.20
C THR B 342 10.93 -19.16 12.74
N GLY B 343 11.71 -19.12 13.81
CA GLY B 343 12.21 -20.33 14.45
C GLY B 343 13.54 -20.83 13.94
N THR B 344 14.27 -20.04 13.17
CA THR B 344 15.57 -20.46 12.69
C THR B 344 16.64 -20.23 13.76
N ARG B 345 17.82 -20.81 13.51
CA ARG B 345 18.89 -20.76 14.50
C ARG B 345 19.49 -19.36 14.61
N LEU B 346 19.75 -18.71 13.48
CA LEU B 346 20.45 -17.43 13.48
C LEU B 346 19.50 -16.23 13.52
N GLY B 347 18.32 -16.35 12.92
CA GLY B 347 17.42 -15.21 12.86
C GLY B 347 16.89 -14.79 14.21
N ASP B 348 16.61 -15.76 15.09
CA ASP B 348 15.99 -15.44 16.37
C ASP B 348 16.85 -14.55 17.26
N PRO B 349 18.14 -14.81 17.50
CA PRO B 349 18.92 -13.88 18.34
C PRO B 349 18.98 -12.47 17.78
N ILE B 350 19.12 -12.33 16.47
CA ILE B 350 19.22 -10.99 15.88
C ILE B 350 17.92 -10.23 16.06
N GLU B 351 16.79 -10.88 15.76
CA GLU B 351 15.49 -10.24 15.94
C GLU B 351 15.24 -9.89 17.41
N ALA B 352 15.61 -10.79 18.31
CA ALA B 352 15.44 -10.52 19.73
C ALA B 352 16.25 -9.31 20.17
N ARG B 353 17.52 -9.23 19.74
CA ARG B 353 18.35 -8.08 20.09
C ARG B 353 17.80 -6.79 19.51
N ALA B 354 17.35 -6.82 18.25
CA ALA B 354 16.80 -5.62 17.64
C ALA B 354 15.55 -5.15 18.37
N LEU B 355 14.65 -6.09 18.70
CA LEU B 355 13.42 -5.72 19.40
C LEU B 355 13.74 -5.18 20.78
N PHE B 356 14.67 -5.82 21.49
CA PHE B 356 15.15 -5.30 22.77
C PHE B 356 15.56 -3.85 22.63
N GLU B 357 16.57 -3.59 21.79
CA GLU B 357 17.15 -2.26 21.71
C GLU B 357 16.15 -1.23 21.19
N ALA B 358 15.15 -1.66 20.43
CA ALA B 358 14.17 -0.71 19.90
C ALA B 358 13.06 -0.40 20.89
N TYR B 359 12.77 -1.30 21.84
CA TYR B 359 11.59 -1.12 22.68
C TYR B 359 11.91 -0.97 24.16
N GLY B 360 12.76 -1.83 24.73
CA GLY B 360 12.80 -1.99 26.17
C GLY B 360 13.70 -1.06 26.97
N ARG B 361 14.51 -0.21 26.32
CA ARG B 361 15.38 0.71 27.05
C ARG B 361 14.61 1.69 27.93
N ASP B 362 13.49 2.22 27.44
CA ASP B 362 12.65 3.08 28.27
C ASP B 362 11.32 2.36 28.50
N ARG B 363 11.30 1.49 29.51
CA ARG B 363 10.12 0.69 29.80
C ARG B 363 10.03 0.44 31.29
N GLU B 364 8.86 0.74 31.88
CA GLU B 364 8.58 0.39 33.27
C GLU B 364 7.89 -0.95 33.41
N GLN B 365 6.94 -1.25 32.52
CA GLN B 365 6.17 -2.49 32.45
C GLN B 365 6.80 -3.44 31.43
N PRO B 366 6.81 -4.73 31.72
CA PRO B 366 7.37 -5.70 30.76
C PRO B 366 6.53 -5.77 29.50
N LEU B 367 7.20 -6.10 28.40
CA LEU B 367 6.57 -6.20 27.08
C LEU B 367 6.35 -7.67 26.73
N HIS B 368 5.12 -8.01 26.36
CA HIS B 368 4.77 -9.37 26.00
C HIS B 368 5.10 -9.63 24.55
N LEU B 369 5.57 -10.83 24.25
CA LEU B 369 6.01 -11.22 22.92
C LEU B 369 5.46 -12.59 22.57
N GLY B 370 5.02 -12.74 21.32
CA GLY B 370 4.48 -14.00 20.85
C GLY B 370 4.61 -14.14 19.35
N SER B 371 4.31 -15.33 18.86
CA SER B 371 4.42 -15.63 17.44
C SER B 371 3.35 -16.64 17.06
N VAL B 372 2.55 -16.31 16.05
CA VAL B 372 1.50 -17.20 15.60
C VAL B 372 2.06 -18.40 14.85
N LYS B 373 3.30 -18.32 14.37
CA LYS B 373 3.89 -19.43 13.62
C LYS B 373 4.05 -20.67 14.46
N SER B 374 3.99 -20.55 15.80
CA SER B 374 3.99 -21.73 16.64
C SER B 374 2.73 -22.57 16.41
N ASN B 375 1.58 -21.92 16.21
CA ASN B 375 0.33 -22.66 16.09
C ASN B 375 0.11 -23.18 14.67
N LEU B 376 0.54 -22.42 13.66
CA LEU B 376 0.23 -22.75 12.28
C LEU B 376 1.45 -22.99 11.39
N GLY B 377 2.62 -22.50 11.76
CA GLY B 377 3.78 -22.61 10.92
C GLY B 377 3.92 -21.45 9.96
N HIS B 378 5.02 -21.47 9.21
CA HIS B 378 5.31 -20.40 8.26
C HIS B 378 4.39 -20.50 7.06
N THR B 379 3.58 -19.47 6.84
CA THR B 379 2.62 -19.44 5.74
C THR B 379 3.10 -18.60 4.56
N GLN B 380 4.38 -18.21 4.56
CA GLN B 380 5.00 -17.46 3.45
C GLN B 380 4.24 -16.14 3.29
N ALA B 381 3.79 -15.79 2.08
CA ALA B 381 3.15 -14.49 1.86
C ALA B 381 1.85 -14.35 2.63
N ALA B 382 1.20 -15.46 2.99
CA ALA B 382 -0.04 -15.38 3.76
C ALA B 382 0.19 -14.83 5.16
N ALA B 383 1.42 -14.85 5.65
CA ALA B 383 1.72 -14.30 6.96
C ALA B 383 1.68 -12.77 6.91
N GLY B 384 1.76 -12.16 8.09
CA GLY B 384 1.66 -10.72 8.17
C GLY B 384 0.23 -10.28 8.42
N VAL B 385 -0.66 -10.60 7.48
CA VAL B 385 -2.08 -10.34 7.69
C VAL B 385 -2.64 -11.28 8.76
N ALA B 386 -2.10 -12.50 8.85
CA ALA B 386 -2.53 -13.42 9.90
C ALA B 386 -2.21 -12.87 11.27
N GLY B 387 -1.03 -12.27 11.44
CA GLY B 387 -0.69 -11.65 12.71
C GLY B 387 -1.61 -10.49 13.04
N VAL B 388 -1.98 -9.70 12.04
CA VAL B 388 -2.90 -8.59 12.26
C VAL B 388 -4.26 -9.12 12.72
N ILE B 389 -4.75 -10.17 12.07
CA ILE B 389 -6.04 -10.75 12.45
C ILE B 389 -5.96 -11.30 13.88
N LYS B 390 -4.88 -11.98 14.22
CA LYS B 390 -4.73 -12.52 15.56
C LYS B 390 -4.72 -11.40 16.60
N MET B 391 -3.97 -10.33 16.32
CA MET B 391 -3.89 -9.22 17.27
C MET B 391 -5.25 -8.54 17.45
N VAL B 392 -5.98 -8.30 16.36
CA VAL B 392 -7.25 -7.61 16.49
C VAL B 392 -8.27 -8.51 17.20
N LEU B 393 -8.26 -9.81 16.91
CA LEU B 393 -9.17 -10.72 17.61
C LEU B 393 -8.87 -10.77 19.10
N ALA B 394 -7.58 -10.87 19.46
CA ALA B 394 -7.20 -10.91 20.87
C ALA B 394 -7.56 -9.62 21.57
N MET B 395 -7.35 -8.48 20.91
CA MET B 395 -7.67 -7.19 21.51
C MET B 395 -9.18 -7.04 21.71
N ARG B 396 -9.97 -7.46 20.72
CA ARG B 396 -11.42 -7.39 20.87
C ARG B 396 -11.92 -8.31 21.98
N ALA B 397 -11.38 -9.53 22.05
CA ALA B 397 -11.83 -10.49 23.05
C ALA B 397 -11.27 -10.22 24.44
N GLY B 398 -10.30 -9.30 24.56
CA GLY B 398 -9.73 -8.98 25.86
C GLY B 398 -8.94 -10.11 26.49
N THR B 399 -8.13 -10.82 25.70
CA THR B 399 -7.31 -11.90 26.22
C THR B 399 -6.11 -12.09 25.29
N LEU B 400 -4.94 -12.33 25.88
CA LEU B 400 -3.73 -12.57 25.11
C LEU B 400 -3.49 -14.07 25.04
N PRO B 401 -3.42 -14.66 23.83
CA PRO B 401 -3.28 -16.12 23.73
C PRO B 401 -1.89 -16.62 24.11
N ARG B 402 -1.67 -17.93 23.94
CA ARG B 402 -0.47 -18.61 24.38
C ARG B 402 0.38 -19.02 23.19
N THR B 403 1.70 -18.98 23.38
CA THR B 403 2.66 -19.43 22.37
C THR B 403 3.21 -20.79 22.77
N LEU B 404 3.19 -21.74 21.85
CA LEU B 404 3.58 -23.11 22.12
C LEU B 404 5.09 -23.29 21.97
N HIS B 405 5.58 -24.39 22.57
CA HIS B 405 6.99 -24.76 22.52
C HIS B 405 7.89 -23.63 23.04
N ALA B 406 7.46 -22.98 24.11
CA ALA B 406 8.22 -21.88 24.70
C ALA B 406 8.56 -22.14 26.17
N SER B 407 8.33 -23.36 26.67
CA SER B 407 8.68 -23.67 28.05
C SER B 407 10.19 -23.71 28.27
N GLU B 408 10.96 -23.95 27.22
CA GLU B 408 12.42 -24.00 27.30
C GLU B 408 12.97 -22.80 26.52
N ARG B 409 13.24 -21.71 27.23
CA ARG B 409 13.75 -20.51 26.61
C ARG B 409 15.16 -20.75 26.06
N SER B 410 15.53 -19.95 25.07
CA SER B 410 16.81 -20.12 24.40
C SER B 410 17.96 -19.78 25.36
N LYS B 411 19.17 -20.14 24.93
CA LYS B 411 20.38 -19.87 25.71
C LYS B 411 21.31 -18.89 25.05
N GLU B 412 21.05 -18.50 23.79
CA GLU B 412 21.90 -17.57 23.08
C GLU B 412 21.45 -16.12 23.21
N ILE B 413 20.40 -15.85 23.97
CA ILE B 413 19.90 -14.51 24.18
C ILE B 413 19.95 -14.19 25.67
N ASP B 414 20.08 -12.90 25.98
CA ASP B 414 20.16 -12.43 27.35
C ASP B 414 18.85 -11.77 27.76
N TRP B 415 18.28 -12.23 28.88
CA TRP B 415 17.08 -11.66 29.45
C TRP B 415 17.33 -11.11 30.85
N SER B 416 18.54 -10.62 31.09
CA SER B 416 18.88 -10.08 32.41
C SER B 416 18.05 -8.85 32.73
N SER B 417 17.80 -8.00 31.72
CA SER B 417 17.02 -6.79 31.94
C SER B 417 15.59 -7.13 32.38
N GLY B 418 14.98 -8.12 31.75
CA GLY B 418 13.62 -8.49 32.07
C GLY B 418 12.56 -7.60 31.46
N ALA B 419 12.94 -6.64 30.62
CA ALA B 419 11.96 -5.75 30.00
C ALA B 419 11.04 -6.48 29.03
N ILE B 420 11.46 -7.63 28.51
CA ILE B 420 10.65 -8.43 27.60
C ILE B 420 10.35 -9.75 28.29
N SER B 421 9.06 -10.05 28.45
CA SER B 421 8.61 -11.28 29.07
C SER B 421 7.95 -12.15 28.00
N LEU B 422 8.46 -13.35 27.81
CA LEU B 422 7.90 -14.25 26.81
C LEU B 422 6.51 -14.71 27.22
N LEU B 423 5.59 -14.75 26.27
CA LEU B 423 4.20 -15.11 26.54
C LEU B 423 4.09 -16.63 26.57
N ASP B 424 4.04 -17.20 27.77
CA ASP B 424 3.88 -18.63 27.95
C ASP B 424 2.50 -19.03 28.44
N GLU B 425 1.78 -18.12 29.09
CA GLU B 425 0.44 -18.38 29.60
C GLU B 425 -0.48 -17.23 29.22
N PRO B 426 -1.79 -17.49 29.14
CA PRO B 426 -2.72 -16.41 28.79
C PRO B 426 -2.66 -15.27 29.80
N GLU B 427 -2.79 -14.05 29.29
CA GLU B 427 -2.71 -12.84 30.10
C GLU B 427 -3.96 -12.01 29.88
N PRO B 428 -4.65 -11.58 30.94
CA PRO B 428 -5.82 -10.72 30.75
C PRO B 428 -5.43 -9.39 30.12
N TRP B 429 -6.30 -8.90 29.24
CA TRP B 429 -6.09 -7.63 28.54
C TRP B 429 -7.38 -6.81 28.63
N PRO B 430 -7.68 -6.28 29.80
CA PRO B 430 -8.96 -5.57 29.98
C PRO B 430 -8.86 -4.11 29.55
N ALA B 431 -10.04 -3.51 29.38
CA ALA B 431 -10.11 -2.10 29.03
C ALA B 431 -9.72 -1.23 30.21
N GLY B 432 -9.37 0.01 29.92
CA GLY B 432 -8.96 0.93 30.96
C GLY B 432 -8.73 2.32 30.41
N ALA B 433 -8.14 3.17 31.24
CA ALA B 433 -7.84 4.54 30.82
C ALA B 433 -6.84 4.55 29.67
N ARG B 434 -5.81 3.72 29.75
CA ARG B 434 -4.81 3.65 28.69
C ARG B 434 -5.35 2.86 27.52
N PRO B 435 -5.40 3.41 26.31
CA PRO B 435 -5.80 2.62 25.14
C PRO B 435 -4.77 1.55 24.83
N ARG B 436 -5.26 0.44 24.28
CA ARG B 436 -4.41 -0.69 23.96
C ARG B 436 -3.83 -0.54 22.55
N ARG B 437 -2.55 -0.88 22.41
CA ARG B 437 -1.85 -0.77 21.14
C ARG B 437 -0.96 -1.98 20.95
N ALA B 438 -0.67 -2.30 19.69
CA ALA B 438 0.15 -3.46 19.37
C ALA B 438 0.94 -3.19 18.09
N GLY B 439 2.00 -3.97 17.91
CA GLY B 439 2.84 -3.83 16.73
C GLY B 439 3.08 -5.18 16.07
N VAL B 440 3.18 -5.15 14.75
CA VAL B 440 3.35 -6.35 13.94
C VAL B 440 4.53 -6.14 13.00
N SER B 441 5.42 -7.14 12.94
CA SER B 441 6.62 -7.09 12.11
C SER B 441 6.59 -8.22 11.09
N SER B 442 7.27 -7.98 9.96
CA SER B 442 7.38 -9.01 8.93
C SER B 442 8.67 -8.80 8.14
N PHE B 443 9.44 -9.86 7.98
CA PHE B 443 10.70 -9.81 7.24
C PHE B 443 10.69 -10.85 6.14
N GLY B 444 11.21 -10.47 4.97
CA GLY B 444 11.25 -11.36 3.83
C GLY B 444 12.64 -11.85 3.49
N ILE B 445 12.73 -12.97 2.77
CA ILE B 445 14.03 -13.49 2.38
C ILE B 445 14.68 -12.63 1.31
N SER B 446 13.91 -11.78 0.61
CA SER B 446 14.49 -10.89 -0.38
C SER B 446 15.32 -9.80 0.29
N GLY B 447 14.88 -9.33 1.45
CA GLY B 447 15.60 -8.29 2.15
C GLY B 447 14.76 -7.06 2.44
N THR B 448 13.45 -7.23 2.52
CA THR B 448 12.52 -6.13 2.77
C THR B 448 11.80 -6.37 4.09
N ASN B 449 11.79 -5.35 4.95
CA ASN B 449 11.18 -5.40 6.27
C ASN B 449 9.98 -4.46 6.32
N ALA B 450 8.95 -4.86 7.07
CA ALA B 450 7.75 -4.06 7.22
C ALA B 450 7.28 -4.09 8.67
N HIS B 451 6.80 -2.95 9.16
CA HIS B 451 6.29 -2.85 10.52
C HIS B 451 5.00 -2.03 10.50
N ALA B 452 4.08 -2.40 11.39
CA ALA B 452 2.79 -1.72 11.47
C ALA B 452 2.33 -1.66 12.92
N ILE B 453 1.48 -0.67 13.20
CA ILE B 453 0.94 -0.42 14.53
C ILE B 453 -0.58 -0.41 14.45
N ILE B 454 -1.22 -1.07 15.42
CA ILE B 454 -2.67 -1.23 15.44
C ILE B 454 -3.19 -0.79 16.81
N GLU B 455 -4.30 -0.05 16.79
CA GLU B 455 -4.91 0.49 18.01
C GLU B 455 -6.39 0.09 18.06
N GLU B 456 -6.93 0.09 19.27
CA GLU B 456 -8.31 -0.29 19.49
C GLU B 456 -9.26 0.76 18.91
N ALA B 457 -10.48 0.32 18.62
CA ALA B 457 -11.50 1.22 18.11
C ALA B 457 -11.98 2.14 19.24
N PRO B 458 -12.38 3.37 18.89
CA PRO B 458 -12.90 4.28 19.92
C PRO B 458 -14.14 3.71 20.59
N GLN B 459 -14.24 3.96 21.90
CA GLN B 459 -15.36 3.46 22.69
C GLN B 459 -16.46 4.51 22.76
N VAL B 460 -17.12 4.70 21.62
CA VAL B 460 -18.22 5.64 21.48
C VAL B 460 -19.51 4.98 21.04
N VAL B 461 -19.50 3.67 20.79
CA VAL B 461 -20.70 2.98 20.34
C VAL B 461 -21.76 2.95 21.42
N GLU B 462 -21.35 3.01 22.69
CA GLU B 462 -22.30 2.95 23.80
C GLU B 462 -23.23 4.17 23.76
N GLY B 463 -24.49 3.95 24.16
CA GLY B 463 -25.47 5.01 24.16
C GLY B 463 -26.72 4.66 23.36
N GLU B 464 -26.92 3.36 23.12
CA GLU B 464 -28.08 2.92 22.36
C GLU B 464 -29.31 2.85 23.26
N ARG B 465 -30.44 3.25 22.71
CA ARG B 465 -31.71 3.22 23.43
C ARG B 465 -32.51 1.99 23.02
N VAL B 466 -33.69 1.84 23.62
CA VAL B 466 -34.56 0.70 23.36
C VAL B 466 -35.94 1.22 22.98
N GLU B 467 -36.46 0.73 21.86
CA GLU B 467 -37.79 1.10 21.38
C GLU B 467 -38.52 -0.17 20.95
N ALA B 468 -39.84 -0.16 21.11
CA ALA B 468 -40.68 -1.30 20.80
C ALA B 468 -41.73 -0.92 19.77
N GLY B 469 -42.38 -1.93 19.20
CA GLY B 469 -43.41 -1.70 18.20
C GLY B 469 -44.22 -2.96 17.98
N ASP B 470 -45.26 -2.82 17.16
CA ASP B 470 -46.16 -3.92 16.85
C ASP B 470 -46.16 -4.34 15.38
N VAL B 471 -45.43 -3.64 14.52
CA VAL B 471 -45.36 -4.00 13.11
C VAL B 471 -44.42 -5.20 12.95
N VAL B 472 -44.89 -6.21 12.23
CA VAL B 472 -44.08 -7.38 11.94
C VAL B 472 -43.37 -7.18 10.62
N ALA B 473 -42.11 -7.63 10.55
CA ALA B 473 -41.29 -7.40 9.36
C ALA B 473 -40.99 -8.72 8.66
N PRO B 474 -40.97 -8.72 7.33
CA PRO B 474 -40.71 -9.96 6.59
C PRO B 474 -39.26 -10.40 6.71
N TRP B 475 -39.05 -11.71 6.56
CA TRP B 475 -37.73 -12.31 6.45
C TRP B 475 -37.56 -12.85 5.04
N VAL B 476 -36.41 -12.57 4.43
CA VAL B 476 -36.10 -13.01 3.08
C VAL B 476 -34.73 -13.67 3.06
N LEU B 477 -34.56 -14.62 2.14
CA LEU B 477 -33.26 -15.25 1.94
C LEU B 477 -33.18 -15.75 0.50
N SER B 478 -32.03 -15.56 -0.12
CA SER B 478 -31.87 -15.84 -1.54
C SER B 478 -30.56 -16.57 -1.78
N ALA B 479 -30.50 -17.24 -2.93
CA ALA B 479 -29.33 -17.99 -3.36
C ALA B 479 -29.44 -18.24 -4.86
N SER B 480 -28.42 -18.87 -5.41
CA SER B 480 -28.34 -19.11 -6.85
C SER B 480 -28.68 -20.54 -7.25
N SER B 481 -29.10 -21.38 -6.31
CA SER B 481 -29.48 -22.74 -6.62
C SER B 481 -30.35 -23.30 -5.52
N ALA B 482 -31.09 -24.36 -5.85
CA ALA B 482 -32.02 -24.95 -4.89
C ALA B 482 -31.29 -25.48 -3.66
N GLU B 483 -30.24 -26.26 -3.87
CA GLU B 483 -29.45 -26.77 -2.75
C GLU B 483 -28.82 -25.62 -1.97
N GLY B 484 -28.42 -24.56 -2.66
CA GLY B 484 -27.90 -23.39 -1.96
C GLY B 484 -28.93 -22.77 -1.04
N LEU B 485 -30.17 -22.62 -1.52
CA LEU B 485 -31.24 -22.11 -0.67
C LEU B 485 -31.48 -23.02 0.53
N ARG B 486 -31.51 -24.33 0.29
CA ARG B 486 -31.76 -25.29 1.37
C ARG B 486 -30.66 -25.20 2.44
N ALA B 487 -29.40 -25.19 2.00
CA ALA B 487 -28.29 -25.13 2.95
C ALA B 487 -28.27 -23.79 3.69
N GLN B 488 -28.60 -22.70 3.00
CA GLN B 488 -28.66 -21.40 3.66
C GLN B 488 -29.73 -21.39 4.74
N ALA B 489 -30.91 -21.94 4.44
CA ALA B 489 -31.96 -22.01 5.44
C ALA B 489 -31.56 -22.88 6.62
N ALA B 490 -30.92 -24.02 6.36
CA ALA B 490 -30.48 -24.89 7.44
C ALA B 490 -29.45 -24.19 8.32
N ARG B 491 -28.50 -23.47 7.71
CA ARG B 491 -27.49 -22.77 8.48
C ARG B 491 -28.11 -21.64 9.31
N LEU B 492 -29.06 -20.90 8.74
CA LEU B 492 -29.70 -19.83 9.49
C LEU B 492 -30.48 -20.39 10.67
N ALA B 493 -31.21 -21.48 10.46
CA ALA B 493 -31.94 -22.11 11.57
C ALA B 493 -30.98 -22.59 12.64
N ALA B 494 -29.87 -23.21 12.24
CA ALA B 494 -28.88 -23.66 13.21
C ALA B 494 -28.35 -22.49 14.04
N HIS B 495 -27.95 -21.41 13.37
CA HIS B 495 -27.38 -20.27 14.09
C HIS B 495 -28.40 -19.62 15.02
N LEU B 496 -29.65 -19.50 14.56
CA LEU B 496 -30.70 -18.98 15.44
C LEU B 496 -30.94 -19.90 16.62
N ARG B 497 -30.75 -21.20 16.43
CA ARG B 497 -30.85 -22.14 17.55
C ARG B 497 -29.71 -21.92 18.55
N GLU B 498 -28.50 -21.66 18.05
CA GLU B 498 -27.36 -21.49 18.94
C GLU B 498 -27.49 -20.24 19.80
N HIS B 499 -27.87 -19.11 19.19
CA HIS B 499 -27.88 -17.84 19.90
C HIS B 499 -29.31 -17.38 20.16
N PRO B 500 -29.80 -17.47 21.39
CA PRO B 500 -31.15 -17.01 21.67
C PRO B 500 -31.19 -15.54 22.07
N GLY B 501 -32.38 -15.01 22.29
CA GLY B 501 -32.54 -13.63 22.72
C GLY B 501 -32.51 -12.61 21.60
N GLN B 502 -32.30 -13.03 20.36
CA GLN B 502 -32.26 -12.09 19.25
C GLN B 502 -33.67 -11.61 18.92
N ASP B 503 -33.84 -10.30 18.80
CA ASP B 503 -35.11 -9.75 18.38
C ASP B 503 -35.35 -10.07 16.90
N PRO B 504 -36.60 -10.30 16.51
CA PRO B 504 -36.89 -10.47 15.07
C PRO B 504 -36.48 -9.27 14.24
N ARG B 505 -36.54 -8.06 14.80
CA ARG B 505 -36.20 -6.87 14.03
C ARG B 505 -34.76 -6.89 13.56
N ASP B 506 -33.83 -7.30 14.43
CA ASP B 506 -32.42 -7.28 14.05
C ASP B 506 -32.12 -8.27 12.94
N ILE B 507 -32.63 -9.50 13.07
CA ILE B 507 -32.40 -10.50 12.03
C ILE B 507 -33.06 -10.07 10.73
N ALA B 508 -34.26 -9.49 10.81
CA ALA B 508 -34.94 -9.01 9.61
C ALA B 508 -34.13 -7.91 8.93
N TYR B 509 -33.57 -7.00 9.72
CA TYR B 509 -32.79 -5.90 9.14
C TYR B 509 -31.48 -6.39 8.54
N SER B 510 -30.83 -7.34 9.20
CA SER B 510 -29.57 -7.86 8.67
C SER B 510 -29.79 -8.67 7.39
N LEU B 511 -30.83 -9.50 7.37
CA LEU B 511 -31.20 -10.20 6.15
C LEU B 511 -31.85 -9.28 5.14
N ALA B 512 -32.17 -8.05 5.53
CA ALA B 512 -32.48 -6.95 4.62
C ALA B 512 -31.15 -6.43 4.10
N THR B 513 -31.11 -5.18 3.62
CA THR B 513 -29.95 -4.62 2.94
C THR B 513 -28.65 -5.15 3.53
N GLY B 514 -27.84 -5.77 2.67
CA GLY B 514 -26.94 -6.82 3.08
C GLY B 514 -26.79 -7.82 1.96
N ARG B 515 -27.15 -9.09 2.21
CA ARG B 515 -27.13 -10.10 1.18
C ARG B 515 -27.76 -9.57 -0.11
N ALA B 516 -27.19 -9.97 -1.25
CA ALA B 516 -27.59 -9.44 -2.54
C ALA B 516 -28.93 -10.04 -2.97
N ALA B 517 -29.34 -9.75 -4.20
CA ALA B 517 -30.55 -10.31 -4.78
C ALA B 517 -30.16 -11.37 -5.80
N LEU B 518 -30.68 -12.57 -5.62
CA LEU B 518 -30.29 -13.73 -6.41
C LEU B 518 -31.53 -14.41 -6.98
N PRO B 519 -31.37 -15.21 -8.05
CA PRO B 519 -32.52 -15.89 -8.66
C PRO B 519 -33.46 -16.59 -7.70
N HIS B 520 -32.96 -17.55 -6.93
CA HIS B 520 -33.83 -18.32 -6.05
C HIS B 520 -34.09 -17.52 -4.77
N ARG B 521 -35.36 -17.27 -4.48
CA ARG B 521 -35.75 -16.42 -3.36
C ARG B 521 -36.78 -17.13 -2.49
N ALA B 522 -36.77 -16.81 -1.21
CA ALA B 522 -37.76 -17.29 -0.27
C ALA B 522 -38.07 -16.19 0.75
N ALA B 523 -39.33 -16.08 1.14
CA ALA B 523 -39.75 -15.01 2.03
C ALA B 523 -40.94 -15.47 2.86
N PHE B 524 -41.02 -14.93 4.07
CA PHE B 524 -42.15 -15.19 4.96
C PHE B 524 -42.20 -14.11 6.03
N ALA B 525 -43.06 -14.30 7.03
CA ALA B 525 -43.21 -13.33 8.10
C ALA B 525 -43.78 -14.01 9.35
N PRO B 526 -42.94 -14.54 10.23
CA PRO B 526 -43.43 -15.26 11.40
C PRO B 526 -43.68 -14.34 12.59
N VAL B 527 -44.68 -14.71 13.39
CA VAL B 527 -45.01 -13.94 14.59
C VAL B 527 -43.84 -13.97 15.57
N ASP B 528 -43.30 -15.14 15.86
CA ASP B 528 -42.21 -15.29 16.81
C ASP B 528 -41.15 -16.19 16.20
N GLU B 529 -40.17 -16.58 17.01
CA GLU B 529 -39.01 -17.33 16.54
C GLU B 529 -39.25 -18.83 16.47
N SER B 530 -40.14 -19.39 17.30
CA SER B 530 -40.40 -20.82 17.25
C SER B 530 -41.02 -21.21 15.92
N ALA B 531 -42.10 -20.52 15.52
CA ALA B 531 -42.68 -20.77 14.21
C ALA B 531 -41.70 -20.43 13.10
N ALA B 532 -40.81 -19.47 13.33
CA ALA B 532 -39.76 -19.17 12.36
C ALA B 532 -38.87 -20.38 12.14
N LEU B 533 -38.46 -21.04 13.23
CA LEU B 533 -37.65 -22.25 13.11
C LEU B 533 -38.43 -23.37 12.46
N ARG B 534 -39.73 -23.47 12.75
CA ARG B 534 -40.55 -24.49 12.12
C ARG B 534 -40.57 -24.32 10.60
N VAL B 535 -40.86 -23.10 10.13
CA VAL B 535 -40.90 -22.88 8.69
C VAL B 535 -39.51 -22.99 8.09
N LEU B 536 -38.47 -22.64 8.83
CA LEU B 536 -37.11 -22.77 8.30
C LEU B 536 -36.75 -24.23 8.10
N ASP B 537 -37.05 -25.09 9.07
CA ASP B 537 -36.81 -26.52 8.88
C ASP B 537 -37.70 -27.09 7.78
N GLY B 538 -38.91 -26.56 7.61
CA GLY B 538 -39.73 -26.97 6.49
C GLY B 538 -39.09 -26.64 5.16
N LEU B 539 -38.53 -25.45 5.04
CA LEU B 539 -37.78 -25.09 3.83
C LEU B 539 -36.54 -25.97 3.67
N ALA B 540 -35.89 -26.30 4.79
CA ALA B 540 -34.72 -27.16 4.74
C ALA B 540 -35.05 -28.56 4.25
N THR B 541 -36.26 -29.05 4.55
CA THR B 541 -36.64 -30.37 4.09
C THR B 541 -36.93 -30.37 2.59
N GLY B 542 -37.56 -29.31 2.08
CA GLY B 542 -37.79 -29.20 0.66
C GLY B 542 -39.16 -28.71 0.26
N ASN B 543 -40.19 -29.07 1.02
CA ASN B 543 -41.56 -28.68 0.70
C ASN B 543 -41.84 -27.31 1.31
N ALA B 544 -42.01 -26.31 0.44
CA ALA B 544 -42.21 -24.93 0.87
C ALA B 544 -43.71 -24.68 1.07
N ASP B 545 -44.14 -24.67 2.33
CA ASP B 545 -45.51 -24.33 2.67
C ASP B 545 -45.49 -23.31 3.80
N GLY B 546 -46.40 -22.34 3.72
CA GLY B 546 -46.38 -21.22 4.63
C GLY B 546 -45.44 -20.10 4.23
N ALA B 547 -44.75 -20.23 3.11
CA ALA B 547 -43.85 -19.20 2.61
C ALA B 547 -44.11 -19.05 1.11
N ALA B 548 -43.26 -18.25 0.45
CA ALA B 548 -43.38 -18.02 -0.98
C ALA B 548 -42.02 -18.24 -1.63
N VAL B 549 -42.03 -18.90 -2.80
CA VAL B 549 -40.82 -19.23 -3.54
C VAL B 549 -41.07 -18.94 -5.01
N GLY B 550 -40.01 -19.10 -5.81
CA GLY B 550 -40.13 -18.93 -7.24
C GLY B 550 -38.88 -18.35 -7.89
N THR B 551 -38.45 -18.95 -9.00
CA THR B 551 -37.29 -18.45 -9.72
C THR B 551 -37.67 -17.22 -10.54
N SER B 552 -36.69 -16.33 -10.73
CA SER B 552 -36.92 -15.12 -11.52
C SER B 552 -35.56 -14.65 -12.06
N ARG B 553 -35.30 -14.93 -13.33
CA ARG B 553 -34.04 -14.59 -13.96
C ARG B 553 -34.22 -13.35 -14.81
N ALA B 554 -33.43 -12.31 -14.52
CA ALA B 554 -33.41 -11.08 -15.30
C ALA B 554 -34.80 -10.43 -15.39
N GLN B 555 -35.48 -10.35 -14.26
CA GLN B 555 -36.76 -9.67 -14.17
C GLN B 555 -36.67 -8.58 -13.11
N GLN B 556 -37.04 -7.36 -13.49
CA GLN B 556 -36.90 -6.23 -12.58
C GLN B 556 -38.08 -5.25 -12.63
N ARG B 557 -39.19 -5.61 -13.26
CA ARG B 557 -40.29 -4.66 -13.48
C ARG B 557 -41.60 -5.23 -12.97
N ALA B 558 -42.51 -4.34 -12.59
CA ALA B 558 -43.85 -4.68 -12.15
C ALA B 558 -44.86 -3.82 -12.90
N VAL B 559 -46.13 -4.25 -12.88
CA VAL B 559 -47.21 -3.58 -13.59
C VAL B 559 -48.36 -3.37 -12.63
N PHE B 560 -48.87 -2.14 -12.57
CA PHE B 560 -50.04 -1.81 -11.76
C PHE B 560 -51.28 -1.77 -12.64
N VAL B 561 -52.30 -2.53 -12.25
CA VAL B 561 -53.57 -2.58 -12.98
C VAL B 561 -54.68 -2.21 -12.00
N PHE B 562 -55.61 -1.38 -12.47
CA PHE B 562 -56.67 -0.81 -11.65
C PHE B 562 -58.00 -1.49 -12.00
N PRO B 563 -58.38 -2.55 -11.30
CA PRO B 563 -59.66 -3.21 -11.61
C PRO B 563 -60.83 -2.32 -11.24
N GLY B 564 -61.95 -2.52 -11.94
CA GLY B 564 -63.14 -1.73 -11.67
C GLY B 564 -63.89 -2.22 -10.45
N GLN B 565 -65.21 -2.19 -10.51
CA GLN B 565 -66.01 -2.71 -9.41
C GLN B 565 -65.82 -4.22 -9.31
N GLY B 566 -65.90 -4.74 -8.09
CA GLY B 566 -65.68 -6.15 -7.84
C GLY B 566 -65.03 -6.42 -6.50
N TRP B 567 -64.44 -5.39 -5.90
CA TRP B 567 -63.94 -5.45 -4.53
C TRP B 567 -64.92 -4.83 -3.54
N GLN B 568 -66.22 -5.00 -3.80
CA GLN B 568 -67.24 -4.36 -3.01
C GLN B 568 -67.21 -4.88 -1.57
N TRP B 569 -67.90 -4.14 -0.70
CA TRP B 569 -68.01 -4.38 0.74
C TRP B 569 -66.66 -4.18 1.43
N ALA B 570 -65.61 -3.98 0.63
CA ALA B 570 -64.26 -3.58 1.05
C ALA B 570 -63.77 -4.25 2.33
N GLY B 571 -64.51 -4.09 3.43
CA GLY B 571 -63.97 -4.52 4.71
C GLY B 571 -63.28 -3.40 5.44
N MET B 572 -64.03 -2.32 5.71
CA MET B 572 -63.51 -1.03 6.17
C MET B 572 -62.29 -1.20 7.07
N ALA B 573 -61.22 -0.48 6.74
CA ALA B 573 -59.94 -0.59 7.43
C ALA B 573 -59.58 0.78 8.01
N VAL B 574 -60.08 1.05 9.22
CA VAL B 574 -59.65 2.25 9.94
C VAL B 574 -58.21 2.12 10.36
N ASP B 575 -57.73 0.89 10.58
CA ASP B 575 -56.34 0.68 10.96
C ASP B 575 -55.40 1.16 9.87
N LEU B 576 -55.77 0.95 8.60
CA LEU B 576 -54.95 1.47 7.50
C LEU B 576 -54.85 2.99 7.58
N LEU B 577 -55.97 3.66 7.81
CA LEU B 577 -55.96 5.11 7.87
C LEU B 577 -55.14 5.63 9.05
N ASP B 578 -55.28 5.02 10.22
CA ASP B 578 -54.65 5.58 11.40
C ASP B 578 -53.22 5.10 11.59
N THR B 579 -52.98 3.79 11.45
CA THR B 579 -51.62 3.27 11.67
C THR B 579 -50.66 3.76 10.61
N SER B 580 -51.02 3.62 9.35
CA SER B 580 -50.14 4.06 8.27
C SER B 580 -50.24 5.57 8.09
N PRO B 581 -49.13 6.29 8.15
CA PRO B 581 -49.19 7.75 7.98
C PRO B 581 -49.32 8.17 6.52
N VAL B 582 -48.87 7.31 5.61
CA VAL B 582 -48.97 7.63 4.19
C VAL B 582 -50.44 7.73 3.77
N PHE B 583 -51.27 6.81 4.23
CA PHE B 583 -52.71 6.97 4.08
C PHE B 583 -53.19 8.24 4.76
N ALA B 584 -52.84 8.40 6.04
CA ALA B 584 -53.31 9.54 6.83
C ALA B 584 -52.86 10.88 6.24
N ALA B 585 -52.02 10.88 5.22
CA ALA B 585 -51.67 12.11 4.51
C ALA B 585 -52.30 12.17 3.12
N ALA B 586 -52.04 11.19 2.27
CA ALA B 586 -52.53 11.24 0.90
C ALA B 586 -54.05 11.08 0.85
N LEU B 587 -54.58 10.07 1.55
CA LEU B 587 -56.02 9.87 1.56
C LEU B 587 -56.73 11.03 2.24
N ARG B 588 -56.13 11.58 3.29
CA ARG B 588 -56.72 12.75 3.93
C ARG B 588 -56.78 13.94 2.97
N GLU B 589 -55.70 14.16 2.21
CA GLU B 589 -55.68 15.27 1.25
C GLU B 589 -56.74 15.08 0.17
N CYS B 590 -56.80 13.88 -0.41
CA CYS B 590 -57.80 13.64 -1.45
C CYS B 590 -59.22 13.72 -0.88
N ALA B 591 -59.40 13.28 0.37
CA ALA B 591 -60.73 13.30 0.98
C ALA B 591 -61.20 14.73 1.23
N ASP B 592 -60.34 15.58 1.79
CA ASP B 592 -60.76 16.96 2.00
C ASP B 592 -60.85 17.71 0.68
N ALA B 593 -60.15 17.25 -0.36
CA ALA B 593 -60.40 17.76 -1.71
C ALA B 593 -61.80 17.42 -2.17
N LEU B 594 -62.25 16.19 -1.91
CA LEU B 594 -63.57 15.74 -2.34
C LEU B 594 -64.70 16.28 -1.45
N GLU B 595 -64.38 16.75 -0.25
CA GLU B 595 -65.42 17.17 0.69
C GLU B 595 -66.32 18.29 0.17
N PRO B 596 -65.79 19.43 -0.31
CA PRO B 596 -66.70 20.53 -0.68
C PRO B 596 -67.68 20.18 -1.79
N HIS B 597 -67.26 19.34 -2.74
CA HIS B 597 -68.14 19.03 -3.88
C HIS B 597 -69.23 18.05 -3.47
N LEU B 598 -68.85 16.87 -3.00
CA LEU B 598 -69.80 15.87 -2.56
C LEU B 598 -70.06 16.03 -1.07
N ASP B 599 -71.32 16.28 -0.71
CA ASP B 599 -71.67 16.65 0.65
C ASP B 599 -71.27 15.59 1.68
N PHE B 600 -71.11 14.34 1.25
CA PHE B 600 -70.77 13.28 2.20
C PHE B 600 -69.39 13.52 2.80
N GLU B 601 -69.29 13.36 4.12
CA GLU B 601 -68.09 13.66 4.87
C GLU B 601 -67.25 12.40 5.05
N VAL B 602 -66.00 12.60 5.50
CA VAL B 602 -65.13 11.47 5.78
C VAL B 602 -65.47 10.80 7.12
N ILE B 603 -66.24 11.48 7.97
CA ILE B 603 -66.63 10.94 9.27
C ILE B 603 -67.59 9.77 9.12
N PRO B 604 -68.75 9.92 8.41
CA PRO B 604 -69.85 8.94 8.59
C PRO B 604 -69.51 7.48 8.36
N PHE B 605 -69.14 7.09 7.14
CA PHE B 605 -69.00 5.66 6.85
C PHE B 605 -67.56 5.18 6.79
N LEU B 606 -66.59 6.08 6.75
CA LEU B 606 -65.24 5.71 7.13
C LEU B 606 -65.06 5.72 8.64
N ARG B 607 -66.10 6.06 9.41
CA ARG B 607 -66.17 5.63 10.80
C ARG B 607 -66.51 4.15 10.84
N ALA B 608 -67.29 3.69 9.85
CA ALA B 608 -67.60 2.29 9.57
C ALA B 608 -68.62 1.71 10.55
N GLU B 609 -69.65 1.06 10.02
CA GLU B 609 -70.56 0.25 10.82
C GLU B 609 -70.15 -1.21 10.60
N ALA B 610 -69.05 -1.58 11.24
CA ALA B 610 -68.46 -2.89 11.00
C ALA B 610 -69.43 -4.01 11.41
N ALA B 611 -70.08 -3.85 12.55
CA ALA B 611 -71.05 -4.83 13.06
C ALA B 611 -70.43 -6.21 13.17
N ARG B 623 -75.09 1.76 -4.74
CA ARG B 623 -75.33 3.19 -4.85
C ARG B 623 -74.13 3.92 -5.44
N VAL B 624 -74.12 4.06 -6.76
CA VAL B 624 -72.98 4.66 -7.45
C VAL B 624 -72.80 6.14 -7.09
N ASP B 625 -73.80 6.75 -6.45
CA ASP B 625 -73.68 8.16 -6.08
C ASP B 625 -72.58 8.39 -5.06
N VAL B 626 -72.23 7.38 -4.27
CA VAL B 626 -71.32 7.54 -3.14
C VAL B 626 -70.04 6.74 -3.34
N VAL B 627 -70.13 5.53 -3.89
CA VAL B 627 -69.00 4.61 -3.84
C VAL B 627 -67.86 5.10 -4.73
N GLN B 628 -68.13 5.27 -6.03
CA GLN B 628 -67.06 5.47 -7.01
C GLN B 628 -66.05 6.53 -6.61
N PRO B 629 -66.43 7.72 -6.13
CA PRO B 629 -65.41 8.65 -5.64
C PRO B 629 -64.58 8.09 -4.49
N VAL B 630 -65.21 7.36 -3.56
CA VAL B 630 -64.42 6.86 -2.43
C VAL B 630 -63.53 5.69 -2.85
N MET B 631 -63.98 4.86 -3.79
CA MET B 631 -63.09 3.83 -4.32
C MET B 631 -61.91 4.46 -5.04
N PHE B 632 -62.16 5.54 -5.79
CA PHE B 632 -61.06 6.27 -6.42
C PHE B 632 -60.09 6.83 -5.37
N ALA B 633 -60.62 7.39 -4.29
CA ALA B 633 -59.78 7.96 -3.25
C ALA B 633 -58.91 6.91 -2.59
N VAL B 634 -59.52 5.80 -2.16
CA VAL B 634 -58.71 4.76 -1.51
C VAL B 634 -57.76 4.13 -2.52
N MET B 635 -58.13 4.06 -3.80
CA MET B 635 -57.23 3.51 -4.80
C MET B 635 -55.98 4.38 -4.97
N VAL B 636 -56.17 5.70 -5.06
CA VAL B 636 -55.01 6.56 -5.22
C VAL B 636 -54.17 6.56 -3.96
N SER B 637 -54.78 6.46 -2.78
CA SER B 637 -54.00 6.38 -1.55
C SER B 637 -53.16 5.10 -1.52
N LEU B 638 -53.77 3.96 -1.89
CA LEU B 638 -53.03 2.71 -1.93
C LEU B 638 -51.90 2.76 -2.95
N ALA B 639 -52.17 3.34 -4.12
CA ALA B 639 -51.14 3.48 -5.13
C ALA B 639 -49.99 4.34 -4.62
N SER B 640 -50.31 5.43 -3.92
CA SER B 640 -49.27 6.30 -3.38
C SER B 640 -48.43 5.56 -2.36
N MET B 641 -49.06 4.80 -1.47
CA MET B 641 -48.27 4.09 -0.46
C MET B 641 -47.42 3.00 -1.09
N TRP B 642 -47.96 2.31 -2.10
CA TRP B 642 -47.18 1.29 -2.80
C TRP B 642 -45.98 1.90 -3.49
N ARG B 643 -46.18 3.01 -4.22
CA ARG B 643 -45.06 3.63 -4.92
C ARG B 643 -44.06 4.24 -3.94
N ALA B 644 -44.51 4.67 -2.76
CA ALA B 644 -43.58 5.15 -1.75
C ALA B 644 -42.81 4.01 -1.11
N HIS B 645 -43.39 2.80 -1.12
CA HIS B 645 -42.73 1.63 -0.56
C HIS B 645 -41.69 1.02 -1.49
N GLY B 646 -41.27 1.75 -2.53
CA GLY B 646 -40.15 1.35 -3.35
C GLY B 646 -40.51 0.70 -4.67
N VAL B 647 -41.74 0.20 -4.81
CA VAL B 647 -42.16 -0.46 -6.04
C VAL B 647 -42.88 0.55 -6.92
N GLU B 648 -42.27 0.87 -8.07
CA GLU B 648 -42.71 1.79 -9.08
C GLU B 648 -43.69 1.11 -10.04
N PRO B 649 -44.55 1.86 -10.72
CA PRO B 649 -45.50 1.24 -11.65
C PRO B 649 -44.96 1.14 -13.07
N ALA B 650 -45.82 0.67 -13.97
CA ALA B 650 -45.55 0.63 -15.40
C ALA B 650 -46.85 1.04 -16.09
N ALA B 651 -46.96 0.73 -17.38
CA ALA B 651 -48.19 1.01 -18.10
C ALA B 651 -49.38 0.35 -17.40
N VAL B 652 -50.47 1.11 -17.28
CA VAL B 652 -51.65 0.71 -16.52
C VAL B 652 -52.80 0.45 -17.48
N ILE B 653 -53.55 -0.62 -17.22
CA ILE B 653 -54.65 -1.01 -18.09
C ILE B 653 -55.95 -0.98 -17.27
N GLY B 654 -56.02 -0.06 -16.31
CA GLY B 654 -57.18 0.06 -15.46
C GLY B 654 -58.48 0.26 -16.22
N HIS B 655 -59.53 -0.46 -15.81
CA HIS B 655 -60.79 -0.48 -16.54
C HIS B 655 -61.87 0.26 -15.76
N SER B 656 -62.81 0.86 -16.51
CA SER B 656 -63.91 1.63 -15.94
C SER B 656 -63.39 2.77 -15.08
N GLN B 657 -63.65 2.71 -13.77
CA GLN B 657 -63.02 3.64 -12.85
C GLN B 657 -61.51 3.54 -12.87
N GLY B 658 -60.98 2.38 -13.26
CA GLY B 658 -59.54 2.23 -13.41
C GLY B 658 -58.96 3.17 -14.43
N GLU B 659 -59.75 3.58 -15.42
CA GLU B 659 -59.26 4.57 -16.38
C GLU B 659 -58.96 5.90 -15.69
N ILE B 660 -59.87 6.35 -14.82
CA ILE B 660 -59.63 7.58 -14.08
C ILE B 660 -58.49 7.39 -13.09
N ALA B 661 -58.40 6.20 -12.48
CA ALA B 661 -57.30 5.93 -11.56
C ALA B 661 -55.95 6.02 -12.27
N ALA B 662 -55.86 5.42 -13.46
CA ALA B 662 -54.63 5.49 -14.25
C ALA B 662 -54.36 6.91 -14.73
N ALA B 663 -55.42 7.68 -15.02
CA ALA B 663 -55.23 9.08 -15.37
C ALA B 663 -54.60 9.84 -14.21
N CYS B 664 -55.07 9.59 -12.99
CA CYS B 664 -54.49 10.24 -11.82
C CYS B 664 -53.06 9.81 -11.61
N VAL B 665 -52.77 8.51 -11.77
CA VAL B 665 -51.43 8.00 -11.48
C VAL B 665 -50.42 8.46 -12.52
N ALA B 666 -50.79 8.39 -13.80
CA ALA B 666 -49.85 8.69 -14.88
C ALA B 666 -49.67 10.17 -15.13
N GLY B 667 -50.47 11.03 -14.50
CA GLY B 667 -50.28 12.46 -14.64
C GLY B 667 -51.20 13.10 -15.66
N ALA B 668 -52.47 12.70 -15.67
CA ALA B 668 -53.44 13.32 -16.56
C ALA B 668 -54.21 14.45 -15.87
N LEU B 669 -54.59 14.25 -14.61
CA LEU B 669 -55.34 15.23 -13.86
C LEU B 669 -54.88 15.20 -12.41
N SER B 670 -54.87 16.37 -11.77
CA SER B 670 -54.37 16.47 -10.41
C SER B 670 -55.32 15.79 -9.43
N LEU B 671 -54.80 15.53 -8.22
CA LEU B 671 -55.55 14.77 -7.23
C LEU B 671 -56.90 15.42 -6.92
N ASP B 672 -56.89 16.71 -6.58
CA ASP B 672 -58.14 17.42 -6.35
C ASP B 672 -58.98 17.47 -7.63
N ASP B 673 -58.34 17.74 -8.77
CA ASP B 673 -59.09 17.84 -10.02
C ASP B 673 -59.64 16.49 -10.45
N ALA B 674 -58.87 15.42 -10.30
CA ALA B 674 -59.38 14.09 -10.60
C ALA B 674 -60.51 13.70 -9.67
N ALA B 675 -60.40 14.06 -8.38
CA ALA B 675 -61.50 13.81 -7.45
C ALA B 675 -62.75 14.56 -7.86
N ARG B 676 -62.60 15.82 -8.27
CA ARG B 676 -63.76 16.59 -8.71
C ARG B 676 -64.38 15.99 -9.95
N VAL B 677 -63.56 15.54 -10.91
CA VAL B 677 -64.12 14.99 -12.14
C VAL B 677 -64.81 13.65 -11.86
N VAL B 678 -64.27 12.86 -10.93
CA VAL B 678 -64.95 11.61 -10.59
C VAL B 678 -66.23 11.88 -9.83
N ALA B 679 -66.26 12.97 -9.04
CA ALA B 679 -67.51 13.36 -8.38
C ALA B 679 -68.56 13.78 -9.41
N LEU B 680 -68.15 14.52 -10.43
CA LEU B 680 -69.07 14.88 -11.50
C LEU B 680 -69.57 13.65 -12.23
N ARG B 681 -68.67 12.69 -12.51
CA ARG B 681 -69.07 11.45 -13.15
C ARG B 681 -70.07 10.68 -12.31
N SER B 682 -69.84 10.63 -10.99
CA SER B 682 -70.77 9.96 -10.10
C SER B 682 -72.12 10.65 -10.07
N ARG B 683 -72.12 11.99 -10.04
CA ARG B 683 -73.39 12.71 -9.97
C ARG B 683 -74.17 12.60 -11.28
N VAL B 684 -73.48 12.42 -12.42
CA VAL B 684 -74.20 12.23 -13.67
C VAL B 684 -74.51 10.76 -13.93
N ILE B 685 -73.88 9.83 -13.23
CA ILE B 685 -74.15 8.40 -13.39
C ILE B 685 -75.10 7.85 -12.33
N ALA B 686 -75.44 8.64 -11.31
CA ALA B 686 -76.37 8.20 -10.28
C ALA B 686 -77.83 8.42 -10.66
N THR B 687 -78.14 8.54 -11.95
CA THR B 687 -79.52 8.80 -12.37
C THR B 687 -80.13 7.68 -13.20
N MET B 688 -79.40 7.08 -14.15
CA MET B 688 -80.01 6.01 -14.95
C MET B 688 -80.29 4.73 -14.17
N PRO B 689 -79.52 4.35 -13.13
CA PRO B 689 -79.88 3.15 -12.37
C PRO B 689 -81.25 3.31 -11.72
N GLY B 690 -82.00 2.21 -11.68
CA GLY B 690 -83.33 2.21 -11.10
C GLY B 690 -84.34 1.48 -11.96
N VAL B 782 -44.81 9.54 -17.84
CA VAL B 782 -45.22 8.20 -17.44
C VAL B 782 -45.93 7.52 -18.59
N PRO B 783 -45.49 6.30 -18.93
CA PRO B 783 -46.13 5.57 -20.04
C PRO B 783 -47.40 4.88 -19.58
N PHE B 784 -48.48 5.07 -20.33
CA PHE B 784 -49.78 4.49 -20.02
C PHE B 784 -50.30 3.75 -21.24
N PHE B 785 -50.98 2.64 -21.00
CA PHE B 785 -51.50 1.78 -22.05
C PHE B 785 -53.03 1.92 -22.07
N SER B 786 -53.57 2.35 -23.20
CA SER B 786 -55.00 2.56 -23.31
C SER B 786 -55.74 1.23 -23.25
N THR B 787 -56.98 1.28 -22.75
CA THR B 787 -57.82 0.11 -22.56
C THR B 787 -58.96 0.03 -23.57
N VAL B 788 -59.74 1.10 -23.69
CA VAL B 788 -60.87 1.09 -24.62
C VAL B 788 -60.41 1.04 -26.07
N THR B 789 -59.17 1.43 -26.35
CA THR B 789 -58.61 1.35 -27.70
C THR B 789 -57.45 0.40 -27.80
N GLY B 790 -56.58 0.33 -26.78
CA GLY B 790 -55.47 -0.59 -26.80
C GLY B 790 -54.24 -0.07 -27.51
N ARG B 791 -53.75 1.08 -27.06
CA ARG B 791 -52.55 1.67 -27.66
C ARG B 791 -51.78 2.44 -26.60
N TRP B 792 -50.50 2.65 -26.86
CA TRP B 792 -49.65 3.45 -25.98
C TRP B 792 -49.90 4.92 -26.26
N THR B 793 -50.39 5.65 -25.26
CA THR B 793 -50.84 7.02 -25.43
C THR B 793 -50.25 7.92 -24.35
N GLN B 794 -50.09 9.19 -24.68
CA GLN B 794 -49.57 10.16 -23.75
C GLN B 794 -50.62 10.50 -22.68
N PRO B 795 -50.19 10.90 -21.48
CA PRO B 795 -51.14 11.14 -20.40
C PRO B 795 -51.89 12.47 -20.48
N ASP B 796 -51.88 13.15 -21.61
CA ASP B 796 -52.55 14.44 -21.72
C ASP B 796 -53.84 14.40 -22.52
N GLU B 797 -53.98 13.47 -23.45
CA GLU B 797 -55.16 13.45 -24.31
C GLU B 797 -56.44 13.14 -23.55
N LEU B 798 -56.34 12.49 -22.39
CA LEU B 798 -57.53 12.18 -21.59
C LEU B 798 -58.24 13.46 -21.17
N ASP B 799 -59.47 13.64 -21.64
CA ASP B 799 -60.22 14.86 -21.40
C ASP B 799 -61.68 14.51 -21.12
N ALA B 800 -62.55 15.51 -21.18
CA ALA B 800 -63.97 15.29 -20.95
C ALA B 800 -64.56 14.37 -22.01
N GLY B 801 -64.14 14.55 -23.27
CA GLY B 801 -64.62 13.67 -24.33
C GLY B 801 -64.22 12.22 -24.11
N TYR B 802 -63.08 11.99 -23.46
CA TYR B 802 -62.65 10.63 -23.16
C TYR B 802 -63.59 9.95 -22.17
N TRP B 803 -64.13 10.72 -21.22
CA TRP B 803 -65.04 10.17 -20.23
C TRP B 803 -66.37 9.76 -20.86
N PHE B 813 -59.42 -7.36 -23.26
CA PHE B 813 -58.62 -7.82 -22.13
C PHE B 813 -57.52 -8.75 -22.59
N ALA B 814 -57.79 -9.49 -23.66
CA ALA B 814 -56.85 -10.50 -24.14
C ALA B 814 -55.68 -9.87 -24.88
N ASP B 815 -55.95 -9.21 -26.01
CA ASP B 815 -54.89 -8.64 -26.83
C ASP B 815 -54.04 -7.66 -26.02
N ALA B 816 -54.64 -6.96 -25.07
CA ALA B 816 -53.88 -6.03 -24.24
C ALA B 816 -52.80 -6.76 -23.45
N VAL B 817 -53.16 -7.85 -22.78
CA VAL B 817 -52.17 -8.56 -21.99
C VAL B 817 -51.17 -9.29 -22.87
N ARG B 818 -51.60 -9.78 -24.04
CA ARG B 818 -50.63 -10.36 -24.97
C ARG B 818 -49.58 -9.33 -25.37
N ALA B 819 -50.01 -8.13 -25.77
CA ALA B 819 -49.05 -7.10 -26.17
C ALA B 819 -48.17 -6.68 -25.01
N LEU B 820 -48.74 -6.55 -23.82
CA LEU B 820 -47.95 -6.14 -22.66
C LEU B 820 -46.89 -7.18 -22.32
N ALA B 821 -47.25 -8.46 -22.39
CA ALA B 821 -46.27 -9.52 -22.17
C ALA B 821 -45.20 -9.49 -23.26
N GLU B 822 -45.60 -9.32 -24.52
CA GLU B 822 -44.63 -9.30 -25.61
C GLU B 822 -43.68 -8.12 -25.51
N GLN B 823 -44.12 -7.04 -24.87
CA GLN B 823 -43.22 -5.90 -24.64
C GLN B 823 -42.07 -6.29 -23.71
N GLY B 824 -42.35 -7.06 -22.67
CA GLY B 824 -41.32 -7.49 -21.75
C GLY B 824 -41.76 -7.52 -20.30
N TYR B 825 -43.00 -7.10 -20.04
CA TYR B 825 -43.55 -7.08 -18.69
C TYR B 825 -44.33 -8.37 -18.48
N ARG B 826 -43.96 -9.13 -17.45
CA ARG B 826 -44.49 -10.47 -17.26
C ARG B 826 -45.20 -10.66 -15.92
N THR B 827 -45.44 -9.59 -15.18
CA THR B 827 -46.17 -9.69 -13.92
C THR B 827 -47.25 -8.62 -13.89
N PHE B 828 -48.34 -8.93 -13.19
CA PHE B 828 -49.47 -8.03 -13.07
C PHE B 828 -49.85 -7.89 -11.60
N LEU B 829 -49.98 -6.65 -11.13
CA LEU B 829 -50.31 -6.36 -9.74
C LEU B 829 -51.56 -5.50 -9.73
N GLU B 830 -52.61 -5.97 -9.08
CA GLU B 830 -53.84 -5.22 -8.90
C GLU B 830 -53.96 -4.78 -7.45
N VAL B 831 -54.42 -3.55 -7.26
CA VAL B 831 -54.62 -2.98 -5.93
C VAL B 831 -56.10 -3.12 -5.62
N SER B 832 -56.45 -4.20 -4.93
CA SER B 832 -57.84 -4.46 -4.59
C SER B 832 -57.89 -5.31 -3.32
N ALA B 833 -58.98 -5.12 -2.57
CA ALA B 833 -59.17 -5.91 -1.35
C ALA B 833 -59.43 -7.38 -1.67
N HIS B 834 -59.87 -7.69 -2.88
CA HIS B 834 -60.09 -9.06 -3.32
C HIS B 834 -59.73 -9.12 -4.79
N PRO B 835 -58.79 -9.98 -5.19
CA PRO B 835 -58.39 -10.04 -6.60
C PRO B 835 -59.53 -10.57 -7.46
N ILE B 836 -59.83 -9.83 -8.54
CA ILE B 836 -60.93 -10.14 -9.43
C ILE B 836 -60.37 -10.38 -10.82
N LEU B 837 -60.93 -11.36 -11.53
CA LEU B 837 -60.49 -11.78 -12.86
C LEU B 837 -59.06 -12.33 -12.85
N THR B 838 -58.57 -12.72 -11.67
CA THR B 838 -57.22 -13.26 -11.57
C THR B 838 -57.09 -14.55 -12.37
N ALA B 839 -58.07 -15.46 -12.22
CA ALA B 839 -58.03 -16.70 -12.97
C ALA B 839 -58.07 -16.45 -14.47
N ALA B 840 -58.90 -15.50 -14.91
CA ALA B 840 -58.96 -15.13 -16.31
C ALA B 840 -57.58 -14.73 -16.82
N ILE B 841 -56.87 -13.90 -16.05
CA ILE B 841 -55.47 -13.61 -16.38
C ILE B 841 -54.62 -14.86 -16.19
N GLU B 842 -54.83 -15.59 -15.09
CA GLU B 842 -53.98 -16.74 -14.80
C GLU B 842 -54.10 -17.80 -15.89
N GLU B 843 -55.32 -18.05 -16.38
CA GLU B 843 -55.49 -18.99 -17.48
C GLU B 843 -54.71 -18.56 -18.71
N ILE B 844 -54.58 -17.25 -18.93
CA ILE B 844 -53.81 -16.76 -20.06
C ILE B 844 -52.32 -16.95 -19.83
N GLY B 845 -51.88 -17.04 -18.56
CA GLY B 845 -50.46 -17.12 -18.28
C GLY B 845 -49.77 -18.27 -18.99
N ASP B 846 -50.41 -19.43 -19.03
CA ASP B 846 -49.92 -20.56 -19.80
C ASP B 846 -50.37 -20.53 -21.25
N GLY B 847 -51.30 -19.64 -21.62
CA GLY B 847 -51.84 -19.63 -22.96
C GLY B 847 -50.92 -19.08 -24.02
N SER B 848 -50.01 -18.18 -23.65
CA SER B 848 -49.11 -17.57 -24.62
C SER B 848 -47.93 -16.94 -23.91
N GLY B 849 -46.73 -17.16 -24.44
CA GLY B 849 -45.53 -16.55 -23.89
C GLY B 849 -45.19 -17.10 -22.51
N ALA B 850 -44.48 -16.26 -21.76
CA ALA B 850 -44.07 -16.63 -20.42
C ALA B 850 -45.27 -16.65 -19.47
N ASP B 851 -45.09 -17.33 -18.34
CA ASP B 851 -46.17 -17.45 -17.37
C ASP B 851 -46.44 -16.12 -16.69
N LEU B 852 -47.66 -15.99 -16.16
CA LEU B 852 -48.13 -14.75 -15.56
C LEU B 852 -48.58 -15.02 -14.13
N SER B 853 -48.21 -14.12 -13.23
CA SER B 853 -48.59 -14.20 -11.83
C SER B 853 -49.22 -12.90 -11.38
N ALA B 854 -50.31 -13.01 -10.62
CA ALA B 854 -51.03 -11.87 -10.08
C ALA B 854 -51.03 -11.94 -8.56
N ILE B 855 -50.72 -10.83 -7.92
CA ILE B 855 -50.55 -10.77 -6.47
C ILE B 855 -51.70 -9.97 -5.87
N HIS B 856 -52.40 -10.57 -4.92
CA HIS B 856 -53.47 -9.87 -4.22
C HIS B 856 -52.89 -8.81 -3.28
N SER B 857 -53.75 -7.88 -2.87
CA SER B 857 -53.38 -6.83 -1.94
C SER B 857 -53.93 -7.09 -0.55
N LEU B 858 -55.24 -7.29 -0.42
CA LEU B 858 -55.89 -7.62 0.84
C LEU B 858 -56.66 -8.92 0.69
N ARG B 859 -57.42 -9.28 1.73
CA ARG B 859 -58.14 -10.54 1.76
C ARG B 859 -59.56 -10.28 2.25
N ARG B 860 -60.28 -11.36 2.57
CA ARG B 860 -61.67 -11.26 3.01
C ARG B 860 -61.73 -10.72 4.42
N GLY B 861 -61.86 -9.40 4.56
CA GLY B 861 -61.90 -8.77 5.86
C GLY B 861 -60.58 -8.72 6.59
N ASP B 862 -59.49 -9.22 5.98
CA ASP B 862 -58.18 -9.23 6.62
C ASP B 862 -57.47 -7.91 6.36
N GLY B 863 -57.99 -6.86 7.01
CA GLY B 863 -57.43 -5.53 6.86
C GLY B 863 -56.19 -5.27 7.69
N SER B 864 -55.72 -6.28 8.44
CA SER B 864 -54.54 -6.11 9.26
C SER B 864 -53.30 -5.91 8.40
N LEU B 865 -52.29 -5.26 8.98
CA LEU B 865 -51.08 -4.96 8.24
C LEU B 865 -50.33 -6.24 7.88
N ALA B 866 -50.53 -7.32 8.65
CA ALA B 866 -49.91 -8.60 8.32
C ALA B 866 -50.29 -9.06 6.92
N ASP B 867 -51.49 -8.72 6.47
CA ASP B 867 -51.87 -9.00 5.09
C ASP B 867 -50.96 -8.27 4.12
N PHE B 868 -50.62 -7.02 4.42
CA PHE B 868 -49.67 -6.31 3.58
C PHE B 868 -48.27 -6.91 3.67
N GLY B 869 -47.90 -7.46 4.83
CA GLY B 869 -46.65 -8.19 4.90
C GLY B 869 -46.63 -9.39 3.98
N GLU B 870 -47.71 -10.15 3.95
CA GLU B 870 -47.81 -11.27 3.02
C GLU B 870 -47.77 -10.78 1.57
N ALA B 871 -48.44 -9.66 1.28
CA ALA B 871 -48.40 -9.12 -0.06
C ALA B 871 -46.98 -8.73 -0.48
N LEU B 872 -46.24 -8.10 0.43
CA LEU B 872 -44.86 -7.73 0.13
C LEU B 872 -43.99 -8.97 -0.06
N SER B 873 -44.19 -9.99 0.77
CA SER B 873 -43.43 -11.23 0.63
C SER B 873 -43.71 -11.89 -0.72
N ARG B 874 -44.97 -11.90 -1.15
CA ARG B 874 -45.30 -12.41 -2.47
C ARG B 874 -44.71 -11.53 -3.58
N ALA B 875 -44.61 -10.23 -3.33
CA ALA B 875 -44.02 -9.33 -4.32
C ALA B 875 -42.54 -9.64 -4.54
N PHE B 876 -41.78 -9.74 -3.44
CA PHE B 876 -40.37 -10.10 -3.56
C PHE B 876 -40.18 -11.51 -4.10
N ALA B 877 -41.18 -12.38 -3.97
CA ALA B 877 -41.02 -13.77 -4.38
C ALA B 877 -40.83 -13.91 -5.88
N ALA B 878 -41.35 -12.96 -6.66
CA ALA B 878 -41.25 -13.02 -8.12
C ALA B 878 -40.72 -11.70 -8.68
N GLY B 879 -39.40 -11.55 -8.66
CA GLY B 879 -38.70 -10.53 -9.43
C GLY B 879 -39.22 -9.11 -9.35
N VAL B 880 -39.42 -8.59 -8.15
CA VAL B 880 -39.85 -7.20 -7.96
C VAL B 880 -38.85 -6.50 -7.06
N ALA B 881 -38.39 -5.33 -7.49
CA ALA B 881 -37.42 -4.55 -6.72
C ALA B 881 -38.15 -3.79 -5.63
N VAL B 882 -37.71 -3.96 -4.38
CA VAL B 882 -38.32 -3.33 -3.22
C VAL B 882 -37.25 -2.56 -2.47
N ASP B 883 -37.55 -1.31 -2.11
CA ASP B 883 -36.62 -0.45 -1.37
C ASP B 883 -36.79 -0.76 0.11
N TRP B 884 -35.88 -1.57 0.65
CA TRP B 884 -36.05 -2.08 2.01
C TRP B 884 -35.80 -1.01 3.07
N GLU B 885 -34.92 -0.04 2.79
CA GLU B 885 -34.74 1.07 3.70
C GLU B 885 -36.04 1.84 3.90
N SER B 886 -36.81 2.01 2.82
CA SER B 886 -38.09 2.72 2.93
C SER B 886 -39.07 1.96 3.82
N VAL B 887 -39.15 0.64 3.68
CA VAL B 887 -40.10 -0.11 4.48
C VAL B 887 -39.62 -0.34 5.90
N HIS B 888 -38.32 -0.13 6.17
CA HIS B 888 -37.81 -0.21 7.54
C HIS B 888 -37.70 1.16 8.18
N LEU B 889 -36.91 2.06 7.58
CA LEU B 889 -36.72 3.42 8.05
C LEU B 889 -36.46 3.47 9.56
N GLY B 890 -37.45 3.87 10.34
CA GLY B 890 -37.27 4.02 11.77
C GLY B 890 -37.82 2.88 12.60
N THR B 891 -36.94 1.96 13.00
CA THR B 891 -37.31 0.89 13.92
C THR B 891 -36.26 0.65 15.01
N GLY B 892 -35.10 1.30 14.96
CA GLY B 892 -34.05 1.02 15.89
C GLY B 892 -33.28 -0.25 15.63
N ALA B 893 -33.56 -0.93 14.52
CA ALA B 893 -32.87 -2.18 14.23
C ALA B 893 -31.41 -1.92 13.88
N ARG B 894 -30.52 -2.69 14.48
CA ARG B 894 -29.08 -2.56 14.28
C ARG B 894 -28.55 -3.80 13.59
N ARG B 895 -27.38 -3.65 12.99
CA ARG B 895 -26.77 -4.75 12.24
C ARG B 895 -26.41 -5.90 13.18
N VAL B 896 -26.53 -7.12 12.66
CA VAL B 896 -26.23 -8.32 13.43
C VAL B 896 -25.46 -9.29 12.54
N PRO B 897 -24.36 -9.87 13.02
CA PRO B 897 -23.60 -10.81 12.18
C PRO B 897 -24.43 -12.02 11.80
N LEU B 898 -24.18 -12.52 10.60
CA LEU B 898 -24.90 -13.66 10.04
C LEU B 898 -23.94 -14.54 9.26
N PRO B 899 -24.27 -15.82 9.08
CA PRO B 899 -23.41 -16.69 8.28
C PRO B 899 -23.34 -16.23 6.83
N THR B 900 -22.18 -16.47 6.22
CA THR B 900 -21.93 -16.05 4.84
C THR B 900 -22.55 -17.07 3.88
N TYR B 901 -22.21 -16.95 2.60
CA TYR B 901 -22.83 -17.78 1.58
C TYR B 901 -22.27 -19.21 1.63
N PRO B 902 -23.13 -20.22 1.64
CA PRO B 902 -22.64 -21.61 1.52
C PRO B 902 -22.50 -22.04 0.07
N PHE B 903 -21.36 -22.64 -0.28
CA PHE B 903 -21.02 -22.94 -1.66
C PHE B 903 -21.27 -24.42 -1.96
N GLN B 904 -21.08 -24.77 -3.23
CA GLN B 904 -21.19 -26.15 -3.72
C GLN B 904 -19.94 -26.43 -4.55
N ARG B 905 -18.91 -27.01 -3.92
CA ARG B 905 -17.62 -27.17 -4.56
C ARG B 905 -17.51 -28.52 -5.26
N GLU B 906 -16.64 -28.57 -6.27
CA GLU B 906 -16.37 -29.78 -7.02
C GLU B 906 -14.87 -29.86 -7.30
N ARG B 907 -14.39 -31.08 -7.49
CA ARG B 907 -12.95 -31.29 -7.69
C ARG B 907 -12.51 -30.75 -9.04
N VAL B 908 -11.50 -29.88 -9.02
CA VAL B 908 -10.96 -29.25 -10.22
C VAL B 908 -9.45 -29.37 -10.15
N TRP B 909 -8.89 -30.39 -10.81
CA TRP B 909 -7.46 -30.63 -10.80
C TRP B 909 -6.98 -30.95 -12.20
N LEU B 910 -5.69 -30.70 -12.43
CA LEU B 910 -5.08 -30.91 -13.74
C LEU B 910 -3.65 -31.38 -13.49
N GLU B 911 -3.44 -32.69 -13.54
CA GLU B 911 -2.15 -33.26 -13.20
C GLU B 911 -1.10 -32.85 -14.24
N PRO B 912 0.17 -32.72 -13.82
CA PRO B 912 1.27 -32.39 -14.73
C PRO B 912 1.85 -33.62 -15.43
N GLU C 3 14.88 34.07 3.27
CA GLU C 3 15.09 33.94 4.70
C GLU C 3 15.33 35.30 5.35
N VAL C 4 15.55 35.30 6.66
CA VAL C 4 15.75 36.53 7.43
C VAL C 4 17.11 36.46 8.10
N GLN C 5 17.94 37.48 7.87
CA GLN C 5 19.26 37.59 8.47
C GLN C 5 19.30 38.82 9.38
N LEU C 6 19.81 38.63 10.59
CA LEU C 6 19.95 39.71 11.57
C LEU C 6 21.33 39.66 12.21
N VAL C 7 22.36 39.54 11.38
CA VAL C 7 23.72 39.42 11.88
C VAL C 7 24.18 40.76 12.45
N GLN C 8 24.72 40.73 13.65
CA GLN C 8 25.27 41.92 14.29
C GLN C 8 26.71 42.14 13.85
N SER C 9 27.23 43.33 14.13
CA SER C 9 28.61 43.67 13.84
C SER C 9 29.11 44.64 14.90
N GLY C 10 30.16 44.26 15.58
CA GLY C 10 30.75 45.12 16.59
C GLY C 10 31.39 44.31 17.70
N GLY C 11 31.98 45.03 18.64
CA GLY C 11 32.61 44.43 19.80
C GLY C 11 33.02 45.51 20.77
N GLY C 12 33.35 45.08 21.99
CA GLY C 12 33.71 46.04 23.01
C GLY C 12 34.64 45.56 24.10
N LEU C 13 35.76 46.28 24.27
CA LEU C 13 36.62 46.12 25.44
C LEU C 13 37.26 47.48 25.69
N VAL C 14 36.62 48.29 26.54
CA VAL C 14 37.08 49.65 26.80
C VAL C 14 37.03 49.91 28.30
N GLN C 15 37.87 50.82 28.76
CA GLN C 15 37.77 51.30 30.12
C GLN C 15 36.63 52.31 30.23
N PRO C 16 36.05 52.48 31.42
CA PRO C 16 34.92 53.41 31.56
C PRO C 16 35.32 54.83 31.22
N GLY C 17 34.40 55.56 30.59
CA GLY C 17 34.63 56.95 30.26
C GLY C 17 34.45 57.29 28.78
N ARG C 18 34.66 56.31 27.91
CA ARG C 18 34.60 56.55 26.47
C ARG C 18 33.27 56.03 25.91
N SER C 19 33.15 56.07 24.59
CA SER C 19 31.94 55.70 23.87
C SER C 19 32.16 54.41 23.08
N LEU C 20 31.08 53.90 22.50
CA LEU C 20 31.13 52.69 21.71
C LEU C 20 29.95 52.69 20.74
N ARG C 21 30.08 51.86 19.70
CA ARG C 21 29.08 51.78 18.64
C ARG C 21 28.74 50.32 18.38
N LEU C 22 27.46 50.04 18.17
CA LEU C 22 26.97 48.70 17.85
C LEU C 22 26.06 48.78 16.65
N SER C 23 26.21 47.82 15.73
CA SER C 23 25.47 47.82 14.47
C SER C 23 24.75 46.51 14.27
N CYS C 24 23.50 46.60 13.81
CA CYS C 24 22.66 45.46 13.49
C CYS C 24 22.29 45.53 12.02
N THR C 25 22.57 44.45 11.29
CA THR C 25 22.35 44.39 9.85
C THR C 25 21.19 43.46 9.55
N ALA C 26 20.26 43.94 8.72
CA ALA C 26 19.07 43.19 8.36
C ALA C 26 19.03 42.96 6.86
N SER C 27 18.52 41.79 6.47
CA SER C 27 18.38 41.45 5.05
C SER C 27 17.32 40.37 4.91
N GLY C 28 16.81 40.23 3.69
CA GLY C 28 15.82 39.22 3.38
C GLY C 28 14.38 39.64 3.60
N PHE C 29 14.15 40.84 4.15
CA PHE C 29 12.79 41.32 4.37
C PHE C 29 12.82 42.84 4.37
N THR C 30 11.64 43.43 4.14
CA THR C 30 11.54 44.88 4.07
C THR C 30 11.76 45.50 5.44
N PHE C 31 12.61 46.52 5.49
CA PHE C 31 12.97 47.18 6.75
C PHE C 31 12.13 48.41 7.04
N GLY C 32 11.30 48.85 6.09
CA GLY C 32 10.55 50.08 6.24
C GLY C 32 9.30 50.00 7.09
N ASP C 33 8.96 48.83 7.61
CA ASP C 33 7.74 48.66 8.38
C ASP C 33 7.96 48.18 9.81
N TYR C 34 8.94 47.31 10.02
CA TYR C 34 9.13 46.73 11.34
C TYR C 34 9.86 47.69 12.27
N ALA C 35 9.77 47.41 13.57
CA ALA C 35 10.44 48.20 14.60
C ALA C 35 11.54 47.37 15.24
N MET C 36 12.74 47.93 15.30
CA MET C 36 13.88 47.22 15.87
C MET C 36 14.00 47.52 17.35
N SER C 37 14.51 46.55 18.11
CA SER C 37 14.69 46.70 19.54
C SER C 37 16.04 46.12 19.95
N TRP C 38 16.56 46.63 21.06
CA TRP C 38 17.83 46.19 21.63
C TRP C 38 17.60 45.72 23.06
N VAL C 39 18.07 44.51 23.37
CA VAL C 39 18.01 43.97 24.72
C VAL C 39 19.41 43.53 25.13
N ARG C 40 19.60 43.30 26.42
CA ARG C 40 20.90 42.90 26.94
C ARG C 40 20.71 41.78 27.96
N GLN C 41 21.76 40.98 28.12
CA GLN C 41 21.78 39.89 29.09
C GLN C 41 23.10 39.94 29.83
N ALA C 42 23.04 40.20 31.12
CA ALA C 42 24.28 40.15 31.87
C ALA C 42 24.56 38.72 32.34
N PRO C 43 25.82 38.33 32.43
CA PRO C 43 26.13 36.95 32.84
C PRO C 43 25.63 36.67 34.25
N GLY C 44 25.04 35.49 34.42
CA GLY C 44 24.54 35.04 35.70
C GLY C 44 23.10 35.37 36.00
N LYS C 45 22.50 36.31 35.27
CA LYS C 45 21.12 36.71 35.54
C LYS C 45 20.26 36.62 34.29
N GLY C 46 19.02 37.12 34.38
CA GLY C 46 18.08 37.03 33.28
C GLY C 46 18.13 38.24 32.36
N LEU C 47 17.32 38.18 31.31
CA LEU C 47 17.28 39.23 30.31
C LEU C 47 16.52 40.45 30.82
N GLU C 48 16.75 41.59 30.17
CA GLU C 48 16.02 42.80 30.46
C GLU C 48 16.00 43.69 29.23
N TRP C 49 14.95 44.49 29.12
CA TRP C 49 14.77 45.35 27.95
C TRP C 49 15.63 46.61 28.07
N VAL C 50 16.18 47.04 26.94
CA VAL C 50 17.09 48.19 26.89
C VAL C 50 16.50 49.33 26.08
N GLY C 51 16.22 49.11 24.80
CA GLY C 51 15.74 50.19 23.96
C GLY C 51 14.86 49.70 22.83
N PHE C 52 14.07 50.62 22.28
CA PHE C 52 13.10 50.29 21.24
C PHE C 52 12.80 51.55 20.44
N ILE C 53 12.76 51.41 19.11
CA ILE C 53 12.51 52.51 18.20
C ILE C 53 11.34 52.14 17.30
N ARG C 54 10.49 53.12 17.00
CA ARG C 54 9.29 52.89 16.20
C ARG C 54 9.67 52.87 14.71
N SER C 55 8.66 52.78 13.85
CA SER C 55 8.85 52.69 12.41
C SER C 55 8.67 54.05 11.75
N LYS C 56 8.77 54.07 10.42
CA LYS C 56 8.67 55.32 9.68
C LYS C 56 7.24 55.85 9.64
N ALA C 57 6.25 54.96 9.75
CA ALA C 57 4.86 55.40 9.75
C ALA C 57 4.55 56.33 10.89
N TYR C 58 5.33 56.27 11.97
CA TYR C 58 5.23 57.20 13.10
C TYR C 58 6.46 58.09 13.24
N GLY C 59 7.65 57.53 13.03
CA GLY C 59 8.86 58.33 12.96
C GLY C 59 9.57 58.52 14.27
N GLY C 60 10.77 57.93 14.41
CA GLY C 60 11.56 58.13 15.60
C GLY C 60 10.83 57.66 16.84
N THR C 61 10.71 58.56 17.82
CA THR C 61 9.99 58.32 19.08
C THR C 61 10.56 57.09 19.80
N THR C 62 11.81 57.25 20.23
CA THR C 62 12.48 56.23 21.03
C THR C 62 12.06 56.34 22.49
N GLU C 63 12.13 55.21 23.19
CA GLU C 63 11.67 55.09 24.57
C GLU C 63 12.69 54.34 25.43
N TYR C 64 13.94 54.80 25.41
CA TYR C 64 14.99 54.23 26.25
C TYR C 64 14.48 53.96 27.65
N ALA C 65 14.69 52.72 28.13
CA ALA C 65 14.00 52.22 29.31
C ALA C 65 14.33 53.01 30.58
N ALA C 66 15.57 52.92 31.04
CA ALA C 66 15.97 53.53 32.30
C ALA C 66 17.47 53.37 32.47
N SER C 67 18.06 54.27 33.25
CA SER C 67 19.49 54.28 33.56
C SER C 67 20.36 54.39 32.32
N VAL C 68 19.77 54.67 31.16
CA VAL C 68 20.52 54.83 29.92
C VAL C 68 20.20 56.14 29.21
N LYS C 69 19.28 56.93 29.74
CA LYS C 69 18.96 58.22 29.13
C LYS C 69 20.16 59.15 29.21
N GLY C 70 20.49 59.80 28.09
CA GLY C 70 21.63 60.68 28.02
C GLY C 70 22.95 60.00 27.77
N ARG C 71 22.98 58.67 27.72
CA ARG C 71 24.20 57.93 27.45
C ARG C 71 24.03 56.84 26.40
N PHE C 72 22.81 56.62 25.91
CA PHE C 72 22.54 55.63 24.88
C PHE C 72 21.68 56.27 23.79
N THR C 73 21.90 55.85 22.56
CA THR C 73 21.16 56.37 21.42
C THR C 73 20.82 55.24 20.46
N ILE C 74 19.72 55.42 19.73
CA ILE C 74 19.27 54.46 18.73
C ILE C 74 19.01 55.20 17.43
N SER C 75 19.53 54.68 16.33
CA SER C 75 19.31 55.29 15.02
C SER C 75 19.08 54.20 13.99
N ARG C 76 18.45 54.56 12.88
CA ARG C 76 18.17 53.63 11.81
C ARG C 76 18.56 54.24 10.47
N ASP C 77 19.01 53.38 9.56
CA ASP C 77 19.39 53.78 8.21
C ASP C 77 18.62 52.93 7.21
N ASP C 78 18.02 53.59 6.22
CA ASP C 78 17.16 52.92 5.25
C ASP C 78 17.87 52.58 3.94
N SER C 79 18.94 53.31 3.60
CA SER C 79 19.68 52.98 2.39
C SER C 79 20.28 51.59 2.47
N LYS C 80 20.84 51.24 3.61
CA LYS C 80 21.37 49.91 3.86
C LYS C 80 20.58 49.15 4.93
N SER C 81 19.59 49.79 5.56
CA SER C 81 18.73 49.17 6.56
C SER C 81 19.56 48.62 7.73
N ILE C 82 20.23 49.54 8.43
CA ILE C 82 21.13 49.19 9.52
C ILE C 82 20.69 49.93 10.77
N ALA C 83 20.62 49.21 11.89
CA ALA C 83 20.29 49.80 13.18
C ALA C 83 21.56 50.07 13.98
N TYR C 84 21.55 51.15 14.74
CA TYR C 84 22.71 51.58 15.51
C TYR C 84 22.32 51.87 16.95
N LEU C 85 23.17 51.41 17.87
CA LEU C 85 22.96 51.58 19.31
C LEU C 85 24.17 52.27 19.91
N GLN C 86 24.61 53.36 19.30
CA GLN C 86 25.77 54.11 19.80
C GLN C 86 25.51 54.61 21.21
N MET C 87 26.48 54.40 22.10
CA MET C 87 26.37 54.78 23.49
C MET C 87 27.65 55.47 23.94
N ASN C 88 27.53 56.28 24.98
CA ASN C 88 28.64 57.07 25.51
C ASN C 88 28.69 56.94 27.02
N SER C 89 29.89 57.20 27.57
CA SER C 89 30.13 57.22 29.01
C SER C 89 29.73 55.90 29.65
N LEU C 90 30.46 54.86 29.26
CA LEU C 90 30.22 53.52 29.79
C LEU C 90 30.51 53.48 31.29
N LYS C 91 29.94 52.46 31.95
CA LYS C 91 30.09 52.30 33.38
C LYS C 91 30.41 50.84 33.67
N THR C 92 30.64 50.54 34.96
CA THR C 92 31.05 49.19 35.35
C THR C 92 29.95 48.17 35.11
N GLU C 93 28.70 48.53 35.38
CA GLU C 93 27.58 47.61 35.29
C GLU C 93 27.07 47.41 33.86
N ASP C 94 27.86 47.77 32.85
CA ASP C 94 27.43 47.64 31.47
C ASP C 94 27.96 46.38 30.77
N THR C 95 28.69 45.53 31.49
CA THR C 95 29.17 44.29 30.89
C THR C 95 28.00 43.35 30.65
N ALA C 96 27.83 42.90 29.42
CA ALA C 96 26.72 42.03 29.06
C ALA C 96 26.94 41.51 27.64
N VAL C 97 25.95 40.78 27.14
CA VAL C 97 25.85 40.41 25.73
C VAL C 97 24.54 41.01 25.20
N TYR C 98 24.64 41.74 24.10
CA TYR C 98 23.51 42.49 23.56
C TYR C 98 22.93 41.77 22.36
N TYR C 99 21.59 41.78 22.30
CA TYR C 99 20.81 41.17 21.23
C TYR C 99 20.00 42.24 20.51
N CYS C 100 19.99 42.15 19.19
CA CYS C 100 19.17 43.00 18.33
C CYS C 100 18.01 42.16 17.81
N THR C 101 16.79 42.62 18.06
CA THR C 101 15.61 41.84 17.73
C THR C 101 14.65 42.66 16.88
N ARG C 102 13.79 41.95 16.15
CA ARG C 102 12.83 42.54 15.22
C ARG C 102 11.45 42.53 15.85
N GLY C 103 10.78 43.66 15.82
CA GLY C 103 9.46 43.79 16.41
C GLY C 103 9.49 44.66 17.66
N GLY C 104 8.39 45.36 17.89
CA GLY C 104 8.29 46.25 19.02
C GLY C 104 7.73 45.58 20.27
N THR C 105 6.57 44.94 20.13
CA THR C 105 5.93 44.23 21.23
C THR C 105 6.11 42.72 21.13
N LEU C 106 5.86 42.15 19.95
CA LEU C 106 6.07 40.73 19.71
C LEU C 106 7.50 40.55 19.23
N PHE C 107 8.36 40.03 20.11
CA PHE C 107 9.76 39.82 19.76
C PHE C 107 9.90 38.65 18.81
N ASP C 108 9.94 38.94 17.51
CA ASP C 108 10.04 37.92 16.48
C ASP C 108 11.48 37.44 16.37
N TYR C 109 11.81 36.78 15.26
CA TYR C 109 13.11 36.18 15.01
C TYR C 109 14.26 37.07 15.47
N TRP C 110 15.11 36.52 16.34
CA TRP C 110 16.20 37.26 16.96
C TRP C 110 17.46 37.18 16.09
N GLY C 111 18.56 37.67 16.64
CA GLY C 111 19.86 37.56 16.01
C GLY C 111 20.91 37.14 17.02
N GLN C 112 22.09 36.78 16.51
CA GLN C 112 23.20 36.41 17.37
C GLN C 112 23.63 37.61 18.21
N GLY C 113 24.27 37.33 19.34
CA GLY C 113 24.61 38.35 20.31
C GLY C 113 26.03 38.84 20.20
N THR C 114 26.24 40.08 20.65
CA THR C 114 27.56 40.69 20.69
C THR C 114 27.94 40.96 22.14
N LEU C 115 29.09 40.44 22.56
CA LEU C 115 29.53 40.56 23.94
C LEU C 115 30.37 41.81 24.11
N VAL C 116 30.09 42.59 25.15
CA VAL C 116 30.86 43.79 25.45
C VAL C 116 31.42 43.68 26.86
N THR C 117 32.48 44.45 27.11
CA THR C 117 33.16 44.42 28.40
C THR C 117 33.59 45.84 28.76
N VAL C 118 33.87 46.05 30.05
CA VAL C 118 34.25 47.34 30.59
C VAL C 118 35.35 47.12 31.63
N SER C 119 35.80 48.22 32.24
CA SER C 119 36.77 48.25 33.33
C SER C 119 38.19 48.08 32.81
N SER C 120 39.17 48.54 33.59
CA SER C 120 40.57 48.57 33.17
C SER C 120 41.35 47.48 33.87
N ALA C 121 42.10 46.70 33.09
CA ALA C 121 42.96 45.65 33.64
C ALA C 121 44.03 45.33 32.60
N SER C 122 45.07 44.64 33.07
CA SER C 122 46.19 44.26 32.21
C SER C 122 46.53 42.79 32.43
N THR C 123 47.10 42.17 31.40
CA THR C 123 47.49 40.78 31.48
C THR C 123 48.59 40.59 32.53
N LYS C 124 48.47 39.53 33.33
CA LYS C 124 49.40 39.27 34.41
C LYS C 124 49.71 37.78 34.46
N GLY C 125 50.52 37.39 35.45
CA GLY C 125 51.00 36.02 35.57
C GLY C 125 49.89 35.00 35.76
N PRO C 126 49.83 34.01 34.87
CA PRO C 126 48.76 33.01 34.93
C PRO C 126 49.09 31.79 35.78
N SER C 127 50.13 31.86 36.61
CA SER C 127 50.46 30.76 37.51
C SER C 127 49.22 30.36 38.30
N VAL C 128 48.73 29.13 38.09
CA VAL C 128 47.33 28.89 38.41
C VAL C 128 47.12 28.46 39.86
N PHE C 129 47.33 27.17 40.14
CA PHE C 129 47.08 26.49 41.42
C PHE C 129 47.67 25.09 41.44
N PRO C 130 48.45 24.76 42.46
CA PRO C 130 48.79 23.36 42.75
C PRO C 130 47.73 22.67 43.60
N LEU C 131 48.07 21.51 44.15
CA LEU C 131 47.26 20.77 45.11
C LEU C 131 45.99 20.20 44.49
N ALA C 132 46.19 19.23 43.61
CA ALA C 132 45.17 18.31 43.09
C ALA C 132 44.63 17.45 44.24
N PRO C 133 43.61 16.56 44.03
CA PRO C 133 42.91 15.98 45.19
C PRO C 133 43.76 15.13 46.12
N SER C 134 45.08 15.07 45.88
CA SER C 134 45.97 14.38 46.81
C SER C 134 45.85 15.00 48.20
N SER C 135 45.84 14.14 49.22
CA SER C 135 45.71 14.56 50.62
C SER C 135 44.43 15.36 50.84
N ALA C 143 40.53 17.81 42.70
CA ALA C 143 39.41 17.76 43.63
C ALA C 143 39.86 17.92 45.08
N ALA C 144 40.77 18.87 45.30
CA ALA C 144 41.18 19.25 46.64
C ALA C 144 40.66 20.63 47.02
N LEU C 145 41.02 21.65 46.23
CA LEU C 145 40.48 22.99 46.39
C LEU C 145 40.06 23.62 45.07
N GLY C 146 40.38 23.03 43.94
CA GLY C 146 40.01 23.54 42.64
C GLY C 146 41.23 24.03 41.88
N CYS C 147 41.27 23.72 40.58
CA CYS C 147 42.35 24.19 39.72
C CYS C 147 42.09 25.66 39.38
N LEU C 148 42.37 26.51 40.38
CA LEU C 148 42.01 27.91 40.31
C LEU C 148 43.08 28.70 39.56
N VAL C 149 42.68 29.82 38.97
CA VAL C 149 43.54 30.63 38.11
C VAL C 149 43.57 32.05 38.65
N LYS C 150 43.55 32.20 39.98
CA LYS C 150 43.52 33.52 40.60
C LYS C 150 44.62 34.41 40.05
N ASP C 151 44.31 35.71 39.95
CA ASP C 151 45.19 36.73 39.38
C ASP C 151 45.55 36.40 37.93
N TYR C 152 44.52 36.45 37.08
CA TYR C 152 44.74 36.27 35.65
C TYR C 152 43.71 37.11 34.90
N PHE C 153 44.09 37.51 33.68
CA PHE C 153 43.28 38.39 32.84
C PHE C 153 43.82 38.39 31.41
N PRO C 154 42.95 38.45 30.39
CA PRO C 154 41.49 38.51 30.42
C PRO C 154 40.84 37.14 30.49
N GLU C 155 39.53 37.06 30.19
CA GLU C 155 38.78 35.83 30.40
C GLU C 155 39.31 34.62 29.63
N PRO C 156 39.62 34.70 28.33
CA PRO C 156 39.94 33.48 27.58
C PRO C 156 41.13 32.72 28.17
N VAL C 157 40.86 31.50 28.62
CA VAL C 157 41.89 30.62 29.15
C VAL C 157 41.37 29.20 29.08
N THR C 158 42.28 28.23 29.06
CA THR C 158 41.93 26.82 28.98
C THR C 158 42.50 26.07 30.18
N VAL C 159 42.39 24.75 30.15
CA VAL C 159 42.91 23.90 31.21
C VAL C 159 43.39 22.60 30.60
N SER C 160 44.32 21.94 31.29
CA SER C 160 44.87 20.68 30.81
C SER C 160 45.28 19.84 32.01
N TRP C 161 45.39 18.53 31.79
CA TRP C 161 45.77 17.60 32.85
C TRP C 161 46.70 16.55 32.29
N ASN C 162 47.95 16.57 32.78
CA ASN C 162 49.02 15.64 32.38
C ASN C 162 49.00 15.37 30.88
N SER C 163 49.20 16.46 30.13
CA SER C 163 49.25 16.42 28.66
C SER C 163 47.97 15.87 28.06
N GLY C 164 46.84 16.11 28.73
CA GLY C 164 45.55 15.68 28.21
C GLY C 164 45.39 14.18 28.09
N ALA C 165 45.97 13.42 29.02
CA ALA C 165 45.84 11.97 29.03
C ALA C 165 44.73 11.50 29.97
N LEU C 166 44.65 12.09 31.16
CA LEU C 166 43.59 11.78 32.11
C LEU C 166 42.40 12.68 31.84
N THR C 167 41.23 12.07 31.66
CA THR C 167 40.04 12.82 31.29
C THR C 167 38.88 12.53 32.24
N SER C 168 38.79 11.30 32.74
CA SER C 168 37.66 10.89 33.56
C SER C 168 37.66 11.65 34.88
N GLY C 169 36.48 12.14 35.27
CA GLY C 169 36.29 12.80 36.55
C GLY C 169 36.72 14.25 36.59
N VAL C 170 37.24 14.79 35.51
CA VAL C 170 37.70 16.17 35.47
C VAL C 170 36.55 17.06 35.02
N HIS C 171 36.23 18.07 35.83
CA HIS C 171 35.14 19.00 35.52
C HIS C 171 35.69 20.42 35.61
N THR C 172 35.43 21.22 34.56
CA THR C 172 35.91 22.59 34.49
C THR C 172 34.79 23.55 34.89
N PHE C 173 35.08 24.43 35.85
CA PHE C 173 34.09 25.29 36.49
C PHE C 173 34.19 26.72 35.98
N PRO C 174 33.10 27.49 36.03
CA PRO C 174 33.11 28.85 35.47
C PRO C 174 33.91 29.86 36.31
N ALA C 175 33.85 31.12 35.90
CA ALA C 175 34.60 32.19 36.53
C ALA C 175 34.10 32.44 37.96
N VAL C 176 34.83 33.31 38.66
CA VAL C 176 34.53 33.58 40.07
C VAL C 176 34.18 35.05 40.25
N LEU C 177 34.72 35.91 39.39
CA LEU C 177 34.45 37.35 39.43
C LEU C 177 34.82 37.94 40.80
N GLN C 178 36.13 37.93 41.06
CA GLN C 178 36.66 38.48 42.29
C GLN C 178 36.30 39.96 42.43
N SER C 179 36.59 40.51 43.62
CA SER C 179 36.18 41.87 43.93
C SER C 179 36.72 42.88 42.93
N SER C 180 37.89 42.62 42.35
CA SER C 180 38.44 43.47 41.30
C SER C 180 38.49 42.71 39.98
N GLY C 181 39.06 43.36 38.97
CA GLY C 181 38.99 42.85 37.61
C GLY C 181 39.68 41.52 37.40
N LEU C 182 40.67 41.21 38.25
CA LEU C 182 41.39 39.95 38.13
C LEU C 182 40.45 38.77 38.31
N TYR C 183 40.64 37.73 37.50
CA TYR C 183 39.66 36.66 37.35
C TYR C 183 40.28 35.30 37.67
N SER C 184 39.44 34.28 37.60
CA SER C 184 39.86 32.89 37.79
C SER C 184 38.68 31.98 37.49
N LEU C 185 38.99 30.72 37.22
CA LEU C 185 37.97 29.67 37.16
C LEU C 185 38.53 28.46 37.91
N SER C 186 37.85 27.31 37.81
CA SER C 186 38.18 26.18 38.65
C SER C 186 38.09 24.87 37.85
N SER C 187 38.79 23.86 38.36
CA SER C 187 38.74 22.51 37.80
C SER C 187 39.17 21.53 38.88
N VAL C 188 38.77 20.27 38.70
CA VAL C 188 39.00 19.20 39.68
C VAL C 188 39.36 17.91 38.94
N VAL C 189 39.64 16.86 39.71
CA VAL C 189 40.01 15.55 39.18
C VAL C 189 39.08 14.45 39.68
N THR C 190 38.76 14.47 40.98
CA THR C 190 37.90 13.48 41.62
C THR C 190 38.46 12.06 41.50
N VAL C 191 39.63 11.86 42.11
CA VAL C 191 40.21 10.53 42.26
C VAL C 191 40.61 10.34 43.72
N PRO C 192 39.66 10.01 44.60
CA PRO C 192 40.00 9.83 46.02
C PRO C 192 40.28 8.39 46.42
N SER C 193 40.05 7.42 45.55
CA SER C 193 40.25 6.00 45.85
C SER C 193 39.49 5.57 47.10
N THR C 200 52.18 13.36 40.92
CA THR C 200 51.60 12.61 39.81
C THR C 200 50.49 13.40 39.15
N TYR C 201 49.95 14.39 39.86
CA TYR C 201 48.85 15.20 39.34
C TYR C 201 48.99 16.62 39.87
N ILE C 202 49.38 17.56 39.00
CA ILE C 202 49.29 18.99 39.30
C ILE C 202 48.98 19.70 37.99
N CYS C 203 48.07 20.67 38.07
CA CYS C 203 47.51 21.30 36.88
C CYS C 203 48.25 22.57 36.53
N ASN C 204 48.64 22.70 35.26
CA ASN C 204 49.16 23.93 34.69
C ASN C 204 48.48 24.15 33.35
N VAL C 205 48.07 25.40 33.10
CA VAL C 205 47.20 25.69 31.96
C VAL C 205 47.95 26.50 30.91
N ASN C 206 47.29 26.75 29.78
CA ASN C 206 47.83 27.53 28.68
C ASN C 206 47.10 28.86 28.61
N HIS C 207 47.85 29.95 28.69
CA HIS C 207 47.30 31.31 28.61
C HIS C 207 47.88 31.99 27.37
N LYS C 208 47.01 32.49 26.51
CA LYS C 208 47.44 33.08 25.24
C LYS C 208 48.04 34.48 25.41
N PRO C 209 47.34 35.45 26.02
CA PRO C 209 47.91 36.80 26.09
C PRO C 209 49.23 36.86 26.86
N SER C 210 49.38 36.06 27.91
CA SER C 210 50.61 36.04 28.68
C SER C 210 51.65 35.05 28.15
N ASN C 211 51.27 34.21 27.19
CA ASN C 211 52.18 33.26 26.55
C ASN C 211 52.85 32.34 27.56
N THR C 212 52.03 31.54 28.23
CA THR C 212 52.51 30.57 29.22
C THR C 212 51.91 29.21 28.88
N LYS C 213 52.75 28.28 28.43
CA LYS C 213 52.35 26.93 28.08
C LYS C 213 53.16 25.97 28.95
N VAL C 214 52.53 25.49 30.03
CA VAL C 214 53.19 24.68 31.04
C VAL C 214 52.27 23.55 31.46
N ASP C 215 52.86 22.40 31.77
CA ASP C 215 52.15 21.28 32.35
C ASP C 215 53.10 20.54 33.28
N LYS C 216 52.74 20.43 34.55
CA LYS C 216 53.61 19.89 35.58
C LYS C 216 53.08 18.55 36.09
N LYS C 217 53.89 17.89 36.93
CA LYS C 217 53.56 16.57 37.42
C LYS C 217 53.80 16.34 38.92
N VAL C 218 54.40 17.28 39.65
CA VAL C 218 54.76 17.02 41.04
C VAL C 218 53.53 17.08 41.93
N GLU C 219 53.42 16.11 42.85
CA GLU C 219 52.31 16.04 43.79
C GLU C 219 52.64 15.11 44.95
N PRO C 220 52.35 15.52 46.20
CA PRO C 220 52.59 14.68 47.37
C PRO C 220 51.44 13.70 47.64
N ASP D 17 -0.78 44.70 38.23
CA ASP D 17 -0.30 44.45 36.88
C ASP D 17 0.97 43.61 36.91
N VAL D 18 1.10 42.77 37.93
CA VAL D 18 2.27 41.92 38.11
C VAL D 18 1.92 40.50 37.69
N VAL D 19 2.77 39.90 36.87
CA VAL D 19 2.61 38.52 36.41
C VAL D 19 3.70 37.68 37.04
N MET D 20 3.32 36.48 37.49
CA MET D 20 4.25 35.58 38.15
C MET D 20 4.09 34.18 37.56
N THR D 21 5.18 33.42 37.57
CA THR D 21 5.21 32.08 37.01
C THR D 21 5.29 31.08 38.16
N GLN D 22 4.18 30.37 38.39
CA GLN D 22 4.11 29.36 39.43
C GLN D 22 4.73 28.06 38.90
N SER D 23 4.59 26.96 39.66
CA SER D 23 5.12 25.63 39.38
C SER D 23 6.62 25.63 39.68
N PRO D 24 7.21 24.48 40.01
CA PRO D 24 8.58 24.50 40.53
C PRO D 24 9.57 24.97 39.46
N LEU D 25 10.44 25.90 39.87
CA LEU D 25 11.43 26.44 38.95
C LEU D 25 12.44 25.40 38.50
N SER D 26 12.51 24.26 39.19
CA SER D 26 13.34 23.15 38.75
C SER D 26 12.58 22.25 37.78
N LEU D 27 11.39 21.79 38.19
CA LEU D 27 10.47 21.00 37.37
C LEU D 27 11.19 19.85 36.67
N PRO D 28 11.60 18.81 37.40
CA PRO D 28 12.23 17.67 36.74
C PRO D 28 11.27 17.00 35.77
N VAL D 29 11.81 16.53 34.65
CA VAL D 29 11.02 15.88 33.62
C VAL D 29 11.87 14.80 32.97
N THR D 30 11.20 13.80 32.41
CA THR D 30 11.85 12.70 31.73
C THR D 30 11.26 12.52 30.32
N PRO D 31 12.03 12.01 29.38
CA PRO D 31 11.49 11.79 28.03
C PRO D 31 10.33 10.80 28.05
N GLY D 32 9.33 11.06 27.23
CA GLY D 32 8.20 10.17 27.09
C GLY D 32 6.92 10.66 27.73
N GLU D 33 7.02 11.22 28.94
CA GLU D 33 5.79 11.66 29.58
C GLU D 33 5.56 13.16 29.38
N PRO D 34 4.31 13.59 29.34
CA PRO D 34 4.01 15.01 29.13
C PRO D 34 4.38 15.86 30.33
N ALA D 35 4.56 17.15 30.07
CA ALA D 35 4.84 18.15 31.09
C ALA D 35 3.97 19.36 30.87
N SER D 36 3.70 20.11 31.94
CA SER D 36 2.86 21.28 31.87
C SER D 36 3.37 22.35 32.83
N ILE D 37 3.38 23.60 32.35
CA ILE D 37 3.78 24.75 33.15
C ILE D 37 2.67 25.78 33.06
N SER D 38 2.11 26.16 34.21
CA SER D 38 1.01 27.12 34.27
C SER D 38 1.52 28.45 34.80
N CYS D 39 1.19 29.52 34.09
CA CYS D 39 1.61 30.87 34.45
C CYS D 39 0.40 31.64 34.98
N ARG D 40 0.53 32.18 36.18
CA ARG D 40 -0.55 32.89 36.85
C ARG D 40 -0.42 34.39 36.60
N SER D 41 -1.51 35.11 36.90
CA SER D 41 -1.53 36.56 36.70
C SER D 41 -2.24 37.26 37.85
N SER D 42 -2.44 38.56 37.72
CA SER D 42 -3.14 39.35 38.74
C SER D 42 -4.45 39.94 38.25
N GLN D 43 -4.57 40.24 36.96
CA GLN D 43 -5.81 40.78 36.40
C GLN D 43 -6.27 39.94 35.24
N SER D 44 -7.30 40.38 34.53
CA SER D 44 -7.82 39.68 33.37
C SER D 44 -7.09 40.19 32.13
N LEU D 45 -6.46 39.27 31.40
CA LEU D 45 -5.70 39.61 30.20
C LEU D 45 -6.55 39.51 28.93
N LEU D 46 -7.87 39.61 29.06
CA LEU D 46 -8.77 39.53 27.92
C LEU D 46 -9.09 40.95 27.45
N HIS D 47 -8.60 41.31 26.27
CA HIS D 47 -8.88 42.62 25.71
C HIS D 47 -10.34 42.69 25.25
N SER D 48 -10.81 43.92 25.00
CA SER D 48 -12.20 44.12 24.62
C SER D 48 -12.53 43.45 23.30
N ASN D 49 -11.55 43.30 22.41
CA ASN D 49 -11.80 42.67 21.11
C ASN D 49 -12.01 41.16 21.24
N GLY D 50 -11.47 40.54 22.28
CA GLY D 50 -11.70 39.12 22.50
C GLY D 50 -10.47 38.26 22.37
N TYR D 51 -9.30 38.81 22.71
CA TYR D 51 -8.04 38.09 22.62
C TYR D 51 -7.26 38.23 23.92
N ASN D 52 -6.47 37.21 24.22
CA ASN D 52 -5.62 37.19 25.40
C ASN D 52 -4.22 37.61 25.01
N TYR D 53 -3.66 38.56 25.76
CA TYR D 53 -2.33 39.10 25.45
C TYR D 53 -1.28 38.35 26.26
N LEU D 54 -1.03 37.11 25.83
CA LEU D 54 -0.04 36.25 26.48
C LEU D 54 0.89 35.65 25.43
N ASP D 55 2.18 35.61 25.75
CA ASP D 55 3.20 35.08 24.86
C ASP D 55 4.14 34.17 25.65
N TRP D 56 4.78 33.25 24.95
CA TRP D 56 5.70 32.29 25.55
C TRP D 56 7.04 32.35 24.82
N TYR D 57 8.12 32.28 25.59
CA TYR D 57 9.47 32.30 25.04
C TYR D 57 10.30 31.19 25.65
N LEU D 58 11.20 30.63 24.86
CA LEU D 58 12.10 29.56 25.28
C LEU D 58 13.53 29.97 25.00
N GLN D 59 14.39 29.82 26.01
CA GLN D 59 15.82 30.12 25.91
C GLN D 59 16.59 28.83 26.14
N LYS D 60 17.21 28.32 25.08
CA LYS D 60 18.07 27.15 25.19
C LYS D 60 19.45 27.57 25.69
N PRO D 61 20.16 26.66 26.37
CA PRO D 61 21.50 27.02 26.87
C PRO D 61 22.47 27.31 25.74
N GLY D 62 22.91 28.55 25.67
CA GLY D 62 23.95 28.94 24.73
C GLY D 62 23.49 29.46 23.39
N GLN D 63 22.25 29.96 23.29
CA GLN D 63 21.78 30.53 22.04
C GLN D 63 20.64 31.51 22.32
N SER D 64 20.26 32.25 21.30
CA SER D 64 19.25 33.28 21.45
C SER D 64 17.87 32.66 21.69
N PRO D 65 16.99 33.37 22.39
CA PRO D 65 15.63 32.84 22.62
C PRO D 65 14.81 32.85 21.35
N GLN D 66 13.76 32.03 21.36
CA GLN D 66 12.83 31.92 20.24
C GLN D 66 11.40 32.04 20.73
N LEU D 67 10.53 32.51 19.84
CA LEU D 67 9.12 32.63 20.15
C LEU D 67 8.42 31.29 19.94
N LEU D 68 7.56 30.93 20.90
CA LEU D 68 6.87 29.64 20.86
C LEU D 68 5.37 29.80 20.65
N ILE D 69 4.69 30.55 21.51
CA ILE D 69 3.25 30.73 21.44
C ILE D 69 2.96 32.22 21.54
N TYR D 70 2.03 32.71 20.71
CA TYR D 70 1.62 34.10 20.77
C TYR D 70 0.09 34.18 20.79
N LEU D 71 -0.42 35.20 21.47
CA LEU D 71 -1.85 35.46 21.54
C LEU D 71 -2.62 34.27 22.13
N GLY D 72 -2.20 33.85 23.31
CA GLY D 72 -2.89 32.78 24.01
C GLY D 72 -2.50 31.39 23.54
N SER D 73 -2.96 31.00 22.36
CA SER D 73 -2.68 29.67 21.83
C SER D 73 -2.57 29.78 20.31
N ASN D 74 -1.35 29.95 19.82
CA ASN D 74 -1.10 30.01 18.38
C ASN D 74 0.37 29.63 18.16
N ARG D 75 0.60 28.41 17.68
CA ARG D 75 1.96 27.95 17.47
C ARG D 75 2.56 28.63 16.25
N ALA D 76 3.71 29.26 16.44
CA ALA D 76 4.40 29.92 15.33
C ALA D 76 5.00 28.88 14.39
N SER D 77 5.26 29.32 13.16
CA SER D 77 5.82 28.43 12.16
C SER D 77 7.24 28.03 12.54
N GLY D 78 7.55 26.74 12.34
CA GLY D 78 8.84 26.19 12.68
C GLY D 78 8.92 25.51 14.03
N VAL D 79 7.98 25.82 14.92
CA VAL D 79 7.97 25.18 16.24
C VAL D 79 7.47 23.74 16.10
N PRO D 80 8.08 22.77 16.78
CA PRO D 80 7.58 21.40 16.73
C PRO D 80 6.14 21.30 17.21
N ASP D 81 5.38 20.41 16.58
CA ASP D 81 3.95 20.32 16.81
C ASP D 81 3.59 19.85 18.21
N ARG D 82 4.53 19.26 18.94
CA ARG D 82 4.21 18.72 20.26
C ARG D 82 3.92 19.80 21.29
N PHE D 83 4.21 21.06 21.00
CA PHE D 83 3.91 22.14 21.92
C PHE D 83 2.47 22.61 21.74
N SER D 84 1.85 23.00 22.84
CA SER D 84 0.49 23.53 22.78
C SER D 84 0.25 24.43 24.00
N GLY D 85 -0.79 25.22 23.92
CA GLY D 85 -1.13 26.13 25.01
C GLY D 85 -2.63 26.25 25.19
N SER D 86 -3.02 26.52 26.43
CA SER D 86 -4.41 26.75 26.78
C SER D 86 -4.51 28.02 27.60
N GLY D 87 -5.61 28.76 27.40
CA GLY D 87 -5.76 30.06 28.02
C GLY D 87 -7.13 30.24 28.63
N SER D 88 -7.26 31.31 29.39
CA SER D 88 -8.52 31.69 30.05
C SER D 88 -8.44 33.18 30.35
N GLY D 89 -9.34 33.65 31.22
CA GLY D 89 -9.31 35.05 31.61
C GLY D 89 -8.04 35.42 32.36
N THR D 90 -7.66 34.59 33.33
CA THR D 90 -6.48 34.84 34.14
C THR D 90 -5.54 33.64 34.27
N ASP D 91 -5.92 32.47 33.80
CA ASP D 91 -5.12 31.26 33.94
C ASP D 91 -4.67 30.76 32.57
N PHE D 92 -3.37 30.50 32.44
CA PHE D 92 -2.80 30.03 31.19
C PHE D 92 -1.81 28.91 31.48
N THR D 93 -1.72 27.95 30.55
CA THR D 93 -0.91 26.77 30.75
C THR D 93 -0.30 26.32 29.44
N LEU D 94 1.02 26.24 29.39
CA LEU D 94 1.73 25.64 28.28
C LEU D 94 1.93 24.15 28.56
N LYS D 95 1.69 23.32 27.54
CA LYS D 95 1.74 21.88 27.74
C LYS D 95 2.43 21.21 26.56
N ILE D 96 3.25 20.22 26.87
CA ILE D 96 3.86 19.35 25.87
C ILE D 96 3.32 17.94 26.13
N SER D 97 3.62 17.04 25.21
CA SER D 97 3.12 15.67 25.29
C SER D 97 4.21 14.61 25.27
N ARG D 98 5.27 14.82 24.50
CA ARG D 98 6.32 13.82 24.27
C ARG D 98 7.69 14.45 24.39
N VAL D 99 7.93 15.14 25.52
CA VAL D 99 9.14 15.93 25.69
C VAL D 99 10.38 15.08 25.40
N GLU D 100 11.36 15.71 24.76
CA GLU D 100 12.63 15.08 24.42
C GLU D 100 13.70 15.56 25.39
N ALA D 101 14.95 15.18 25.11
CA ALA D 101 16.09 15.64 25.90
C ALA D 101 16.67 16.95 25.38
N GLU D 102 16.22 17.44 24.24
CA GLU D 102 16.71 18.69 23.67
C GLU D 102 15.84 19.89 24.01
N ASP D 103 14.81 19.71 24.83
CA ASP D 103 13.93 20.79 25.23
C ASP D 103 14.31 21.41 26.55
N VAL D 104 15.49 21.06 27.09
CA VAL D 104 15.93 21.63 28.36
C VAL D 104 16.30 23.09 28.14
N GLY D 105 15.84 23.95 29.05
CA GLY D 105 16.12 25.37 28.93
C GLY D 105 15.29 26.16 29.92
N VAL D 106 15.08 27.44 29.59
CA VAL D 106 14.33 28.35 30.43
C VAL D 106 13.07 28.79 29.68
N TYR D 107 11.96 28.93 30.39
CA TYR D 107 10.69 29.29 29.78
C TYR D 107 10.14 30.54 30.44
N TYR D 108 9.62 31.46 29.62
CA TYR D 108 9.11 32.73 30.09
C TYR D 108 7.69 32.95 29.57
N CYS D 109 6.82 33.45 30.44
CA CYS D 109 5.47 33.86 30.08
C CYS D 109 5.37 35.37 30.17
N MET D 110 4.82 36.00 29.13
CA MET D 110 4.75 37.44 29.01
C MET D 110 3.31 37.91 28.83
N GLN D 111 2.96 38.99 29.52
CA GLN D 111 1.74 39.73 29.25
C GLN D 111 2.03 40.83 28.23
N SER D 112 0.95 41.36 27.65
CA SER D 112 1.11 42.44 26.68
C SER D 112 0.06 43.53 26.87
N LEU D 113 -0.64 43.55 27.99
CA LEU D 113 -1.66 44.58 28.23
C LEU D 113 -1.02 45.95 28.39
N GLN D 114 0.07 46.03 29.15
CA GLN D 114 0.78 47.28 29.37
C GLN D 114 2.03 47.29 28.50
N THR D 115 2.06 48.21 27.53
CA THR D 115 3.18 48.24 26.59
C THR D 115 4.54 48.48 27.23
N PRO D 116 4.72 49.40 28.20
CA PRO D 116 6.05 49.53 28.81
C PRO D 116 6.44 48.29 29.59
N ARG D 117 7.44 47.57 29.10
CA ARG D 117 7.82 46.28 29.66
C ARG D 117 9.19 46.37 30.32
N LEU D 118 9.44 45.41 31.22
CA LEU D 118 10.69 45.38 31.98
C LEU D 118 11.32 44.00 31.89
N THR D 119 12.30 43.74 32.78
CA THR D 119 13.00 42.46 32.84
C THR D 119 12.04 41.28 32.70
N PHE D 120 12.50 40.25 31.99
CA PHE D 120 11.61 39.15 31.61
C PHE D 120 11.07 38.41 32.83
N GLY D 121 11.83 38.37 33.92
CA GLY D 121 11.39 37.69 35.11
C GLY D 121 12.19 36.44 35.40
N PRO D 122 11.97 35.85 36.59
CA PRO D 122 12.75 34.65 36.95
C PRO D 122 12.57 33.50 35.98
N GLY D 123 11.37 33.30 35.44
CA GLY D 123 11.15 32.22 34.51
C GLY D 123 11.15 30.86 35.18
N THR D 124 11.11 29.83 34.34
CA THR D 124 11.12 28.44 34.79
C THR D 124 12.15 27.66 33.99
N LYS D 125 13.00 26.91 34.68
CA LYS D 125 13.98 26.04 34.05
C LYS D 125 13.58 24.58 34.28
N VAL D 126 14.11 23.71 33.43
CA VAL D 126 13.79 22.28 33.48
C VAL D 126 15.08 21.48 33.42
N ASP D 127 14.98 20.23 33.87
CA ASP D 127 16.11 19.31 33.87
C ASP D 127 15.60 17.89 33.93
N ILE D 128 16.50 16.94 33.70
CA ILE D 128 16.14 15.53 33.66
C ILE D 128 15.98 15.00 35.07
N LYS D 129 14.87 14.31 35.32
CA LYS D 129 14.57 13.77 36.64
C LYS D 129 15.54 12.64 37.00
N ARG D 130 15.90 12.57 38.27
CA ARG D 130 16.82 11.54 38.76
C ARG D 130 16.51 11.28 40.23
N THR D 131 17.39 10.54 40.90
CA THR D 131 17.21 10.20 42.30
C THR D 131 17.88 11.25 43.18
N VAL D 132 18.02 10.95 44.47
CA VAL D 132 18.53 11.96 45.41
C VAL D 132 20.04 12.04 45.35
N ALA D 133 20.73 10.96 45.73
CA ALA D 133 22.19 10.86 45.64
C ALA D 133 22.87 11.97 46.43
N ALA D 134 22.74 11.88 47.76
CA ALA D 134 23.36 12.80 48.71
C ALA D 134 24.82 13.07 48.35
N PRO D 135 25.33 14.30 48.58
CA PRO D 135 26.66 14.66 48.11
C PRO D 135 27.80 14.14 48.97
N SER D 136 29.03 14.54 48.64
CA SER D 136 30.24 14.16 49.35
C SER D 136 30.96 15.41 49.85
N VAL D 137 31.93 15.21 50.73
CA VAL D 137 32.63 16.30 51.42
C VAL D 137 34.13 16.07 51.33
N PHE D 138 34.88 17.13 51.01
CA PHE D 138 36.33 17.05 50.84
C PHE D 138 37.02 18.26 51.48
N ILE D 139 36.65 18.57 52.72
CA ILE D 139 37.19 19.74 53.41
C ILE D 139 38.59 19.46 53.91
N PHE D 140 39.51 20.41 53.66
CA PHE D 140 40.85 20.41 54.23
C PHE D 140 41.48 21.78 54.05
N PRO D 141 42.43 22.18 54.89
CA PRO D 141 42.91 23.57 54.86
C PRO D 141 44.12 23.73 53.95
N PRO D 142 44.35 24.96 53.47
CA PRO D 142 45.54 25.21 52.64
C PRO D 142 46.82 25.26 53.46
N SER D 143 47.94 25.01 52.78
CA SER D 143 49.23 25.05 53.45
C SER D 143 50.28 25.89 52.74
N ASP D 144 50.33 25.85 51.40
CA ASP D 144 51.50 26.35 50.69
C ASP D 144 50.99 26.80 49.31
N GLU D 145 51.90 26.93 48.34
CA GLU D 145 51.59 27.18 46.92
C GLU D 145 51.11 28.59 46.67
N GLN D 146 50.23 28.77 45.67
CA GLN D 146 49.66 30.09 45.41
C GLN D 146 48.86 30.60 46.59
N LEU D 147 48.46 29.69 47.49
CA LEU D 147 47.78 30.03 48.73
C LEU D 147 48.73 30.66 49.75
N LYS D 148 50.04 30.57 49.52
CA LYS D 148 51.02 31.16 50.44
C LYS D 148 50.94 32.69 50.44
N SER D 149 50.56 33.30 49.31
CA SER D 149 50.38 34.74 49.27
C SER D 149 49.31 35.21 50.26
N GLY D 150 48.45 34.30 50.69
CA GLY D 150 47.49 34.56 51.75
C GLY D 150 46.06 34.56 51.28
N THR D 151 45.40 33.42 51.46
CA THR D 151 43.98 33.19 51.22
C THR D 151 43.71 31.72 51.55
N ALA D 152 42.44 31.41 51.78
CA ALA D 152 42.06 30.06 52.15
C ALA D 152 40.68 29.74 51.56
N SER D 153 40.58 28.62 50.87
CA SER D 153 39.32 28.16 50.30
C SER D 153 38.79 27.02 51.18
N VAL D 154 37.58 27.21 51.70
CA VAL D 154 36.93 26.23 52.54
C VAL D 154 35.99 25.34 51.70
N VAL D 155 36.19 25.30 50.39
CA VAL D 155 35.29 24.59 49.50
C VAL D 155 35.24 23.11 49.89
N CYS D 156 34.08 22.65 50.32
CA CYS D 156 33.89 21.25 50.64
C CYS D 156 33.67 20.39 49.40
N LEU D 157 33.44 21.02 48.25
CA LEU D 157 33.29 20.27 46.97
C LEU D 157 32.09 19.32 47.04
N LEU D 158 30.89 19.86 47.24
CA LEU D 158 29.69 19.03 47.23
C LEU D 158 29.57 18.36 45.87
N ASN D 159 29.77 17.05 45.83
CA ASN D 159 29.90 16.33 44.57
C ASN D 159 28.74 15.37 44.38
N ASN D 160 28.16 15.38 43.18
CA ASN D 160 27.17 14.39 42.75
C ASN D 160 25.94 14.39 43.65
N PHE D 161 25.22 15.51 43.62
CA PHE D 161 23.95 15.62 44.33
C PHE D 161 22.91 16.26 43.42
N TYR D 162 21.82 15.54 43.17
CA TYR D 162 20.82 15.99 42.21
C TYR D 162 20.01 17.20 42.69
N PRO D 163 19.46 17.20 43.91
CA PRO D 163 18.73 18.40 44.35
C PRO D 163 19.63 19.62 44.36
N ARG D 164 19.08 20.76 43.95
CA ARG D 164 19.88 21.95 43.76
C ARG D 164 20.26 22.61 45.09
N GLY D 165 19.39 22.51 46.09
CA GLY D 165 19.62 23.21 47.34
C GLY D 165 20.86 22.76 48.10
N ALA D 166 21.77 23.70 48.35
CA ALA D 166 22.94 23.41 49.17
C ALA D 166 23.50 24.74 49.69
N LYS D 167 23.38 24.97 51.00
CA LYS D 167 23.96 26.14 51.64
C LYS D 167 25.21 25.72 52.40
N VAL D 168 26.12 26.69 52.59
CA VAL D 168 27.35 26.48 53.34
C VAL D 168 27.53 27.60 54.34
N GLN D 169 28.27 27.31 55.41
CA GLN D 169 28.64 28.28 56.44
C GLN D 169 30.06 27.95 56.88
N TRP D 170 30.54 28.66 57.91
CA TRP D 170 31.88 28.37 58.41
C TRP D 170 32.03 28.92 59.82
N LYS D 171 32.82 28.20 60.62
CA LYS D 171 33.14 28.59 61.99
C LYS D 171 34.62 28.86 62.18
N VAL D 172 35.49 27.93 61.76
CA VAL D 172 36.93 28.09 61.91
C VAL D 172 37.44 29.21 61.02
N GLN D 177 29.25 34.34 62.28
CA GLN D 177 30.48 33.58 62.13
C GLN D 177 30.87 33.44 60.66
N SER D 178 30.12 34.12 59.79
CA SER D 178 30.35 34.03 58.35
C SER D 178 30.55 35.41 57.74
N GLY D 179 30.66 35.46 56.41
CA GLY D 179 30.85 36.72 55.72
C GLY D 179 30.75 36.59 54.22
N ASN D 180 31.57 37.34 53.49
CA ASN D 180 31.55 37.28 52.03
C ASN D 180 32.19 35.98 51.54
N SER D 181 31.80 35.60 50.32
CA SER D 181 32.32 34.39 49.67
C SER D 181 31.92 34.46 48.19
N GLN D 182 32.17 33.37 47.47
CA GLN D 182 31.80 33.27 46.07
C GLN D 182 31.25 31.87 45.80
N GLU D 183 30.36 31.78 44.81
CA GLU D 183 29.73 30.52 44.45
C GLU D 183 30.11 30.16 43.01
N SER D 184 30.18 28.85 42.75
CA SER D 184 30.53 28.38 41.41
C SER D 184 29.98 26.99 41.23
N VAL D 185 29.09 26.81 40.26
CA VAL D 185 28.47 25.54 39.95
C VAL D 185 28.53 25.30 38.45
N THR D 186 28.38 24.04 38.06
CA THR D 186 28.46 23.63 36.67
C THR D 186 27.09 23.17 36.17
N GLU D 187 27.07 22.69 34.93
CA GLU D 187 25.86 22.19 34.29
C GLU D 187 25.52 20.82 34.85
N GLN D 188 24.44 20.22 34.34
CA GLN D 188 23.91 18.96 34.88
C GLN D 188 24.78 17.78 34.48
N ASP D 189 26.07 17.90 34.81
CA ASP D 189 27.06 16.82 34.82
C ASP D 189 26.98 15.87 33.63
N SER D 190 26.58 16.39 32.47
CA SER D 190 26.47 15.59 31.24
C SER D 190 25.72 14.29 31.47
N LYS D 191 26.43 13.17 31.32
CA LYS D 191 25.81 11.87 31.55
C LYS D 191 25.42 11.68 33.01
N ASP D 192 26.30 12.08 33.94
CA ASP D 192 26.05 11.83 35.35
C ASP D 192 24.80 12.54 35.84
N SER D 193 24.61 13.79 35.43
CA SER D 193 23.44 14.59 35.80
C SER D 193 23.26 14.67 37.30
N THR D 194 24.31 15.17 37.99
CA THR D 194 24.30 15.18 39.44
C THR D 194 24.79 16.49 40.05
N TYR D 195 24.95 17.53 39.23
CA TYR D 195 25.10 18.92 39.69
C TYR D 195 26.20 19.07 40.74
N SER D 196 27.44 18.84 40.30
CA SER D 196 28.59 19.04 41.18
C SER D 196 28.77 20.52 41.50
N LEU D 197 29.09 20.82 42.77
CA LEU D 197 29.22 22.19 43.26
C LEU D 197 30.47 22.31 44.10
N SER D 198 31.15 23.45 44.00
CA SER D 198 32.37 23.73 44.74
C SER D 198 32.34 25.16 45.31
N SER D 199 31.30 25.45 46.10
CA SER D 199 31.21 26.75 46.76
C SER D 199 32.45 27.03 47.60
N THR D 200 33.26 27.99 47.17
CA THR D 200 34.56 28.26 47.77
C THR D 200 34.53 29.57 48.54
N LEU D 201 35.63 29.84 49.24
CA LEU D 201 35.77 31.01 50.08
C LEU D 201 37.07 31.72 49.78
N THR D 202 37.05 33.05 49.87
CA THR D 202 38.25 33.87 49.75
C THR D 202 38.53 34.54 51.09
N LEU D 203 39.78 34.51 51.51
CA LEU D 203 40.17 34.98 52.83
C LEU D 203 41.40 35.89 52.68
N SER D 204 41.51 36.87 53.58
CA SER D 204 42.67 37.75 53.57
C SER D 204 43.92 36.98 54.00
N LYS D 205 45.06 37.67 53.98
CA LYS D 205 46.34 36.98 54.17
C LYS D 205 46.64 36.72 55.64
N ALA D 206 46.79 37.78 56.44
CA ALA D 206 47.26 37.66 57.81
C ALA D 206 46.14 38.02 58.77
N ASP D 207 45.29 37.02 59.07
CA ASP D 207 44.32 37.15 60.15
C ASP D 207 44.12 35.82 60.88
N TYR D 208 45.09 34.91 60.80
CA TYR D 208 44.93 33.59 61.39
C TYR D 208 44.77 33.68 62.90
N GLU D 209 43.90 32.82 63.44
CA GLU D 209 43.62 32.78 64.87
C GLU D 209 43.24 34.14 65.44
N ALA D 215 34.47 24.86 59.44
CA ALA D 215 34.44 24.59 58.01
C ALA D 215 33.02 24.68 57.47
N CYS D 216 32.79 24.07 56.31
CA CYS D 216 31.49 24.18 55.64
C CYS D 216 30.40 23.51 56.48
N GLU D 217 29.18 24.02 56.31
CA GLU D 217 28.00 23.49 56.99
C GLU D 217 27.00 23.09 55.90
N VAL D 218 27.12 21.86 55.41
CA VAL D 218 26.27 21.40 54.32
C VAL D 218 24.87 21.15 54.84
N THR D 219 23.87 21.65 54.13
CA THR D 219 22.46 21.54 54.51
C THR D 219 21.64 21.02 53.33
N HIS D 220 22.14 19.97 52.69
CA HIS D 220 21.45 19.40 51.55
C HIS D 220 20.14 18.75 51.96
N GLN D 221 19.19 18.70 51.02
CA GLN D 221 17.89 18.09 51.28
C GLN D 221 18.03 16.59 51.55
N GLY D 222 18.91 15.92 50.80
CA GLY D 222 19.07 14.49 50.93
C GLY D 222 19.89 14.02 52.11
N LEU D 223 20.45 14.94 52.89
CA LEU D 223 21.23 14.60 54.06
C LEU D 223 20.37 14.74 55.31
N SER D 224 20.98 14.42 56.46
CA SER D 224 20.29 14.51 57.74
C SER D 224 21.03 15.34 58.78
N SER D 225 22.33 15.55 58.64
CA SER D 225 23.10 16.34 59.60
C SER D 225 24.32 16.92 58.92
N PRO D 226 24.62 18.20 59.15
CA PRO D 226 25.83 18.79 58.55
C PRO D 226 27.09 18.17 59.12
N VAL D 227 28.14 18.15 58.31
CA VAL D 227 29.45 17.66 58.71
C VAL D 227 30.44 18.82 58.58
N THR D 228 31.47 18.80 59.42
CA THR D 228 32.46 19.88 59.44
C THR D 228 33.75 19.35 60.04
N LYS D 229 34.88 19.63 59.39
CA LYS D 229 36.19 19.21 59.85
C LYS D 229 37.00 20.44 60.23
N SER D 230 37.77 20.33 61.30
CA SER D 230 38.53 21.46 61.81
C SER D 230 39.49 22.01 60.76
N PHE D 231 39.56 23.34 60.68
CA PHE D 231 40.40 24.04 59.71
C PHE D 231 40.00 23.68 58.29
N GLU E 3 -20.04 25.02 8.94
CA GLU E 3 -21.42 25.21 9.38
C GLU E 3 -21.80 26.68 9.40
N VAL E 4 -21.74 27.27 10.59
CA VAL E 4 -22.01 28.69 10.85
C VAL E 4 -23.24 29.16 10.07
N GLN E 5 -24.32 28.38 10.13
CA GLN E 5 -25.53 28.75 9.40
C GLN E 5 -26.20 29.95 10.06
N LEU E 6 -27.01 30.65 9.27
CA LEU E 6 -27.77 31.80 9.75
C LEU E 6 -29.27 31.55 9.73
N VAL E 7 -29.82 31.20 8.56
CA VAL E 7 -31.24 30.83 8.42
C VAL E 7 -32.13 31.96 8.89
N GLN E 8 -32.41 32.92 8.01
CA GLN E 8 -33.32 34.00 8.35
C GLN E 8 -34.76 33.50 8.38
N SER E 9 -35.66 34.35 8.88
CA SER E 9 -37.07 34.00 8.98
C SER E 9 -37.90 35.27 8.87
N GLY E 10 -39.18 35.08 8.55
CA GLY E 10 -40.11 36.18 8.39
C GLY E 10 -40.28 36.57 6.94
N GLY E 11 -41.15 37.56 6.73
CA GLY E 11 -41.44 38.04 5.40
C GLY E 11 -42.92 38.20 5.12
N GLY E 12 -43.33 37.96 3.88
CA GLY E 12 -44.72 38.06 3.50
C GLY E 12 -45.06 39.34 2.79
N LEU E 13 -46.36 39.65 2.78
CA LEU E 13 -46.89 40.83 2.11
C LEU E 13 -47.64 41.69 3.13
N VAL E 14 -47.39 42.99 3.09
CA VAL E 14 -48.00 43.92 4.02
C VAL E 14 -48.43 45.18 3.28
N GLN E 15 -49.57 45.73 3.65
CA GLN E 15 -50.04 46.97 3.07
C GLN E 15 -49.17 48.14 3.52
N PRO E 16 -49.14 49.23 2.76
CA PRO E 16 -48.36 50.39 3.18
C PRO E 16 -48.80 50.92 4.54
N GLY E 17 -47.84 51.33 5.34
CA GLY E 17 -48.12 51.79 6.69
C GLY E 17 -48.34 50.66 7.67
N ARG E 18 -47.33 49.81 7.84
CA ARG E 18 -47.45 48.66 8.72
C ARG E 18 -46.05 48.23 9.16
N SER E 19 -46.01 47.41 10.21
CA SER E 19 -44.77 46.92 10.78
C SER E 19 -44.62 45.42 10.57
N LEU E 20 -43.41 44.94 10.82
CA LEU E 20 -43.04 43.54 10.63
C LEU E 20 -41.77 43.27 11.44
N ARG E 21 -41.46 41.98 11.60
CA ARG E 21 -40.27 41.56 12.33
C ARG E 21 -39.48 40.58 11.48
N LEU E 22 -38.18 40.80 11.39
CA LEU E 22 -37.26 39.89 10.70
C LEU E 22 -36.22 39.38 11.68
N SER E 23 -35.99 38.08 11.69
CA SER E 23 -35.14 37.45 12.68
C SER E 23 -33.97 36.73 12.00
N CYS E 24 -32.76 36.96 12.51
CA CYS E 24 -31.56 36.26 12.10
C CYS E 24 -31.08 35.40 13.27
N THR E 25 -30.89 34.11 13.01
CA THR E 25 -30.64 33.10 14.04
C THR E 25 -29.21 32.60 13.92
N ALA E 26 -28.29 33.26 14.61
CA ALA E 26 -26.90 32.84 14.62
C ALA E 26 -26.75 31.51 15.34
N SER E 27 -25.96 30.62 14.77
CA SER E 27 -25.72 29.31 15.37
C SER E 27 -24.41 28.75 14.83
N GLY E 28 -23.85 27.79 15.57
CA GLY E 28 -22.62 27.15 15.17
C GLY E 28 -21.35 27.92 15.46
N PHE E 29 -21.45 29.06 16.16
CA PHE E 29 -20.28 29.88 16.46
C PHE E 29 -20.61 30.76 17.65
N THR E 30 -19.57 31.36 18.22
CA THR E 30 -19.74 32.25 19.36
C THR E 30 -20.29 33.58 18.88
N PHE E 31 -21.45 33.96 19.41
CA PHE E 31 -22.14 35.19 19.01
C PHE E 31 -21.69 36.40 19.83
N GLY E 32 -20.79 36.21 20.79
CA GLY E 32 -20.36 37.26 21.69
C GLY E 32 -19.98 38.56 21.02
N ASP E 33 -18.95 38.55 20.17
CA ASP E 33 -18.50 39.75 19.46
C ASP E 33 -18.40 39.40 17.97
N TYR E 34 -19.53 39.48 17.29
CA TYR E 34 -19.59 39.28 15.84
C TYR E 34 -20.60 40.24 15.22
N ALA E 35 -20.47 41.52 15.56
CA ALA E 35 -21.39 42.57 15.15
C ALA E 35 -21.84 42.41 13.70
N MET E 36 -23.15 42.30 13.50
CA MET E 36 -23.73 41.95 12.22
C MET E 36 -24.29 43.18 11.51
N SER E 37 -24.89 42.94 10.33
CA SER E 37 -25.44 44.02 9.53
C SER E 37 -26.56 43.47 8.66
N TRP E 38 -27.39 44.40 8.17
CA TRP E 38 -28.49 44.11 7.26
C TRP E 38 -28.26 44.86 5.96
N VAL E 39 -28.39 44.14 4.85
CA VAL E 39 -28.20 44.68 3.50
C VAL E 39 -29.46 44.39 2.70
N ARG E 40 -29.74 45.24 1.72
CA ARG E 40 -30.94 45.13 0.91
C ARG E 40 -30.58 45.11 -0.57
N GLN E 41 -31.26 44.23 -1.32
CA GLN E 41 -31.07 44.10 -2.76
C GLN E 41 -32.42 44.23 -3.44
N ALA E 42 -32.60 45.31 -4.20
CA ALA E 42 -33.83 45.52 -4.93
C ALA E 42 -33.85 44.68 -6.20
N PRO E 43 -35.04 44.30 -6.69
CA PRO E 43 -35.11 43.50 -7.92
C PRO E 43 -34.74 44.34 -9.14
N GLY E 44 -33.64 43.98 -9.79
CA GLY E 44 -33.16 44.67 -10.96
C GLY E 44 -32.01 45.63 -10.72
N LYS E 45 -31.59 45.81 -9.47
CA LYS E 45 -30.47 46.70 -9.16
C LYS E 45 -29.46 46.02 -8.26
N GLY E 46 -28.46 46.77 -7.82
CA GLY E 46 -27.39 46.22 -7.00
C GLY E 46 -27.74 46.16 -5.54
N LEU E 47 -26.74 45.78 -4.74
CA LEU E 47 -26.90 45.65 -3.30
C LEU E 47 -26.54 46.96 -2.62
N GLU E 48 -27.43 47.43 -1.75
CA GLU E 48 -27.23 48.69 -1.03
C GLU E 48 -27.36 48.43 0.47
N TRP E 49 -26.42 48.98 1.23
CA TRP E 49 -26.34 48.70 2.66
C TRP E 49 -27.48 49.38 3.41
N VAL E 50 -28.02 48.68 4.41
CA VAL E 50 -29.11 49.20 5.22
C VAL E 50 -28.57 49.66 6.57
N GLY E 51 -27.97 48.74 7.33
CA GLY E 51 -27.47 49.16 8.63
C GLY E 51 -26.88 48.08 9.51
N PHE E 52 -25.90 48.43 10.34
CA PHE E 52 -25.18 47.46 11.16
C PHE E 52 -25.33 47.81 12.63
N ILE E 53 -25.23 46.77 13.46
CA ILE E 53 -25.34 46.88 14.91
C ILE E 53 -24.01 46.45 15.52
N ARG E 54 -23.44 47.29 16.37
CA ARG E 54 -22.14 47.01 16.95
C ARG E 54 -22.23 45.88 17.96
N SER E 55 -21.08 45.49 18.50
CA SER E 55 -21.01 44.47 19.54
C SER E 55 -21.10 45.13 20.92
N LYS E 56 -21.59 44.35 21.89
CA LYS E 56 -21.72 44.86 23.25
C LYS E 56 -20.38 45.17 23.89
N ALA E 57 -19.29 44.56 23.40
CA ALA E 57 -17.97 44.84 23.95
C ALA E 57 -17.57 46.30 23.74
N TYR E 58 -17.89 46.85 22.58
CA TYR E 58 -17.56 48.24 22.26
C TYR E 58 -18.70 49.20 22.54
N GLY E 59 -19.81 48.72 23.10
CA GLY E 59 -20.90 49.61 23.45
C GLY E 59 -22.27 49.15 22.99
N GLY E 60 -22.30 48.38 21.91
CA GLY E 60 -23.56 47.91 21.38
C GLY E 60 -24.40 48.96 20.68
N THR E 61 -23.78 50.02 20.19
CA THR E 61 -24.50 51.07 19.48
C THR E 61 -24.83 50.61 18.06
N THR E 62 -25.54 51.46 17.31
CA THR E 62 -25.93 51.12 15.96
C THR E 62 -25.94 52.39 15.10
N GLU E 63 -25.83 52.19 13.80
CA GLU E 63 -25.87 53.28 12.83
C GLU E 63 -26.79 52.91 11.67
N TYR E 64 -27.44 53.93 11.11
CA TYR E 64 -28.32 53.78 9.96
C TYR E 64 -27.92 54.80 8.90
N ALA E 65 -28.28 54.51 7.65
CA ALA E 65 -27.86 55.34 6.51
C ALA E 65 -29.08 55.99 5.87
N ALA E 66 -29.50 57.13 6.44
CA ALA E 66 -30.53 57.99 5.87
C ALA E 66 -31.80 57.23 5.52
N SER E 67 -32.66 57.86 4.70
CA SER E 67 -33.85 57.21 4.14
C SER E 67 -34.65 56.45 5.18
N VAL E 68 -34.10 55.33 5.63
CA VAL E 68 -34.78 54.44 6.55
C VAL E 68 -34.38 54.72 8.00
N LYS E 69 -33.78 55.88 8.27
CA LYS E 69 -33.25 56.16 9.60
C LYS E 69 -34.35 56.22 10.65
N GLY E 70 -35.46 56.87 10.34
CA GLY E 70 -36.53 57.08 11.30
C GLY E 70 -37.56 55.98 11.42
N ARG E 71 -37.48 54.94 10.59
CA ARG E 71 -38.47 53.88 10.58
C ARG E 71 -37.85 52.50 10.76
N PHE E 72 -36.54 52.40 10.97
CA PHE E 72 -35.84 51.14 11.04
C PHE E 72 -35.10 51.02 12.37
N THR E 73 -35.31 49.92 13.07
CA THR E 73 -34.66 49.68 14.35
C THR E 73 -34.13 48.25 14.41
N ILE E 74 -33.04 48.08 15.16
CA ILE E 74 -32.31 46.82 15.22
C ILE E 74 -32.22 46.38 16.68
N SER E 75 -32.53 45.10 16.92
CA SER E 75 -32.44 44.51 18.25
C SER E 75 -31.38 43.41 18.24
N ARG E 76 -30.77 43.19 19.40
CA ARG E 76 -29.53 42.44 19.54
C ARG E 76 -29.64 41.42 20.67
N ASP E 77 -30.66 40.58 20.62
CA ASP E 77 -30.96 39.69 21.74
C ASP E 77 -29.80 38.70 21.90
N ASP E 78 -28.96 38.93 22.91
CA ASP E 78 -27.78 38.10 23.11
C ASP E 78 -28.10 36.75 23.74
N SER E 79 -29.19 36.67 24.51
CA SER E 79 -29.50 35.43 25.22
C SER E 79 -29.73 34.28 24.25
N LYS E 80 -30.49 34.51 23.19
CA LYS E 80 -30.74 33.49 22.19
C LYS E 80 -29.89 33.68 20.93
N SER E 81 -28.97 34.64 20.95
CA SER E 81 -28.11 34.94 19.80
C SER E 81 -28.94 35.26 18.56
N ILE E 82 -29.88 36.19 18.71
CA ILE E 82 -30.84 36.54 17.67
C ILE E 82 -30.70 38.01 17.35
N ALA E 83 -30.75 38.33 16.05
CA ALA E 83 -30.80 39.71 15.58
C ALA E 83 -32.19 40.00 15.03
N TYR E 84 -32.71 41.19 15.34
CA TYR E 84 -34.06 41.55 14.94
C TYR E 84 -34.04 42.84 14.13
N LEU E 85 -34.81 42.86 13.05
CA LEU E 85 -35.07 44.06 12.27
C LEU E 85 -36.56 44.38 12.41
N GLN E 86 -36.86 45.59 12.84
CA GLN E 86 -38.23 46.02 13.12
C GLN E 86 -38.67 47.00 12.04
N MET E 87 -39.89 46.82 11.54
CA MET E 87 -40.39 47.65 10.46
C MET E 87 -41.23 48.79 11.04
N ASN E 88 -41.42 49.85 10.25
CA ASN E 88 -42.30 50.96 10.65
C ASN E 88 -42.78 51.69 9.42
N SER E 89 -44.08 51.62 9.15
CA SER E 89 -44.76 52.41 8.12
C SER E 89 -44.08 52.24 6.76
N LEU E 90 -44.15 51.02 6.25
CA LEU E 90 -43.47 50.67 5.01
C LEU E 90 -44.13 51.35 3.81
N LYS E 91 -43.35 51.53 2.76
CA LYS E 91 -43.83 52.11 1.50
C LYS E 91 -43.67 51.10 0.37
N THR E 92 -44.22 51.46 -0.79
CA THR E 92 -44.20 50.54 -1.93
C THR E 92 -42.81 50.35 -2.51
N GLU E 93 -41.94 51.35 -2.39
CA GLU E 93 -40.62 51.27 -3.01
C GLU E 93 -39.64 50.41 -2.22
N ASP E 94 -40.02 49.90 -1.05
CA ASP E 94 -39.12 49.15 -0.21
C ASP E 94 -39.10 47.66 -0.52
N THR E 95 -39.82 47.22 -1.56
CA THR E 95 -39.83 45.81 -1.93
C THR E 95 -38.45 45.35 -2.36
N ALA E 96 -37.81 44.51 -1.55
CA ALA E 96 -36.46 44.04 -1.84
C ALA E 96 -36.17 42.82 -1.00
N VAL E 97 -35.09 42.12 -1.37
CA VAL E 97 -34.62 40.95 -0.64
C VAL E 97 -33.62 41.43 0.41
N TYR E 98 -33.83 41.00 1.66
CA TYR E 98 -33.00 41.44 2.78
C TYR E 98 -32.07 40.32 3.20
N TYR E 99 -30.78 40.63 3.26
CA TYR E 99 -29.75 39.68 3.68
C TYR E 99 -29.19 40.11 5.04
N CYS E 100 -28.89 39.11 5.87
CA CYS E 100 -28.31 39.31 7.20
C CYS E 100 -26.87 38.80 7.16
N THR E 101 -25.93 39.72 7.30
CA THR E 101 -24.51 39.40 7.20
C THR E 101 -23.94 39.08 8.58
N ARG E 102 -22.61 38.99 8.67
CA ARG E 102 -21.93 38.62 9.91
C ARG E 102 -21.00 39.68 10.44
N GLY E 103 -20.29 40.39 9.57
CA GLY E 103 -19.32 41.38 9.98
C GLY E 103 -19.84 42.81 9.89
N GLY E 104 -19.02 43.73 10.36
CA GLY E 104 -19.35 45.14 10.33
C GLY E 104 -18.59 45.90 9.26
N THR E 105 -17.36 45.46 8.99
CA THR E 105 -16.54 46.02 7.92
C THR E 105 -16.15 45.00 6.87
N LEU E 106 -15.86 43.77 7.29
CA LEU E 106 -15.58 42.67 6.37
C LEU E 106 -16.82 41.79 6.32
N PHE E 107 -17.54 41.86 5.20
CA PHE E 107 -18.80 41.12 5.07
C PHE E 107 -18.55 39.64 4.89
N ASP E 108 -18.56 38.90 6.00
CA ASP E 108 -18.33 37.46 5.99
C ASP E 108 -19.60 36.71 5.60
N TYR E 109 -19.64 35.41 5.91
CA TYR E 109 -20.71 34.50 5.53
C TYR E 109 -22.08 35.15 5.60
N TRP E 110 -22.84 35.03 4.51
CA TRP E 110 -24.14 35.67 4.33
C TRP E 110 -25.27 34.69 4.61
N GLY E 111 -26.46 35.23 4.85
CA GLY E 111 -27.63 34.42 5.10
C GLY E 111 -28.25 33.86 3.84
N GLN E 112 -29.58 33.83 3.77
CA GLN E 112 -30.29 33.31 2.61
C GLN E 112 -31.30 34.27 2.01
N GLY E 113 -31.79 35.25 2.75
CA GLY E 113 -32.63 36.28 2.20
C GLY E 113 -34.11 36.00 2.34
N THR E 114 -34.90 37.07 2.36
CA THR E 114 -36.36 37.02 2.40
C THR E 114 -36.91 37.74 1.16
N LEU E 115 -38.23 37.92 1.14
CA LEU E 115 -38.89 38.52 -0.01
C LEU E 115 -39.51 39.88 0.33
N VAL E 116 -40.36 39.93 1.36
CA VAL E 116 -41.09 41.11 1.86
C VAL E 116 -41.43 42.11 0.77
N THR E 117 -42.67 42.09 0.30
CA THR E 117 -43.17 43.04 -0.69
C THR E 117 -44.30 43.86 -0.10
N VAL E 118 -44.32 45.15 -0.41
CA VAL E 118 -45.34 46.06 0.09
C VAL E 118 -46.12 46.58 -1.11
N SER E 119 -47.43 46.38 -1.08
CA SER E 119 -48.32 46.83 -2.14
C SER E 119 -49.74 46.85 -1.59
N SER E 120 -50.72 47.10 -2.48
CA SER E 120 -52.13 47.12 -2.08
C SER E 120 -52.94 46.73 -3.30
N ALA E 121 -53.34 45.45 -3.37
CA ALA E 121 -54.13 44.95 -4.48
C ALA E 121 -54.84 43.68 -4.04
N SER E 122 -55.84 43.29 -4.83
CA SER E 122 -56.59 42.07 -4.59
C SER E 122 -56.12 40.96 -5.49
N THR E 123 -56.55 39.73 -5.18
CA THR E 123 -56.16 38.55 -5.94
C THR E 123 -56.93 38.52 -7.26
N LYS E 124 -56.42 39.29 -8.22
CA LYS E 124 -57.02 39.38 -9.54
C LYS E 124 -56.37 38.37 -10.48
N GLY E 125 -57.20 37.65 -11.24
CA GLY E 125 -56.70 36.65 -12.15
C GLY E 125 -56.20 37.25 -13.44
N PRO E 126 -55.78 36.38 -14.35
CA PRO E 126 -55.25 36.83 -15.65
C PRO E 126 -56.37 37.07 -16.64
N SER E 127 -55.98 37.46 -17.86
CA SER E 127 -56.95 37.77 -18.90
C SER E 127 -56.68 37.07 -20.23
N VAL E 128 -55.51 36.45 -20.41
CA VAL E 128 -55.11 35.75 -21.64
C VAL E 128 -54.95 36.75 -22.78
N PHE E 129 -53.86 36.61 -23.55
CA PHE E 129 -53.54 37.59 -24.59
C PHE E 129 -52.70 36.93 -25.68
N PRO E 130 -53.28 36.03 -26.48
CA PRO E 130 -52.60 35.60 -27.70
C PRO E 130 -52.43 36.80 -28.63
N LEU E 131 -51.31 36.82 -29.36
CA LEU E 131 -51.00 37.98 -30.18
C LEU E 131 -51.15 37.62 -31.66
N ALA E 132 -50.93 38.63 -32.52
CA ALA E 132 -51.07 38.44 -33.97
C ALA E 132 -49.88 37.63 -34.51
N PRO E 133 -50.09 36.74 -35.51
CA PRO E 133 -49.00 36.00 -36.10
C PRO E 133 -47.90 36.88 -36.68
N SER E 134 -46.70 36.30 -36.87
CA SER E 134 -45.57 37.06 -37.46
C SER E 134 -46.07 38.01 -38.55
N SER E 135 -46.75 37.48 -39.57
CA SER E 135 -47.31 38.32 -40.66
C SER E 135 -48.70 38.81 -40.27
N ALA E 143 -42.38 33.31 -38.60
CA ALA E 143 -43.44 32.73 -37.77
C ALA E 143 -43.09 32.93 -36.29
N ALA E 144 -43.81 33.83 -35.63
CA ALA E 144 -43.49 34.21 -34.25
C ALA E 144 -44.74 34.29 -33.40
N LEU E 145 -45.57 33.24 -33.44
CA LEU E 145 -46.78 33.22 -32.64
C LEU E 145 -46.45 33.21 -31.15
N GLY E 146 -47.32 33.82 -30.36
CA GLY E 146 -47.05 33.97 -28.94
C GLY E 146 -48.29 34.36 -28.15
N CYS E 147 -48.14 34.27 -26.82
CA CYS E 147 -49.24 34.52 -25.89
C CYS E 147 -48.70 35.33 -24.71
N LEU E 148 -48.98 36.63 -24.73
CA LEU E 148 -48.75 37.49 -23.58
C LEU E 148 -49.93 37.41 -22.62
N VAL E 149 -49.64 37.48 -21.32
CA VAL E 149 -50.65 37.40 -20.27
C VAL E 149 -50.84 38.79 -19.68
N LYS E 150 -52.10 39.19 -19.52
CA LYS E 150 -52.44 40.53 -19.07
C LYS E 150 -52.41 40.56 -17.53
N ASP E 151 -53.00 41.58 -16.93
CA ASP E 151 -52.79 41.91 -15.52
C ASP E 151 -53.11 40.74 -14.60
N TYR E 152 -52.25 40.57 -13.59
CA TYR E 152 -52.44 39.58 -12.53
C TYR E 152 -51.57 39.99 -11.35
N PHE E 153 -52.15 39.94 -10.14
CA PHE E 153 -51.45 40.47 -8.98
C PHE E 153 -50.35 39.56 -8.46
N PRO E 154 -50.64 38.30 -8.07
CA PRO E 154 -49.61 37.50 -7.40
C PRO E 154 -48.53 37.03 -8.37
N GLU E 155 -47.42 36.55 -7.79
CA GLU E 155 -46.27 36.17 -8.58
C GLU E 155 -46.50 34.87 -9.37
N PRO E 156 -46.77 33.71 -8.73
CA PRO E 156 -46.62 32.44 -9.45
C PRO E 156 -47.68 32.23 -10.52
N VAL E 157 -47.26 32.33 -11.78
CA VAL E 157 -48.11 32.04 -12.93
C VAL E 157 -47.24 31.39 -14.00
N THR E 158 -47.66 30.23 -14.48
CA THR E 158 -46.90 29.48 -15.48
C THR E 158 -47.68 29.40 -16.78
N VAL E 159 -46.94 29.38 -17.90
CA VAL E 159 -47.50 29.29 -19.22
C VAL E 159 -46.81 28.17 -19.97
N SER E 160 -47.50 27.66 -21.00
CA SER E 160 -46.98 26.56 -21.81
C SER E 160 -47.72 26.57 -23.15
N TRP E 161 -47.41 25.59 -23.99
CA TRP E 161 -48.07 25.43 -25.28
C TRP E 161 -48.57 24.00 -25.41
N ASN E 162 -49.85 23.86 -25.76
CA ASN E 162 -50.55 22.58 -25.88
C ASN E 162 -50.11 21.59 -24.80
N SER E 163 -50.16 22.06 -23.55
CA SER E 163 -49.86 21.25 -22.37
C SER E 163 -48.45 20.66 -22.42
N GLY E 164 -47.48 21.49 -22.80
CA GLY E 164 -46.09 21.10 -22.73
C GLY E 164 -45.60 20.15 -23.79
N ALA E 165 -46.41 19.86 -24.82
CA ALA E 165 -45.94 18.99 -25.89
C ALA E 165 -44.83 19.64 -26.69
N LEU E 166 -44.83 20.96 -26.80
CA LEU E 166 -43.78 21.69 -27.50
C LEU E 166 -42.76 22.21 -26.49
N THR E 167 -41.48 22.00 -26.80
CA THR E 167 -40.39 22.45 -25.92
C THR E 167 -39.46 23.46 -26.59
N SER E 168 -39.11 23.24 -27.85
CA SER E 168 -38.21 24.15 -28.54
C SER E 168 -38.91 25.48 -28.85
N GLY E 169 -38.16 26.56 -28.78
CA GLY E 169 -38.67 27.87 -29.09
C GLY E 169 -39.41 28.58 -27.98
N VAL E 170 -39.51 27.98 -26.80
CA VAL E 170 -40.19 28.63 -25.69
C VAL E 170 -39.33 29.77 -25.18
N HIS E 171 -39.90 30.97 -25.11
CA HIS E 171 -39.18 32.18 -24.74
C HIS E 171 -39.97 33.01 -23.75
N THR E 172 -40.45 32.36 -22.68
CA THR E 172 -41.15 33.08 -21.63
C THR E 172 -40.20 34.08 -20.96
N PHE E 173 -40.73 35.25 -20.63
CA PHE E 173 -39.92 36.35 -20.14
C PHE E 173 -40.34 36.77 -18.74
N PRO E 174 -39.42 37.29 -17.94
CA PRO E 174 -39.79 37.77 -16.60
C PRO E 174 -40.82 38.89 -16.67
N ALA E 175 -41.71 38.90 -15.68
CA ALA E 175 -42.80 39.87 -15.64
C ALA E 175 -42.27 41.24 -15.22
N VAL E 176 -43.11 42.26 -15.44
CA VAL E 176 -42.81 43.63 -15.07
C VAL E 176 -43.95 44.16 -14.22
N LEU E 177 -43.84 45.43 -13.82
CA LEU E 177 -44.82 46.07 -12.96
C LEU E 177 -45.35 47.34 -13.64
N GLN E 178 -46.66 47.51 -13.62
CA GLN E 178 -47.33 48.67 -14.21
C GLN E 178 -47.77 49.63 -13.10
N SER E 179 -48.47 50.69 -13.51
CA SER E 179 -48.95 51.67 -12.55
C SER E 179 -49.94 51.06 -11.56
N SER E 180 -50.83 50.20 -12.05
CA SER E 180 -51.84 49.58 -11.20
C SER E 180 -51.26 48.55 -10.25
N GLY E 181 -49.99 48.19 -10.41
CA GLY E 181 -49.41 47.14 -9.60
C GLY E 181 -49.70 45.74 -10.07
N LEU E 182 -50.32 45.59 -11.23
CA LEU E 182 -50.64 44.28 -11.80
C LEU E 182 -49.65 43.96 -12.90
N TYR E 183 -49.16 42.73 -12.92
CA TYR E 183 -48.02 42.35 -13.73
C TYR E 183 -48.46 41.80 -15.08
N SER E 184 -47.49 41.64 -15.98
CA SER E 184 -47.73 41.12 -17.32
C SER E 184 -46.67 40.08 -17.66
N LEU E 185 -47.11 38.96 -18.22
CA LEU E 185 -46.23 37.85 -18.57
C LEU E 185 -46.39 37.53 -20.05
N SER E 186 -45.27 37.37 -20.74
CA SER E 186 -45.28 37.13 -22.18
C SER E 186 -44.44 35.90 -22.51
N SER E 187 -44.81 35.23 -23.60
CA SER E 187 -44.07 34.08 -24.08
C SER E 187 -44.41 33.87 -25.55
N VAL E 188 -43.39 33.50 -26.34
CA VAL E 188 -43.54 33.31 -27.78
C VAL E 188 -42.81 32.04 -28.21
N VAL E 189 -43.19 31.54 -29.39
CA VAL E 189 -42.53 30.40 -30.02
C VAL E 189 -42.37 30.71 -31.51
N THR E 190 -41.58 29.88 -32.17
CA THR E 190 -41.33 30.07 -33.60
C THR E 190 -41.23 28.71 -34.28
N VAL E 191 -42.01 28.52 -35.34
CA VAL E 191 -42.00 27.29 -36.13
C VAL E 191 -42.73 27.54 -37.45
N PRO E 192 -42.13 27.19 -38.58
CA PRO E 192 -42.85 27.33 -39.86
C PRO E 192 -44.00 26.34 -39.96
N SER E 193 -45.02 26.73 -40.71
CA SER E 193 -46.19 25.88 -40.91
C SER E 193 -46.22 25.31 -42.33
N THR E 200 -52.76 27.07 -34.31
CA THR E 200 -52.74 25.61 -34.31
C THR E 200 -52.43 25.08 -32.91
N TYR E 201 -51.70 25.87 -32.13
CA TYR E 201 -51.32 25.50 -30.78
C TYR E 201 -52.12 26.30 -29.75
N ILE E 202 -52.31 25.70 -28.58
CA ILE E 202 -53.16 26.27 -27.54
C ILE E 202 -52.29 26.64 -26.35
N CYS E 203 -52.28 27.92 -26.00
CA CYS E 203 -51.62 28.38 -24.79
C CYS E 203 -52.50 28.12 -23.57
N ASN E 204 -51.86 27.64 -22.50
CA ASN E 204 -52.52 27.38 -21.22
C ASN E 204 -51.80 28.16 -20.13
N VAL E 205 -52.58 28.67 -19.17
CA VAL E 205 -52.04 29.42 -18.05
C VAL E 205 -52.58 28.82 -16.76
N ASN E 206 -51.83 29.01 -15.68
CA ASN E 206 -52.22 28.58 -14.35
C ASN E 206 -51.98 29.74 -13.40
N HIS E 207 -52.96 29.99 -12.52
CA HIS E 207 -52.88 31.07 -11.53
C HIS E 207 -53.34 30.48 -10.20
N LYS E 208 -52.40 29.93 -9.44
CA LYS E 208 -52.76 29.22 -8.21
C LYS E 208 -53.53 30.09 -7.22
N PRO E 209 -53.12 31.33 -6.91
CA PRO E 209 -53.95 32.16 -6.01
C PRO E 209 -55.32 32.49 -6.60
N SER E 210 -55.50 32.40 -7.91
CA SER E 210 -56.77 32.68 -8.54
C SER E 210 -57.50 31.44 -9.04
N ASN E 211 -56.78 30.35 -9.29
CA ASN E 211 -57.31 29.09 -9.82
C ASN E 211 -58.34 29.33 -10.94
N THR E 212 -57.86 29.99 -12.00
CA THR E 212 -58.64 30.23 -13.20
C THR E 212 -57.89 29.73 -14.43
N LYS E 213 -57.38 28.51 -14.35
CA LYS E 213 -56.66 27.93 -15.47
C LYS E 213 -57.55 27.82 -16.70
N VAL E 214 -57.06 28.29 -17.84
CA VAL E 214 -57.82 28.36 -19.08
C VAL E 214 -56.91 28.01 -20.25
N ASP E 215 -57.54 27.85 -21.42
CA ASP E 215 -56.85 27.52 -22.65
C ASP E 215 -57.33 28.45 -23.77
N LYS E 216 -56.43 28.77 -24.69
CA LYS E 216 -56.80 29.61 -25.82
C LYS E 216 -55.83 29.38 -26.97
N LYS E 217 -56.37 29.22 -28.18
CA LYS E 217 -55.56 29.02 -29.37
C LYS E 217 -55.74 30.20 -30.32
N VAL E 218 -54.73 30.45 -31.15
CA VAL E 218 -54.72 31.57 -32.08
C VAL E 218 -54.50 31.04 -33.49
N GLU E 219 -55.33 31.49 -34.43
CA GLU E 219 -55.26 31.07 -35.82
C GLU E 219 -55.86 32.15 -36.71
N PRO E 220 -55.06 32.79 -37.58
CA PRO E 220 -55.55 33.82 -38.50
C PRO E 220 -56.66 33.30 -39.42
N ASP F 17 -13.69 62.29 1.57
CA ASP F 17 -14.67 61.80 0.60
C ASP F 17 -14.41 60.34 0.27
N VAL F 18 -14.62 59.98 -1.00
CA VAL F 18 -14.45 58.63 -1.49
C VAL F 18 -13.46 58.65 -2.65
N VAL F 19 -13.03 57.45 -3.07
CA VAL F 19 -12.07 57.32 -4.16
C VAL F 19 -12.75 57.03 -5.49
N MET F 20 -14.07 56.88 -5.50
CA MET F 20 -14.85 56.55 -6.71
C MET F 20 -14.19 55.43 -7.52
N THR F 21 -14.19 54.26 -6.89
CA THR F 21 -13.63 53.06 -7.51
C THR F 21 -14.43 52.69 -8.76
N GLN F 22 -13.72 52.13 -9.74
CA GLN F 22 -14.36 51.74 -11.00
C GLN F 22 -13.65 50.53 -11.58
N SER F 23 -14.35 49.83 -12.46
CA SER F 23 -13.88 48.61 -13.09
C SER F 23 -14.22 48.65 -14.57
N PRO F 24 -13.49 47.86 -15.41
CA PRO F 24 -13.67 47.92 -16.86
C PRO F 24 -14.92 47.20 -17.38
N LEU F 25 -16.05 47.44 -16.73
CA LEU F 25 -17.38 47.04 -17.17
C LEU F 25 -17.42 45.55 -17.55
N SER F 26 -18.27 45.19 -18.51
CA SER F 26 -18.47 43.79 -18.86
C SER F 26 -17.25 43.20 -19.54
N LEU F 27 -17.09 41.89 -19.42
CA LEU F 27 -15.96 41.17 -19.99
C LEU F 27 -16.37 39.73 -20.25
N PRO F 28 -16.71 39.39 -21.49
CA PRO F 28 -16.98 37.98 -21.81
C PRO F 28 -15.72 37.14 -21.73
N VAL F 29 -15.89 35.87 -21.40
CA VAL F 29 -14.78 34.94 -21.23
C VAL F 29 -15.11 33.64 -21.94
N THR F 30 -14.09 32.79 -22.06
CA THR F 30 -14.19 31.48 -22.66
C THR F 30 -13.50 30.47 -21.76
N PRO F 31 -14.02 29.24 -21.68
CA PRO F 31 -13.32 28.21 -20.91
C PRO F 31 -11.91 27.98 -21.42
N GLY F 32 -11.00 27.68 -20.48
CA GLY F 32 -9.61 27.51 -20.84
C GLY F 32 -8.71 28.68 -20.45
N GLU F 33 -8.40 29.53 -21.41
CA GLU F 33 -7.39 30.57 -21.22
C GLU F 33 -7.81 31.53 -20.11
N PRO F 34 -6.83 32.15 -19.43
CA PRO F 34 -7.14 32.97 -18.24
C PRO F 34 -7.89 34.26 -18.53
N ALA F 35 -8.16 35.03 -17.48
CA ALA F 35 -8.83 36.32 -17.61
C ALA F 35 -8.43 37.18 -16.42
N SER F 36 -8.73 38.47 -16.51
CA SER F 36 -8.37 39.38 -15.44
C SER F 36 -9.30 40.60 -15.46
N ILE F 37 -9.46 41.21 -14.29
CA ILE F 37 -10.24 42.43 -14.13
C ILE F 37 -9.42 43.41 -13.29
N SER F 38 -9.25 44.62 -13.81
CA SER F 38 -8.52 45.65 -13.10
C SER F 38 -9.45 46.45 -12.19
N CYS F 39 -8.86 47.25 -11.32
CA CYS F 39 -9.62 48.07 -10.37
C CYS F 39 -8.78 49.27 -10.01
N ARG F 40 -9.26 50.45 -10.39
CA ARG F 40 -8.55 51.71 -10.20
C ARG F 40 -9.07 52.44 -8.96
N SER F 41 -8.42 53.55 -8.65
CA SER F 41 -8.82 54.38 -7.52
C SER F 41 -8.26 55.78 -7.71
N SER F 42 -8.84 56.72 -6.96
CA SER F 42 -8.40 58.11 -7.00
C SER F 42 -7.49 58.48 -5.84
N GLN F 43 -7.79 58.00 -4.64
CA GLN F 43 -6.95 58.19 -3.47
C GLN F 43 -6.32 56.85 -3.09
N SER F 44 -5.02 56.88 -2.78
CA SER F 44 -4.31 55.64 -2.46
C SER F 44 -4.92 54.97 -1.23
N LEU F 45 -5.08 53.65 -1.32
CA LEU F 45 -5.71 52.87 -0.27
C LEU F 45 -4.68 52.19 0.64
N LEU F 46 -3.40 52.52 0.49
CA LEU F 46 -2.36 51.93 1.32
C LEU F 46 -2.36 52.63 2.68
N HIS F 47 -2.75 51.90 3.71
CA HIS F 47 -2.78 52.46 5.05
C HIS F 47 -1.35 52.63 5.58
N SER F 48 -1.21 53.47 6.61
CA SER F 48 0.11 53.75 7.16
C SER F 48 0.76 52.51 7.76
N ASN F 49 -0.04 51.59 8.28
CA ASN F 49 0.51 50.38 8.89
C ASN F 49 1.20 49.48 7.88
N GLY F 50 0.89 49.62 6.59
CA GLY F 50 1.52 48.82 5.57
C GLY F 50 0.61 47.76 4.97
N TYR F 51 -0.67 48.08 4.83
CA TYR F 51 -1.65 47.16 4.27
C TYR F 51 -2.61 47.92 3.37
N ASN F 52 -3.21 47.19 2.44
CA ASN F 52 -4.17 47.74 1.50
C ASN F 52 -5.58 47.34 1.92
N TYR F 53 -6.48 48.32 2.00
CA TYR F 53 -7.84 48.09 2.47
C TYR F 53 -8.78 47.88 1.28
N LEU F 54 -8.62 46.74 0.64
CA LEU F 54 -9.44 46.38 -0.51
C LEU F 54 -9.87 44.92 -0.41
N ASP F 55 -11.02 44.62 -0.99
CA ASP F 55 -11.53 43.26 -1.04
C ASP F 55 -12.42 43.09 -2.27
N TRP F 56 -12.71 41.84 -2.60
CA TRP F 56 -13.48 41.48 -3.78
C TRP F 56 -14.64 40.59 -3.39
N TYR F 57 -15.79 40.79 -4.03
CA TYR F 57 -16.98 40.00 -3.77
C TYR F 57 -17.54 39.46 -5.08
N LEU F 58 -18.17 38.29 -5.00
CA LEU F 58 -18.76 37.63 -6.16
C LEU F 58 -20.21 37.27 -5.85
N GLN F 59 -21.11 37.62 -6.77
CA GLN F 59 -22.51 37.26 -6.68
C GLN F 59 -22.86 36.34 -7.83
N LYS F 60 -23.31 35.14 -7.51
CA LYS F 60 -23.74 34.16 -8.50
C LYS F 60 -25.18 34.46 -8.94
N PRO F 61 -25.58 33.99 -10.12
CA PRO F 61 -26.95 34.21 -10.57
C PRO F 61 -27.95 33.52 -9.65
N GLY F 62 -28.82 34.31 -9.04
CA GLY F 62 -29.84 33.79 -8.14
C GLY F 62 -29.29 33.12 -6.91
N GLN F 63 -28.32 33.76 -6.25
CA GLN F 63 -27.71 33.18 -5.06
C GLN F 63 -27.16 34.31 -4.20
N SER F 64 -26.85 33.97 -2.95
CA SER F 64 -26.31 34.95 -2.02
C SER F 64 -24.89 35.34 -2.43
N PRO F 65 -24.45 36.54 -2.03
CA PRO F 65 -23.08 36.96 -2.37
C PRO F 65 -22.03 36.08 -1.71
N GLN F 66 -20.77 36.35 -2.05
CA GLN F 66 -19.66 35.56 -1.56
C GLN F 66 -18.42 36.45 -1.46
N LEU F 67 -17.47 36.00 -0.66
CA LEU F 67 -16.20 36.70 -0.47
C LEU F 67 -15.07 35.86 -1.05
N LEU F 68 -14.18 36.50 -1.81
CA LEU F 68 -13.07 35.81 -2.45
C LEU F 68 -11.72 36.26 -1.92
N ILE F 69 -11.42 37.55 -1.99
CA ILE F 69 -10.12 38.09 -1.62
C ILE F 69 -10.33 39.24 -0.66
N TYR F 70 -9.50 39.31 0.38
CA TYR F 70 -9.54 40.41 1.34
C TYR F 70 -8.14 40.93 1.57
N LEU F 71 -8.06 42.22 1.90
CA LEU F 71 -6.80 42.89 2.24
C LEU F 71 -5.77 42.77 1.11
N GLY F 72 -6.17 43.27 -0.06
CA GLY F 72 -5.27 43.31 -1.19
C GLY F 72 -5.09 41.98 -1.88
N SER F 73 -4.41 41.04 -1.22
CA SER F 73 -4.13 39.74 -1.83
C SER F 73 -4.12 38.69 -0.71
N ASN F 74 -5.27 38.05 -0.51
CA ASN F 74 -5.38 36.98 0.48
C ASN F 74 -6.62 36.16 0.13
N ARG F 75 -6.44 34.86 -0.06
CA ARG F 75 -7.54 33.98 -0.46
C ARG F 75 -8.21 33.40 0.76
N ALA F 76 -9.51 33.62 0.88
CA ALA F 76 -10.27 33.06 2.00
C ALA F 76 -10.40 31.55 1.87
N SER F 77 -10.55 30.88 3.01
CA SER F 77 -10.70 29.43 3.01
C SER F 77 -12.00 29.03 2.35
N GLY F 78 -11.96 27.93 1.59
CA GLY F 78 -13.10 27.47 0.84
C GLY F 78 -13.18 27.95 -0.59
N VAL F 79 -12.41 28.95 -0.95
CA VAL F 79 -12.37 29.42 -2.34
C VAL F 79 -11.76 28.32 -3.21
N PRO F 80 -12.37 27.98 -4.34
CA PRO F 80 -11.85 26.86 -5.15
C PRO F 80 -10.60 27.23 -5.94
N ASP F 81 -9.62 27.85 -5.26
CA ASP F 81 -8.36 28.25 -5.88
C ASP F 81 -8.60 29.07 -7.15
N ARG F 82 -7.59 29.12 -8.03
CA ARG F 82 -7.65 29.73 -9.36
C ARG F 82 -7.82 31.23 -9.32
N PHE F 83 -7.98 31.85 -8.15
CA PHE F 83 -8.17 33.28 -8.03
C PHE F 83 -6.93 33.90 -7.38
N SER F 84 -6.44 34.99 -7.97
CA SER F 84 -5.25 35.66 -7.44
C SER F 84 -5.44 37.16 -7.53
N GLY F 85 -5.32 37.84 -6.39
CA GLY F 85 -5.34 39.29 -6.34
C GLY F 85 -3.93 39.83 -6.23
N SER F 86 -3.73 41.05 -6.75
CA SER F 86 -2.42 41.68 -6.71
C SER F 86 -2.59 43.16 -6.97
N GLY F 87 -1.48 43.89 -6.92
CA GLY F 87 -1.50 45.31 -7.22
C GLY F 87 -1.07 46.19 -6.07
N SER F 88 -0.66 47.41 -6.40
CA SER F 88 -0.26 48.39 -5.39
C SER F 88 -1.51 49.10 -4.88
N GLY F 89 -1.31 50.20 -4.16
CA GLY F 89 -2.41 50.88 -3.50
C GLY F 89 -3.30 51.71 -4.40
N THR F 90 -3.10 51.62 -5.72
CA THR F 90 -3.91 52.39 -6.66
C THR F 90 -4.42 51.60 -7.86
N ASP F 91 -3.79 50.48 -8.23
CA ASP F 91 -4.04 49.80 -9.49
C ASP F 91 -4.27 48.31 -9.26
N PHE F 92 -5.20 47.97 -8.37
CA PHE F 92 -5.41 46.58 -8.01
C PHE F 92 -5.90 45.76 -9.20
N THR F 93 -5.75 44.44 -9.10
CA THR F 93 -6.13 43.54 -10.17
C THR F 93 -6.50 42.18 -9.58
N LEU F 94 -7.52 41.55 -10.16
CA LEU F 94 -7.92 40.20 -9.80
C LEU F 94 -7.91 39.34 -11.06
N LYS F 95 -7.14 38.26 -11.04
CA LYS F 95 -6.94 37.42 -12.21
C LYS F 95 -7.31 35.98 -11.90
N ILE F 96 -7.89 35.31 -12.89
CA ILE F 96 -8.25 33.90 -12.82
C ILE F 96 -7.43 33.17 -13.88
N SER F 97 -6.63 32.20 -13.44
CA SER F 97 -5.75 31.50 -14.35
C SER F 97 -6.51 30.54 -15.25
N ARG F 98 -7.52 29.86 -14.71
CA ARG F 98 -8.35 28.93 -15.46
C ARG F 98 -9.80 29.37 -15.36
N VAL F 99 -10.49 29.44 -16.50
CA VAL F 99 -11.87 29.89 -16.55
C VAL F 99 -12.77 28.69 -16.77
N GLU F 100 -13.65 28.42 -15.81
CA GLU F 100 -14.64 27.37 -15.93
C GLU F 100 -15.96 27.98 -16.39
N ALA F 101 -17.03 27.19 -16.32
CA ALA F 101 -18.35 27.65 -16.74
C ALA F 101 -19.24 28.07 -15.58
N GLU F 102 -18.91 27.67 -14.35
CA GLU F 102 -19.76 28.01 -13.21
C GLU F 102 -19.36 29.32 -12.54
N ASP F 103 -18.14 29.80 -12.77
CA ASP F 103 -17.67 31.05 -12.16
C ASP F 103 -18.10 32.25 -13.01
N VAL F 104 -19.41 32.36 -13.21
CA VAL F 104 -20.01 33.44 -13.98
C VAL F 104 -21.00 34.17 -13.08
N GLY F 105 -21.00 35.50 -13.17
CA GLY F 105 -21.86 36.31 -12.33
C GLY F 105 -21.44 37.76 -12.29
N VAL F 106 -21.49 38.36 -11.10
CA VAL F 106 -21.15 39.77 -10.93
C VAL F 106 -20.00 39.86 -9.93
N TYR F 107 -19.04 40.74 -10.22
CA TYR F 107 -17.86 40.94 -9.39
C TYR F 107 -17.80 42.37 -8.91
N TYR F 108 -17.52 42.56 -7.62
CA TYR F 108 -17.52 43.88 -7.01
C TYR F 108 -16.19 44.14 -6.31
N CYS F 109 -15.61 45.31 -6.60
CA CYS F 109 -14.53 45.84 -5.78
C CYS F 109 -15.11 46.47 -4.52
N MET F 110 -14.30 46.51 -3.47
CA MET F 110 -14.75 47.09 -2.21
C MET F 110 -13.56 47.67 -1.48
N GLN F 111 -13.76 48.82 -0.84
CA GLN F 111 -12.72 49.48 -0.07
C GLN F 111 -13.12 49.53 1.40
N SER F 112 -12.19 50.01 2.24
CA SER F 112 -12.45 50.05 3.67
C SER F 112 -11.94 51.32 4.35
N LEU F 113 -11.43 52.30 3.61
CA LEU F 113 -10.96 53.53 4.25
C LEU F 113 -12.12 54.32 4.85
N GLN F 114 -13.27 54.35 4.18
CA GLN F 114 -14.45 55.04 4.66
C GLN F 114 -15.43 54.02 5.21
N THR F 115 -15.82 54.19 6.47
CA THR F 115 -16.73 53.25 7.12
C THR F 115 -18.19 53.37 6.65
N PRO F 116 -18.72 54.56 6.27
CA PRO F 116 -20.14 54.57 5.89
C PRO F 116 -20.35 54.26 4.41
N ARG F 117 -20.07 53.02 4.04
CA ARG F 117 -20.23 52.58 2.65
C ARG F 117 -21.70 52.38 2.35
N LEU F 118 -22.21 53.14 1.37
CA LEU F 118 -23.64 53.14 1.08
C LEU F 118 -24.04 52.08 0.07
N THR F 119 -23.28 51.94 -1.02
CA THR F 119 -23.63 51.01 -2.09
C THR F 119 -22.40 50.25 -2.53
N PHE F 120 -22.65 49.08 -3.13
CA PHE F 120 -21.57 48.25 -3.66
C PHE F 120 -21.12 48.69 -5.04
N GLY F 121 -21.81 49.63 -5.68
CA GLY F 121 -21.45 50.10 -7.00
C GLY F 121 -22.07 49.26 -8.10
N PRO F 122 -21.78 49.61 -9.35
CA PRO F 122 -22.35 48.88 -10.48
C PRO F 122 -21.84 47.44 -10.57
N GLY F 123 -20.52 47.27 -10.53
CA GLY F 123 -19.93 45.96 -10.62
C GLY F 123 -19.85 45.44 -12.05
N THR F 124 -18.78 44.70 -12.36
CA THR F 124 -18.59 44.17 -13.69
C THR F 124 -19.41 42.90 -13.89
N LYS F 125 -19.60 42.53 -15.16
CA LYS F 125 -20.37 41.36 -15.53
C LYS F 125 -19.54 40.48 -16.45
N VAL F 126 -19.78 39.17 -16.38
CA VAL F 126 -19.10 38.20 -17.22
C VAL F 126 -20.14 37.26 -17.82
N ASP F 127 -19.78 36.67 -18.95
CA ASP F 127 -20.63 35.71 -19.65
C ASP F 127 -19.77 34.89 -20.59
N ILE F 128 -20.41 34.04 -21.38
CA ILE F 128 -19.71 33.13 -22.28
C ILE F 128 -19.44 33.84 -23.60
N LYS F 129 -18.19 33.81 -24.04
CA LYS F 129 -17.83 34.40 -25.32
C LYS F 129 -18.47 33.63 -26.47
N ARG F 130 -19.01 34.37 -27.43
CA ARG F 130 -19.73 33.78 -28.56
C ARG F 130 -19.54 34.67 -29.77
N THR F 131 -19.52 34.04 -30.95
CA THR F 131 -19.41 34.79 -32.20
C THR F 131 -20.59 35.75 -32.35
N VAL F 132 -20.30 36.95 -32.88
CA VAL F 132 -21.32 37.96 -33.02
C VAL F 132 -22.40 37.49 -34.00
N ALA F 133 -23.66 37.71 -33.63
CA ALA F 133 -24.79 37.29 -34.44
C ALA F 133 -25.80 38.43 -34.50
N ALA F 134 -26.64 38.41 -35.56
CA ALA F 134 -27.64 39.43 -35.81
C ALA F 134 -29.02 38.97 -35.36
N PRO F 135 -29.85 39.90 -34.89
CA PRO F 135 -31.20 39.53 -34.42
C PRO F 135 -32.23 39.49 -35.53
N SER F 136 -33.49 39.25 -35.14
CA SER F 136 -34.63 39.29 -36.04
C SER F 136 -35.75 40.09 -35.39
N VAL F 137 -36.62 40.64 -36.22
CA VAL F 137 -37.68 41.54 -35.77
C VAL F 137 -39.02 41.06 -36.33
N PHE F 138 -40.06 41.11 -35.49
CA PHE F 138 -41.41 40.71 -35.88
C PHE F 138 -42.39 41.69 -35.22
N ILE F 139 -42.75 42.75 -35.95
CA ILE F 139 -43.68 43.74 -35.42
C ILE F 139 -45.09 43.13 -35.40
N PHE F 140 -45.78 43.30 -34.27
CA PHE F 140 -47.11 42.74 -34.08
C PHE F 140 -48.11 43.87 -33.88
N PRO F 141 -49.11 44.00 -34.75
CA PRO F 141 -50.06 45.12 -34.63
C PRO F 141 -51.04 44.90 -33.49
N PRO F 142 -51.59 45.98 -32.94
CA PRO F 142 -52.64 45.83 -31.92
C PRO F 142 -53.98 45.45 -32.52
N SER F 143 -54.17 44.15 -32.74
CA SER F 143 -55.36 43.66 -33.44
C SER F 143 -56.60 43.82 -32.57
N ASP F 144 -57.72 43.31 -33.08
CA ASP F 144 -59.01 43.36 -32.40
C ASP F 144 -59.19 42.22 -31.42
N GLU F 145 -58.07 41.70 -30.91
CA GLU F 145 -58.06 40.58 -29.96
C GLU F 145 -58.42 41.09 -28.58
N GLN F 146 -58.10 40.32 -27.53
CA GLN F 146 -58.55 40.60 -26.16
C GLN F 146 -58.31 42.04 -25.71
N LEU F 147 -57.50 42.79 -26.46
CA LEU F 147 -57.47 44.24 -26.33
C LEU F 147 -58.90 44.79 -26.28
N LYS F 148 -59.64 44.58 -27.37
CA LYS F 148 -61.09 44.79 -27.39
C LYS F 148 -61.48 46.20 -26.97
N SER F 149 -61.80 46.35 -25.68
CA SER F 149 -62.21 47.65 -25.15
C SER F 149 -61.04 48.62 -25.17
N GLY F 150 -61.27 49.83 -24.67
CA GLY F 150 -60.28 50.88 -24.74
C GLY F 150 -58.97 50.55 -24.05
N THR F 151 -57.96 50.23 -24.85
CA THR F 151 -56.58 49.95 -24.43
C THR F 151 -55.79 49.68 -25.70
N ALA F 152 -54.47 49.60 -25.55
CA ALA F 152 -53.61 49.30 -26.69
C ALA F 152 -52.33 48.66 -26.20
N SER F 153 -51.74 47.84 -27.06
CA SER F 153 -50.50 47.15 -26.75
C SER F 153 -49.85 46.70 -28.06
N VAL F 154 -48.53 46.86 -28.14
CA VAL F 154 -47.78 46.50 -29.34
C VAL F 154 -46.40 46.03 -28.93
N VAL F 155 -45.98 44.90 -29.50
CA VAL F 155 -44.67 44.30 -29.23
C VAL F 155 -44.05 43.91 -30.56
N CYS F 156 -42.79 44.30 -30.77
CA CYS F 156 -42.09 43.93 -32.00
C CYS F 156 -40.98 42.93 -31.79
N LEU F 157 -40.50 42.74 -30.56
CA LEU F 157 -39.72 41.56 -30.16
C LEU F 157 -38.33 41.51 -30.80
N LEU F 158 -37.44 40.70 -30.21
CA LEU F 158 -36.10 40.47 -30.73
C LEU F 158 -35.68 39.05 -30.37
N ASN F 159 -34.65 38.56 -31.05
CA ASN F 159 -34.18 37.20 -30.83
C ASN F 159 -32.74 37.05 -31.29
N ASN F 160 -31.89 36.50 -30.42
CA ASN F 160 -30.54 36.06 -30.77
C ASN F 160 -29.70 37.22 -31.31
N PHE F 161 -29.43 38.17 -30.43
CA PHE F 161 -28.67 39.38 -30.76
C PHE F 161 -27.39 39.48 -29.94
N TYR F 162 -26.66 38.37 -29.83
CA TYR F 162 -25.40 38.40 -29.10
C TYR F 162 -24.43 39.36 -29.76
N PRO F 163 -23.70 40.18 -28.99
CA PRO F 163 -23.75 40.34 -27.52
C PRO F 163 -24.88 41.26 -27.09
N ARG F 164 -25.23 41.24 -25.80
CA ARG F 164 -26.36 42.04 -25.32
C ARG F 164 -26.07 43.54 -25.47
N GLY F 165 -27.15 44.31 -25.50
CA GLY F 165 -27.05 45.74 -25.68
C GLY F 165 -27.71 46.22 -26.96
N ALA F 166 -28.88 46.85 -26.82
CA ALA F 166 -29.62 47.36 -27.96
C ALA F 166 -30.60 48.42 -27.45
N LYS F 167 -31.29 49.07 -28.38
CA LYS F 167 -32.24 50.12 -28.03
C LYS F 167 -33.45 50.02 -28.95
N VAL F 168 -34.60 50.42 -28.41
CA VAL F 168 -35.87 50.40 -29.13
C VAL F 168 -36.56 51.74 -28.93
N GLN F 169 -36.94 52.38 -30.03
CA GLN F 169 -37.69 53.63 -29.98
C GLN F 169 -38.84 53.58 -30.98
N TRP F 170 -39.90 54.32 -30.70
CA TRP F 170 -41.09 54.34 -31.53
C TRP F 170 -41.40 55.76 -31.95
N LYS F 171 -41.79 55.93 -33.21
CA LYS F 171 -42.10 57.26 -33.74
C LYS F 171 -43.15 57.14 -34.83
N VAL F 172 -44.09 58.08 -34.83
CA VAL F 172 -45.18 58.13 -35.80
C VAL F 172 -45.92 56.80 -35.88
N SER F 178 -43.03 57.84 -28.46
CA SER F 178 -41.97 57.38 -27.58
C SER F 178 -42.07 58.05 -26.21
N GLY F 179 -41.57 57.37 -25.18
CA GLY F 179 -41.58 57.92 -23.83
C GLY F 179 -41.94 56.90 -22.77
N ASN F 180 -42.70 55.87 -23.13
CA ASN F 180 -43.12 54.85 -22.17
C ASN F 180 -43.08 53.49 -22.84
N SER F 181 -42.42 52.53 -22.18
CA SER F 181 -42.32 51.16 -22.67
C SER F 181 -41.79 50.29 -21.55
N GLN F 182 -42.05 48.99 -21.66
CA GLN F 182 -41.58 48.00 -20.70
C GLN F 182 -40.77 46.94 -21.45
N GLU F 183 -39.54 46.71 -20.99
CA GLU F 183 -38.65 45.76 -21.65
C GLU F 183 -38.40 44.55 -20.77
N SER F 184 -38.04 43.44 -21.42
CA SER F 184 -37.71 42.21 -20.73
C SER F 184 -36.65 41.46 -21.53
N VAL F 185 -35.70 40.83 -20.83
CA VAL F 185 -34.58 40.13 -21.44
C VAL F 185 -34.43 38.77 -20.77
N THR F 186 -34.17 37.75 -21.57
CA THR F 186 -33.92 36.41 -21.05
C THR F 186 -32.48 36.28 -20.58
N GLU F 187 -32.14 35.11 -20.04
CA GLU F 187 -30.82 34.85 -19.45
C GLU F 187 -30.07 33.83 -20.31
N GLN F 188 -29.43 34.32 -21.36
CA GLN F 188 -28.43 33.58 -22.13
C GLN F 188 -28.98 32.39 -22.91
N ASP F 189 -30.25 32.03 -22.70
CA ASP F 189 -30.90 30.93 -23.41
C ASP F 189 -30.17 29.61 -23.14
N SER F 190 -29.15 29.66 -22.27
CA SER F 190 -28.28 28.54 -21.91
C SER F 190 -27.40 28.09 -23.07
N LYS F 191 -27.76 26.98 -23.71
CA LYS F 191 -26.82 26.27 -24.59
C LYS F 191 -26.41 27.10 -25.80
N ASP F 192 -27.36 27.80 -26.41
CA ASP F 192 -27.02 28.55 -27.62
C ASP F 192 -26.24 29.81 -27.29
N SER F 193 -26.50 30.40 -26.11
CA SER F 193 -25.83 31.61 -25.63
C SER F 193 -26.13 32.81 -26.52
N THR F 194 -27.42 33.13 -26.64
CA THR F 194 -27.88 34.33 -27.32
C THR F 194 -29.08 34.90 -26.55
N TYR F 195 -29.08 36.20 -26.34
CA TYR F 195 -30.17 36.88 -25.65
C TYR F 195 -31.40 37.02 -26.54
N SER F 196 -32.56 37.13 -25.90
CA SER F 196 -33.80 37.47 -26.57
C SER F 196 -34.54 38.52 -25.75
N LEU F 197 -35.02 39.56 -26.42
CA LEU F 197 -35.58 40.72 -25.75
C LEU F 197 -36.96 41.04 -26.31
N SER F 198 -37.83 41.57 -25.45
CA SER F 198 -39.14 42.06 -25.86
C SER F 198 -39.39 43.43 -25.27
N SER F 199 -40.14 44.25 -26.01
CA SER F 199 -40.53 45.58 -25.58
C SER F 199 -42.01 45.78 -25.85
N THR F 200 -42.67 46.49 -24.94
CA THR F 200 -44.10 46.73 -25.02
C THR F 200 -44.41 48.20 -24.84
N LEU F 201 -45.32 48.71 -25.67
CA LEU F 201 -45.80 50.07 -25.58
C LEU F 201 -47.32 50.05 -25.48
N THR F 202 -47.87 50.86 -24.59
CA THR F 202 -49.30 50.83 -24.29
C THR F 202 -49.91 52.21 -24.53
N LEU F 203 -51.21 52.21 -24.82
CA LEU F 203 -51.96 53.43 -25.07
C LEU F 203 -53.43 53.12 -24.81
N SER F 204 -54.23 54.17 -24.65
CA SER F 204 -55.62 53.98 -24.24
C SER F 204 -56.58 53.91 -25.42
N LYS F 205 -56.73 55.01 -26.16
CA LYS F 205 -57.73 55.04 -27.23
C LYS F 205 -57.23 55.70 -28.51
N ALA F 206 -56.25 56.61 -28.44
CA ALA F 206 -55.93 57.51 -29.54
C ALA F 206 -54.98 56.89 -30.55
N ASP F 207 -54.93 55.56 -30.65
CA ASP F 207 -54.03 54.89 -31.57
C ASP F 207 -54.60 54.96 -32.99
N TYR F 208 -53.98 54.23 -33.91
CA TYR F 208 -54.39 54.19 -35.32
C TYR F 208 -54.42 55.58 -35.94
N GLU F 209 -53.42 56.40 -35.61
CA GLU F 209 -53.25 57.70 -36.23
C GLU F 209 -52.29 57.67 -37.41
N LYS F 210 -51.78 56.50 -37.78
CA LYS F 210 -50.85 56.38 -38.90
C LYS F 210 -51.28 55.26 -39.84
N ALA F 215 -44.21 51.26 -35.15
CA ALA F 215 -42.91 51.01 -35.74
C ALA F 215 -41.79 51.22 -34.72
N CYS F 216 -41.06 50.15 -34.41
CA CYS F 216 -39.97 50.22 -33.46
C CYS F 216 -38.64 50.21 -34.21
N GLU F 217 -37.65 50.96 -33.92
CA GLU F 217 -36.45 50.69 -34.68
C GLU F 217 -35.50 50.13 -33.71
N VAL F 218 -34.63 49.35 -34.11
CA VAL F 218 -33.70 48.45 -33.45
C VAL F 218 -32.31 48.66 -34.03
N THR F 219 -31.33 48.90 -33.16
CA THR F 219 -29.95 49.10 -33.56
C THR F 219 -29.06 48.15 -32.78
N HIS F 220 -28.24 47.38 -33.50
CA HIS F 220 -27.29 46.45 -32.90
C HIS F 220 -25.96 46.60 -33.61
N GLN F 221 -24.88 46.61 -32.83
CA GLN F 221 -23.55 46.82 -33.41
C GLN F 221 -23.14 45.68 -34.35
N GLY F 222 -23.68 44.47 -34.14
CA GLY F 222 -23.38 43.39 -35.06
C GLY F 222 -23.96 43.60 -36.43
N LEU F 223 -25.15 44.19 -36.51
CA LEU F 223 -25.86 44.38 -37.76
C LEU F 223 -25.47 45.73 -38.36
N SER F 224 -26.21 46.19 -39.35
CA SER F 224 -25.86 47.30 -40.22
C SER F 224 -26.84 48.46 -39.99
N SER F 225 -26.82 49.43 -40.91
CA SER F 225 -27.68 50.61 -40.89
C SER F 225 -29.08 50.27 -40.40
N PRO F 226 -29.68 51.11 -39.54
CA PRO F 226 -30.88 50.71 -38.82
C PRO F 226 -32.03 50.32 -39.73
N VAL F 227 -32.79 49.31 -39.30
CA VAL F 227 -33.95 48.82 -40.02
C VAL F 227 -35.19 49.06 -39.16
N THR F 228 -36.28 48.86 -39.82
CA THR F 228 -37.41 49.06 -39.02
C THR F 228 -38.51 48.51 -39.76
N LYS F 229 -39.73 48.38 -39.23
CA LYS F 229 -40.97 47.91 -39.81
C LYS F 229 -42.14 48.51 -39.06
N SER F 230 -43.18 48.86 -39.82
CA SER F 230 -44.35 49.55 -39.27
C SER F 230 -45.58 48.68 -39.41
N PHE F 231 -46.67 49.16 -38.81
CA PHE F 231 -47.96 48.49 -38.83
C PHE F 231 -47.87 47.05 -38.34
#